data_2HTY
#
_entry.id   2HTY
#
_cell.length_a   200.210
_cell.length_b   200.770
_cell.length_c   211.680
_cell.angle_alpha   90.00
_cell.angle_beta   90.00
_cell.angle_gamma   90.00
#
_symmetry.space_group_name_H-M   'C 2 2 21'
#
loop_
_entity.id
_entity.type
_entity.pdbx_description
1 polymer Neuraminidase
2 non-polymer 2-acetamido-2-deoxy-alpha-D-glucopyranose
3 non-polymer 'CALCIUM ION'
4 non-polymer 2-acetamido-2-deoxy-beta-D-glucopyranose
5 water water
#
_entity_poly.entity_id   1
_entity_poly.type   'polypeptide(L)'
_entity_poly.pdbx_seq_one_letter_code
;VKLAGNSSLCPINGWAVYSKDNSIRIGSKGDVFVIREPFISCSHLECRTFFLTQGALLNDKHSNGTVKDRSPHRTLMSCP
VGEAPSPYNSRFESVAWSASACHDGTSWLTIGISGPDNGAVAVLKYNGIITDTIKSWRNNILRTQESECACVNGSCFTVM
TDGPSNGQASYKIFKMEKGKVVKSVELDAPNYHYEECSCYPNAGEITCVCRDNWHGSNRPWVSFNQNLEYQIGYICSGVF
GDNPRPNDGTGSCGPVSSNGAYGVKGFSFKYGNGVWIGRTKSTNSRSGFEMIWDPNGWTETDSSFSVKQDIVAITDWSGY
SGSFVQHPELTGLDCIRPCFWVELIRGRPKESTIWTSGSSISFCGVNSDTVGWSWPDGAELPFTIDK
;
_entity_poly.pdbx_strand_id   A,B,C,D,E,F,G,H
#
# COMPACT_ATOMS: atom_id res chain seq x y z
N VAL A 1 79.66 29.68 32.53
CA VAL A 1 81.09 29.33 32.26
C VAL A 1 81.93 30.52 31.81
N LYS A 2 82.93 30.87 32.61
CA LYS A 2 83.82 31.98 32.34
C LYS A 2 84.33 32.04 30.90
N LEU A 3 84.46 33.25 30.40
CA LEU A 3 84.92 33.53 29.06
C LEU A 3 86.43 33.36 28.97
N ALA A 4 86.88 32.41 28.14
CA ALA A 4 88.31 32.21 27.99
C ALA A 4 88.75 33.17 26.90
N GLY A 5 89.82 33.90 27.15
CA GLY A 5 90.28 34.83 26.13
C GLY A 5 91.65 34.41 25.66
N ASN A 6 91.83 33.11 25.49
CA ASN A 6 93.12 32.57 25.08
C ASN A 6 93.37 32.60 23.57
N SER A 7 92.32 32.73 22.76
CA SER A 7 92.50 32.77 21.32
C SER A 7 92.97 34.15 20.90
N SER A 8 93.35 34.29 19.63
CA SER A 8 93.82 35.57 19.09
C SER A 8 92.78 36.22 18.17
N LEU A 9 93.02 37.47 17.83
CA LEU A 9 92.11 38.18 16.94
C LEU A 9 92.03 37.45 15.61
N CYS A 10 90.81 37.31 15.11
CA CYS A 10 90.57 36.64 13.84
C CYS A 10 91.15 37.46 12.71
N PRO A 11 91.76 36.80 11.72
CA PRO A 11 92.33 37.55 10.59
C PRO A 11 91.17 38.20 9.83
N ILE A 12 91.38 39.42 9.34
CA ILE A 12 90.32 40.12 8.62
C ILE A 12 90.80 40.92 7.42
N ASN A 13 89.91 41.09 6.45
CA ASN A 13 90.22 41.85 5.23
C ASN A 13 89.47 43.18 5.22
N GLY A 14 88.33 43.22 5.90
CA GLY A 14 87.54 44.46 5.90
C GLY A 14 86.48 44.48 6.96
N TRP A 15 85.60 45.47 6.93
CA TRP A 15 84.58 45.57 7.97
C TRP A 15 83.17 45.61 7.43
N ALA A 16 82.30 44.74 7.92
CA ALA A 16 80.92 44.69 7.47
C ALA A 16 80.01 45.42 8.46
N VAL A 17 79.04 46.19 7.97
CA VAL A 17 78.15 46.90 8.91
C VAL A 17 77.47 45.89 9.79
N TYR A 18 77.30 46.27 11.05
CA TYR A 18 76.67 45.40 12.01
C TYR A 18 75.36 46.01 12.51
N SER A 19 75.36 47.32 12.75
CA SER A 19 74.15 47.97 13.22
C SER A 19 74.13 49.47 13.00
N LYS A 20 72.93 50.04 13.12
CA LYS A 20 72.69 51.47 12.99
C LYS A 20 71.36 51.69 13.70
N ASP A 21 71.39 52.49 14.76
CA ASP A 21 70.20 52.73 15.55
C ASP A 21 69.31 53.85 15.06
N ASN A 22 69.85 54.73 14.21
CA ASN A 22 69.06 55.86 13.69
C ASN A 22 68.39 56.64 14.80
N SER A 23 68.90 56.51 16.02
CA SER A 23 68.28 57.15 17.16
C SER A 23 67.88 58.62 17.00
N ILE A 24 68.74 59.43 16.39
CA ILE A 24 68.40 60.84 16.23
C ILE A 24 67.27 61.10 15.24
N ARG A 25 67.25 60.40 14.11
CA ARG A 25 66.17 60.55 13.14
C ARG A 25 64.85 60.20 13.84
N ILE A 26 64.86 59.09 14.57
CA ILE A 26 63.71 58.58 15.30
C ILE A 26 63.35 59.48 16.47
N GLY A 27 64.37 60.08 17.06
CA GLY A 27 64.16 60.94 18.21
C GLY A 27 63.37 62.18 17.85
N SER A 28 63.26 62.46 16.56
CA SER A 28 62.53 63.62 16.12
C SER A 28 61.10 63.56 16.64
N LYS A 29 60.54 62.35 16.70
CA LYS A 29 59.18 62.18 17.20
C LYS A 29 59.15 61.17 18.35
N GLY A 30 59.91 60.10 18.21
CA GLY A 30 59.94 59.08 19.24
C GLY A 30 60.51 59.59 20.55
N ASP A 31 60.45 58.74 21.58
CA ASP A 31 60.96 59.09 22.89
C ASP A 31 62.35 58.49 23.02
N VAL A 32 63.32 59.13 22.38
CA VAL A 32 64.68 58.67 22.41
C VAL A 32 65.55 59.50 23.35
N PHE A 33 66.41 58.84 24.12
CA PHE A 33 67.30 59.55 25.03
C PHE A 33 68.31 60.34 24.22
N VAL A 34 68.71 61.50 24.75
CA VAL A 34 69.76 62.28 24.10
C VAL A 34 70.97 61.61 24.75
N ILE A 35 71.90 61.10 23.94
CA ILE A 35 73.02 60.37 24.51
C ILE A 35 74.41 60.68 23.99
N ARG A 36 75.39 60.05 24.63
CA ARG A 36 76.80 60.18 24.27
C ARG A 36 77.49 58.84 24.46
N GLU A 37 78.56 58.62 23.72
CA GLU A 37 79.34 57.38 23.79
C GLU A 37 78.53 56.10 23.91
N PRO A 38 77.86 55.68 22.83
CA PRO A 38 77.05 54.46 22.80
C PRO A 38 77.98 53.31 22.42
N PHE A 39 78.82 52.88 23.36
CA PHE A 39 79.74 51.80 23.08
C PHE A 39 79.04 50.45 23.19
N ILE A 40 79.49 49.50 22.39
CA ILE A 40 78.91 48.17 22.39
C ILE A 40 79.76 47.20 23.20
N SER A 41 79.12 46.16 23.73
CA SER A 41 79.82 45.12 24.49
C SER A 41 78.94 43.90 24.40
N CYS A 42 79.54 42.71 24.35
CA CYS A 42 78.77 41.49 24.23
C CYS A 42 79.03 40.51 25.35
N SER A 43 78.10 39.59 25.53
CA SER A 43 78.22 38.55 26.54
C SER A 43 78.38 37.28 25.72
N HIS A 44 78.07 36.14 26.32
CA HIS A 44 78.20 34.89 25.57
C HIS A 44 76.93 34.62 24.78
N LEU A 45 75.93 35.48 24.97
CA LEU A 45 74.64 35.31 24.30
C LEU A 45 74.13 36.47 23.44
N GLU A 46 74.48 37.69 23.79
CA GLU A 46 74.00 38.84 23.03
C GLU A 46 74.94 40.03 23.13
N CYS A 47 74.65 41.08 22.35
CA CYS A 47 75.44 42.29 22.39
C CYS A 47 74.49 43.42 22.75
N ARG A 48 74.97 44.31 23.61
CA ARG A 48 74.14 45.42 24.03
C ARG A 48 74.89 46.71 23.80
N THR A 49 74.13 47.79 23.62
CA THR A 49 74.71 49.10 23.45
C THR A 49 74.56 49.80 24.79
N PHE A 50 75.68 50.29 25.33
CA PHE A 50 75.65 51.04 26.57
C PHE A 50 75.83 52.48 26.17
N PHE A 51 75.28 53.39 26.96
CA PHE A 51 75.39 54.81 26.66
C PHE A 51 75.14 55.61 27.91
N LEU A 52 75.48 56.90 27.87
CA LEU A 52 75.28 57.77 29.02
C LEU A 52 74.22 58.79 28.65
N THR A 53 73.29 59.06 29.57
CA THR A 53 72.25 60.04 29.30
C THR A 53 72.17 61.07 30.39
N GLN A 54 71.78 62.28 30.01
CA GLN A 54 71.61 63.36 30.98
C GLN A 54 70.22 63.20 31.57
N GLY A 55 69.50 62.21 31.05
CA GLY A 55 68.16 61.97 31.52
C GLY A 55 67.16 62.91 30.86
N ALA A 56 67.30 63.08 29.56
CA ALA A 56 66.41 63.95 28.80
C ALA A 56 66.11 63.31 27.46
N LEU A 57 64.97 63.65 26.87
CA LEU A 57 64.62 63.08 25.59
C LEU A 57 64.86 64.11 24.48
N LEU A 58 65.09 63.62 23.28
CA LEU A 58 65.32 64.50 22.15
C LEU A 58 64.07 65.33 21.91
N ASN A 59 64.28 66.55 21.41
CA ASN A 59 63.18 67.49 21.15
C ASN A 59 62.45 67.90 22.43
N ASP A 60 63.15 67.90 23.55
CA ASP A 60 62.54 68.32 24.80
C ASP A 60 63.42 69.41 25.40
N LYS A 61 62.81 70.36 26.09
CA LYS A 61 63.57 71.46 26.68
C LYS A 61 64.72 70.99 27.58
N HIS A 62 64.59 69.80 28.16
CA HIS A 62 65.63 69.29 29.06
C HIS A 62 66.90 68.82 28.36
N SER A 63 66.88 68.77 27.05
CA SER A 63 68.05 68.35 26.30
C SER A 63 68.88 69.61 26.09
N ASN A 64 68.61 70.64 26.90
CA ASN A 64 69.28 71.94 26.82
C ASN A 64 70.82 71.89 26.68
N GLY A 65 71.43 70.79 27.10
CA GLY A 65 72.87 70.67 26.93
C GLY A 65 73.85 71.73 27.41
N THR A 66 73.40 72.82 28.02
CA THR A 66 74.39 73.79 28.51
C THR A 66 74.93 73.27 29.83
N VAL A 67 74.34 72.17 30.31
CA VAL A 67 74.76 71.54 31.56
C VAL A 67 76.19 71.05 31.51
N LYS A 68 76.85 71.04 32.66
CA LYS A 68 78.21 70.54 32.79
C LYS A 68 78.22 69.09 32.29
N ASP A 69 79.30 68.67 31.63
CA ASP A 69 79.40 67.31 31.12
C ASP A 69 79.12 66.31 32.23
N ARG A 70 79.78 66.52 33.36
CA ARG A 70 79.65 65.66 34.52
C ARG A 70 78.58 66.18 35.47
N SER A 71 77.32 65.91 35.16
CA SER A 71 76.23 66.35 36.02
C SER A 71 75.74 65.16 36.82
N PRO A 72 75.01 65.40 37.92
CA PRO A 72 74.51 64.29 38.73
C PRO A 72 73.33 63.56 38.08
N HIS A 73 73.01 63.92 36.83
CA HIS A 73 71.90 63.28 36.13
C HIS A 73 72.37 62.28 35.08
N ARG A 74 73.67 62.31 34.81
CA ARG A 74 74.22 61.39 33.82
C ARG A 74 74.06 59.99 34.39
N THR A 75 73.49 59.08 33.59
CA THR A 75 73.33 57.70 34.01
C THR A 75 73.78 56.77 32.90
N LEU A 76 74.31 55.62 33.28
CA LEU A 76 74.75 54.61 32.33
C LEU A 76 73.59 53.67 32.11
N MET A 77 73.26 53.43 30.84
CA MET A 77 72.17 52.51 30.50
C MET A 77 72.49 51.69 29.25
N SER A 78 71.75 50.61 29.03
CA SER A 78 71.98 49.80 27.85
C SER A 78 70.67 49.33 27.25
N CYS A 79 70.72 49.00 25.97
CA CYS A 79 69.57 48.53 25.25
C CYS A 79 70.13 47.62 24.19
N PRO A 80 69.30 46.74 23.61
CA PRO A 80 69.87 45.86 22.58
C PRO A 80 70.46 46.63 21.40
N VAL A 81 71.51 46.08 20.81
CA VAL A 81 72.19 46.71 19.70
C VAL A 81 71.29 47.00 18.50
N GLY A 82 71.41 48.22 17.98
CA GLY A 82 70.63 48.62 16.82
C GLY A 82 69.33 49.33 17.14
N GLU A 83 68.88 49.22 18.38
CA GLU A 83 67.63 49.86 18.80
C GLU A 83 67.86 51.27 19.29
N ALA A 84 66.87 52.13 19.13
CA ALA A 84 67.00 53.50 19.59
C ALA A 84 66.93 53.45 21.11
N PRO A 85 67.84 54.12 21.81
CA PRO A 85 67.84 54.12 23.28
C PRO A 85 66.69 54.97 23.83
N SER A 86 65.66 54.31 24.34
CA SER A 86 64.50 55.02 24.87
C SER A 86 64.20 54.56 26.29
N PRO A 87 63.48 55.34 27.07
CA PRO A 87 63.25 54.77 28.41
C PRO A 87 62.32 53.54 28.38
N TYR A 88 61.78 53.27 27.20
CA TYR A 88 60.83 52.16 27.10
C TYR A 88 61.52 50.90 26.74
N ASN A 89 62.78 51.04 26.40
CA ASN A 89 63.51 49.89 25.98
C ASN A 89 64.89 49.77 26.60
N SER A 90 65.34 50.79 27.33
CA SER A 90 66.67 50.76 27.95
C SER A 90 66.66 50.23 29.38
N ARG A 91 67.73 49.54 29.77
CA ARG A 91 67.85 49.02 31.12
C ARG A 91 68.72 49.99 31.91
N PHE A 92 68.38 50.26 33.16
CA PHE A 92 69.23 51.16 33.93
C PHE A 92 70.47 50.36 34.32
N GLU A 93 71.63 51.02 34.34
CA GLU A 93 72.86 50.34 34.69
C GLU A 93 73.55 50.94 35.89
N SER A 94 73.71 52.26 35.90
CA SER A 94 74.42 52.91 36.99
C SER A 94 74.35 54.42 36.85
N VAL A 95 74.60 55.14 37.95
CA VAL A 95 74.61 56.60 37.90
C VAL A 95 76.04 56.96 37.55
N ALA A 96 76.25 57.64 36.43
CA ALA A 96 77.61 57.96 36.03
C ALA A 96 77.79 58.95 34.89
N TRP A 97 78.86 59.73 34.96
CA TRP A 97 79.19 60.67 33.89
C TRP A 97 80.42 60.15 33.14
N SER A 98 80.86 58.95 33.52
CA SER A 98 81.99 58.27 32.90
C SER A 98 81.82 56.79 33.23
N ALA A 99 82.13 55.90 32.29
CA ALA A 99 81.95 54.48 32.60
C ALA A 99 82.46 53.49 31.59
N SER A 100 82.33 52.23 31.95
CA SER A 100 82.69 51.11 31.09
C SER A 100 81.85 49.92 31.52
N ALA A 101 81.89 48.85 30.75
CA ALA A 101 81.12 47.65 31.07
C ALA A 101 81.64 46.48 30.25
N CYS A 102 81.49 45.29 30.80
CA CYS A 102 81.92 44.08 30.11
C CYS A 102 81.36 42.84 30.82
N HIS A 103 81.17 41.78 30.05
CA HIS A 103 80.63 40.54 30.57
C HIS A 103 81.79 39.54 30.62
N ASP A 104 81.86 38.76 31.69
CA ASP A 104 82.94 37.80 31.84
C ASP A 104 82.54 36.38 31.46
N GLY A 105 81.30 36.20 31.03
CA GLY A 105 80.83 34.88 30.66
C GLY A 105 79.70 34.44 31.57
N THR A 106 79.67 35.03 32.76
CA THR A 106 78.65 34.73 33.75
C THR A 106 77.71 35.93 33.88
N SER A 107 78.25 37.07 34.28
CA SER A 107 77.45 38.27 34.46
C SER A 107 78.09 39.52 33.89
N TRP A 108 77.32 40.61 33.87
CA TRP A 108 77.83 41.89 33.39
C TRP A 108 78.52 42.60 34.54
N LEU A 109 79.55 43.35 34.19
CA LEU A 109 80.30 44.16 35.12
C LEU A 109 80.10 45.55 34.58
N THR A 110 79.67 46.46 35.44
CA THR A 110 79.49 47.81 34.97
C THR A 110 80.25 48.71 35.92
N ILE A 111 80.78 49.79 35.37
CA ILE A 111 81.55 50.71 36.14
C ILE A 111 81.07 52.10 35.85
N GLY A 112 80.46 52.74 36.83
CA GLY A 112 79.96 54.07 36.64
C GLY A 112 80.59 55.02 37.64
N ILE A 113 81.12 56.13 37.15
CA ILE A 113 81.74 57.12 38.00
C ILE A 113 80.79 58.30 38.16
N SER A 114 80.61 58.77 39.38
CA SER A 114 79.77 59.92 39.65
C SER A 114 80.43 60.65 40.80
N GLY A 115 79.81 61.72 41.30
CA GLY A 115 80.43 62.46 42.38
C GLY A 115 81.13 63.71 41.86
N PRO A 116 81.64 64.57 42.76
CA PRO A 116 82.33 65.82 42.41
C PRO A 116 83.67 65.55 41.74
N ASP A 117 84.20 66.54 41.04
CA ASP A 117 85.47 66.37 40.37
C ASP A 117 86.62 66.15 41.33
N ASN A 118 86.54 66.72 42.52
CA ASN A 118 87.63 66.54 43.47
C ASN A 118 87.53 65.27 44.32
N GLY A 119 86.72 64.30 43.91
CA GLY A 119 86.60 63.07 44.67
C GLY A 119 85.60 62.09 44.11
N ALA A 120 85.56 62.00 42.78
CA ALA A 120 84.64 61.08 42.13
C ALA A 120 84.88 59.65 42.60
N VAL A 121 83.82 58.87 42.65
CA VAL A 121 83.93 57.48 43.09
C VAL A 121 83.32 56.53 42.06
N ALA A 122 84.08 55.51 41.67
CA ALA A 122 83.59 54.54 40.70
C ALA A 122 82.90 53.40 41.43
N VAL A 123 81.65 53.17 41.08
CA VAL A 123 80.89 52.10 41.71
C VAL A 123 80.89 50.92 40.76
N LEU A 124 81.44 49.80 41.19
CA LEU A 124 81.45 48.62 40.36
C LEU A 124 80.26 47.76 40.70
N LYS A 125 79.53 47.33 39.67
CA LYS A 125 78.36 46.47 39.88
C LYS A 125 78.53 45.18 39.11
N TYR A 126 78.12 44.08 39.74
CA TYR A 126 78.20 42.76 39.12
C TYR A 126 76.78 42.22 39.16
N ASN A 127 76.21 42.02 37.99
CA ASN A 127 74.83 41.55 37.84
C ASN A 127 73.88 42.50 38.55
N GLY A 128 74.13 43.80 38.39
CA GLY A 128 73.25 44.78 39.02
C GLY A 128 73.54 45.11 40.47
N ILE A 129 74.36 44.33 41.16
CA ILE A 129 74.63 44.65 42.55
C ILE A 129 76.07 45.14 42.75
N ILE A 130 76.19 46.22 43.51
CA ILE A 130 77.46 46.83 43.83
C ILE A 130 78.40 45.82 44.49
N THR A 131 79.57 45.65 43.90
CA THR A 131 80.55 44.70 44.40
C THR A 131 81.87 45.35 44.84
N ASP A 132 82.04 46.61 44.49
CA ASP A 132 83.24 47.32 44.89
C ASP A 132 83.13 48.81 44.55
N THR A 133 84.04 49.58 45.12
CA THR A 133 84.09 51.02 44.93
C THR A 133 85.56 51.47 44.82
N ILE A 134 85.83 52.42 43.92
CA ILE A 134 87.18 52.95 43.73
C ILE A 134 87.12 54.47 43.77
N LYS A 135 87.84 55.07 44.71
CA LYS A 135 87.88 56.52 44.86
C LYS A 135 88.99 57.15 44.06
N SER A 136 88.80 58.41 43.70
CA SER A 136 89.79 59.21 42.99
C SER A 136 91.03 59.15 43.87
N TRP A 137 92.21 59.12 43.29
CA TRP A 137 93.44 59.10 44.09
C TRP A 137 94.26 60.34 43.82
N ARG A 138 93.70 61.24 43.01
CA ARG A 138 94.35 62.52 42.68
C ARG A 138 93.36 63.65 42.90
N ASN A 139 92.09 63.30 43.05
CA ASN A 139 91.02 64.26 43.28
C ASN A 139 90.95 65.24 42.13
N ASN A 140 91.00 64.72 40.93
CA ASN A 140 90.93 65.56 39.75
C ASN A 140 90.31 64.80 38.58
N ILE A 141 89.00 64.63 38.69
CA ILE A 141 88.17 63.98 37.68
C ILE A 141 88.56 62.56 37.30
N LEU A 142 88.32 61.63 38.22
CA LEU A 142 88.60 60.22 37.96
C LEU A 142 87.73 59.86 36.76
N ARG A 143 88.32 59.25 35.75
CA ARG A 143 87.56 58.88 34.56
C ARG A 143 88.04 57.54 34.01
N THR A 144 87.22 56.92 33.18
CA THR A 144 87.56 55.62 32.61
C THR A 144 87.30 55.53 31.10
N GLN A 145 87.33 54.31 30.57
CA GLN A 145 87.22 54.04 29.14
C GLN A 145 86.15 54.70 28.27
N GLU A 146 84.90 54.64 28.70
CA GLU A 146 83.77 55.15 27.93
C GLU A 146 83.54 54.11 26.84
N SER A 147 83.93 52.88 27.14
CA SER A 147 83.72 51.76 26.25
C SER A 147 83.94 50.44 27.00
N GLU A 148 83.67 49.35 26.30
CA GLU A 148 83.79 48.00 26.82
C GLU A 148 85.11 47.69 27.52
N CYS A 149 85.07 46.93 28.61
CA CYS A 149 86.33 46.54 29.26
C CYS A 149 86.66 45.15 28.73
N ALA A 150 87.81 44.62 29.11
CA ALA A 150 88.21 43.31 28.62
C ALA A 150 88.29 42.24 29.69
N CYS A 151 87.69 41.09 29.42
CA CYS A 151 87.73 39.99 30.38
C CYS A 151 88.49 38.80 29.78
N VAL A 152 89.26 38.14 30.63
CA VAL A 152 90.05 36.99 30.24
C VAL A 152 90.16 35.99 31.39
N ASN A 153 89.95 34.72 31.11
CA ASN A 153 90.08 33.69 32.14
C ASN A 153 89.31 34.00 33.42
N GLY A 154 88.14 34.63 33.28
CA GLY A 154 87.35 34.95 34.46
C GLY A 154 87.73 36.20 35.21
N SER A 155 88.55 37.05 34.61
CA SER A 155 88.97 38.29 35.25
C SER A 155 88.77 39.41 34.25
N CYS A 156 88.31 40.57 34.72
CA CYS A 156 88.13 41.68 33.80
C CYS A 156 89.11 42.81 34.10
N PHE A 157 89.44 43.60 33.07
CA PHE A 157 90.40 44.66 33.24
C PHE A 157 89.88 45.96 32.68
N THR A 158 90.38 47.06 33.23
CA THR A 158 89.98 48.38 32.80
C THR A 158 91.13 49.31 33.16
N VAL A 159 91.11 50.50 32.58
CA VAL A 159 92.13 51.51 32.82
C VAL A 159 91.41 52.78 33.24
N MET A 160 91.88 53.40 34.32
CA MET A 160 91.27 54.63 34.79
C MET A 160 92.36 55.70 34.87
N THR A 161 91.94 56.95 34.76
CA THR A 161 92.85 58.07 34.82
C THR A 161 92.37 59.01 35.88
N ASP A 162 93.31 59.68 36.52
CA ASP A 162 93.00 60.66 37.54
C ASP A 162 94.12 61.66 37.39
N GLY A 163 93.77 62.93 37.31
CA GLY A 163 94.76 63.97 37.13
C GLY A 163 94.33 64.88 36.01
N PRO A 164 95.15 65.86 35.62
CA PRO A 164 94.80 66.79 34.54
C PRO A 164 94.61 66.23 33.12
N SER A 165 93.76 66.90 32.35
CA SER A 165 93.54 66.49 30.98
C SER A 165 94.58 67.21 30.09
N ASN A 166 95.41 68.02 30.72
CA ASN A 166 96.51 68.71 30.07
C ASN A 166 97.73 67.87 30.40
N GLY A 167 98.72 68.48 31.04
CA GLY A 167 99.93 67.74 31.41
C GLY A 167 99.78 66.35 32.03
N GLN A 168 100.92 65.86 32.52
CA GLN A 168 101.00 64.55 33.17
C GLN A 168 99.81 64.25 34.04
N ALA A 169 99.32 63.02 33.97
CA ALA A 169 98.21 62.60 34.80
C ALA A 169 98.62 61.28 35.37
N SER A 170 97.74 60.67 36.14
CA SER A 170 98.02 59.38 36.74
C SER A 170 97.12 58.34 36.08
N TYR A 171 97.69 57.21 35.75
CA TYR A 171 96.95 56.13 35.09
C TYR A 171 97.13 54.81 35.83
N LYS A 172 96.04 54.06 35.94
CA LYS A 172 96.10 52.78 36.61
C LYS A 172 95.33 51.71 35.85
N ILE A 173 95.80 50.47 35.97
CA ILE A 173 95.13 49.35 35.33
C ILE A 173 94.50 48.55 36.44
N PHE A 174 93.21 48.26 36.30
CA PHE A 174 92.52 47.48 37.32
C PHE A 174 92.15 46.08 36.85
N LYS A 175 92.30 45.14 37.77
CA LYS A 175 91.95 43.76 37.53
C LYS A 175 90.88 43.39 38.53
N MET A 176 89.72 42.97 38.05
CA MET A 176 88.68 42.57 38.98
C MET A 176 88.08 41.24 38.63
N GLU A 177 87.52 40.60 39.65
CA GLU A 177 86.89 39.30 39.52
C GLU A 177 85.58 39.37 40.29
N LYS A 178 84.47 39.14 39.57
CA LYS A 178 83.14 39.22 40.16
C LYS A 178 82.93 40.63 40.70
N GLY A 179 83.31 41.61 39.88
CA GLY A 179 83.14 43.00 40.24
C GLY A 179 83.96 43.56 41.38
N LYS A 180 84.99 42.83 41.81
CA LYS A 180 85.80 43.31 42.91
C LYS A 180 87.25 43.47 42.48
N VAL A 181 87.86 44.60 42.82
CA VAL A 181 89.25 44.81 42.45
C VAL A 181 90.10 43.84 43.25
N VAL A 182 90.88 43.03 42.54
CA VAL A 182 91.76 42.07 43.18
C VAL A 182 93.20 42.54 42.99
N LYS A 183 93.42 43.41 42.00
CA LYS A 183 94.75 43.95 41.79
C LYS A 183 94.72 45.20 40.93
N SER A 184 95.64 46.12 41.21
CA SER A 184 95.73 47.35 40.46
C SER A 184 97.20 47.75 40.38
N VAL A 185 97.55 48.49 39.34
CA VAL A 185 98.92 48.93 39.14
C VAL A 185 98.89 50.31 38.55
N GLU A 186 99.77 51.19 39.02
CA GLU A 186 99.83 52.53 38.46
C GLU A 186 100.90 52.43 37.38
N LEU A 187 100.61 52.97 36.20
CA LEU A 187 101.59 52.90 35.13
C LEU A 187 102.69 53.95 35.34
N ASP A 188 103.93 53.54 35.13
CA ASP A 188 105.02 54.49 35.23
C ASP A 188 105.20 54.99 33.80
N ALA A 189 104.37 55.97 33.43
CA ALA A 189 104.37 56.49 32.07
C ALA A 189 104.67 57.98 31.95
N PRO A 190 105.81 58.42 32.48
CA PRO A 190 106.09 59.85 32.36
C PRO A 190 106.07 60.25 30.87
N ASN A 191 105.46 61.40 30.58
CA ASN A 191 105.34 61.94 29.22
C ASN A 191 104.17 61.35 28.42
N TYR A 192 103.51 60.36 28.99
CA TYR A 192 102.36 59.70 28.34
C TYR A 192 101.07 60.30 28.85
N HIS A 193 99.98 60.10 28.12
CA HIS A 193 98.67 60.59 28.55
C HIS A 193 97.61 59.63 28.06
N TYR A 194 96.88 59.02 28.99
CA TYR A 194 95.85 58.05 28.64
C TYR A 194 94.46 58.50 29.05
N GLU A 195 93.51 58.34 28.12
CA GLU A 195 92.12 58.69 28.34
C GLU A 195 91.19 57.93 27.40
N GLU A 196 90.03 57.56 27.91
CA GLU A 196 89.01 56.87 27.13
C GLU A 196 89.62 55.71 26.34
N CYS A 197 90.34 54.86 27.05
CA CYS A 197 90.99 53.70 26.46
C CYS A 197 90.07 52.66 25.84
N SER A 198 90.41 52.20 24.64
CA SER A 198 89.64 51.15 23.96
C SER A 198 90.46 49.87 24.10
N CYS A 199 90.05 49.00 25.01
CA CYS A 199 90.78 47.78 25.26
C CYS A 199 90.11 46.53 24.71
N TYR A 200 90.90 45.49 24.47
CA TYR A 200 90.39 44.24 23.94
C TYR A 200 91.34 43.10 24.26
N PRO A 201 90.80 41.87 24.39
CA PRO A 201 91.68 40.73 24.70
C PRO A 201 92.31 40.11 23.45
N ASN A 202 93.52 39.59 23.61
CA ASN A 202 94.22 38.94 22.51
C ASN A 202 95.19 37.93 23.11
N ALA A 203 94.93 36.65 22.87
CA ALA A 203 95.79 35.59 23.39
C ALA A 203 96.09 35.73 24.88
N GLY A 204 95.05 35.90 25.69
CA GLY A 204 95.26 35.98 27.12
C GLY A 204 95.77 37.28 27.70
N GLU A 205 95.92 38.31 26.86
CA GLU A 205 96.40 39.60 27.35
C GLU A 205 95.51 40.72 26.81
N ILE A 206 95.61 41.90 27.39
CA ILE A 206 94.80 43.02 26.96
C ILE A 206 95.67 44.07 26.28
N THR A 207 95.13 44.71 25.25
CA THR A 207 95.82 45.76 24.52
C THR A 207 94.85 46.92 24.44
N CYS A 208 95.29 48.11 24.84
CA CYS A 208 94.41 49.26 24.80
C CYS A 208 95.01 50.38 23.98
N VAL A 209 94.18 50.98 23.13
CA VAL A 209 94.62 52.10 22.34
C VAL A 209 93.76 53.21 22.89
N CYS A 210 94.41 54.27 23.35
CA CYS A 210 93.68 55.34 23.97
C CYS A 210 93.75 56.70 23.33
N ARG A 211 93.37 57.69 24.12
CA ARG A 211 93.35 59.07 23.69
C ARG A 211 94.32 59.89 24.52
N ASP A 212 95.27 60.55 23.85
CA ASP A 212 96.23 61.42 24.52
C ASP A 212 95.69 62.80 24.21
N ASN A 213 95.09 63.40 25.24
CA ASN A 213 94.46 64.71 25.14
C ASN A 213 95.41 65.83 25.54
N TRP A 214 96.59 65.44 26.01
CA TRP A 214 97.59 66.38 26.46
C TRP A 214 98.46 66.90 25.33
N HIS A 215 99.22 66.01 24.70
CA HIS A 215 100.10 66.48 23.64
C HIS A 215 100.45 65.48 22.54
N GLY A 216 99.50 64.63 22.15
CA GLY A 216 99.78 63.68 21.11
C GLY A 216 98.72 63.57 20.02
N SER A 217 99.17 63.50 18.76
CA SER A 217 98.30 63.37 17.60
C SER A 217 98.11 61.90 17.27
N ASN A 218 99.04 61.08 17.75
CA ASN A 218 98.98 59.63 17.54
C ASN A 218 98.40 59.10 18.84
N ARG A 219 97.93 57.86 18.82
CA ARG A 219 97.35 57.30 20.03
C ARG A 219 98.35 56.49 20.83
N PRO A 220 98.33 56.65 22.14
CA PRO A 220 99.22 55.92 23.03
C PRO A 220 98.57 54.58 23.30
N TRP A 221 99.35 53.59 23.74
CA TRP A 221 98.78 52.29 24.03
C TRP A 221 99.39 51.65 25.25
N VAL A 222 98.69 50.65 25.79
CA VAL A 222 99.15 49.90 26.93
C VAL A 222 98.70 48.47 26.73
N SER A 223 99.56 47.52 27.06
CA SER A 223 99.17 46.14 26.95
C SER A 223 99.68 45.53 28.25
N PHE A 224 98.98 44.52 28.75
CA PHE A 224 99.37 43.88 29.98
C PHE A 224 98.87 42.45 30.10
N ASN A 225 99.60 41.67 30.91
CA ASN A 225 99.26 40.28 31.17
C ASN A 225 98.20 40.25 32.27
N GLN A 226 97.68 39.08 32.58
CA GLN A 226 96.66 38.93 33.60
C GLN A 226 97.14 39.29 35.00
N ASN A 227 98.41 39.65 35.11
CA ASN A 227 98.96 40.04 36.40
C ASN A 227 99.40 41.50 36.40
N LEU A 228 98.89 42.25 35.44
CA LEU A 228 99.18 43.66 35.32
C LEU A 228 100.63 44.02 35.04
N GLU A 229 101.36 43.11 34.43
CA GLU A 229 102.75 43.35 34.05
C GLU A 229 102.50 43.99 32.68
N TYR A 230 103.05 45.17 32.44
CA TYR A 230 102.73 45.87 31.20
C TYR A 230 103.84 46.46 30.33
N GLN A 231 103.40 46.97 29.18
CA GLN A 231 104.26 47.64 28.21
C GLN A 231 103.44 48.82 27.69
N ILE A 232 104.11 49.89 27.32
CA ILE A 232 103.42 51.07 26.80
C ILE A 232 104.18 51.66 25.63
N GLY A 233 103.52 52.55 24.91
CA GLY A 233 104.12 53.21 23.78
C GLY A 233 103.08 53.97 22.99
N TYR A 234 103.47 54.38 21.79
CA TYR A 234 102.56 55.11 20.89
C TYR A 234 102.59 54.42 19.53
N ILE A 235 101.48 54.52 18.80
CA ILE A 235 101.39 53.95 17.47
C ILE A 235 102.32 54.84 16.63
N CYS A 236 103.35 54.26 16.02
CA CYS A 236 104.30 55.08 15.28
C CYS A 236 103.90 55.44 13.86
N SER A 237 102.79 54.89 13.38
CA SER A 237 102.35 55.19 12.02
C SER A 237 102.19 56.68 11.76
N GLY A 238 102.64 57.11 10.58
CA GLY A 238 102.51 58.49 10.20
C GLY A 238 101.07 58.79 9.85
N VAL A 239 100.22 57.76 9.92
CA VAL A 239 98.79 57.94 9.66
C VAL A 239 98.20 58.16 11.04
N PHE A 240 98.32 59.39 11.53
CA PHE A 240 97.85 59.78 12.85
C PHE A 240 96.38 59.44 13.07
N GLY A 241 96.09 58.88 14.24
CA GLY A 241 94.75 58.47 14.56
C GLY A 241 93.89 59.36 15.42
N ASP A 242 94.48 60.33 16.10
CA ASP A 242 93.71 61.23 16.95
C ASP A 242 93.07 62.33 16.13
N ASN A 243 92.24 63.12 16.79
CA ASN A 243 91.60 64.25 16.17
C ASN A 243 91.36 65.27 17.27
N PRO A 244 91.90 66.48 17.11
CA PRO A 244 92.61 66.96 15.92
C PRO A 244 93.93 66.21 15.66
N ARG A 245 94.57 66.59 14.56
CA ARG A 245 95.84 66.00 14.17
C ARG A 245 96.38 66.76 12.96
N PRO A 246 97.64 66.52 12.59
CA PRO A 246 98.22 67.20 11.42
C PRO A 246 98.04 66.27 10.23
N ASN A 247 98.34 66.74 9.03
CA ASN A 247 98.23 65.87 7.86
C ASN A 247 99.22 64.71 8.04
N ASP A 248 98.92 63.55 7.48
CA ASP A 248 99.78 62.38 7.64
C ASP A 248 101.21 62.54 7.13
N GLY A 249 102.12 62.93 8.02
CA GLY A 249 103.50 63.10 7.60
C GLY A 249 104.37 61.97 8.11
N THR A 250 105.22 62.27 9.08
CA THR A 250 106.08 61.27 9.66
C THR A 250 105.76 61.17 11.13
N GLY A 251 105.38 59.97 11.57
CA GLY A 251 105.04 59.78 12.96
C GLY A 251 106.24 59.44 13.81
N SER A 252 105.96 59.05 15.04
CA SER A 252 107.00 58.66 15.98
C SER A 252 106.33 57.77 17.01
N CYS A 253 107.13 57.06 17.79
CA CYS A 253 106.56 56.18 18.80
C CYS A 253 106.45 56.88 20.14
N GLY A 254 106.54 58.20 20.07
CA GLY A 254 106.41 59.04 21.25
C GLY A 254 105.57 60.20 20.77
N PRO A 255 104.56 60.60 21.53
CA PRO A 255 103.64 61.69 21.25
C PRO A 255 104.03 62.69 20.16
N VAL A 256 103.21 62.75 19.11
CA VAL A 256 103.44 63.73 18.04
C VAL A 256 102.75 64.94 18.64
N SER A 257 103.48 66.04 18.82
CA SER A 257 102.91 67.25 19.42
C SER A 257 102.25 68.14 18.39
N SER A 258 102.54 67.90 17.12
CA SER A 258 101.96 68.75 16.10
C SER A 258 100.45 68.60 15.93
N ASN A 259 99.73 69.46 16.62
CA ASN A 259 98.30 69.54 16.45
C ASN A 259 97.43 68.57 17.23
N GLY A 260 98.08 67.75 18.02
CA GLY A 260 97.39 66.76 18.79
C GLY A 260 97.46 67.12 20.25
N ALA A 261 96.89 68.24 20.67
CA ALA A 261 96.91 68.51 22.09
C ALA A 261 95.51 68.61 22.58
N TYR A 262 94.67 67.74 22.03
CA TYR A 262 93.26 67.65 22.41
C TYR A 262 92.95 66.20 22.03
N GLY A 263 91.85 65.94 21.35
CA GLY A 263 91.63 64.55 20.99
C GLY A 263 90.21 64.06 20.91
N VAL A 264 90.09 62.76 20.66
CA VAL A 264 88.81 62.10 20.54
C VAL A 264 88.98 60.60 20.82
N LYS A 265 88.05 60.02 21.58
CA LYS A 265 88.15 58.61 21.89
C LYS A 265 88.19 57.83 20.61
N GLY A 266 89.17 56.94 20.49
CA GLY A 266 89.30 56.15 19.29
C GLY A 266 89.82 54.77 19.64
N PHE A 267 90.09 53.96 18.63
CA PHE A 267 90.58 52.62 18.85
C PHE A 267 91.58 52.27 17.75
N SER A 268 92.11 51.05 17.84
CA SER A 268 93.05 50.53 16.86
C SER A 268 93.23 49.07 17.17
N PHE A 269 93.40 48.26 16.14
CA PHE A 269 93.62 46.83 16.35
C PHE A 269 94.99 46.43 15.85
N LYS A 270 95.80 45.87 16.74
CA LYS A 270 97.15 45.45 16.38
C LYS A 270 97.19 44.02 15.87
N TYR A 271 97.85 43.83 14.74
CA TYR A 271 98.03 42.52 14.17
C TYR A 271 99.52 42.48 13.89
N GLY A 272 100.25 41.69 14.66
CA GLY A 272 101.69 41.62 14.46
C GLY A 272 102.21 43.05 14.55
N ASN A 273 102.91 43.49 13.51
CA ASN A 273 103.44 44.84 13.46
C ASN A 273 102.51 45.81 12.73
N GLY A 274 101.38 45.29 12.26
CA GLY A 274 100.41 46.11 11.54
C GLY A 274 99.33 46.71 12.41
N VAL A 275 98.54 47.61 11.83
CA VAL A 275 97.47 48.26 12.58
C VAL A 275 96.26 48.63 11.76
N TRP A 276 95.09 48.38 12.33
CA TRP A 276 93.86 48.79 11.69
C TRP A 276 93.54 50.04 12.50
N ILE A 277 93.78 51.17 11.86
CA ILE A 277 93.52 52.43 12.48
C ILE A 277 92.15 52.92 12.08
N GLY A 278 91.32 53.20 13.08
CA GLY A 278 89.99 53.75 12.83
C GLY A 278 90.21 55.22 13.12
N ARG A 279 89.65 56.10 12.30
CA ARG A 279 89.84 57.52 12.56
C ARG A 279 88.90 58.37 11.73
N THR A 280 88.80 59.64 12.09
CA THR A 280 87.95 60.58 11.38
C THR A 280 88.60 60.88 10.04
N LYS A 281 87.81 61.39 9.10
CA LYS A 281 88.37 61.75 7.80
C LYS A 281 88.96 63.16 7.86
N SER A 282 88.38 64.03 8.68
CA SER A 282 88.90 65.38 8.81
C SER A 282 90.01 65.44 9.86
N THR A 283 90.93 66.39 9.72
CA THR A 283 92.03 66.52 10.68
C THR A 283 91.71 67.57 11.73
N ASN A 284 90.60 68.27 11.54
CA ASN A 284 90.20 69.32 12.48
C ASN A 284 88.86 69.07 13.14
N SER A 285 87.97 68.36 12.44
CA SER A 285 86.65 68.12 12.98
C SER A 285 86.35 66.66 13.15
N ARG A 286 85.36 66.39 13.99
CA ARG A 286 84.91 65.04 14.22
C ARG A 286 83.91 64.73 13.10
N SER A 287 84.42 64.79 11.88
CA SER A 287 83.61 64.51 10.70
C SER A 287 84.21 63.38 9.87
N GLY A 288 83.32 62.51 9.37
CA GLY A 288 83.74 61.39 8.56
C GLY A 288 84.47 60.36 9.39
N PHE A 289 84.53 59.13 8.90
CA PHE A 289 85.24 58.08 9.60
C PHE A 289 85.78 57.10 8.55
N GLU A 290 86.89 56.45 8.87
CA GLU A 290 87.51 55.51 7.95
C GLU A 290 88.38 54.51 8.67
N MET A 291 88.51 53.32 8.09
CA MET A 291 89.32 52.26 8.63
C MET A 291 90.55 52.14 7.73
N ILE A 292 91.73 52.19 8.33
CA ILE A 292 92.96 52.12 7.57
C ILE A 292 93.89 51.01 8.03
N TRP A 293 94.33 50.19 7.08
CA TRP A 293 95.23 49.12 7.41
C TRP A 293 96.62 49.47 6.95
N ASP A 294 97.48 49.78 7.91
CA ASP A 294 98.88 50.11 7.65
C ASP A 294 99.66 48.92 8.19
N PRO A 295 99.99 47.96 7.32
CA PRO A 295 100.75 46.81 7.80
C PRO A 295 102.04 47.39 8.32
N ASN A 296 102.81 46.62 9.07
CA ASN A 296 104.09 47.13 9.57
C ASN A 296 104.01 48.66 9.72
N GLY A 297 103.15 49.08 10.65
CA GLY A 297 102.91 50.49 10.94
C GLY A 297 102.58 50.78 12.41
N TRP A 298 102.71 49.76 13.25
CA TRP A 298 102.45 49.93 14.68
C TRP A 298 103.80 50.23 15.31
N THR A 299 104.85 49.71 14.68
CA THR A 299 106.22 49.90 15.13
C THR A 299 106.98 50.83 14.18
N GLU A 300 106.47 51.02 12.98
CA GLU A 300 107.14 51.86 12.01
C GLU A 300 106.48 53.20 11.74
N THR A 301 107.28 54.12 11.22
CA THR A 301 106.82 55.46 10.89
C THR A 301 106.74 55.55 9.38
N ASP A 302 105.60 55.94 8.85
CA ASP A 302 105.42 56.08 7.40
C ASP A 302 104.20 56.94 7.23
N SER A 303 103.60 56.87 6.06
CA SER A 303 102.40 57.62 5.76
C SER A 303 101.67 56.63 4.88
N SER A 304 102.43 55.62 4.45
CA SER A 304 101.89 54.60 3.57
C SER A 304 101.25 53.46 4.32
N PHE A 305 100.16 52.97 3.73
CA PHE A 305 99.36 51.87 4.25
C PHE A 305 98.78 51.17 3.03
N SER A 306 98.21 49.99 3.20
CA SER A 306 97.67 49.29 2.05
C SER A 306 96.16 49.39 1.81
N VAL A 307 95.37 49.60 2.85
CA VAL A 307 93.94 49.67 2.64
C VAL A 307 93.23 50.77 3.40
N LYS A 308 92.28 51.39 2.73
CA LYS A 308 91.47 52.45 3.31
C LYS A 308 90.04 52.08 3.00
N GLN A 309 89.23 51.92 4.04
CA GLN A 309 87.81 51.62 3.84
C GLN A 309 86.96 52.75 4.43
N ASP A 310 86.15 53.40 3.60
CA ASP A 310 85.29 54.48 4.07
C ASP A 310 84.09 54.00 4.91
N ILE A 311 83.74 54.79 5.92
CA ILE A 311 82.63 54.46 6.80
C ILE A 311 81.64 55.63 6.92
N VAL A 312 82.16 56.85 7.05
CA VAL A 312 81.33 58.04 7.09
C VAL A 312 82.05 59.10 6.28
N ALA A 313 81.35 59.68 5.31
CA ALA A 313 81.88 60.69 4.42
C ALA A 313 82.33 61.96 5.14
N ILE A 314 83.43 62.54 4.70
CA ILE A 314 83.98 63.75 5.29
C ILE A 314 82.87 64.77 5.46
N THR A 315 81.87 64.68 4.61
CA THR A 315 80.76 65.60 4.62
C THR A 315 79.79 65.46 5.79
N ASP A 316 79.89 64.34 6.51
CA ASP A 316 79.00 64.09 7.65
C ASP A 316 79.75 63.99 8.98
N TRP A 317 79.03 64.24 10.07
CA TRP A 317 79.59 64.20 11.41
C TRP A 317 79.81 62.84 12.04
N SER A 318 80.95 62.68 12.69
CA SER A 318 81.25 61.44 13.38
C SER A 318 81.47 61.79 14.85
N GLY A 319 82.42 61.11 15.49
CA GLY A 319 82.68 61.39 16.88
C GLY A 319 83.44 60.27 17.53
N TYR A 320 83.13 60.01 18.78
CA TYR A 320 83.80 58.93 19.52
C TYR A 320 83.68 57.64 18.74
N SER A 321 84.63 56.75 18.97
CA SER A 321 84.59 55.44 18.34
C SER A 321 85.31 54.57 19.34
N GLY A 322 84.98 53.29 19.36
CA GLY A 322 85.61 52.40 20.30
C GLY A 322 85.54 50.99 19.79
N SER A 323 86.36 50.12 20.35
CA SER A 323 86.35 48.75 19.95
C SER A 323 85.52 47.93 20.90
N PHE A 324 85.04 46.82 20.40
CA PHE A 324 84.32 45.85 21.20
C PHE A 324 84.65 44.54 20.51
N VAL A 325 84.52 43.45 21.24
CA VAL A 325 84.91 42.17 20.71
C VAL A 325 83.80 41.14 20.82
N GLN A 326 83.92 40.06 20.05
CA GLN A 326 82.95 38.99 20.12
C GLN A 326 83.75 37.75 20.35
N HIS A 327 83.55 37.13 21.49
CA HIS A 327 84.28 35.94 21.86
C HIS A 327 83.78 34.70 21.19
N PRO A 328 84.67 33.72 21.02
CA PRO A 328 84.33 32.45 20.39
C PRO A 328 83.18 31.77 21.15
N GLU A 329 83.08 32.06 22.44
CA GLU A 329 82.03 31.47 23.25
C GLU A 329 80.65 31.98 22.81
N LEU A 330 80.63 33.10 22.10
CA LEU A 330 79.38 33.67 21.59
C LEU A 330 79.25 33.30 20.12
N THR A 331 80.38 33.35 19.42
CA THR A 331 80.50 33.12 18.00
C THR A 331 80.60 31.71 17.45
N GLY A 332 81.30 30.83 18.17
CA GLY A 332 81.49 29.49 17.69
C GLY A 332 82.83 29.48 16.96
N LEU A 333 83.35 30.68 16.71
CA LEU A 333 84.63 30.86 16.03
C LEU A 333 85.77 30.37 16.91
N ASP A 334 86.95 30.19 16.35
CA ASP A 334 88.11 29.72 17.12
C ASP A 334 89.05 30.89 17.38
N CYS A 335 88.51 32.09 17.26
CA CYS A 335 89.29 33.30 17.47
C CYS A 335 88.38 34.42 17.97
N ILE A 336 88.99 35.52 18.37
CA ILE A 336 88.25 36.67 18.87
C ILE A 336 87.95 37.64 17.73
N ARG A 337 86.68 38.01 17.62
CA ARG A 337 86.18 38.91 16.59
C ARG A 337 86.41 40.36 16.92
N PRO A 338 87.12 41.08 16.06
CA PRO A 338 87.31 42.48 16.41
C PRO A 338 86.15 43.28 15.82
N CYS A 339 85.56 44.19 16.58
CA CYS A 339 84.48 45.03 16.04
C CYS A 339 84.66 46.45 16.59
N PHE A 340 83.89 47.39 16.08
CA PHE A 340 83.99 48.74 16.55
C PHE A 340 82.70 49.46 16.31
N TRP A 341 82.52 50.55 17.04
CA TRP A 341 81.33 51.36 16.92
C TRP A 341 81.77 52.78 16.71
N VAL A 342 80.88 53.58 16.14
CA VAL A 342 81.19 54.97 15.90
C VAL A 342 79.98 55.79 16.32
N GLU A 343 80.25 56.82 17.10
CA GLU A 343 79.22 57.71 17.59
C GLU A 343 79.07 58.81 16.55
N LEU A 344 77.84 59.04 16.09
CA LEU A 344 77.62 60.06 15.09
C LEU A 344 77.02 61.24 15.83
N ILE A 345 77.87 62.20 16.17
CA ILE A 345 77.46 63.36 16.92
C ILE A 345 76.76 64.48 16.15
N ARG A 346 75.56 64.82 16.60
CA ARG A 346 74.78 65.90 15.99
C ARG A 346 74.53 66.98 17.04
N GLY A 347 74.35 68.20 16.57
CA GLY A 347 74.08 69.31 17.46
C GLY A 347 75.33 70.09 17.81
N ARG A 348 75.37 70.59 19.03
CA ARG A 348 76.51 71.37 19.50
C ARG A 348 77.79 70.54 19.61
N PRO A 349 78.95 71.18 19.46
CA PRO A 349 79.10 72.63 19.20
C PRO A 349 79.09 73.02 17.72
N LYS A 350 79.08 72.04 16.83
CA LYS A 350 79.13 72.32 15.40
C LYS A 350 77.86 72.73 14.71
N GLU A 351 76.71 72.56 15.37
CA GLU A 351 75.45 72.91 14.74
C GLU A 351 74.61 73.84 15.60
N SER A 352 73.76 74.63 14.96
CA SER A 352 72.94 75.60 15.66
C SER A 352 71.70 75.04 16.36
N THR A 353 71.94 74.14 17.30
CA THR A 353 70.85 73.56 18.08
C THR A 353 71.16 73.94 19.51
N ILE A 354 70.40 73.43 20.47
CA ILE A 354 70.67 73.73 21.87
C ILE A 354 71.10 72.46 22.55
N TRP A 355 71.16 71.38 21.78
CA TRP A 355 71.53 70.09 22.34
C TRP A 355 72.63 69.37 21.59
N THR A 356 73.02 68.22 22.14
CA THR A 356 74.04 67.38 21.57
C THR A 356 73.76 65.93 21.87
N SER A 357 73.63 65.11 20.84
CA SER A 357 73.39 63.70 21.04
C SER A 357 74.01 62.99 19.87
N GLY A 358 74.13 61.66 19.96
CA GLY A 358 74.72 60.94 18.86
C GLY A 358 74.06 59.63 18.49
N SER A 359 74.19 59.25 17.22
CA SER A 359 73.66 57.98 16.74
C SER A 359 74.86 57.05 16.80
N SER A 360 74.61 55.77 16.55
CA SER A 360 75.69 54.80 16.54
C SER A 360 75.54 53.86 15.36
N ILE A 361 76.68 53.34 14.93
CA ILE A 361 76.76 52.39 13.85
C ILE A 361 77.92 51.53 14.34
N SER A 362 77.95 50.27 13.93
CA SER A 362 79.00 49.38 14.36
C SER A 362 79.33 48.46 13.21
N PHE A 363 80.55 47.95 13.22
CA PHE A 363 81.00 47.04 12.18
C PHE A 363 81.78 45.90 12.82
N CYS A 364 81.96 44.80 12.09
CA CYS A 364 82.73 43.69 12.63
C CYS A 364 83.76 43.14 11.66
N GLY A 365 84.78 42.50 12.23
CA GLY A 365 85.87 41.89 11.49
C GLY A 365 85.58 41.33 10.11
N VAL A 366 85.47 40.01 9.99
CA VAL A 366 85.16 39.38 8.68
C VAL A 366 86.29 39.04 7.68
N ASN A 367 86.25 37.80 7.18
CA ASN A 367 87.20 37.27 6.20
C ASN A 367 86.77 37.65 4.79
N SER A 368 85.47 37.51 4.53
CA SER A 368 84.89 37.82 3.23
C SER A 368 85.15 39.29 2.94
N ASP A 369 84.62 39.83 1.85
CA ASP A 369 84.91 41.23 1.63
C ASP A 369 83.77 42.17 1.90
N THR A 370 84.13 43.42 2.07
CA THR A 370 83.18 44.45 2.37
C THR A 370 83.21 45.49 1.28
N VAL A 371 82.70 46.68 1.62
CA VAL A 371 82.67 47.79 0.71
C VAL A 371 82.73 49.01 1.57
N GLY A 372 83.37 50.05 1.05
CA GLY A 372 83.42 51.28 1.81
C GLY A 372 82.15 52.01 1.41
N TRP A 373 81.69 52.93 2.25
CA TRP A 373 80.51 53.70 1.93
C TRP A 373 80.33 54.76 2.99
N SER A 374 79.11 55.25 3.14
CA SER A 374 78.86 56.26 4.14
C SER A 374 77.54 55.96 4.85
N TRP A 375 77.64 55.69 6.14
CA TRP A 375 76.48 55.42 6.96
C TRP A 375 76.40 56.53 8.00
N PRO A 376 75.99 57.73 7.56
CA PRO A 376 75.86 58.90 8.42
C PRO A 376 74.63 58.85 9.29
N ASP A 377 74.58 59.78 10.23
CA ASP A 377 73.46 59.90 11.14
C ASP A 377 72.17 60.07 10.34
N GLY A 378 72.11 61.09 9.50
CA GLY A 378 70.93 61.29 8.67
C GLY A 378 69.77 62.11 9.21
N ALA A 379 69.97 62.80 10.31
CA ALA A 379 68.91 63.62 10.90
C ALA A 379 68.88 65.02 10.30
N GLU A 380 67.69 65.60 10.20
CA GLU A 380 67.56 66.94 9.66
C GLU A 380 67.54 67.95 10.80
N LEU A 381 68.52 68.84 10.81
CA LEU A 381 68.61 69.86 11.85
C LEU A 381 68.36 71.25 11.29
N PRO A 382 67.90 72.18 12.13
CA PRO A 382 67.57 71.92 13.54
C PRO A 382 66.25 71.19 13.74
N PHE A 383 65.99 70.82 14.99
CA PHE A 383 64.77 70.14 15.39
C PHE A 383 63.80 71.20 15.88
N THR A 384 62.56 70.79 16.14
CA THR A 384 61.55 71.70 16.65
C THR A 384 62.13 72.49 17.83
N ILE A 385 63.28 72.00 18.32
CA ILE A 385 64.06 72.59 19.40
C ILE A 385 63.55 72.15 20.76
N VAL B 1 50.42 20.55 31.68
CA VAL B 1 49.40 19.68 32.31
C VAL B 1 48.01 20.32 32.28
N LYS B 2 47.11 19.72 31.51
CA LYS B 2 45.75 20.23 31.34
C LYS B 2 45.03 20.55 32.64
N LEU B 3 44.28 21.65 32.58
CA LEU B 3 43.49 22.21 33.68
C LEU B 3 42.29 21.36 34.04
N ALA B 4 42.25 20.84 35.26
CA ALA B 4 41.10 20.06 35.69
C ALA B 4 40.02 21.05 36.09
N GLY B 5 38.78 20.77 35.74
CA GLY B 5 37.73 21.69 36.13
C GLY B 5 36.79 20.97 37.07
N ASN B 6 37.31 19.98 37.79
CA ASN B 6 36.50 19.17 38.69
C ASN B 6 36.13 19.73 40.06
N SER B 7 36.73 20.83 40.49
CA SER B 7 36.39 21.37 41.81
C SER B 7 35.21 22.33 41.69
N SER B 8 34.66 22.76 42.82
CA SER B 8 33.52 23.66 42.83
C SER B 8 33.95 25.10 43.05
N LEU B 9 33.00 26.02 42.93
CA LEU B 9 33.30 27.42 43.15
C LEU B 9 33.68 27.61 44.60
N CYS B 10 34.68 28.44 44.85
CA CYS B 10 35.07 28.72 46.21
C CYS B 10 33.90 29.45 46.85
N PRO B 11 33.67 29.24 48.15
CA PRO B 11 32.58 29.94 48.82
C PRO B 11 33.12 31.35 49.05
N ILE B 12 32.25 32.36 48.97
CA ILE B 12 32.70 33.73 49.14
C ILE B 12 31.71 34.61 49.89
N ASN B 13 32.17 35.77 50.31
CA ASN B 13 31.34 36.73 51.03
C ASN B 13 31.29 38.07 50.33
N GLY B 14 32.35 38.40 49.61
CA GLY B 14 32.38 39.68 48.94
C GLY B 14 33.44 39.70 47.87
N TRP B 15 33.70 40.88 47.32
CA TRP B 15 34.68 41.01 46.27
C TRP B 15 35.77 42.04 46.53
N ALA B 16 37.02 41.58 46.43
CA ALA B 16 38.16 42.45 46.64
C ALA B 16 38.63 42.99 45.27
N VAL B 17 39.03 44.26 45.21
CA VAL B 17 39.51 44.86 43.95
C VAL B 17 40.74 44.11 43.54
N TYR B 18 40.83 43.78 42.25
CA TYR B 18 41.95 43.06 41.72
C TYR B 18 42.77 43.94 40.78
N SER B 19 42.11 44.69 39.91
CA SER B 19 42.83 45.57 38.99
C SER B 19 42.03 46.74 38.46
N LYS B 20 42.75 47.76 37.99
CA LYS B 20 42.15 48.95 37.40
C LYS B 20 43.20 49.47 36.44
N ASP B 21 42.86 49.59 35.15
CA ASP B 21 43.86 50.03 34.19
C ASP B 21 43.97 51.51 33.91
N ASN B 22 42.93 52.28 34.19
CA ASN B 22 42.96 53.73 33.97
C ASN B 22 43.39 54.04 32.54
N SER B 23 43.18 53.10 31.63
CA SER B 23 43.62 53.30 30.25
C SER B 23 43.14 54.61 29.63
N ILE B 24 41.90 54.99 29.89
CA ILE B 24 41.38 56.23 29.32
C ILE B 24 42.06 57.49 29.88
N ARG B 25 42.32 57.51 31.18
CA ARG B 25 43.00 58.65 31.80
C ARG B 25 44.41 58.76 31.22
N ILE B 26 45.04 57.60 31.08
CA ILE B 26 46.39 57.52 30.58
C ILE B 26 46.45 57.81 29.09
N GLY B 27 45.45 57.28 28.36
CA GLY B 27 45.39 57.48 26.93
C GLY B 27 45.27 58.95 26.55
N SER B 28 44.93 59.79 27.52
CA SER B 28 44.79 61.21 27.27
C SER B 28 46.06 61.79 26.67
N LYS B 29 47.22 61.21 27.01
CA LYS B 29 48.51 61.66 26.48
C LYS B 29 49.24 60.48 25.88
N GLY B 30 49.20 59.36 26.61
CA GLY B 30 49.86 58.15 26.18
C GLY B 30 49.20 57.49 24.98
N ASP B 31 49.98 56.65 24.30
CA ASP B 31 49.50 55.95 23.14
C ASP B 31 48.80 54.68 23.64
N VAL B 32 47.49 54.80 23.89
CA VAL B 32 46.67 53.70 24.36
C VAL B 32 45.58 53.40 23.34
N PHE B 33 45.31 52.11 23.13
CA PHE B 33 44.28 51.69 22.18
C PHE B 33 42.89 52.07 22.63
N VAL B 34 42.04 52.45 21.69
CA VAL B 34 40.66 52.72 22.03
C VAL B 34 40.07 51.32 21.98
N ILE B 35 39.61 50.81 23.12
CA ILE B 35 39.10 49.45 23.16
C ILE B 35 37.64 49.30 23.57
N ARG B 36 37.20 48.05 23.56
CA ARG B 36 35.86 47.64 23.94
C ARG B 36 35.96 46.22 24.51
N GLU B 37 35.02 45.85 25.37
CA GLU B 37 34.99 44.54 26.00
C GLU B 37 36.35 43.98 26.43
N PRO B 38 36.98 44.61 27.44
CA PRO B 38 38.29 44.13 27.92
C PRO B 38 38.12 42.95 28.88
N PHE B 39 37.81 41.77 28.37
CA PHE B 39 37.64 40.63 29.26
C PHE B 39 38.95 40.02 29.73
N ILE B 40 38.94 39.52 30.96
CA ILE B 40 40.13 38.92 31.56
C ILE B 40 40.03 37.41 31.51
N SER B 41 41.15 36.75 31.24
CA SER B 41 41.20 35.29 31.22
C SER B 41 42.55 34.89 31.78
N CYS B 42 42.60 33.78 32.51
CA CYS B 42 43.85 33.36 33.12
C CYS B 42 44.31 31.98 32.69
N SER B 43 45.58 31.70 32.92
CA SER B 43 46.16 30.41 32.62
C SER B 43 46.56 29.82 33.96
N HIS B 44 47.52 28.92 33.94
CA HIS B 44 48.00 28.30 35.16
C HIS B 44 49.16 29.13 35.69
N LEU B 45 49.43 30.26 35.05
CA LEU B 45 50.55 31.09 35.50
C LEU B 45 50.26 32.57 35.55
N GLU B 46 49.42 33.07 34.65
CA GLU B 46 49.14 34.48 34.66
C GLU B 46 47.75 34.82 34.19
N CYS B 47 47.35 36.06 34.41
CA CYS B 47 46.05 36.52 33.97
C CYS B 47 46.29 37.67 33.00
N ARG B 48 45.62 37.62 31.86
CA ARG B 48 45.79 38.65 30.85
C ARG B 48 44.47 39.32 30.54
N THR B 49 44.57 40.49 29.92
CA THR B 49 43.38 41.22 29.52
C THR B 49 43.28 41.17 28.01
N PHE B 50 42.19 40.61 27.50
CA PHE B 50 41.98 40.58 26.07
C PHE B 50 40.98 41.70 25.79
N PHE B 51 41.05 42.25 24.58
CA PHE B 51 40.15 43.32 24.24
C PHE B 51 40.10 43.40 22.73
N LEU B 52 39.16 44.19 22.22
CA LEU B 52 39.01 44.36 20.79
C LEU B 52 39.34 45.81 20.48
N THR B 53 40.03 46.05 19.38
CA THR B 53 40.37 47.41 19.01
C THR B 53 40.12 47.73 17.55
N GLN B 54 39.75 48.98 17.30
CA GLN B 54 39.50 49.45 15.95
C GLN B 54 40.85 49.76 15.31
N GLY B 55 41.92 49.52 16.05
CA GLY B 55 43.24 49.80 15.54
C GLY B 55 43.55 51.29 15.58
N ALA B 56 43.02 51.99 16.58
CA ALA B 56 43.25 53.42 16.72
C ALA B 56 43.61 53.77 18.15
N LEU B 57 44.32 54.86 18.34
CA LEU B 57 44.70 55.25 19.68
C LEU B 57 43.81 56.39 20.12
N LEU B 58 43.67 56.54 21.45
CA LEU B 58 42.88 57.61 22.02
C LEU B 58 43.49 58.93 21.59
N ASN B 59 42.64 59.94 21.50
CA ASN B 59 43.03 61.28 21.11
C ASN B 59 43.61 61.40 19.71
N ASP B 60 43.26 60.48 18.84
CA ASP B 60 43.72 60.51 17.45
C ASP B 60 42.50 60.46 16.56
N LYS B 61 42.62 61.02 15.36
CA LYS B 61 41.51 61.07 14.41
C LYS B 61 40.95 59.72 13.99
N HIS B 62 41.76 58.68 14.07
CA HIS B 62 41.30 57.36 13.68
C HIS B 62 40.35 56.72 14.69
N SER B 63 40.17 57.40 15.82
CA SER B 63 39.26 56.90 16.85
C SER B 63 37.86 57.43 16.59
N ASN B 64 37.70 58.12 15.45
CA ASN B 64 36.43 58.72 15.03
C ASN B 64 35.17 57.93 15.37
N GLY B 65 35.29 56.62 15.48
CA GLY B 65 34.16 55.80 15.88
C GLY B 65 32.83 55.81 15.13
N THR B 66 32.68 56.60 14.08
CA THR B 66 31.41 56.57 13.37
C THR B 66 31.37 55.24 12.61
N VAL B 67 32.52 54.56 12.60
CA VAL B 67 32.69 53.27 11.94
C VAL B 67 31.77 52.17 12.45
N LYS B 68 31.38 51.28 11.54
CA LYS B 68 30.54 50.13 11.87
C LYS B 68 31.24 49.33 12.98
N ASP B 69 30.46 48.85 13.95
CA ASP B 69 31.01 48.07 15.06
C ASP B 69 31.86 46.92 14.50
N ARG B 70 31.36 46.29 13.46
CA ARG B 70 32.05 45.16 12.84
C ARG B 70 32.88 45.56 11.64
N SER B 71 34.01 46.23 11.88
CA SER B 71 34.86 46.64 10.77
C SER B 71 35.97 45.62 10.58
N PRO B 72 36.69 45.70 9.45
CA PRO B 72 37.77 44.76 9.19
C PRO B 72 39.06 45.11 9.94
N HIS B 73 39.01 46.19 10.71
CA HIS B 73 40.18 46.63 11.46
C HIS B 73 40.11 46.16 12.91
N ARG B 74 38.93 45.72 13.33
CA ARG B 74 38.74 45.23 14.68
C ARG B 74 39.66 44.02 14.89
N THR B 75 40.51 44.08 15.91
CA THR B 75 41.40 42.96 16.18
C THR B 75 41.36 42.58 17.65
N LEU B 76 41.64 41.31 17.93
CA LEU B 76 41.68 40.83 19.30
C LEU B 76 43.14 40.83 19.75
N MET B 77 43.37 41.47 20.90
CA MET B 77 44.71 41.56 21.45
C MET B 77 44.65 41.41 22.97
N SER B 78 45.83 41.21 23.57
CA SER B 78 45.90 41.07 25.01
C SER B 78 47.16 41.69 25.58
N CYS B 79 47.10 41.99 26.87
CA CYS B 79 48.23 42.56 27.57
C CYS B 79 48.03 42.17 29.02
N PRO B 80 49.08 42.23 29.83
CA PRO B 80 48.92 41.85 31.23
C PRO B 80 47.83 42.64 31.96
N VAL B 81 47.14 41.96 32.87
CA VAL B 81 46.07 42.56 33.66
C VAL B 81 46.50 43.83 34.38
N GLY B 82 45.63 44.84 34.34
CA GLY B 82 45.91 46.07 35.03
C GLY B 82 46.74 47.07 34.25
N GLU B 83 47.27 46.68 33.11
CA GLU B 83 48.08 47.61 32.31
C GLU B 83 47.22 48.27 31.24
N ALA B 84 47.56 49.49 30.88
CA ALA B 84 46.78 50.16 29.84
C ALA B 84 47.14 49.54 28.49
N PRO B 85 46.14 49.17 27.68
CA PRO B 85 46.47 48.57 26.38
C PRO B 85 47.07 49.55 25.37
N SER B 86 48.31 49.28 24.98
CA SER B 86 48.98 50.13 24.01
C SER B 86 49.71 49.22 23.07
N PRO B 87 50.05 49.73 21.88
CA PRO B 87 50.77 48.90 20.91
C PRO B 87 52.13 48.43 21.43
N TYR B 88 52.64 49.15 22.43
CA TYR B 88 53.93 48.88 23.05
C TYR B 88 53.90 47.79 24.09
N ASN B 89 52.70 47.34 24.44
CA ASN B 89 52.63 46.30 25.44
C ASN B 89 51.60 45.21 25.17
N SER B 90 50.84 45.35 24.09
CA SER B 90 49.84 44.35 23.77
C SER B 90 50.31 43.33 22.76
N ARG B 91 49.88 42.09 22.96
CA ARG B 91 50.23 41.01 22.05
C ARG B 91 49.07 40.89 21.02
N PHE B 92 49.38 40.54 19.78
CA PHE B 92 48.33 40.40 18.78
C PHE B 92 47.73 39.01 18.89
N GLU B 93 46.41 38.92 18.96
CA GLU B 93 45.77 37.63 19.08
C GLU B 93 45.10 37.20 17.79
N SER B 94 44.15 38.00 17.32
CA SER B 94 43.41 37.63 16.12
C SER B 94 42.66 38.80 15.51
N VAL B 95 42.31 38.65 14.23
CA VAL B 95 41.54 39.69 13.56
C VAL B 95 40.11 39.37 13.95
N ALA B 96 39.41 40.30 14.59
CA ALA B 96 38.06 39.97 15.00
C ALA B 96 37.21 41.12 15.50
N TRP B 97 35.91 41.05 15.19
CA TRP B 97 35.00 42.06 15.67
C TRP B 97 34.09 41.40 16.71
N SER B 98 34.49 40.19 17.11
CA SER B 98 33.81 39.41 18.14
C SER B 98 34.76 38.26 18.47
N ALA B 99 35.00 38.02 19.76
CA ALA B 99 35.92 36.96 20.16
C ALA B 99 35.67 36.40 21.55
N SER B 100 36.53 35.47 21.94
CA SER B 100 36.54 34.85 23.27
C SER B 100 37.90 34.19 23.39
N ALA B 101 38.31 33.88 24.61
CA ALA B 101 39.60 33.25 24.78
C ALA B 101 39.66 32.51 26.11
N CYS B 102 40.56 31.55 26.18
CA CYS B 102 40.76 30.75 27.38
C CYS B 102 41.99 29.88 27.23
N HIS B 103 42.54 29.49 28.37
CA HIS B 103 43.72 28.65 28.43
C HIS B 103 43.29 27.30 29.01
N ASP B 104 43.73 26.20 28.41
CA ASP B 104 43.35 24.87 28.89
C ASP B 104 44.39 24.23 29.81
N GLY B 105 45.33 25.03 30.32
CA GLY B 105 46.36 24.50 31.17
C GLY B 105 47.68 24.28 30.42
N THR B 106 47.59 24.25 29.09
CA THR B 106 48.77 24.06 28.25
C THR B 106 49.01 25.29 27.38
N SER B 107 48.06 25.59 26.51
CA SER B 107 48.19 26.75 25.62
C SER B 107 46.90 27.55 25.58
N TRP B 108 46.99 28.79 25.09
CA TRP B 108 45.83 29.67 24.98
C TRP B 108 45.02 29.33 23.74
N LEU B 109 43.71 29.42 23.85
CA LEU B 109 42.82 29.18 22.72
C LEU B 109 42.15 30.52 22.49
N THR B 110 42.24 31.07 21.29
CA THR B 110 41.57 32.34 21.03
C THR B 110 40.62 32.10 19.88
N ILE B 111 39.47 32.76 19.95
CA ILE B 111 38.45 32.63 18.93
C ILE B 111 38.11 34.02 18.45
N GLY B 112 38.47 34.30 17.20
CA GLY B 112 38.17 35.60 16.64
C GLY B 112 37.30 35.41 15.42
N ILE B 113 36.26 36.23 15.31
CA ILE B 113 35.34 36.15 14.20
C ILE B 113 35.52 37.41 13.40
N SER B 114 35.61 37.25 12.10
CA SER B 114 35.75 38.38 11.21
C SER B 114 35.00 38.04 9.95
N GLY B 115 35.00 38.94 8.97
CA GLY B 115 34.28 38.64 7.74
C GLY B 115 33.01 39.46 7.66
N PRO B 116 32.22 39.27 6.60
CA PRO B 116 30.96 40.01 6.41
C PRO B 116 29.82 39.45 7.25
N ASP B 117 28.84 40.30 7.53
CA ASP B 117 27.67 39.90 8.33
C ASP B 117 26.97 38.68 7.78
N ASN B 118 26.90 38.55 6.46
CA ASN B 118 26.21 37.41 5.85
C ASN B 118 27.04 36.14 5.73
N GLY B 119 28.13 36.05 6.48
CA GLY B 119 28.95 34.85 6.38
C GLY B 119 30.25 34.93 7.14
N ALA B 120 30.21 35.50 8.34
CA ALA B 120 31.39 35.64 9.17
C ALA B 120 31.99 34.28 9.50
N VAL B 121 33.28 34.26 9.81
CA VAL B 121 33.95 33.02 10.13
C VAL B 121 34.79 33.14 11.39
N ALA B 122 34.57 32.20 12.31
CA ALA B 122 35.32 32.17 13.55
C ALA B 122 36.61 31.43 13.31
N VAL B 123 37.73 32.11 13.55
CA VAL B 123 39.04 31.50 13.39
C VAL B 123 39.56 31.03 14.74
N LEU B 124 39.73 29.72 14.90
CA LEU B 124 40.24 29.20 16.16
C LEU B 124 41.75 29.07 16.06
N LYS B 125 42.43 29.58 17.08
CA LYS B 125 43.88 29.53 17.18
C LYS B 125 44.28 28.86 18.49
N TYR B 126 45.24 27.96 18.42
CA TYR B 126 45.72 27.29 19.62
C TYR B 126 47.22 27.58 19.68
N ASN B 127 47.63 28.33 20.70
CA ASN B 127 49.02 28.73 20.87
C ASN B 127 49.45 29.56 19.65
N GLY B 128 48.59 30.47 19.22
CA GLY B 128 48.93 31.34 18.11
C GLY B 128 48.80 30.81 16.69
N ILE B 129 48.61 29.51 16.52
CA ILE B 129 48.48 28.98 15.17
C ILE B 129 47.04 28.48 14.91
N ILE B 130 46.48 28.86 13.77
CA ILE B 130 45.12 28.47 13.41
C ILE B 130 44.96 26.97 13.49
N THR B 131 43.90 26.52 14.16
CA THR B 131 43.65 25.09 14.33
C THR B 131 42.30 24.62 13.80
N ASP B 132 41.42 25.57 13.52
CA ASP B 132 40.11 25.23 13.00
C ASP B 132 39.34 26.47 12.57
N THR B 133 38.21 26.25 11.92
CA THR B 133 37.34 27.33 11.43
C THR B 133 35.88 26.96 11.66
N ILE B 134 35.02 27.96 11.84
CA ILE B 134 33.60 27.72 12.01
C ILE B 134 32.87 28.82 11.25
N LYS B 135 32.09 28.45 10.23
CA LYS B 135 31.35 29.45 9.45
C LYS B 135 29.95 29.71 9.96
N SER B 136 29.49 30.94 9.78
CA SER B 136 28.15 31.35 10.17
C SER B 136 27.23 30.33 9.53
N TRP B 137 26.26 29.82 10.28
CA TRP B 137 25.34 28.82 9.74
C TRP B 137 23.95 29.40 9.51
N ARG B 138 23.80 30.70 9.79
CA ARG B 138 22.54 31.41 9.61
C ARG B 138 22.78 32.67 8.78
N ASN B 139 24.04 32.89 8.41
CA ASN B 139 24.44 34.05 7.62
C ASN B 139 23.89 35.36 8.17
N ASN B 140 23.76 35.47 9.48
CA ASN B 140 23.25 36.68 10.10
C ASN B 140 24.03 37.05 11.36
N ILE B 141 25.25 37.51 11.12
CA ILE B 141 26.20 37.95 12.14
C ILE B 141 26.58 36.92 13.19
N LEU B 142 27.48 36.01 12.83
CA LEU B 142 27.94 35.02 13.79
C LEU B 142 28.67 35.81 14.88
N ARG B 143 28.40 35.47 16.13
CA ARG B 143 29.03 36.17 17.24
C ARG B 143 29.25 35.26 18.44
N THR B 144 30.21 35.61 19.30
CA THR B 144 30.49 34.79 20.45
C THR B 144 30.46 35.58 21.77
N GLN B 145 31.04 35.01 22.82
CA GLN B 145 31.03 35.58 24.18
C GLN B 145 31.47 37.02 24.49
N GLU B 146 32.64 37.42 23.99
CA GLU B 146 33.22 38.73 24.28
C GLU B 146 33.72 38.64 25.71
N SER B 147 34.02 37.41 26.11
CA SER B 147 34.55 37.13 27.43
C SER B 147 35.16 35.75 27.38
N GLU B 148 35.84 35.39 28.47
CA GLU B 148 36.54 34.12 28.62
C GLU B 148 35.70 32.87 28.36
N CYS B 149 36.28 31.88 27.70
CA CYS B 149 35.59 30.61 27.47
C CYS B 149 35.94 29.71 28.64
N ALA B 150 35.22 28.60 28.81
CA ALA B 150 35.46 27.70 29.93
C ALA B 150 36.13 26.40 29.56
N CYS B 151 37.22 26.06 30.26
CA CYS B 151 37.92 24.81 29.98
C CYS B 151 37.83 23.84 31.15
N VAL B 152 37.70 22.55 30.82
CA VAL B 152 37.61 21.48 31.81
C VAL B 152 38.24 20.18 31.27
N ASN B 153 39.05 19.53 32.09
CA ASN B 153 39.69 18.27 31.72
C ASN B 153 40.30 18.25 30.32
N GLY B 154 40.83 19.38 29.87
CA GLY B 154 41.46 19.41 28.56
C GLY B 154 40.56 19.69 27.37
N SER B 155 39.38 20.22 27.64
CA SER B 155 38.44 20.57 26.58
C SER B 155 37.98 21.95 26.97
N CYS B 156 37.70 22.80 26.00
CA CYS B 156 37.22 24.15 26.32
C CYS B 156 35.89 24.32 25.63
N PHE B 157 35.03 25.15 26.19
CA PHE B 157 33.72 25.35 25.63
C PHE B 157 33.37 26.81 25.41
N THR B 158 32.59 27.06 24.36
CA THR B 158 32.17 28.41 24.08
C THR B 158 30.75 28.40 23.50
N VAL B 159 30.10 29.56 23.50
CA VAL B 159 28.75 29.62 22.97
C VAL B 159 28.66 30.70 21.90
N MET B 160 28.22 30.32 20.71
CA MET B 160 28.09 31.29 19.63
C MET B 160 26.63 31.44 19.23
N THR B 161 26.29 32.62 18.73
CA THR B 161 24.93 32.90 18.30
C THR B 161 24.94 33.34 16.86
N ASP B 162 23.90 32.99 16.13
CA ASP B 162 23.78 33.39 14.74
C ASP B 162 22.30 33.62 14.50
N GLY B 163 21.99 34.76 13.92
CA GLY B 163 20.60 35.10 13.67
C GLY B 163 20.35 36.52 14.09
N PRO B 164 19.09 36.95 14.12
CA PRO B 164 18.74 38.32 14.51
C PRO B 164 18.99 38.62 15.99
N SER B 165 19.25 39.88 16.30
CA SER B 165 19.46 40.27 17.69
C SER B 165 18.11 40.68 18.28
N ASN B 166 17.03 40.36 17.56
CA ASN B 166 15.66 40.60 18.02
C ASN B 166 15.08 39.21 18.14
N GLY B 167 13.99 38.95 17.42
CA GLY B 167 13.35 37.64 17.47
C GLY B 167 14.25 36.42 17.59
N GLN B 168 13.63 35.25 17.58
CA GLN B 168 14.35 33.98 17.68
C GLN B 168 15.65 34.04 16.88
N ALA B 169 16.68 33.41 17.42
CA ALA B 169 17.98 33.31 16.76
C ALA B 169 18.43 31.89 16.98
N SER B 170 19.59 31.54 16.43
CA SER B 170 20.11 30.19 16.58
C SER B 170 21.24 30.22 17.60
N TYR B 171 21.34 29.19 18.44
CA TYR B 171 22.38 29.14 19.48
C TYR B 171 23.05 27.78 19.56
N LYS B 172 24.39 27.78 19.56
CA LYS B 172 25.14 26.53 19.62
C LYS B 172 26.28 26.56 20.64
N ILE B 173 26.55 25.39 21.22
CA ILE B 173 27.63 25.24 22.18
C ILE B 173 28.68 24.46 21.43
N PHE B 174 29.95 24.80 21.64
CA PHE B 174 31.02 24.08 20.98
C PHE B 174 32.00 23.55 22.01
N LYS B 175 32.59 22.40 21.71
CA LYS B 175 33.56 21.78 22.58
C LYS B 175 34.81 21.63 21.72
N MET B 176 35.92 22.21 22.14
CA MET B 176 37.12 22.04 21.35
C MET B 176 38.30 21.50 22.16
N GLU B 177 39.20 20.82 21.45
CA GLU B 177 40.38 20.24 22.05
C GLU B 177 41.57 20.60 21.17
N LYS B 178 42.50 21.35 21.76
CA LYS B 178 43.67 21.84 21.06
C LYS B 178 43.19 22.75 19.94
N GLY B 179 42.18 23.57 20.24
CA GLY B 179 41.64 24.50 19.27
C GLY B 179 40.83 23.91 18.13
N LYS B 180 40.49 22.63 18.22
CA LYS B 180 39.72 21.96 17.17
C LYS B 180 38.34 21.55 17.67
N VAL B 181 37.30 21.99 16.98
CA VAL B 181 35.95 21.63 17.39
C VAL B 181 35.81 20.11 17.29
N VAL B 182 35.41 19.47 18.38
CA VAL B 182 35.24 18.02 18.35
C VAL B 182 33.78 17.67 18.50
N LYS B 183 32.97 18.68 18.79
CA LYS B 183 31.55 18.45 18.96
C LYS B 183 30.82 19.76 19.17
N SER B 184 29.65 19.89 18.56
CA SER B 184 28.83 21.08 18.73
C SER B 184 27.40 20.63 18.85
N VAL B 185 26.58 21.48 19.46
CA VAL B 185 25.18 21.15 19.65
C VAL B 185 24.35 22.41 19.61
N GLU B 186 23.24 22.34 18.89
CA GLU B 186 22.36 23.49 18.81
C GLU B 186 21.38 23.38 19.96
N LEU B 187 21.14 24.51 20.62
CA LEU B 187 20.21 24.54 21.73
C LEU B 187 18.80 24.58 21.20
N ASP B 188 17.91 23.83 21.82
CA ASP B 188 16.51 23.83 21.43
C ASP B 188 15.89 24.84 22.39
N ALA B 189 16.12 26.12 22.11
CA ALA B 189 15.64 27.20 22.96
C ALA B 189 14.58 28.12 22.36
N PRO B 190 13.45 27.57 21.94
CA PRO B 190 12.45 28.49 21.38
C PRO B 190 12.04 29.48 22.47
N ASN B 191 11.91 30.73 22.09
CA ASN B 191 11.55 31.83 22.98
C ASN B 191 12.70 32.33 23.85
N TYR B 192 13.88 31.75 23.68
CA TYR B 192 15.05 32.19 24.44
C TYR B 192 15.88 33.05 23.50
N HIS B 193 16.82 33.79 24.06
CA HIS B 193 17.72 34.61 23.25
C HIS B 193 19.06 34.67 23.96
N TYR B 194 20.09 34.10 23.34
CA TYR B 194 21.42 34.12 23.93
C TYR B 194 22.40 34.98 23.14
N GLU B 195 23.20 35.74 23.89
CA GLU B 195 24.21 36.64 23.34
C GLU B 195 25.25 36.95 24.39
N GLU B 196 26.49 37.16 23.92
CA GLU B 196 27.61 37.51 24.79
C GLU B 196 27.56 36.77 26.12
N CYS B 197 27.69 35.46 26.07
CA CYS B 197 27.65 34.64 27.25
C CYS B 197 28.89 34.68 28.12
N SER B 198 28.68 34.79 29.43
CA SER B 198 29.79 34.77 30.40
C SER B 198 29.67 33.36 30.96
N CYS B 199 30.65 32.51 30.67
CA CYS B 199 30.62 31.13 31.12
C CYS B 199 31.73 30.84 32.10
N TYR B 200 31.59 29.73 32.82
CA TYR B 200 32.60 29.34 33.78
C TYR B 200 32.41 27.89 34.17
N PRO B 201 33.52 27.19 34.48
CA PRO B 201 33.49 25.78 34.88
C PRO B 201 33.18 25.65 36.37
N ASN B 202 32.52 24.57 36.72
CA ASN B 202 32.15 24.31 38.11
C ASN B 202 31.90 22.82 38.20
N ALA B 203 32.68 22.13 39.02
CA ALA B 203 32.51 20.70 39.19
C ALA B 203 32.36 20.01 37.84
N GLY B 204 33.36 20.17 37.00
CA GLY B 204 33.36 19.54 35.69
C GLY B 204 32.28 19.92 34.71
N GLU B 205 31.46 20.91 35.05
CA GLU B 205 30.40 21.34 34.14
C GLU B 205 30.48 22.85 33.94
N ILE B 206 29.90 23.34 32.86
CA ILE B 206 29.94 24.77 32.58
C ILE B 206 28.61 25.45 32.80
N THR B 207 28.66 26.70 33.24
CA THR B 207 27.44 27.47 33.44
C THR B 207 27.64 28.82 32.74
N CYS B 208 26.66 29.22 31.94
CA CYS B 208 26.76 30.48 31.24
C CYS B 208 25.56 31.34 31.54
N VAL B 209 25.80 32.61 31.81
CA VAL B 209 24.72 33.57 32.08
C VAL B 209 24.95 34.57 30.96
N CYS B 210 23.93 34.79 30.15
CA CYS B 210 24.11 35.63 29.01
C CYS B 210 23.21 36.85 28.87
N ARG B 211 23.14 37.34 27.64
CA ARG B 211 22.37 38.53 27.34
C ARG B 211 21.20 38.26 26.42
N ASP B 212 20.00 38.61 26.86
CA ASP B 212 18.80 38.45 26.05
C ASP B 212 18.57 39.87 25.54
N ASN B 213 18.90 40.08 24.28
CA ASN B 213 18.79 41.39 23.64
C ASN B 213 17.46 41.49 22.93
N TRP B 214 16.73 40.38 22.93
CA TRP B 214 15.46 40.30 22.25
C TRP B 214 14.27 40.80 23.07
N HIS B 215 13.92 40.08 24.13
CA HIS B 215 12.76 40.45 24.93
C HIS B 215 12.81 40.08 26.42
N GLY B 216 14.01 40.05 27.00
CA GLY B 216 14.14 39.72 28.42
C GLY B 216 14.93 40.71 29.27
N SER B 217 14.45 40.96 30.48
CA SER B 217 15.08 41.86 31.44
C SER B 217 15.94 41.04 32.41
N ASN B 218 15.63 39.75 32.52
CA ASN B 218 16.42 38.86 33.36
C ASN B 218 17.43 38.21 32.42
N ARG B 219 18.44 37.55 32.97
CA ARG B 219 19.43 36.94 32.12
C ARG B 219 19.16 35.47 31.96
N PRO B 220 19.35 34.95 30.74
CA PRO B 220 19.16 33.57 30.34
C PRO B 220 20.42 32.80 30.65
N TRP B 221 20.31 31.51 30.89
CA TRP B 221 21.47 30.71 31.19
C TRP B 221 21.43 29.37 30.50
N VAL B 222 22.59 28.73 30.43
CA VAL B 222 22.73 27.42 29.84
C VAL B 222 23.79 26.76 30.68
N SER B 223 23.59 25.50 31.01
CA SER B 223 24.60 24.79 31.76
C SER B 223 24.67 23.46 31.05
N PHE B 224 25.88 22.94 30.91
CA PHE B 224 26.07 21.68 30.22
C PHE B 224 27.30 20.92 30.69
N ASN B 225 27.27 19.62 30.48
CA ASN B 225 28.34 18.72 30.85
C ASN B 225 29.34 18.66 29.69
N GLN B 226 30.41 17.90 29.86
CA GLN B 226 31.45 17.78 28.85
C GLN B 226 30.99 17.12 27.55
N ASN B 227 29.76 16.60 27.54
CA ASN B 227 29.23 15.98 26.33
C ASN B 227 28.11 16.82 25.72
N LEU B 228 28.13 18.11 26.07
CA LEU B 228 27.17 19.05 25.56
C LEU B 228 25.71 18.71 25.84
N GLU B 229 25.48 17.87 26.85
CA GLU B 229 24.13 17.53 27.26
C GLU B 229 23.85 18.77 28.12
N TYR B 230 22.74 19.47 27.86
CA TYR B 230 22.47 20.72 28.57
C TYR B 230 21.10 20.92 29.17
N GLN B 231 20.92 22.13 29.69
CA GLN B 231 19.68 22.59 30.30
C GLN B 231 19.69 24.09 30.09
N ILE B 232 18.53 24.71 30.07
CA ILE B 232 18.46 26.15 29.88
C ILE B 232 17.41 26.75 30.79
N GLY B 233 17.31 28.07 30.76
CA GLY B 233 16.32 28.76 31.58
C GLY B 233 16.70 30.21 31.80
N TYR B 234 16.05 30.83 32.77
CA TYR B 234 16.34 32.21 33.10
C TYR B 234 16.52 32.34 34.61
N ILE B 235 17.20 33.39 35.03
CA ILE B 235 17.40 33.64 36.45
C ILE B 235 16.04 34.17 36.87
N CYS B 236 15.41 33.49 37.82
CA CYS B 236 14.07 33.90 38.23
C CYS B 236 13.98 35.09 39.16
N SER B 237 15.07 35.42 39.84
CA SER B 237 15.09 36.53 40.79
C SER B 237 14.45 37.80 40.27
N GLY B 238 13.76 38.50 41.17
CA GLY B 238 13.10 39.75 40.79
C GLY B 238 14.13 40.87 40.76
N VAL B 239 15.38 40.49 41.05
CA VAL B 239 16.51 41.42 41.01
C VAL B 239 17.05 41.29 39.58
N PHE B 240 16.33 41.90 38.65
CA PHE B 240 16.66 41.85 37.24
C PHE B 240 18.12 42.21 36.99
N GLY B 241 18.81 41.36 36.21
CA GLY B 241 20.22 41.59 35.94
C GLY B 241 20.64 42.26 34.63
N ASP B 242 19.72 42.44 33.71
CA ASP B 242 20.07 43.06 32.43
C ASP B 242 19.91 44.58 32.54
N ASN B 243 20.29 45.27 31.46
CA ASN B 243 20.16 46.70 31.39
C ASN B 243 20.00 47.09 29.93
N PRO B 244 18.89 47.76 29.59
CA PRO B 244 17.83 48.21 30.50
C PRO B 244 17.06 47.08 31.19
N ARG B 245 16.18 47.49 32.10
CA ARG B 245 15.35 46.57 32.88
C ARG B 245 14.36 47.42 33.68
N PRO B 246 13.37 46.79 34.32
CA PRO B 246 12.40 47.54 35.10
C PRO B 246 12.85 47.57 36.56
N ASN B 247 12.14 48.32 37.40
CA ASN B 247 12.50 48.35 38.82
C ASN B 247 12.30 46.94 39.34
N ASP B 248 13.11 46.53 40.31
CA ASP B 248 13.03 45.17 40.84
C ASP B 248 11.67 44.73 41.37
N GLY B 249 10.92 44.01 40.55
CA GLY B 249 9.63 43.55 40.98
C GLY B 249 9.64 42.04 41.12
N THR B 250 8.64 41.41 40.53
CA THR B 250 8.54 39.96 40.56
C THR B 250 9.05 39.44 39.23
N GLY B 251 10.01 38.51 39.30
CA GLY B 251 10.56 37.96 38.09
C GLY B 251 9.90 36.67 37.71
N SER B 252 10.53 35.94 36.80
CA SER B 252 10.03 34.65 36.35
C SER B 252 11.20 33.92 35.75
N CYS B 253 11.06 32.62 35.55
CA CYS B 253 12.16 31.87 35.00
C CYS B 253 12.08 31.84 33.48
N GLY B 254 11.39 32.83 32.93
CA GLY B 254 11.25 32.94 31.51
C GLY B 254 11.29 34.42 31.22
N PRO B 255 11.99 34.82 30.17
CA PRO B 255 12.13 36.21 29.77
C PRO B 255 11.12 37.24 30.30
N VAL B 256 11.60 38.17 31.11
CA VAL B 256 10.75 39.23 31.63
C VAL B 256 10.74 40.26 30.50
N SER B 257 9.57 40.47 29.88
CA SER B 257 9.46 41.42 28.75
C SER B 257 9.50 42.90 29.07
N SER B 258 8.96 43.28 30.24
CA SER B 258 8.92 44.69 30.71
C SER B 258 10.23 45.51 30.66
N ASN B 259 10.58 45.99 29.48
CA ASN B 259 11.75 46.81 29.35
C ASN B 259 13.00 46.08 28.95
N GLY B 260 12.96 44.77 28.99
CA GLY B 260 14.16 44.06 28.62
C GLY B 260 14.17 43.81 27.11
N ALA B 261 13.99 44.84 26.29
CA ALA B 261 14.00 44.64 24.85
C ALA B 261 15.29 45.13 24.23
N TYR B 262 16.37 45.04 24.99
CA TYR B 262 17.71 45.43 24.52
C TYR B 262 18.63 44.76 25.54
N GLY B 263 19.72 45.41 25.97
CA GLY B 263 20.56 44.74 26.95
C GLY B 263 21.99 45.17 27.10
N VAL B 264 22.74 44.38 27.87
CA VAL B 264 24.15 44.63 28.12
C VAL B 264 24.79 43.31 28.54
N LYS B 265 26.02 43.06 28.09
CA LYS B 265 26.69 41.82 28.47
C LYS B 265 26.83 41.85 29.98
N GLY B 266 26.67 40.71 30.61
CA GLY B 266 26.78 40.64 32.05
C GLY B 266 27.06 39.22 32.48
N PHE B 267 27.00 38.97 33.79
CA PHE B 267 27.26 37.65 34.32
C PHE B 267 26.54 37.45 35.64
N SER B 268 26.71 36.25 36.19
CA SER B 268 26.12 35.87 37.47
C SER B 268 26.73 34.55 37.87
N PHE B 269 27.02 34.39 39.16
CA PHE B 269 27.55 33.14 39.65
C PHE B 269 26.49 32.38 40.43
N LYS B 270 26.37 31.09 40.12
CA LYS B 270 25.38 30.26 40.78
C LYS B 270 25.97 29.48 41.95
N TYR B 271 25.27 29.51 43.08
CA TYR B 271 25.66 28.79 44.29
C TYR B 271 24.37 28.18 44.85
N GLY B 272 24.17 26.88 44.64
CA GLY B 272 22.95 26.25 45.12
C GLY B 272 21.81 26.90 44.39
N ASN B 273 20.82 27.41 45.12
CA ASN B 273 19.70 28.09 44.50
C ASN B 273 19.94 29.59 44.59
N GLY B 274 21.12 29.96 45.09
CA GLY B 274 21.45 31.35 45.24
C GLY B 274 22.20 31.88 44.04
N VAL B 275 22.32 33.20 43.94
CA VAL B 275 23.03 33.80 42.82
C VAL B 275 23.68 35.12 43.13
N TRP B 276 24.93 35.27 42.68
CA TRP B 276 25.64 36.52 42.84
C TRP B 276 25.32 37.22 41.52
N ILE B 277 24.65 38.35 41.62
CA ILE B 277 24.28 39.08 40.43
C ILE B 277 25.10 40.33 40.28
N GLY B 278 25.69 40.50 39.10
CA GLY B 278 26.46 41.69 38.83
C GLY B 278 25.57 42.50 37.92
N ARG B 279 25.38 43.79 38.20
CA ARG B 279 24.54 44.59 37.35
C ARG B 279 24.78 46.07 37.53
N THR B 280 24.25 46.85 36.60
CA THR B 280 24.37 48.30 36.63
C THR B 280 23.45 48.76 37.74
N LYS B 281 23.61 50.01 38.17
CA LYS B 281 22.75 50.52 39.22
C LYS B 281 21.56 51.23 38.61
N SER B 282 21.74 51.78 37.41
CA SER B 282 20.65 52.45 36.71
C SER B 282 19.84 51.39 35.97
N THR B 283 18.57 51.66 35.71
CA THR B 283 17.72 50.71 35.00
C THR B 283 17.65 51.09 33.53
N ASN B 284 18.15 52.27 33.19
CA ASN B 284 18.09 52.75 31.82
C ASN B 284 19.43 52.92 31.12
N SER B 285 20.47 53.30 31.87
CA SER B 285 21.78 53.51 31.28
C SER B 285 22.76 52.52 31.82
N ARG B 286 23.91 52.44 31.17
CA ARG B 286 24.98 51.57 31.60
C ARG B 286 25.80 52.45 32.55
N SER B 287 25.22 52.69 33.72
CA SER B 287 25.86 53.52 34.72
C SER B 287 25.87 52.78 36.04
N GLY B 288 26.96 52.96 36.79
CA GLY B 288 27.11 52.31 38.07
C GLY B 288 27.17 50.81 37.94
N PHE B 289 27.57 50.15 39.02
CA PHE B 289 27.65 48.71 39.04
C PHE B 289 27.59 48.30 40.50
N GLU B 290 27.10 47.09 40.75
CA GLU B 290 26.94 46.57 42.12
C GLU B 290 26.83 45.06 42.09
N MET B 291 27.29 44.40 43.14
CA MET B 291 27.18 42.95 43.23
C MET B 291 26.12 42.62 44.26
N ILE B 292 25.12 41.86 43.85
CA ILE B 292 24.05 41.48 44.76
C ILE B 292 23.99 39.97 44.95
N TRP B 293 23.90 39.56 46.21
CA TRP B 293 23.81 38.14 46.55
C TRP B 293 22.38 37.83 46.93
N ASP B 294 21.67 37.16 46.03
CA ASP B 294 20.29 36.78 46.28
C ASP B 294 20.25 35.29 46.54
N PRO B 295 20.36 34.87 47.80
CA PRO B 295 20.32 33.43 48.06
C PRO B 295 19.00 32.97 47.51
N ASN B 296 18.81 31.67 47.35
CA ASN B 296 17.55 31.19 46.83
C ASN B 296 16.90 32.28 45.95
N GLY B 297 17.58 32.57 44.84
CA GLY B 297 17.15 33.57 43.88
C GLY B 297 17.47 33.20 42.43
N TRP B 298 17.94 31.98 42.23
CA TRP B 298 18.26 31.47 40.90
C TRP B 298 17.05 30.67 40.42
N THR B 299 16.26 30.19 41.38
CA THR B 299 15.08 29.38 41.13
C THR B 299 13.82 30.01 41.67
N GLU B 300 13.96 31.06 42.48
CA GLU B 300 12.81 31.71 43.08
C GLU B 300 12.64 33.12 42.54
N THR B 301 11.47 33.69 42.78
CA THR B 301 11.17 35.04 42.34
C THR B 301 10.91 35.92 43.56
N ASP B 302 11.72 36.95 43.75
CA ASP B 302 11.56 37.86 44.87
C ASP B 302 12.10 39.20 44.46
N SER B 303 12.28 40.09 45.41
CA SER B 303 12.84 41.40 45.15
C SER B 303 13.81 41.50 46.30
N SER B 304 13.78 40.47 47.14
CA SER B 304 14.64 40.42 48.32
C SER B 304 15.87 39.57 48.13
N PHE B 305 16.97 40.07 48.68
CA PHE B 305 18.28 39.47 48.64
C PHE B 305 18.94 39.87 49.96
N SER B 306 20.13 39.34 50.26
CA SER B 306 20.79 39.67 51.52
C SER B 306 21.92 40.67 51.45
N VAL B 307 22.75 40.60 50.42
CA VAL B 307 23.88 41.52 50.32
C VAL B 307 23.99 42.30 49.03
N LYS B 308 24.38 43.56 49.18
CA LYS B 308 24.57 44.48 48.07
C LYS B 308 25.91 45.16 48.27
N GLN B 309 26.83 44.95 47.36
CA GLN B 309 28.16 45.57 47.45
C GLN B 309 28.38 46.51 46.28
N ASP B 310 28.59 47.80 46.56
CA ASP B 310 28.79 48.76 45.48
C ASP B 310 30.15 48.61 44.79
N ILE B 311 30.19 48.93 43.51
CA ILE B 311 31.42 48.85 42.73
C ILE B 311 31.64 50.12 41.92
N VAL B 312 30.56 50.69 41.42
CA VAL B 312 30.64 51.94 40.67
C VAL B 312 29.39 52.75 40.96
N ALA B 313 29.58 53.98 41.40
CA ALA B 313 28.46 54.86 41.73
C ALA B 313 27.53 55.04 40.54
N ILE B 314 26.25 55.23 40.83
CA ILE B 314 25.26 55.42 39.78
C ILE B 314 25.67 56.65 38.98
N THR B 315 26.39 57.55 39.63
CA THR B 315 26.84 58.77 38.97
C THR B 315 27.94 58.63 37.94
N ASP B 316 28.50 57.44 37.80
CA ASP B 316 29.58 57.22 36.84
C ASP B 316 29.20 56.14 35.83
N TRP B 317 29.84 56.16 34.66
CA TRP B 317 29.56 55.19 33.62
C TRP B 317 30.20 53.84 33.86
N SER B 318 29.50 52.78 33.44
CA SER B 318 30.03 51.42 33.54
C SER B 318 29.82 50.86 32.15
N GLY B 319 29.50 49.58 32.03
CA GLY B 319 29.29 49.01 30.71
C GLY B 319 29.26 47.51 30.80
N TYR B 320 29.90 46.84 29.86
CA TYR B 320 29.93 45.38 29.88
C TYR B 320 30.61 44.88 31.13
N SER B 321 30.31 43.66 31.51
CA SER B 321 30.95 43.08 32.67
C SER B 321 30.94 41.61 32.32
N GLY B 322 31.86 40.85 32.90
CA GLY B 322 31.89 39.45 32.58
C GLY B 322 32.63 38.68 33.63
N SER B 323 32.40 37.38 33.66
CA SER B 323 33.07 36.55 34.64
C SER B 323 34.32 35.91 34.08
N PHE B 324 35.31 35.73 34.95
CA PHE B 324 36.50 35.01 34.56
C PHE B 324 36.81 34.14 35.77
N VAL B 325 37.68 33.18 35.60
CA VAL B 325 37.97 32.22 36.69
C VAL B 325 39.44 32.22 36.99
N GLN B 326 39.81 31.54 38.07
CA GLN B 326 41.15 31.28 38.58
C GLN B 326 41.08 29.75 38.90
N HIS B 327 41.86 29.06 38.34
CA HIS B 327 41.88 27.66 38.69
C HIS B 327 42.86 27.35 39.81
N PRO B 328 42.66 26.22 40.47
CA PRO B 328 43.50 25.74 41.56
C PRO B 328 44.90 25.53 41.02
N GLU B 329 45.06 25.20 39.74
CA GLU B 329 46.44 25.02 39.27
C GLU B 329 47.22 26.34 39.20
N LEU B 330 46.54 27.44 39.45
CA LEU B 330 47.17 28.76 39.45
C LEU B 330 47.18 29.32 40.86
N THR B 331 46.14 28.97 41.60
CA THR B 331 45.95 29.49 42.94
C THR B 331 46.46 28.67 44.11
N GLY B 332 46.47 27.35 43.94
CA GLY B 332 46.89 26.49 45.01
C GLY B 332 45.68 26.17 45.86
N LEU B 333 44.61 26.93 45.64
CA LEU B 333 43.35 26.73 46.35
C LEU B 333 42.81 25.36 45.95
N ASP B 334 41.77 24.91 46.64
CA ASP B 334 41.18 23.61 46.35
C ASP B 334 39.82 23.79 45.67
N CYS B 335 39.56 25.00 45.21
CA CYS B 335 38.31 25.33 44.55
C CYS B 335 38.56 26.34 43.43
N ILE B 336 37.52 26.60 42.65
CA ILE B 336 37.61 27.55 41.55
C ILE B 336 37.24 28.93 42.05
N ARG B 337 38.10 29.89 41.78
CA ARG B 337 37.92 31.28 42.21
C ARG B 337 37.12 32.08 41.20
N PRO B 338 35.91 32.51 41.59
CA PRO B 338 35.10 33.28 40.65
C PRO B 338 35.58 34.73 40.74
N CYS B 339 35.67 35.40 39.60
CA CYS B 339 36.09 36.79 39.57
C CYS B 339 35.30 37.43 38.46
N PHE B 340 35.35 38.74 38.36
CA PHE B 340 34.66 39.40 37.28
C PHE B 340 35.35 40.69 36.90
N TRP B 341 35.04 41.21 35.73
CA TRP B 341 35.63 42.45 35.27
C TRP B 341 34.51 43.36 34.85
N VAL B 342 34.74 44.66 34.95
CA VAL B 342 33.73 45.61 34.52
C VAL B 342 34.33 46.58 33.52
N GLU B 343 33.60 46.84 32.45
CA GLU B 343 34.04 47.77 31.42
C GLU B 343 33.43 49.14 31.75
N LEU B 344 34.28 50.15 31.84
CA LEU B 344 33.79 51.50 32.13
C LEU B 344 33.83 52.25 30.82
N ILE B 345 32.69 52.28 30.15
CA ILE B 345 32.58 52.93 28.85
C ILE B 345 32.48 54.45 28.89
N ARG B 346 33.35 55.10 28.13
CA ARG B 346 33.35 56.55 28.04
C ARG B 346 33.16 56.96 26.59
N GLY B 347 32.64 58.17 26.38
CA GLY B 347 32.41 58.66 25.04
C GLY B 347 30.99 58.42 24.56
N ARG B 348 30.86 58.15 23.26
CA ARG B 348 29.55 57.92 22.68
C ARG B 348 28.95 56.61 23.15
N PRO B 349 27.61 56.52 23.17
CA PRO B 349 26.71 57.61 22.76
C PRO B 349 26.35 58.58 23.87
N LYS B 350 26.74 58.28 25.10
CA LYS B 350 26.38 59.14 26.22
C LYS B 350 27.09 60.48 26.38
N GLU B 351 28.31 60.58 25.89
CA GLU B 351 29.05 61.83 26.03
C GLU B 351 29.37 62.50 24.70
N SER B 352 29.52 63.81 24.73
CA SER B 352 29.80 64.58 23.52
C SER B 352 31.25 64.50 23.00
N THR B 353 31.60 63.33 22.47
CA THR B 353 32.93 63.12 21.90
C THR B 353 32.70 62.41 20.57
N ILE B 354 33.78 62.14 19.84
CA ILE B 354 33.64 61.46 18.57
C ILE B 354 34.04 60.00 18.69
N TRP B 355 34.44 59.59 19.88
CA TRP B 355 34.89 58.21 20.08
C TRP B 355 34.21 57.51 21.24
N THR B 356 34.55 56.24 21.40
CA THR B 356 34.01 55.41 22.44
C THR B 356 35.10 54.43 22.81
N SER B 357 35.40 54.33 24.10
CA SER B 357 36.43 53.41 24.56
C SER B 357 36.14 53.09 26.02
N GLY B 358 36.70 51.99 26.52
CA GLY B 358 36.45 51.64 27.90
C GLY B 358 37.65 51.25 28.74
N SER B 359 37.58 51.57 30.04
CA SER B 359 38.62 51.22 30.99
C SER B 359 38.09 49.96 31.61
N SER B 360 38.90 49.30 32.43
CA SER B 360 38.46 48.08 33.06
C SER B 360 38.84 48.07 34.51
N ILE B 361 38.08 47.30 35.29
CA ILE B 361 38.33 47.12 36.71
C ILE B 361 37.97 45.65 36.93
N SER B 362 38.52 45.02 37.94
CA SER B 362 38.17 43.62 38.20
C SER B 362 38.24 43.30 39.68
N PHE B 363 37.46 42.31 40.09
CA PHE B 363 37.38 41.87 41.47
C PHE B 363 37.34 40.35 41.54
N CYS B 364 37.78 39.78 42.66
CA CYS B 364 37.73 38.34 42.82
C CYS B 364 37.00 37.90 44.09
N GLY B 365 36.55 36.64 44.08
CA GLY B 365 35.83 36.03 45.19
C GLY B 365 36.23 36.46 46.58
N VAL B 366 36.92 35.60 47.32
CA VAL B 366 37.36 35.97 48.67
C VAL B 366 36.43 35.65 49.84
N ASN B 367 37.02 35.04 50.86
CA ASN B 367 36.34 34.63 52.10
C ASN B 367 36.35 35.77 53.11
N SER B 368 37.49 36.45 53.21
CA SER B 368 37.67 37.58 54.11
C SER B 368 36.66 38.64 53.68
N ASP B 369 36.60 39.79 54.35
CA ASP B 369 35.59 40.73 53.89
C ASP B 369 36.13 41.87 53.05
N THR B 370 35.23 42.58 52.41
CA THR B 370 35.59 43.67 51.55
C THR B 370 34.77 44.88 51.92
N VAL B 371 34.70 45.81 51.00
CA VAL B 371 33.95 47.03 51.20
C VAL B 371 33.39 47.39 49.85
N GLY B 372 32.28 48.09 49.86
CA GLY B 372 31.69 48.56 48.63
C GLY B 372 32.29 49.93 48.46
N TRP B 373 32.41 50.40 47.23
CA TRP B 373 32.96 51.71 46.98
C TRP B 373 32.71 52.00 45.51
N SER B 374 33.32 53.04 44.98
CA SER B 374 33.18 53.36 43.58
C SER B 374 34.56 53.49 42.96
N TRP B 375 34.81 52.74 41.90
CA TRP B 375 36.08 52.78 41.21
C TRP B 375 35.78 53.12 39.77
N PRO B 376 35.26 54.33 39.51
CA PRO B 376 34.91 54.77 38.17
C PRO B 376 36.13 54.96 37.28
N ASP B 377 35.86 55.28 36.02
CA ASP B 377 36.90 55.49 35.03
C ASP B 377 37.81 56.68 35.37
N GLY B 378 37.21 57.82 35.71
CA GLY B 378 37.99 58.99 36.10
C GLY B 378 38.58 59.87 35.01
N ALA B 379 38.16 59.69 33.77
CA ALA B 379 38.68 60.52 32.67
C ALA B 379 37.82 61.76 32.48
N GLU B 380 38.46 62.89 32.20
CA GLU B 380 37.76 64.15 32.00
C GLU B 380 37.49 64.36 30.52
N LEU B 381 36.23 64.23 30.11
CA LEU B 381 35.88 64.43 28.70
C LEU B 381 35.27 65.81 28.58
N PRO B 382 35.28 66.38 27.35
CA PRO B 382 35.88 65.78 26.16
C PRO B 382 37.39 65.83 26.13
N PHE B 383 37.98 65.05 25.23
CA PHE B 383 39.43 65.03 25.07
C PHE B 383 39.79 66.07 24.05
N THR B 384 41.09 66.28 23.84
CA THR B 384 41.52 67.26 22.86
C THR B 384 40.83 66.91 21.55
N ILE B 385 40.09 65.80 21.62
CA ILE B 385 39.31 65.25 20.52
C ILE B 385 40.29 64.64 19.55
N VAL C 1 66.91 21.55 17.42
CA VAL C 1 66.75 20.54 16.34
C VAL C 1 66.33 21.14 15.00
N LYS C 2 67.14 20.87 13.97
CA LYS C 2 66.93 21.38 12.62
C LYS C 2 65.58 21.04 12.00
N LEU C 3 64.98 22.05 11.41
CA LEU C 3 63.68 21.95 10.74
C LEU C 3 63.81 20.97 9.58
N ALA C 4 62.97 19.94 9.55
CA ALA C 4 62.98 18.98 8.46
C ALA C 4 61.94 19.50 7.48
N GLY C 5 62.32 19.67 6.23
CA GLY C 5 61.36 20.17 5.27
C GLY C 5 61.04 19.08 4.29
N ASN C 6 60.83 17.88 4.79
CA ASN C 6 60.55 16.72 3.95
C ASN C 6 59.07 16.49 3.64
N SER C 7 58.18 17.03 4.46
CA SER C 7 56.75 16.85 4.21
C SER C 7 56.32 17.76 3.07
N SER C 8 55.07 17.62 2.63
CA SER C 8 54.55 18.43 1.54
C SER C 8 53.55 19.50 1.99
N LEU C 9 53.15 20.37 1.08
CA LEU C 9 52.18 21.40 1.41
C LEU C 9 50.88 20.75 1.85
N CYS C 10 50.23 21.32 2.87
CA CYS C 10 48.96 20.79 3.34
C CYS C 10 47.89 21.09 2.30
N PRO C 11 46.92 20.19 2.11
CA PRO C 11 45.88 20.50 1.15
C PRO C 11 45.03 21.60 1.76
N ILE C 12 44.45 22.48 0.94
CA ILE C 12 43.65 23.56 1.50
C ILE C 12 42.46 23.93 0.62
N ASN C 13 41.47 24.61 1.19
CA ASN C 13 40.30 25.04 0.44
C ASN C 13 40.17 26.55 0.38
N GLY C 14 40.82 27.24 1.31
CA GLY C 14 40.74 28.69 1.33
C GLY C 14 41.75 29.27 2.29
N TRP C 15 41.59 30.54 2.64
CA TRP C 15 42.56 31.17 3.52
C TRP C 15 41.89 31.86 4.69
N ALA C 16 42.36 31.58 5.91
CA ALA C 16 41.76 32.22 7.08
C ALA C 16 42.62 33.39 7.54
N VAL C 17 42.01 34.51 7.91
CA VAL C 17 42.82 35.65 8.38
C VAL C 17 43.71 35.24 9.52
N TYR C 18 44.95 35.72 9.49
CA TYR C 18 45.90 35.39 10.51
C TYR C 18 46.29 36.62 11.32
N SER C 19 46.47 37.76 10.65
CA SER C 19 46.85 38.99 11.34
C SER C 19 46.60 40.25 10.54
N LYS C 20 46.72 41.37 11.24
CA LYS C 20 46.53 42.72 10.70
C LYS C 20 47.16 43.66 11.73
N ASP C 21 48.18 44.43 11.36
CA ASP C 21 48.80 45.30 12.35
C ASP C 21 48.23 46.70 12.51
N ASN C 22 47.48 47.17 11.52
CA ASN C 22 46.89 48.51 11.57
C ASN C 22 47.94 49.58 11.80
N SER C 23 49.20 49.22 11.58
CA SER C 23 50.31 50.13 11.81
C SER C 23 50.09 51.58 11.39
N ILE C 24 49.63 51.81 10.17
CA ILE C 24 49.45 53.18 9.71
C ILE C 24 48.40 53.91 10.51
N ARG C 25 47.27 53.25 10.75
CA ARG C 25 46.21 53.87 11.54
C ARG C 25 46.78 54.20 12.92
N ILE C 26 47.47 53.24 13.53
CA ILE C 26 48.05 53.46 14.84
C ILE C 26 49.16 54.51 14.73
N GLY C 27 49.84 54.50 13.59
CA GLY C 27 50.94 55.43 13.36
C GLY C 27 50.57 56.90 13.31
N SER C 28 49.29 57.21 13.30
CA SER C 28 48.86 58.60 13.24
C SER C 28 49.28 59.34 14.53
N LYS C 29 49.25 58.63 15.65
CA LYS C 29 49.64 59.22 16.93
C LYS C 29 50.80 58.45 17.56
N GLY C 30 50.73 57.14 17.49
CA GLY C 30 51.78 56.32 18.07
C GLY C 30 53.10 56.38 17.33
N ASP C 31 54.15 55.86 17.96
CA ASP C 31 55.47 55.87 17.35
C ASP C 31 55.70 54.64 16.50
N VAL C 32 55.23 54.72 15.27
CA VAL C 32 55.35 53.62 14.35
C VAL C 32 56.27 53.90 13.18
N PHE C 33 57.16 52.96 12.93
CA PHE C 33 58.09 53.07 11.84
C PHE C 33 57.37 53.17 10.51
N VAL C 34 57.93 53.98 9.62
CA VAL C 34 57.38 54.09 8.30
C VAL C 34 58.11 52.91 7.71
N ILE C 35 57.39 51.93 7.18
CA ILE C 35 58.08 50.74 6.65
C ILE C 35 57.71 50.35 5.23
N ARG C 36 58.30 49.24 4.80
CA ARG C 36 58.05 48.66 3.49
C ARG C 36 58.36 47.18 3.61
N GLU C 37 57.71 46.39 2.77
CA GLU C 37 57.87 44.94 2.74
C GLU C 37 57.95 44.25 4.09
N PRO C 38 56.82 44.22 4.82
CA PRO C 38 56.73 43.59 6.13
C PRO C 38 56.44 42.10 5.96
N PHE C 39 57.45 41.36 5.49
CA PHE C 39 57.26 39.94 5.29
C PHE C 39 57.31 39.18 6.61
N ILE C 40 56.55 38.10 6.67
CA ILE C 40 56.46 37.28 7.86
C ILE C 40 57.29 36.03 7.74
N SER C 41 57.86 35.58 8.84
CA SER C 41 58.63 34.36 8.84
C SER C 41 58.48 33.74 10.21
N CYS C 42 58.45 32.42 10.26
CA CYS C 42 58.26 31.74 11.52
C CYS C 42 59.42 30.84 11.87
N SER C 43 59.55 30.56 13.16
CA SER C 43 60.59 29.66 13.61
C SER C 43 59.82 28.40 14.03
N HIS C 44 60.39 27.65 14.96
CA HIS C 44 59.73 26.45 15.45
C HIS C 44 58.89 26.80 16.69
N LEU C 45 58.89 28.07 17.08
CA LEU C 45 58.14 28.50 18.25
C LEU C 45 57.27 29.74 18.04
N GLU C 46 57.73 30.70 17.26
CA GLU C 46 56.94 31.91 17.04
C GLU C 46 57.04 32.37 15.59
N CYS C 47 56.15 33.28 15.22
CA CYS C 47 56.15 33.87 13.90
C CYS C 47 56.48 35.34 14.14
N ARG C 48 57.23 35.93 13.22
CA ARG C 48 57.61 37.32 13.36
C ARG C 48 57.41 38.07 12.07
N THR C 49 57.32 39.39 12.18
CA THR C 49 57.18 40.24 11.01
C THR C 49 58.49 40.98 10.80
N PHE C 50 59.15 40.74 9.66
CA PHE C 50 60.38 41.44 9.35
C PHE C 50 59.97 42.57 8.45
N PHE C 51 60.73 43.66 8.45
CA PHE C 51 60.40 44.81 7.62
C PHE C 51 61.58 45.76 7.49
N LEU C 52 61.55 46.60 6.46
CA LEU C 52 62.62 47.57 6.25
C LEU C 52 62.10 48.94 6.61
N THR C 53 62.91 49.73 7.30
CA THR C 53 62.52 51.05 7.70
C THR C 53 63.59 52.04 7.30
N GLN C 54 63.18 53.28 7.04
CA GLN C 54 64.11 54.35 6.67
C GLN C 54 64.61 54.97 7.97
N GLY C 55 64.31 54.33 9.08
CA GLY C 55 64.71 54.86 10.37
C GLY C 55 63.95 56.14 10.64
N ALA C 56 62.65 56.13 10.35
CA ALA C 56 61.80 57.30 10.54
C ALA C 56 60.43 56.86 11.09
N LEU C 57 59.70 57.78 11.69
CA LEU C 57 58.39 57.45 12.22
C LEU C 57 57.29 58.18 11.48
N LEU C 58 56.14 57.55 11.37
CA LEU C 58 55.01 58.18 10.72
C LEU C 58 54.72 59.54 11.39
N ASN C 59 54.31 60.49 10.57
CA ASN C 59 53.98 61.83 11.02
C ASN C 59 55.16 62.62 11.55
N ASP C 60 56.35 62.28 11.08
CA ASP C 60 57.52 63.04 11.49
C ASP C 60 58.19 63.45 10.19
N LYS C 61 58.87 64.58 10.19
CA LYS C 61 59.51 65.09 8.99
C LYS C 61 60.52 64.16 8.33
N HIS C 62 61.10 63.24 9.10
CA HIS C 62 62.09 62.35 8.50
C HIS C 62 61.45 61.28 7.65
N SER C 63 60.13 61.27 7.62
CA SER C 63 59.43 60.31 6.79
C SER C 63 59.27 60.94 5.41
N ASN C 64 59.94 62.08 5.20
CA ASN C 64 59.89 62.83 3.94
C ASN C 64 59.95 61.94 2.70
N GLY C 65 60.59 60.79 2.83
CA GLY C 65 60.64 59.84 1.74
C GLY C 65 61.13 60.21 0.35
N THR C 66 61.44 61.47 0.08
CA THR C 66 61.94 61.80 -1.25
C THR C 66 63.30 61.10 -1.37
N VAL C 67 63.76 60.56 -0.25
CA VAL C 67 65.02 59.84 -0.15
C VAL C 67 65.09 58.65 -1.10
N LYS C 68 66.29 58.33 -1.57
CA LYS C 68 66.50 57.19 -2.45
C LYS C 68 65.99 55.91 -1.75
N ASP C 69 65.46 54.96 -2.53
CA ASP C 69 64.97 53.70 -1.99
C ASP C 69 66.07 53.00 -1.22
N ARG C 70 67.28 53.12 -1.71
CA ARG C 70 68.43 52.49 -1.09
C ARG C 70 69.31 53.49 -0.34
N SER C 71 68.89 53.84 0.88
CA SER C 71 69.65 54.78 1.68
C SER C 71 70.41 54.04 2.77
N PRO C 72 71.48 54.64 3.30
CA PRO C 72 72.28 54.02 4.35
C PRO C 72 71.56 53.94 5.70
N HIS C 73 70.35 54.50 5.77
CA HIS C 73 69.58 54.48 7.00
C HIS C 73 68.60 53.33 7.04
N ARG C 74 68.35 52.72 5.88
CA ARG C 74 67.42 51.61 5.79
C ARG C 74 67.94 50.46 6.65
N THR C 75 67.10 49.91 7.53
CA THR C 75 67.53 48.80 8.36
C THR C 75 66.47 47.71 8.39
N LEU C 76 66.92 46.47 8.49
CA LEU C 76 66.02 45.34 8.57
C LEU C 76 65.71 45.09 10.04
N MET C 77 64.43 45.09 10.39
CA MET C 77 64.03 44.84 11.77
C MET C 77 62.85 43.87 11.85
N SER C 78 62.48 43.50 13.06
CA SER C 78 61.37 42.58 13.20
C SER C 78 60.66 42.72 14.53
N CYS C 79 59.37 42.48 14.53
CA CYS C 79 58.58 42.53 15.74
C CYS C 79 57.61 41.38 15.61
N PRO C 80 56.88 41.06 16.68
CA PRO C 80 55.90 39.96 16.63
C PRO C 80 54.75 40.27 15.67
N VAL C 81 54.22 39.21 15.04
CA VAL C 81 53.13 39.34 14.08
C VAL C 81 51.88 40.02 14.62
N GLY C 82 51.33 40.93 13.82
CA GLY C 82 50.12 41.62 14.24
C GLY C 82 50.36 42.85 15.07
N GLU C 83 51.61 43.07 15.46
CA GLU C 83 51.95 44.25 16.25
C GLU C 83 52.46 45.34 15.34
N ALA C 84 52.12 46.58 15.64
CA ALA C 84 52.58 47.69 14.84
C ALA C 84 54.09 47.84 15.07
N PRO C 85 54.88 47.98 14.00
CA PRO C 85 56.32 48.12 14.17
C PRO C 85 56.78 49.46 14.75
N SER C 86 57.21 49.46 16.00
CA SER C 86 57.69 50.68 16.63
C SER C 86 59.08 50.46 17.23
N PRO C 87 59.79 51.56 17.51
CA PRO C 87 61.12 51.37 18.09
C PRO C 87 61.06 50.81 19.50
N TYR C 88 59.86 50.60 20.04
CA TYR C 88 59.73 50.12 21.41
C TYR C 88 59.44 48.62 21.47
N ASN C 89 59.06 48.04 20.35
CA ASN C 89 58.78 46.61 20.35
C ASN C 89 59.51 45.84 19.24
N SER C 90 60.31 46.53 18.43
CA SER C 90 61.01 45.88 17.33
C SER C 90 62.45 45.54 17.65
N ARG C 91 62.91 44.41 17.16
CA ARG C 91 64.28 43.97 17.38
C ARG C 91 65.10 44.40 16.16
N PHE C 92 66.34 44.82 16.37
CA PHE C 92 67.18 45.22 15.25
C PHE C 92 67.76 43.96 14.63
N GLU C 93 67.76 43.88 13.30
CA GLU C 93 68.29 42.70 12.62
C GLU C 93 69.51 43.02 11.79
N SER C 94 69.46 44.09 11.00
CA SER C 94 70.59 44.43 10.17
C SER C 94 70.44 45.74 9.42
N VAL C 95 71.55 46.29 8.96
CA VAL C 95 71.51 47.53 8.18
C VAL C 95 71.23 47.00 6.79
N ALA C 96 70.13 47.43 6.18
CA ALA C 96 69.79 46.89 4.87
C ALA C 96 68.72 47.61 4.08
N TRP C 97 68.88 47.65 2.75
CA TRP C 97 67.85 48.25 1.91
C TRP C 97 67.22 47.16 1.05
N SER C 98 67.61 45.92 1.33
CA SER C 98 67.09 44.75 0.64
C SER C 98 67.39 43.62 1.61
N ALA C 99 66.44 42.71 1.80
CA ALA C 99 66.70 41.64 2.77
C ALA C 99 65.82 40.42 2.65
N SER C 100 66.10 39.46 3.52
CA SER C 100 65.33 38.23 3.61
C SER C 100 65.76 37.57 4.93
N ALA C 101 64.95 36.67 5.44
CA ALA C 101 65.26 35.98 6.69
C ALA C 101 64.49 34.68 6.80
N CYS C 102 65.00 33.76 7.60
CA CYS C 102 64.33 32.49 7.82
C CYS C 102 65.06 31.75 8.94
N HIS C 103 64.30 30.94 9.66
CA HIS C 103 64.81 30.19 10.78
C HIS C 103 64.97 28.75 10.37
N ASP C 104 66.08 28.11 10.71
CA ASP C 104 66.30 26.71 10.33
C ASP C 104 65.91 25.69 11.40
N GLY C 105 65.28 26.16 12.48
CA GLY C 105 64.89 25.24 13.54
C GLY C 105 65.75 25.48 14.78
N THR C 106 66.95 26.01 14.55
CA THR C 106 67.91 26.31 15.61
C THR C 106 68.02 27.83 15.84
N SER C 107 68.42 28.58 14.81
CA SER C 107 68.57 30.03 14.94
C SER C 107 68.08 30.79 13.72
N TRP C 108 67.97 32.12 13.84
CA TRP C 108 67.51 32.93 12.73
C TRP C 108 68.62 33.30 11.77
N LEU C 109 68.30 33.25 10.49
CA LEU C 109 69.25 33.64 9.46
C LEU C 109 68.64 34.89 8.87
N THR C 110 69.42 35.96 8.81
CA THR C 110 68.94 37.19 8.22
C THR C 110 69.97 37.57 7.20
N ILE C 111 69.50 38.19 6.12
CA ILE C 111 70.39 38.61 5.06
C ILE C 111 70.02 40.05 4.79
N GLY C 112 70.98 40.95 5.00
CA GLY C 112 70.72 42.35 4.77
C GLY C 112 71.75 42.89 3.82
N ILE C 113 71.29 43.49 2.73
CA ILE C 113 72.20 44.04 1.73
C ILE C 113 72.25 45.55 1.93
N SER C 114 73.46 46.10 1.93
CA SER C 114 73.68 47.53 2.06
C SER C 114 74.88 47.93 1.20
N GLY C 115 75.17 49.23 1.17
CA GLY C 115 76.29 49.72 0.37
C GLY C 115 75.81 50.43 -0.88
N PRO C 116 76.73 50.92 -1.72
CA PRO C 116 76.41 51.63 -2.97
C PRO C 116 75.82 50.70 -4.01
N ASP C 117 75.17 51.27 -5.03
CA ASP C 117 74.55 50.45 -6.07
C ASP C 117 75.60 49.64 -6.84
N ASN C 118 76.77 50.24 -7.09
CA ASN C 118 77.81 49.55 -7.82
C ASN C 118 78.69 48.60 -7.01
N GLY C 119 78.27 48.26 -5.81
CA GLY C 119 79.07 47.36 -5.01
C GLY C 119 78.46 46.98 -3.68
N ALA C 120 77.16 46.78 -3.68
CA ALA C 120 76.43 46.43 -2.47
C ALA C 120 76.92 45.10 -1.91
N VAL C 121 76.81 44.93 -0.60
CA VAL C 121 77.24 43.67 0.00
C VAL C 121 76.16 43.13 0.94
N ALA C 122 75.93 41.83 0.84
CA ALA C 122 74.93 41.17 1.67
C ALA C 122 75.58 40.61 2.91
N VAL C 123 75.14 41.07 4.07
CA VAL C 123 75.66 40.57 5.34
C VAL C 123 74.71 39.49 5.87
N LEU C 124 75.25 38.30 6.10
CA LEU C 124 74.43 37.20 6.62
C LEU C 124 74.71 37.06 8.10
N LYS C 125 73.64 36.96 8.87
CA LYS C 125 73.76 36.81 10.31
C LYS C 125 73.03 35.57 10.76
N TYR C 126 73.73 34.77 11.56
CA TYR C 126 73.15 33.56 12.12
C TYR C 126 73.14 33.83 13.61
N ASN C 127 71.93 33.98 14.16
CA ASN C 127 71.72 34.28 15.56
C ASN C 127 72.25 35.67 15.89
N GLY C 128 72.20 36.58 14.92
CA GLY C 128 72.67 37.92 15.19
C GLY C 128 74.16 38.17 14.99
N ILE C 129 74.96 37.14 14.78
CA ILE C 129 76.36 37.41 14.57
C ILE C 129 76.68 37.14 13.12
N ILE C 130 77.50 38.00 12.53
CA ILE C 130 77.86 37.85 11.13
C ILE C 130 78.59 36.51 10.88
N THR C 131 78.11 35.78 9.88
CA THR C 131 78.68 34.48 9.54
C THR C 131 79.20 34.41 8.11
N ASP C 132 78.78 35.36 7.28
CA ASP C 132 79.27 35.40 5.92
C ASP C 132 78.97 36.75 5.28
N THR C 133 79.42 36.87 4.03
CA THR C 133 79.27 38.07 3.24
C THR C 133 79.23 37.70 1.76
N ILE C 134 78.47 38.44 0.97
CA ILE C 134 78.37 38.21 -0.48
C ILE C 134 78.39 39.57 -1.18
N LYS C 135 79.37 39.77 -2.05
CA LYS C 135 79.51 41.01 -2.81
C LYS C 135 78.78 40.98 -4.14
N SER C 136 78.35 42.15 -4.58
CA SER C 136 77.69 42.28 -5.85
C SER C 136 78.68 41.71 -6.89
N TRP C 137 78.20 40.88 -7.81
CA TRP C 137 79.08 40.30 -8.82
C TRP C 137 78.84 40.91 -10.20
N ARG C 138 77.91 41.87 -10.27
CA ARG C 138 77.63 42.56 -11.54
C ARG C 138 77.73 44.06 -11.27
N ASN C 139 77.85 44.41 -9.99
CA ASN C 139 77.96 45.80 -9.59
C ASN C 139 76.74 46.60 -10.05
N ASN C 140 75.57 46.00 -9.94
CA ASN C 140 74.35 46.68 -10.35
C ASN C 140 73.18 46.29 -9.47
N ILE C 141 73.17 46.89 -8.29
CA ILE C 141 72.15 46.69 -7.28
C ILE C 141 71.87 45.25 -6.88
N LEU C 142 72.81 44.63 -6.18
CA LEU C 142 72.64 43.28 -5.69
C LEU C 142 71.38 43.34 -4.81
N ARG C 143 70.44 42.46 -5.06
CA ARG C 143 69.20 42.48 -4.27
C ARG C 143 68.66 41.09 -4.03
N THR C 144 67.81 40.97 -3.03
CA THR C 144 67.26 39.68 -2.68
C THR C 144 65.74 39.66 -2.54
N GLN C 145 65.22 38.55 -2.01
CA GLN C 145 63.78 38.31 -1.85
C GLN C 145 62.80 39.33 -1.30
N GLU C 146 63.11 39.91 -0.14
CA GLU C 146 62.21 40.85 0.52
C GLU C 146 61.06 39.99 1.05
N SER C 147 61.40 38.78 1.45
CA SER C 147 60.47 37.83 2.01
C SER C 147 61.29 36.67 2.56
N GLU C 148 60.64 35.78 3.27
CA GLU C 148 61.26 34.61 3.90
C GLU C 148 62.08 33.69 2.99
N CYS C 149 63.22 33.19 3.48
CA CYS C 149 63.99 32.24 2.68
C CYS C 149 63.45 30.88 3.08
N ALA C 150 63.91 29.82 2.45
CA ALA C 150 63.38 28.50 2.78
C ALA C 150 64.45 27.57 3.32
N CYS C 151 64.18 26.97 4.47
CA CYS C 151 65.15 26.05 5.03
C CYS C 151 64.63 24.62 4.92
N VAL C 152 65.55 23.70 4.70
CA VAL C 152 65.24 22.28 4.57
C VAL C 152 66.45 21.51 5.09
N ASN C 153 66.19 20.47 5.86
CA ASN C 153 67.27 19.62 6.35
C ASN C 153 68.49 20.40 6.82
N GLY C 154 68.29 21.46 7.59
CA GLY C 154 69.42 22.22 8.09
C GLY C 154 70.15 23.13 7.12
N SER C 155 69.55 23.38 5.97
CA SER C 155 70.15 24.28 5.00
C SER C 155 69.08 25.26 4.56
N CYS C 156 69.44 26.53 4.49
CA CYS C 156 68.47 27.53 4.05
C CYS C 156 68.89 28.00 2.68
N PHE C 157 67.92 28.44 1.88
CA PHE C 157 68.23 28.88 0.53
C PHE C 157 67.60 30.21 0.18
N THR C 158 68.30 30.99 -0.63
CA THR C 158 67.78 32.27 -1.05
C THR C 158 68.16 32.51 -2.50
N VAL C 159 67.54 33.50 -3.13
CA VAL C 159 67.83 33.81 -4.52
C VAL C 159 68.14 35.29 -4.58
N MET C 160 69.27 35.64 -5.18
CA MET C 160 69.64 37.04 -5.30
C MET C 160 69.81 37.38 -6.75
N THR C 161 69.70 38.67 -7.05
CA THR C 161 69.86 39.14 -8.42
C THR C 161 70.82 40.30 -8.45
N ASP C 162 71.57 40.40 -9.53
CA ASP C 162 72.51 41.49 -9.71
C ASP C 162 72.45 41.82 -11.19
N GLY C 163 72.35 43.10 -11.51
CA GLY C 163 72.26 43.49 -12.90
C GLY C 163 71.06 44.38 -13.10
N PRO C 164 70.78 44.81 -14.33
CA PRO C 164 69.63 45.68 -14.58
C PRO C 164 68.26 45.16 -14.12
N SER C 165 67.32 46.09 -14.00
CA SER C 165 65.95 45.79 -13.62
C SER C 165 65.09 45.83 -14.87
N ASN C 166 65.73 46.03 -16.02
CA ASN C 166 65.10 46.01 -17.34
C ASN C 166 65.60 44.71 -17.94
N GLY C 167 66.40 44.82 -18.99
CA GLY C 167 66.94 43.63 -19.64
C GLY C 167 67.54 42.53 -18.76
N GLN C 168 68.12 41.53 -19.42
CA GLN C 168 68.75 40.40 -18.74
C GLN C 168 69.53 40.78 -17.52
N ALA C 169 69.37 40.01 -16.46
CA ALA C 169 70.12 40.25 -15.24
C ALA C 169 70.77 38.93 -14.90
N SER C 170 71.40 38.85 -13.74
CA SER C 170 72.07 37.65 -13.32
C SER C 170 71.34 37.15 -12.08
N TYR C 171 71.08 35.85 -12.03
CA TYR C 171 70.35 35.26 -10.91
C TYR C 171 71.13 34.10 -10.29
N LYS C 172 71.24 34.12 -8.97
CA LYS C 172 71.98 33.09 -8.26
C LYS C 172 71.22 32.50 -7.08
N ILE C 173 71.37 31.19 -6.90
CA ILE C 173 70.72 30.51 -5.80
C ILE C 173 71.82 30.19 -4.79
N PHE C 174 71.62 30.58 -3.53
CA PHE C 174 72.63 30.33 -2.51
C PHE C 174 72.13 29.33 -1.48
N LYS C 175 72.97 28.33 -1.20
CA LYS C 175 72.65 27.34 -0.20
C LYS C 175 73.57 27.69 0.98
N MET C 176 72.99 27.92 2.15
CA MET C 176 73.82 28.26 3.29
C MET C 176 73.46 27.49 4.52
N GLU C 177 74.45 27.26 5.37
CA GLU C 177 74.24 26.52 6.59
C GLU C 177 74.88 27.28 7.72
N LYS C 178 74.13 27.46 8.80
CA LYS C 178 74.64 28.23 9.93
C LYS C 178 75.10 29.56 9.34
N GLY C 179 74.28 30.08 8.41
CA GLY C 179 74.56 31.36 7.79
C GLY C 179 75.79 31.47 6.91
N LYS C 180 76.45 30.36 6.58
CA LYS C 180 77.62 30.42 5.72
C LYS C 180 77.26 29.81 4.36
N VAL C 181 77.60 30.50 3.27
CA VAL C 181 77.29 30.00 1.93
C VAL C 181 78.14 28.78 1.61
N VAL C 182 77.50 27.62 1.57
CA VAL C 182 78.22 26.39 1.30
C VAL C 182 78.19 26.06 -0.18
N LYS C 183 77.34 26.74 -0.93
CA LYS C 183 77.24 26.51 -2.35
C LYS C 183 76.34 27.54 -2.99
N SER C 184 76.61 27.82 -4.26
CA SER C 184 75.80 28.77 -5.00
C SER C 184 75.82 28.36 -6.45
N VAL C 185 74.84 28.84 -7.20
CA VAL C 185 74.74 28.54 -8.61
C VAL C 185 74.06 29.68 -9.33
N GLU C 186 74.64 30.07 -10.45
CA GLU C 186 74.05 31.11 -11.25
C GLU C 186 73.04 30.44 -12.16
N LEU C 187 71.81 30.93 -12.18
CA LEU C 187 70.82 30.31 -13.04
C LEU C 187 71.13 30.61 -14.49
N ASP C 188 71.01 29.60 -15.34
CA ASP C 188 71.22 29.81 -16.76
C ASP C 188 69.81 30.07 -17.28
N ALA C 189 69.36 31.31 -17.13
CA ALA C 189 68.01 31.67 -17.54
C ALA C 189 67.89 32.78 -18.58
N PRO C 190 68.37 32.51 -19.81
CA PRO C 190 68.25 33.55 -20.82
C PRO C 190 66.79 33.90 -21.06
N ASN C 191 66.50 35.18 -21.16
CA ASN C 191 65.17 35.73 -21.39
C ASN C 191 64.29 35.73 -20.14
N TYR C 192 64.84 35.23 -19.05
CA TYR C 192 64.12 35.21 -17.79
C TYR C 192 64.51 36.44 -17.01
N HIS C 193 63.72 36.75 -15.99
CA HIS C 193 64.01 37.87 -15.11
C HIS C 193 63.49 37.59 -13.71
N TYR C 194 64.39 37.51 -12.75
CA TYR C 194 64.03 37.21 -11.37
C TYR C 194 64.32 38.30 -10.36
N GLU C 195 63.29 38.66 -9.61
CA GLU C 195 63.37 39.67 -8.56
C GLU C 195 62.34 39.37 -7.48
N GLU C 196 62.69 39.74 -6.24
CA GLU C 196 61.84 39.57 -5.07
C GLU C 196 61.10 38.23 -5.03
N CYS C 197 61.85 37.14 -5.00
CA CYS C 197 61.26 35.81 -4.97
C CYS C 197 60.57 35.44 -3.67
N SER C 198 59.50 34.67 -3.78
CA SER C 198 58.77 34.18 -2.63
C SER C 198 59.05 32.69 -2.72
N CYS C 199 59.98 32.22 -1.91
CA CYS C 199 60.34 30.81 -1.95
C CYS C 199 59.71 30.06 -0.79
N TYR C 200 59.54 28.75 -0.95
CA TYR C 200 59.00 27.93 0.10
C TYR C 200 59.42 26.48 -0.09
N PRO C 201 59.56 25.74 1.02
CA PRO C 201 59.96 24.34 0.96
C PRO C 201 58.76 23.42 0.71
N ASN C 202 59.01 22.28 0.08
CA ASN C 202 57.98 21.30 -0.20
C ASN C 202 58.68 19.99 -0.57
N ALA C 203 58.39 18.94 0.18
CA ALA C 203 58.98 17.63 -0.05
C ALA C 203 60.48 17.69 -0.28
N GLY C 204 61.17 18.35 0.64
CA GLY C 204 62.62 18.43 0.53
C GLY C 204 63.19 19.32 -0.54
N GLU C 205 62.34 20.10 -1.22
CA GLU C 205 62.87 20.98 -2.25
C GLU C 205 62.26 22.36 -2.13
N ILE C 206 62.85 23.33 -2.82
CA ILE C 206 62.38 24.69 -2.76
C ILE C 206 61.80 25.17 -4.07
N THR C 207 60.70 25.91 -3.99
CA THR C 207 60.06 26.48 -5.17
C THR C 207 59.93 27.98 -4.90
N CYS C 208 60.21 28.80 -5.90
CA CYS C 208 60.12 30.24 -5.75
C CYS C 208 59.33 30.84 -6.88
N VAL C 209 58.37 31.67 -6.54
CA VAL C 209 57.56 32.35 -7.53
C VAL C 209 58.00 33.79 -7.36
N CYS C 210 58.67 34.32 -8.39
CA CYS C 210 59.22 35.66 -8.31
C CYS C 210 58.54 36.76 -9.09
N ARG C 211 59.31 37.79 -9.40
CA ARG C 211 58.81 38.94 -10.13
C ARG C 211 59.67 39.25 -11.33
N ASP C 212 59.05 39.33 -12.50
CA ASP C 212 59.74 39.66 -13.75
C ASP C 212 59.41 41.14 -13.96
N ASN C 213 60.41 41.99 -13.72
CA ASN C 213 60.26 43.43 -13.83
C ASN C 213 60.65 43.93 -15.21
N TRP C 214 61.17 43.02 -16.01
CA TRP C 214 61.64 43.36 -17.35
C TRP C 214 60.57 43.28 -18.42
N HIS C 215 60.09 42.06 -18.70
CA HIS C 215 59.11 41.88 -19.75
C HIS C 215 58.09 40.78 -19.51
N GLY C 216 57.65 40.60 -18.27
CA GLY C 216 56.65 39.58 -18.03
C GLY C 216 55.50 39.99 -17.13
N SER C 217 54.29 39.62 -17.54
CA SER C 217 53.07 39.92 -16.78
C SER C 217 52.73 38.68 -15.94
N ASN C 218 53.28 37.53 -16.32
CA ASN C 218 53.09 36.30 -15.56
C ASN C 218 54.35 36.19 -14.72
N ARG C 219 54.32 35.37 -13.68
CA ARG C 219 55.46 35.24 -12.79
C ARG C 219 56.39 34.09 -13.11
N PRO C 220 57.70 34.35 -13.09
CA PRO C 220 58.69 33.31 -13.36
C PRO C 220 58.89 32.50 -12.08
N TRP C 221 59.34 31.26 -12.22
CA TRP C 221 59.58 30.42 -11.06
C TRP C 221 60.88 29.66 -11.18
N VAL C 222 61.36 29.17 -10.05
CA VAL C 222 62.58 28.37 -9.98
C VAL C 222 62.37 27.36 -8.88
N SER C 223 62.70 26.12 -9.14
CA SER C 223 62.58 25.11 -8.10
C SER C 223 63.88 24.34 -8.13
N PHE C 224 64.37 24.00 -6.96
CA PHE C 224 65.62 23.28 -6.88
C PHE C 224 65.68 22.33 -5.71
N ASN C 225 66.65 21.43 -5.80
CA ASN C 225 66.90 20.43 -4.80
C ASN C 225 67.96 21.00 -3.85
N GLN C 226 68.34 20.24 -2.83
CA GLN C 226 69.33 20.69 -1.87
C GLN C 226 70.75 20.74 -2.45
N ASN C 227 70.90 20.30 -3.70
CA ASN C 227 72.19 20.36 -4.35
C ASN C 227 72.18 21.41 -5.43
N LEU C 228 71.18 22.28 -5.34
CA LEU C 228 71.03 23.39 -6.28
C LEU C 228 70.88 22.98 -7.74
N GLU C 229 70.32 21.80 -7.99
CA GLU C 229 70.05 21.33 -9.36
C GLU C 229 68.64 21.88 -9.54
N TYR C 230 68.47 22.80 -10.47
CA TYR C 230 67.18 23.47 -10.65
C TYR C 230 66.46 23.34 -11.98
N GLN C 231 65.22 23.82 -11.98
CA GLN C 231 64.39 23.86 -13.18
C GLN C 231 63.80 25.26 -13.14
N ILE C 232 63.39 25.78 -14.30
CA ILE C 232 62.81 27.12 -14.33
C ILE C 232 61.65 27.20 -15.28
N GLY C 233 60.96 28.34 -15.24
CA GLY C 233 59.82 28.57 -16.12
C GLY C 233 58.96 29.71 -15.64
N TYR C 234 57.78 29.86 -16.25
CA TYR C 234 56.82 30.88 -15.89
C TYR C 234 55.50 30.16 -15.63
N ILE C 235 54.64 30.74 -14.80
CA ILE C 235 53.34 30.12 -14.54
C ILE C 235 52.57 30.35 -15.84
N CYS C 236 52.07 29.27 -16.44
CA CYS C 236 51.37 29.37 -17.72
C CYS C 236 49.92 29.88 -17.70
N SER C 237 49.27 29.83 -16.54
CA SER C 237 47.89 30.29 -16.44
C SER C 237 47.62 31.65 -17.06
N GLY C 238 46.48 31.78 -17.72
CA GLY C 238 46.10 33.05 -18.32
C GLY C 238 45.53 33.97 -17.28
N VAL C 239 45.66 33.56 -16.02
CA VAL C 239 45.21 34.38 -14.90
C VAL C 239 46.54 35.00 -14.48
N PHE C 240 46.94 36.03 -15.22
CA PHE C 240 48.21 36.71 -14.98
C PHE C 240 48.32 37.23 -13.56
N GLY C 241 49.43 36.90 -12.91
CA GLY C 241 49.64 37.29 -11.51
C GLY C 241 50.43 38.54 -11.20
N ASP C 242 51.14 39.09 -12.17
CA ASP C 242 51.94 40.27 -11.91
C ASP C 242 51.07 41.51 -11.97
N ASN C 243 51.69 42.64 -11.66
CA ASN C 243 51.00 43.92 -11.71
C ASN C 243 52.05 44.95 -12.02
N PRO C 244 51.84 45.75 -13.09
CA PRO C 244 50.69 45.72 -14.00
C PRO C 244 50.57 44.42 -14.76
N ARG C 245 49.54 44.35 -15.61
CA ARG C 245 49.28 43.17 -16.42
C ARG C 245 48.08 43.48 -17.29
N PRO C 246 47.74 42.55 -18.21
CA PRO C 246 46.60 42.67 -19.13
C PRO C 246 45.39 41.98 -18.49
N ASN C 247 44.26 42.09 -19.18
CA ASN C 247 43.05 41.44 -18.73
C ASN C 247 43.38 39.98 -18.94
N ASP C 248 42.91 39.12 -18.05
CA ASP C 248 43.21 37.70 -18.18
C ASP C 248 42.81 37.15 -19.53
N GLY C 249 43.79 36.96 -20.41
CA GLY C 249 43.53 36.42 -21.72
C GLY C 249 44.14 35.03 -21.79
N THR C 250 45.13 34.87 -22.66
CA THR C 250 45.80 33.60 -22.85
C THR C 250 47.21 33.75 -22.32
N GLY C 251 47.61 32.85 -21.44
CA GLY C 251 48.95 32.91 -20.88
C GLY C 251 49.94 32.14 -21.70
N SER C 252 51.17 32.04 -21.22
CA SER C 252 52.18 31.28 -21.92
C SER C 252 53.19 30.90 -20.87
N CYS C 253 53.94 29.84 -21.13
CA CYS C 253 54.92 29.39 -20.17
C CYS C 253 56.23 30.12 -20.40
N GLY C 254 56.12 31.29 -21.02
CA GLY C 254 57.26 32.13 -21.29
C GLY C 254 56.77 33.56 -21.17
N PRO C 255 57.57 34.47 -20.62
CA PRO C 255 57.21 35.87 -20.43
C PRO C 255 56.09 36.45 -21.32
N VAL C 256 55.00 36.88 -20.69
CA VAL C 256 53.90 37.51 -21.42
C VAL C 256 54.32 38.98 -21.47
N SER C 257 54.84 39.42 -22.61
CA SER C 257 55.33 40.78 -22.72
C SER C 257 54.29 41.84 -22.47
N SER C 258 53.25 41.76 -23.26
CA SER C 258 52.19 42.72 -23.11
C SER C 258 51.94 43.22 -21.70
N ASN C 259 52.13 44.51 -21.56
CA ASN C 259 51.91 45.14 -20.31
C ASN C 259 52.72 44.63 -19.15
N GLY C 260 53.45 43.57 -19.38
CA GLY C 260 54.24 43.06 -18.29
C GLY C 260 55.63 43.68 -18.14
N ALA C 261 55.84 44.95 -18.50
CA ALA C 261 57.19 45.54 -18.36
C ALA C 261 57.55 46.24 -17.07
N TYR C 262 56.96 45.81 -15.94
CA TYR C 262 57.30 46.41 -14.63
C TYR C 262 56.94 45.31 -13.63
N GLY C 263 56.27 45.63 -12.52
CA GLY C 263 55.90 44.56 -11.59
C GLY C 263 55.66 44.85 -10.12
N VAL C 264 55.42 43.79 -9.37
CA VAL C 264 55.18 43.85 -7.94
C VAL C 264 55.55 42.52 -7.28
N LYS C 265 56.10 42.56 -6.08
CA LYS C 265 56.49 41.32 -5.43
C LYS C 265 55.24 40.51 -5.18
N GLY C 266 55.29 39.23 -5.55
CA GLY C 266 54.15 38.35 -5.39
C GLY C 266 54.51 36.92 -5.08
N PHE C 267 53.51 36.06 -4.98
CA PHE C 267 53.76 34.66 -4.65
C PHE C 267 52.72 33.76 -5.31
N SER C 268 52.86 32.46 -5.09
CA SER C 268 51.97 31.45 -5.61
C SER C 268 52.36 30.11 -5.01
N PHE C 269 51.37 29.24 -4.86
CA PHE C 269 51.61 27.91 -4.30
C PHE C 269 51.22 26.88 -5.33
N LYS C 270 52.17 25.99 -5.64
CA LYS C 270 51.94 24.94 -6.61
C LYS C 270 51.47 23.67 -5.93
N TYR C 271 50.48 23.03 -6.53
CA TYR C 271 49.92 21.78 -6.05
C TYR C 271 49.69 20.94 -7.29
N GLY C 272 50.59 20.01 -7.56
CA GLY C 272 50.45 19.21 -8.77
C GLY C 272 50.59 20.18 -9.92
N ASN C 273 49.61 20.20 -10.82
CA ASN C 273 49.65 21.12 -11.95
C ASN C 273 48.83 22.36 -11.68
N GLY C 274 48.28 22.45 -10.47
CA GLY C 274 47.47 23.60 -10.11
C GLY C 274 48.25 24.66 -9.35
N VAL C 275 47.67 25.85 -9.27
CA VAL C 275 48.30 26.99 -8.59
C VAL C 275 47.32 27.80 -7.76
N TRP C 276 47.79 28.27 -6.62
CA TRP C 276 47.00 29.15 -5.81
C TRP C 276 47.71 30.47 -6.11
N ILE C 277 47.07 31.29 -6.92
CA ILE C 277 47.62 32.57 -7.31
C ILE C 277 47.05 33.71 -6.48
N GLY C 278 47.95 34.48 -5.87
CA GLY C 278 47.54 35.64 -5.11
C GLY C 278 47.90 36.78 -6.05
N ARG C 279 47.05 37.80 -6.14
CA ARG C 279 47.36 38.92 -7.02
C ARG C 279 46.47 40.10 -6.70
N THR C 280 46.86 41.27 -7.18
CA THR C 280 46.06 42.47 -6.95
C THR C 280 44.81 42.29 -7.80
N LYS C 281 43.79 43.10 -7.57
CA LYS C 281 42.58 42.99 -8.38
C LYS C 281 42.68 43.88 -9.61
N SER C 282 43.31 45.04 -9.44
CA SER C 282 43.49 45.99 -10.55
C SER C 282 44.60 45.45 -11.46
N THR C 283 44.61 45.90 -12.71
CA THR C 283 45.64 45.46 -13.66
C THR C 283 46.64 46.58 -13.93
N ASN C 284 46.38 47.76 -13.37
CA ASN C 284 47.27 48.91 -13.57
C ASN C 284 47.83 49.45 -12.27
N SER C 285 47.18 49.15 -11.14
CA SER C 285 47.64 49.66 -9.86
C SER C 285 47.74 48.61 -8.77
N ARG C 286 48.42 48.97 -7.71
CA ARG C 286 48.57 48.07 -6.60
C ARG C 286 47.38 48.32 -5.68
N SER C 287 46.23 47.81 -6.11
CA SER C 287 45.01 47.97 -5.36
C SER C 287 44.18 46.69 -5.39
N GLY C 288 43.60 46.34 -4.25
CA GLY C 288 42.80 45.13 -4.15
C GLY C 288 43.71 43.93 -4.13
N PHE C 289 43.19 42.81 -3.66
CA PHE C 289 43.96 41.58 -3.62
C PHE C 289 42.96 40.45 -3.58
N GLU C 290 43.34 39.31 -4.13
CA GLU C 290 42.45 38.16 -4.17
C GLU C 290 43.28 36.91 -4.35
N MET C 291 42.74 35.79 -3.90
CA MET C 291 43.41 34.51 -4.04
C MET C 291 42.58 33.74 -5.05
N ILE C 292 43.24 33.21 -6.06
CA ILE C 292 42.56 32.45 -7.09
C ILE C 292 43.15 31.05 -7.18
N TRP C 293 42.26 30.07 -7.29
CA TRP C 293 42.66 28.68 -7.41
C TRP C 293 42.34 28.17 -8.80
N ASP C 294 43.37 28.08 -9.63
CA ASP C 294 43.24 27.58 -10.98
C ASP C 294 43.89 26.22 -11.00
N PRO C 295 43.08 25.16 -10.90
CA PRO C 295 43.70 23.83 -10.92
C PRO C 295 44.36 23.75 -12.27
N ASN C 296 45.09 22.68 -12.55
CA ASN C 296 45.73 22.56 -13.86
C ASN C 296 45.87 23.95 -14.54
N GLY C 297 46.75 24.79 -13.99
CA GLY C 297 47.00 26.13 -14.50
C GLY C 297 48.44 26.62 -14.35
N TRP C 298 49.28 25.77 -13.77
CA TRP C 298 50.69 26.05 -13.58
C TRP C 298 51.38 25.62 -14.88
N THR C 299 50.79 24.61 -15.51
CA THR C 299 51.30 24.05 -16.75
C THR C 299 50.39 24.30 -17.95
N GLU C 300 49.22 24.89 -17.72
CA GLU C 300 48.29 25.13 -18.82
C GLU C 300 47.99 26.60 -18.99
N THR C 301 47.40 26.91 -20.14
CA THR C 301 47.04 28.27 -20.44
C THR C 301 45.52 28.39 -20.52
N ASP C 302 44.94 29.13 -19.60
CA ASP C 302 43.49 29.30 -19.58
C ASP C 302 43.19 30.68 -19.07
N SER C 303 41.92 30.93 -18.79
CA SER C 303 41.49 32.19 -18.26
C SER C 303 40.56 31.72 -17.18
N SER C 304 40.34 30.41 -17.17
CA SER C 304 39.44 29.80 -16.22
C SER C 304 40.12 29.13 -15.05
N PHE C 305 39.44 29.23 -13.90
CA PHE C 305 39.88 28.71 -12.62
C PHE C 305 38.59 28.42 -11.84
N SER C 306 38.68 27.66 -10.76
CA SER C 306 37.48 27.33 -9.99
C SER C 306 37.15 28.16 -8.76
N VAL C 307 38.15 28.76 -8.12
CA VAL C 307 37.88 29.55 -6.91
C VAL C 307 38.59 30.88 -6.85
N LYS C 308 37.88 31.88 -6.34
CA LYS C 308 38.39 33.22 -6.18
C LYS C 308 37.97 33.63 -4.77
N GLN C 309 38.93 34.08 -3.98
CA GLN C 309 38.63 34.51 -2.63
C GLN C 309 39.15 35.92 -2.48
N ASP C 310 38.24 36.89 -2.33
CA ASP C 310 38.65 38.28 -2.17
C ASP C 310 39.39 38.48 -0.86
N ILE C 311 40.31 39.42 -0.84
CA ILE C 311 41.07 39.72 0.36
C ILE C 311 41.10 41.22 0.60
N VAL C 312 41.25 41.97 -0.47
CA VAL C 312 41.25 43.42 -0.40
C VAL C 312 40.47 43.92 -1.60
N ALA C 313 39.48 44.78 -1.36
CA ALA C 313 38.64 45.34 -2.43
C ALA C 313 39.44 46.18 -3.41
N ILE C 314 38.98 46.23 -4.66
CA ILE C 314 39.66 47.00 -5.69
C ILE C 314 39.70 48.47 -5.30
N THR C 315 38.85 48.87 -4.37
CA THR C 315 38.81 50.28 -3.96
C THR C 315 39.85 50.61 -2.90
N ASP C 316 40.63 49.61 -2.48
CA ASP C 316 41.63 49.86 -1.47
C ASP C 316 43.04 49.43 -1.92
N TRP C 317 44.02 50.22 -1.51
CA TRP C 317 45.39 49.96 -1.88
C TRP C 317 45.99 48.68 -1.28
N SER C 318 46.78 47.99 -2.10
CA SER C 318 47.48 46.80 -1.63
C SER C 318 48.97 47.07 -1.91
N GLY C 319 49.72 46.05 -2.32
CA GLY C 319 51.13 46.25 -2.59
C GLY C 319 51.83 44.91 -2.70
N TYR C 320 53.02 44.83 -2.13
CA TYR C 320 53.82 43.61 -2.16
C TYR C 320 53.05 42.54 -1.40
N SER C 321 53.29 41.28 -1.75
CA SER C 321 52.67 40.18 -1.06
C SER C 321 53.71 39.09 -1.19
N GLY C 322 53.75 38.16 -0.24
CA GLY C 322 54.74 37.12 -0.32
C GLY C 322 54.30 35.90 0.43
N SER C 323 55.01 34.80 0.26
CA SER C 323 54.64 33.59 0.97
C SER C 323 55.53 33.32 2.16
N PHE C 324 54.93 32.74 3.19
CA PHE C 324 55.68 32.30 4.34
C PHE C 324 55.10 30.95 4.75
N VAL C 325 55.83 30.19 5.52
CA VAL C 325 55.60 28.73 5.73
C VAL C 325 55.50 28.50 7.27
N GLN C 326 54.82 27.42 7.65
CA GLN C 326 54.50 27.10 9.04
C GLN C 326 55.35 26.01 9.63
N HIS C 327 56.09 25.32 9.45
CA HIS C 327 56.58 23.95 9.44
C HIS C 327 55.93 23.05 10.46
N PRO C 328 55.88 21.75 10.16
CA PRO C 328 55.28 20.73 11.05
C PRO C 328 55.95 20.74 12.42
N GLU C 329 57.05 21.45 12.56
CA GLU C 329 57.65 21.43 13.86
C GLU C 329 57.02 22.49 14.72
N LEU C 330 56.42 23.53 14.14
CA LEU C 330 55.81 24.56 14.98
C LEU C 330 54.33 24.32 15.20
N THR C 331 53.73 23.70 14.21
CA THR C 331 52.30 23.38 14.12
C THR C 331 51.83 22.04 14.69
N GLY C 332 52.60 20.99 14.46
CA GLY C 332 52.22 19.67 14.92
C GLY C 332 51.55 18.94 13.77
N LEU C 333 51.28 19.64 12.68
CA LEU C 333 50.66 19.06 11.49
C LEU C 333 51.69 18.11 10.87
N ASP C 334 51.25 17.29 9.94
CA ASP C 334 52.15 16.33 9.27
C ASP C 334 52.57 16.90 7.92
N CYS C 335 52.25 18.16 7.70
CA CYS C 335 52.57 18.82 6.44
C CYS C 335 53.02 20.25 6.70
N ILE C 336 53.39 20.94 5.63
CA ILE C 336 53.84 22.31 5.69
C ILE C 336 52.64 23.22 5.41
N ARG C 337 52.42 24.16 6.31
CA ARG C 337 51.31 25.09 6.21
C ARG C 337 51.64 26.28 5.33
N PRO C 338 50.96 26.41 4.19
CA PRO C 338 51.26 27.56 3.34
C PRO C 338 50.47 28.74 3.85
N CYS C 339 51.13 29.90 3.96
CA CYS C 339 50.48 31.13 4.40
C CYS C 339 50.99 32.24 3.49
N PHE C 340 50.43 33.44 3.62
CA PHE C 340 50.90 34.56 2.84
C PHE C 340 50.60 35.85 3.57
N TRP C 341 51.27 36.91 3.13
CA TRP C 341 51.08 38.23 3.72
C TRP C 341 50.93 39.22 2.60
N VAL C 342 50.11 40.23 2.82
CA VAL C 342 49.90 41.26 1.82
C VAL C 342 50.30 42.61 2.41
N GLU C 343 51.08 43.37 1.66
CA GLU C 343 51.50 44.68 2.11
C GLU C 343 50.48 45.72 1.61
N LEU C 344 49.97 46.55 2.52
CA LEU C 344 49.00 47.56 2.10
C LEU C 344 49.75 48.87 2.06
N ILE C 345 50.06 49.33 0.86
CA ILE C 345 50.82 50.56 0.69
C ILE C 345 49.99 51.82 0.67
N ARG C 346 50.36 52.79 1.51
CA ARG C 346 49.66 54.06 1.54
C ARG C 346 50.65 55.19 1.34
N GLY C 347 50.18 56.26 0.69
CA GLY C 347 51.05 57.41 0.44
C GLY C 347 51.46 57.54 -1.00
N ARG C 348 52.69 57.96 -1.22
CA ARG C 348 53.21 58.13 -2.57
C ARG C 348 53.47 56.76 -3.17
N PRO C 349 53.42 56.65 -4.50
CA PRO C 349 53.12 57.74 -5.43
C PRO C 349 51.63 57.96 -5.69
N LYS C 350 50.79 57.07 -5.18
CA LYS C 350 49.36 57.19 -5.42
C LYS C 350 48.58 58.21 -4.60
N GLU C 351 49.11 58.60 -3.45
CA GLU C 351 48.41 59.55 -2.60
C GLU C 351 49.17 60.85 -2.31
N SER C 352 48.43 61.93 -2.15
CA SER C 352 49.02 63.24 -1.91
C SER C 352 49.62 63.42 -0.51
N THR C 353 50.73 62.72 -0.27
CA THR C 353 51.42 62.81 1.03
C THR C 353 52.91 62.98 0.76
N ILE C 354 53.71 63.11 1.81
CA ILE C 354 55.15 63.26 1.60
C ILE C 354 55.87 61.94 1.84
N TRP C 355 55.18 60.98 2.44
CA TRP C 355 55.78 59.69 2.77
C TRP C 355 55.10 58.52 2.07
N THR C 356 55.63 57.34 2.32
CA THR C 356 55.11 56.08 1.81
C THR C 356 55.40 55.04 2.88
N SER C 357 54.39 54.28 3.26
CA SER C 357 54.57 53.23 4.26
C SER C 357 53.50 52.19 3.97
N GLY C 358 53.61 51.03 4.60
CA GLY C 358 52.60 50.00 4.39
C GLY C 358 52.21 49.27 5.65
N SER C 359 50.97 48.77 5.71
CA SER C 359 50.48 47.99 6.85
C SER C 359 50.57 46.56 6.38
N SER C 360 50.18 45.63 7.22
CA SER C 360 50.23 44.24 6.82
C SER C 360 49.03 43.45 7.29
N ILE C 361 48.69 42.43 6.52
CA ILE C 361 47.60 41.52 6.84
C ILE C 361 48.17 40.19 6.40
N SER C 362 47.76 39.09 7.03
CA SER C 362 48.26 37.79 6.64
C SER C 362 47.18 36.74 6.76
N PHE C 363 47.32 35.67 5.98
CA PHE C 363 46.33 34.57 5.97
C PHE C 363 47.07 33.23 5.87
N CYS C 364 46.44 32.15 6.33
CA CYS C 364 47.06 30.83 6.26
C CYS C 364 46.17 29.79 5.58
N GLY C 365 46.82 28.74 5.08
CA GLY C 365 46.17 27.62 4.39
C GLY C 365 44.80 27.17 4.86
N VAL C 366 44.73 26.22 5.79
CA VAL C 366 43.43 25.78 6.30
C VAL C 366 42.52 24.90 5.42
N ASN C 367 42.07 23.79 6.01
CA ASN C 367 41.18 22.80 5.38
C ASN C 367 39.71 23.22 5.48
N SER C 368 39.34 23.82 6.60
CA SER C 368 37.97 24.27 6.84
C SER C 368 37.62 25.39 5.86
N ASP C 369 36.37 25.84 5.81
CA ASP C 369 36.10 26.90 4.85
C ASP C 369 36.17 28.29 5.42
N THR C 370 36.52 29.23 4.55
CA THR C 370 36.68 30.61 4.93
C THR C 370 35.66 31.51 4.26
N VAL C 371 35.99 32.79 4.20
CA VAL C 371 35.12 33.78 3.60
C VAL C 371 36.00 34.83 2.95
N GLY C 372 35.60 35.28 1.78
CA GLY C 372 36.34 36.32 1.12
C GLY C 372 35.77 37.61 1.69
N TRP C 373 36.61 38.62 1.82
CA TRP C 373 36.15 39.89 2.35
C TRP C 373 37.19 40.93 1.93
N SER C 374 37.22 42.05 2.65
CA SER C 374 38.18 43.10 2.36
C SER C 374 38.74 43.60 3.67
N TRP C 375 40.04 43.41 3.85
CA TRP C 375 40.73 43.84 5.06
C TRP C 375 41.74 44.89 4.63
N PRO C 376 41.27 46.08 4.24
CA PRO C 376 42.14 47.17 3.80
C PRO C 376 42.92 47.80 4.93
N ASP C 377 43.83 48.70 4.58
CA ASP C 377 44.66 49.40 5.54
C ASP C 377 43.82 50.22 6.53
N GLY C 378 42.90 51.03 6.02
CA GLY C 378 42.04 51.80 6.88
C GLY C 378 42.48 53.15 7.45
N ALA C 379 43.59 53.68 6.97
CA ALA C 379 44.05 54.96 7.48
C ALA C 379 43.39 56.11 6.72
N GLU C 380 43.22 57.25 7.38
CA GLU C 380 42.62 58.42 6.73
C GLU C 380 43.74 59.36 6.31
N LEU C 381 44.05 59.43 5.02
CA LEU C 381 45.09 60.34 4.57
C LEU C 381 44.47 61.64 4.03
N PRO C 382 45.24 62.73 4.00
CA PRO C 382 46.63 62.79 4.43
C PRO C 382 46.75 62.96 5.95
N PHE C 383 47.98 62.82 6.44
CA PHE C 383 48.27 62.93 7.87
C PHE C 383 48.65 64.36 8.21
N THR C 384 48.95 64.62 9.48
CA THR C 384 49.33 65.96 9.90
C THR C 384 50.57 66.36 9.10
N ILE C 385 51.05 65.42 8.31
CA ILE C 385 52.22 65.61 7.46
C ILE C 385 53.50 65.58 8.29
N VAL D 1 63.35 28.96 46.81
CA VAL D 1 63.90 28.79 48.20
C VAL D 1 63.71 30.04 49.04
N LYS D 2 63.09 29.87 50.20
CA LYS D 2 62.80 30.98 51.10
C LYS D 2 64.03 31.77 51.56
N LEU D 3 63.83 33.07 51.66
CA LEU D 3 64.86 34.02 52.07
C LEU D 3 65.15 33.90 53.56
N ALA D 4 66.34 33.43 53.91
CA ALA D 4 66.69 33.34 55.33
C ALA D 4 67.02 34.75 55.74
N GLY D 5 66.61 35.15 56.93
CA GLY D 5 66.93 36.50 57.35
C GLY D 5 67.79 36.44 58.59
N ASN D 6 68.59 35.39 58.71
CA ASN D 6 69.40 35.21 59.89
C ASN D 6 70.69 36.01 60.01
N SER D 7 71.27 36.47 58.90
CA SER D 7 72.50 37.23 58.97
C SER D 7 72.24 38.65 59.48
N SER D 8 73.31 39.43 59.65
CA SER D 8 73.22 40.79 60.14
C SER D 8 73.53 41.86 59.12
N LEU D 9 73.18 43.11 59.43
CA LEU D 9 73.46 44.21 58.53
C LEU D 9 74.95 44.30 58.28
N CYS D 10 75.36 44.43 57.02
CA CYS D 10 76.77 44.53 56.71
C CYS D 10 77.33 45.78 57.34
N PRO D 11 78.60 45.75 57.76
CA PRO D 11 79.22 46.94 58.36
C PRO D 11 79.54 47.89 57.19
N ILE D 12 79.23 49.17 57.35
CA ILE D 12 79.48 50.10 56.27
C ILE D 12 80.22 51.34 56.74
N ASN D 13 80.61 52.18 55.77
CA ASN D 13 81.29 53.43 56.06
C ASN D 13 80.65 54.55 55.27
N GLY D 14 79.86 54.20 54.26
CA GLY D 14 79.22 55.22 53.45
C GLY D 14 78.15 54.68 52.54
N TRP D 15 77.66 55.51 51.63
CA TRP D 15 76.60 55.09 50.73
C TRP D 15 76.96 55.44 49.29
N ALA D 16 76.88 54.45 48.40
CA ALA D 16 77.20 54.65 47.01
C ALA D 16 75.95 54.78 46.17
N VAL D 17 75.98 55.65 45.16
CA VAL D 17 74.79 55.80 44.29
C VAL D 17 74.44 54.49 43.62
N TYR D 18 73.17 54.14 43.71
CA TYR D 18 72.70 52.91 43.11
C TYR D 18 71.81 53.16 41.91
N SER D 19 70.95 54.18 41.99
CA SER D 19 70.06 54.47 40.87
C SER D 19 69.46 55.87 40.88
N LYS D 20 69.07 56.33 39.70
CA LYS D 20 68.42 57.63 39.54
C LYS D 20 67.52 57.45 38.31
N ASP D 21 66.22 57.65 38.46
CA ASP D 21 65.34 57.44 37.32
C ASP D 21 65.09 58.63 36.39
N ASN D 22 65.36 59.85 36.87
CA ASN D 22 65.16 61.07 36.07
C ASN D 22 63.76 61.05 35.48
N SER D 23 62.82 60.47 36.20
CA SER D 23 61.46 60.37 35.69
C SER D 23 60.82 61.70 35.30
N ILE D 24 60.90 62.70 36.17
CA ILE D 24 60.30 63.99 35.86
C ILE D 24 60.93 64.69 34.66
N ARG D 25 62.26 64.68 34.59
CA ARG D 25 62.96 65.28 33.46
C ARG D 25 62.51 64.54 32.21
N ILE D 26 62.51 63.22 32.29
CA ILE D 26 62.09 62.41 31.16
C ILE D 26 60.61 62.61 30.83
N GLY D 27 59.79 62.73 31.86
CA GLY D 27 58.36 62.91 31.68
C GLY D 27 57.90 64.16 30.97
N SER D 28 58.77 65.15 30.84
CA SER D 28 58.44 66.39 30.16
C SER D 28 57.91 66.05 28.76
N LYS D 29 58.54 65.08 28.12
CA LYS D 29 58.14 64.66 26.78
C LYS D 29 57.66 63.22 26.77
N GLY D 30 58.34 62.37 27.52
CA GLY D 30 57.99 60.95 27.56
C GLY D 30 56.69 60.63 28.26
N ASP D 31 56.24 59.39 28.11
CA ASP D 31 55.01 58.97 28.74
C ASP D 31 55.31 58.37 30.09
N VAL D 32 55.54 59.25 31.05
CA VAL D 32 55.89 58.89 32.41
C VAL D 32 54.74 59.14 33.36
N PHE D 33 54.49 58.17 34.23
CA PHE D 33 53.42 58.28 35.22
C PHE D 33 53.75 59.39 36.22
N VAL D 34 52.72 60.07 36.72
CA VAL D 34 52.94 61.07 37.75
C VAL D 34 52.88 60.15 38.96
N ILE D 35 53.94 60.11 39.76
CA ILE D 35 53.96 59.19 40.88
C ILE D 35 54.33 59.78 42.23
N ARG D 36 54.18 58.94 43.26
CA ARG D 36 54.50 59.27 44.63
C ARG D 36 55.08 58.02 45.30
N GLU D 37 55.86 58.24 46.34
CA GLU D 37 56.49 57.17 47.10
C GLU D 37 57.03 56.01 46.27
N PRO D 38 58.11 56.26 45.52
CA PRO D 38 58.72 55.25 44.68
C PRO D 38 59.70 54.41 45.50
N PHE D 39 59.18 53.45 46.26
CA PHE D 39 60.04 52.60 47.08
C PHE D 39 60.57 51.39 46.33
N ILE D 40 61.78 50.97 46.72
CA ILE D 40 62.43 49.83 46.09
C ILE D 40 62.36 48.59 46.96
N SER D 41 62.21 47.44 46.32
CA SER D 41 62.17 46.18 47.02
C SER D 41 62.83 45.16 46.12
N CYS D 42 63.60 44.24 46.70
CA CYS D 42 64.28 43.27 45.86
C CYS D 42 63.87 41.83 46.14
N SER D 43 64.13 40.97 45.16
CA SER D 43 63.82 39.55 45.28
C SER D 43 65.18 38.89 45.41
N HIS D 44 65.24 37.60 45.10
CA HIS D 44 66.50 36.87 45.18
C HIS D 44 67.22 37.00 43.83
N LEU D 45 66.59 37.69 42.89
CA LEU D 45 67.14 37.85 41.55
C LEU D 45 67.19 39.26 41.00
N GLU D 46 66.25 40.12 41.38
CA GLU D 46 66.24 41.47 40.84
C GLU D 46 65.64 42.47 41.80
N CYS D 47 65.80 43.75 41.48
CA CYS D 47 65.23 44.79 42.32
C CYS D 47 64.23 45.56 41.47
N ARG D 48 63.15 45.99 42.11
CA ARG D 48 62.13 46.73 41.40
C ARG D 48 61.81 47.97 42.19
N THR D 49 61.25 48.96 41.50
CA THR D 49 60.82 50.18 42.13
C THR D 49 59.32 50.11 42.09
N PHE D 50 58.68 50.15 43.25
CA PHE D 50 57.24 50.15 43.31
C PHE D 50 56.85 51.61 43.47
N PHE D 51 55.61 51.94 43.17
CA PHE D 51 55.16 53.31 43.31
C PHE D 51 53.66 53.34 43.16
N LEU D 52 53.04 54.46 43.53
CA LEU D 52 51.60 54.63 43.43
C LEU D 52 51.33 55.71 42.42
N THR D 53 50.34 55.48 41.56
CA THR D 53 50.01 56.47 40.53
C THR D 53 48.53 56.76 40.48
N GLN D 54 48.20 58.03 40.23
CA GLN D 54 46.84 58.46 40.11
C GLN D 54 46.35 58.03 38.73
N GLY D 55 47.17 57.25 38.04
CA GLY D 55 46.80 56.79 36.72
C GLY D 55 46.85 57.92 35.70
N ALA D 56 47.79 58.84 35.87
CA ALA D 56 47.92 59.97 34.96
C ALA D 56 49.38 60.16 34.56
N LEU D 57 49.61 60.67 33.36
CA LEU D 57 50.98 60.91 32.92
C LEU D 57 51.34 62.39 33.10
N LEU D 58 52.63 62.66 33.25
CA LEU D 58 53.10 64.02 33.40
C LEU D 58 52.74 64.81 32.15
N ASN D 59 52.51 66.11 32.33
CA ASN D 59 52.16 67.02 31.25
C ASN D 59 50.82 66.78 30.61
N ASP D 60 49.98 65.99 31.26
CA ASP D 60 48.65 65.76 30.74
C ASP D 60 47.70 66.37 31.76
N LYS D 61 46.57 66.88 31.30
CA LYS D 61 45.60 67.51 32.17
C LYS D 61 45.19 66.64 33.34
N HIS D 62 45.16 65.32 33.12
CA HIS D 62 44.76 64.41 34.18
C HIS D 62 45.68 64.38 35.37
N SER D 63 46.77 65.14 35.30
CA SER D 63 47.71 65.20 36.41
C SER D 63 47.31 66.33 37.35
N ASN D 64 46.13 66.93 37.07
CA ASN D 64 45.58 68.04 37.83
C ASN D 64 45.86 68.02 39.32
N GLY D 65 46.04 66.84 39.89
CA GLY D 65 46.37 66.75 41.31
C GLY D 65 45.56 67.43 42.39
N THR D 66 44.46 68.12 42.06
CA THR D 66 43.67 68.72 43.13
C THR D 66 42.90 67.57 43.79
N VAL D 67 42.83 66.45 43.08
CA VAL D 67 42.16 65.24 43.58
C VAL D 67 42.58 64.91 45.01
N LYS D 68 41.72 64.18 45.72
CA LYS D 68 41.98 63.73 47.08
C LYS D 68 43.15 62.74 46.99
N ASP D 69 43.98 62.68 48.03
CA ASP D 69 45.10 61.75 48.03
C ASP D 69 44.66 60.31 47.83
N ARG D 70 43.60 59.93 48.54
CA ARG D 70 43.09 58.59 48.46
C ARG D 70 41.98 58.42 47.43
N SER D 71 42.34 58.42 46.15
CA SER D 71 41.33 58.27 45.12
C SER D 71 41.23 56.83 44.64
N PRO D 72 40.07 56.43 44.09
CA PRO D 72 39.89 55.07 43.60
C PRO D 72 40.74 54.80 42.37
N HIS D 73 41.42 55.83 41.87
CA HIS D 73 42.27 55.72 40.69
C HIS D 73 43.72 55.41 41.03
N ARG D 74 44.04 55.44 42.31
CA ARG D 74 45.41 55.19 42.73
C ARG D 74 45.70 53.69 42.59
N THR D 75 46.82 53.37 41.98
CA THR D 75 47.22 51.98 41.80
C THR D 75 48.67 51.77 42.17
N LEU D 76 48.96 50.59 42.70
CA LEU D 76 50.33 50.25 43.04
C LEU D 76 50.87 49.55 41.80
N MET D 77 52.05 49.95 41.36
CA MET D 77 52.69 49.35 40.19
C MET D 77 54.19 49.29 40.43
N SER D 78 54.92 48.60 39.56
CA SER D 78 56.36 48.50 39.70
C SER D 78 57.07 48.35 38.37
N CYS D 79 58.34 48.75 38.36
CA CYS D 79 59.17 48.66 37.19
C CYS D 79 60.61 48.43 37.63
N PRO D 80 61.51 48.11 36.68
CA PRO D 80 62.90 47.89 37.10
C PRO D 80 63.57 49.17 37.60
N VAL D 81 64.36 49.02 38.66
CA VAL D 81 65.06 50.14 39.27
C VAL D 81 65.80 51.00 38.27
N GLY D 82 65.72 52.32 38.49
CA GLY D 82 66.42 53.26 37.62
C GLY D 82 65.67 53.60 36.34
N GLU D 83 64.56 52.91 36.09
CA GLU D 83 63.78 53.17 34.88
C GLU D 83 62.62 54.12 35.16
N ALA D 84 62.35 55.04 34.24
CA ALA D 84 61.26 55.99 34.40
C ALA D 84 59.94 55.21 34.34
N PRO D 85 59.13 55.28 35.42
CA PRO D 85 57.86 54.55 35.44
C PRO D 85 56.88 55.05 34.38
N SER D 86 56.65 54.20 33.37
CA SER D 86 55.74 54.53 32.29
C SER D 86 54.74 53.39 32.14
N PRO D 87 53.66 53.64 31.37
CA PRO D 87 52.68 52.56 31.18
C PRO D 87 53.24 51.43 30.32
N TYR D 88 54.37 51.73 29.66
CA TYR D 88 55.08 50.81 28.77
C TYR D 88 56.13 49.90 29.44
N ASN D 89 56.53 50.21 30.67
CA ASN D 89 57.51 49.39 31.37
C ASN D 89 57.13 49.01 32.79
N SER D 90 55.90 49.37 33.19
CA SER D 90 55.44 49.08 34.54
C SER D 90 54.43 47.95 34.58
N ARG D 91 54.58 47.10 35.60
CA ARG D 91 53.70 45.97 35.81
C ARG D 91 52.64 46.40 36.83
N PHE D 92 51.39 45.98 36.60
CA PHE D 92 50.32 46.34 37.54
C PHE D 92 50.45 45.48 38.78
N GLU D 93 50.37 46.11 39.94
CA GLU D 93 50.47 45.35 41.18
C GLU D 93 49.14 45.26 41.92
N SER D 94 48.55 46.39 42.23
CA SER D 94 47.30 46.36 42.98
C SER D 94 46.62 47.72 42.91
N VAL D 95 45.34 47.75 43.24
CA VAL D 95 44.64 49.04 43.26
C VAL D 95 44.82 49.50 44.71
N ALA D 96 45.39 50.68 44.91
CA ALA D 96 45.61 51.15 46.27
C ALA D 96 46.04 52.60 46.38
N TRP D 97 45.80 53.20 47.54
CA TRP D 97 46.25 54.57 47.76
C TRP D 97 47.29 54.58 48.88
N SER D 98 47.60 53.38 49.38
CA SER D 98 48.62 53.14 50.40
C SER D 98 49.09 51.69 50.20
N ALA D 99 50.38 51.44 50.30
CA ALA D 99 50.82 50.08 50.08
C ALA D 99 52.25 49.75 50.49
N SER D 100 52.58 48.47 50.40
CA SER D 100 53.92 48.02 50.68
C SER D 100 54.13 46.73 49.87
N ALA D 101 55.36 46.27 49.80
CA ALA D 101 55.64 45.06 49.06
C ALA D 101 56.97 44.51 49.47
N CYS D 102 57.14 43.21 49.27
CA CYS D 102 58.38 42.52 49.58
C CYS D 102 58.32 41.13 48.99
N HIS D 103 59.48 40.49 48.88
CA HIS D 103 59.61 39.17 48.29
C HIS D 103 60.14 38.21 49.37
N ASP D 104 59.54 37.03 49.50
CA ASP D 104 60.02 36.12 50.52
C ASP D 104 61.10 35.18 50.03
N GLY D 105 61.52 35.35 48.78
CA GLY D 105 62.53 34.48 48.21
C GLY D 105 61.85 33.57 47.19
N THR D 106 60.53 33.47 47.31
CA THR D 106 59.74 32.64 46.41
C THR D 106 58.83 33.47 45.52
N SER D 107 57.98 34.31 46.10
CA SER D 107 57.07 35.15 45.30
C SER D 107 56.91 36.55 45.87
N TRP D 108 56.36 37.44 45.06
CA TRP D 108 56.13 38.80 45.54
C TRP D 108 54.86 38.85 46.36
N LEU D 109 54.92 39.59 47.47
CA LEU D 109 53.76 39.80 48.31
C LEU D 109 53.52 41.29 48.18
N THR D 110 52.31 41.68 47.77
CA THR D 110 51.98 43.09 47.66
C THR D 110 50.81 43.36 48.57
N ILE D 111 50.74 44.58 49.08
CA ILE D 111 49.66 44.96 49.97
C ILE D 111 49.13 46.28 49.52
N GLY D 112 47.95 46.26 48.92
CA GLY D 112 47.32 47.47 48.46
C GLY D 112 46.09 47.73 49.28
N ILE D 113 46.01 48.94 49.81
CA ILE D 113 44.88 49.33 50.62
C ILE D 113 44.07 50.28 49.78
N SER D 114 42.76 50.04 49.70
CA SER D 114 41.85 50.89 48.94
C SER D 114 40.48 50.85 49.57
N GLY D 115 39.57 51.67 49.07
CA GLY D 115 38.23 51.73 49.60
C GLY D 115 37.98 53.07 50.29
N PRO D 116 36.88 53.21 51.04
CA PRO D 116 36.60 54.47 51.71
C PRO D 116 37.41 54.66 52.99
N ASP D 117 37.56 55.92 53.42
CA ASP D 117 38.32 56.20 54.63
C ASP D 117 37.73 55.53 55.86
N ASN D 118 36.43 55.32 55.88
CA ASN D 118 35.82 54.70 57.04
C ASN D 118 35.72 53.19 56.93
N GLY D 119 36.33 52.60 55.93
CA GLY D 119 36.22 51.16 55.81
C GLY D 119 37.18 50.58 54.81
N ALA D 120 38.31 51.25 54.63
CA ALA D 120 39.33 50.81 53.70
C ALA D 120 39.73 49.37 53.97
N VAL D 121 40.13 48.66 52.93
CA VAL D 121 40.53 47.28 53.12
C VAL D 121 41.85 47.02 52.39
N ALA D 122 42.74 46.29 53.06
CA ALA D 122 44.04 45.93 52.50
C ALA D 122 43.94 44.59 51.78
N VAL D 123 44.25 44.58 50.48
CA VAL D 123 44.22 43.34 49.71
C VAL D 123 45.65 42.84 49.61
N LEU D 124 45.90 41.61 50.05
CA LEU D 124 47.24 41.05 49.97
C LEU D 124 47.32 40.12 48.79
N LYS D 125 48.38 40.26 47.99
CA LYS D 125 48.56 39.43 46.82
C LYS D 125 49.92 38.75 46.82
N TYR D 126 49.89 37.42 46.74
CA TYR D 126 51.08 36.60 46.67
C TYR D 126 51.08 36.21 45.19
N ASN D 127 52.22 36.36 44.53
CA ASN D 127 52.35 36.05 43.11
C ASN D 127 51.20 36.63 42.29
N GLY D 128 50.76 37.83 42.61
CA GLY D 128 49.68 38.45 41.84
C GLY D 128 48.26 37.95 42.11
N ILE D 129 48.11 36.91 42.94
CA ILE D 129 46.77 36.41 43.23
C ILE D 129 46.37 36.72 44.68
N ILE D 130 45.21 37.36 44.84
CA ILE D 130 44.70 37.70 46.17
C ILE D 130 44.80 36.48 47.06
N THR D 131 45.45 36.65 48.21
CA THR D 131 45.64 35.55 49.15
C THR D 131 45.00 35.79 50.51
N ASP D 132 44.66 37.04 50.80
CA ASP D 132 44.03 37.39 52.06
C ASP D 132 43.55 38.84 51.99
N THR D 133 42.76 39.25 52.97
CA THR D 133 42.23 40.61 53.03
C THR D 133 42.23 41.11 54.48
N ILE D 134 42.48 42.40 54.70
CA ILE D 134 42.47 42.98 56.05
C ILE D 134 41.58 44.20 56.04
N LYS D 135 40.64 44.28 56.98
CA LYS D 135 39.72 45.41 57.09
C LYS D 135 40.13 46.41 58.16
N SER D 136 39.79 47.66 57.92
CA SER D 136 40.06 48.74 58.83
C SER D 136 39.39 48.36 60.16
N TRP D 137 40.14 48.35 61.26
CA TRP D 137 39.55 48.00 62.56
C TRP D 137 39.16 49.23 63.37
N ARG D 138 39.45 50.42 62.85
CA ARG D 138 39.12 51.69 63.51
C ARG D 138 38.24 52.56 62.63
N ASN D 139 38.12 52.18 61.37
CA ASN D 139 37.31 52.92 60.40
C ASN D 139 37.81 54.36 60.20
N ASN D 140 39.12 54.55 60.33
CA ASN D 140 39.68 55.88 60.14
C ASN D 140 41.01 55.79 59.42
N ILE D 141 40.92 55.54 58.12
CA ILE D 141 42.03 55.45 57.19
C ILE D 141 43.11 54.38 57.44
N LEU D 142 42.75 53.12 57.28
CA LEU D 142 43.71 52.04 57.41
C LEU D 142 44.85 52.40 56.46
N ARG D 143 46.09 52.35 56.94
CA ARG D 143 47.23 52.69 56.09
C ARG D 143 48.47 51.90 56.45
N THR D 144 49.40 51.81 55.50
CA THR D 144 50.60 51.02 55.73
C THR D 144 51.92 51.75 55.43
N GLN D 145 52.97 50.96 55.24
CA GLN D 145 54.35 51.45 55.03
C GLN D 145 54.73 52.45 53.95
N GLU D 146 54.27 52.24 52.73
CA GLU D 146 54.64 53.10 51.61
C GLU D 146 56.11 52.78 51.36
N SER D 147 56.47 51.52 51.61
CA SER D 147 57.81 51.02 51.39
C SER D 147 57.84 49.53 51.69
N GLU D 148 58.90 48.90 51.22
CA GLU D 148 59.13 47.47 51.36
C GLU D 148 58.79 46.84 52.72
N CYS D 149 58.16 45.66 52.71
CA CYS D 149 57.88 44.96 53.97
C CYS D 149 59.10 44.07 54.15
N ALA D 150 59.25 43.46 55.31
CA ALA D 150 60.44 42.63 55.55
C ALA D 150 60.12 41.16 55.73
N CYS D 151 60.89 40.30 55.05
CA CYS D 151 60.66 38.87 55.17
C CYS D 151 61.82 38.19 55.92
N VAL D 152 61.51 37.07 56.54
CA VAL D 152 62.49 36.31 57.30
C VAL D 152 62.00 34.87 57.44
N ASN D 153 62.89 33.91 57.22
CA ASN D 153 62.58 32.49 57.37
C ASN D 153 61.20 32.11 56.84
N GLY D 154 60.87 32.62 55.65
CA GLY D 154 59.59 32.29 55.05
C GLY D 154 58.38 33.05 55.55
N SER D 155 58.59 34.15 56.25
CA SER D 155 57.48 34.94 56.77
C SER D 155 57.77 36.40 56.55
N CYS D 156 56.78 37.14 56.06
CA CYS D 156 56.97 38.55 55.83
C CYS D 156 56.15 39.33 56.86
N PHE D 157 56.63 40.52 57.22
CA PHE D 157 55.95 41.31 58.23
C PHE D 157 55.74 42.75 57.79
N THR D 158 54.65 43.34 58.25
CA THR D 158 54.35 44.73 57.92
C THR D 158 53.73 45.41 59.12
N VAL D 159 53.58 46.72 59.05
CA VAL D 159 52.99 47.50 60.11
C VAL D 159 51.86 48.33 59.51
N MET D 160 50.70 48.30 60.14
CA MET D 160 49.57 49.06 59.64
C MET D 160 49.04 49.95 60.74
N THR D 161 48.51 51.10 60.34
CA THR D 161 47.98 52.06 61.27
C THR D 161 46.54 52.40 60.91
N ASP D 162 45.73 52.61 61.92
CA ASP D 162 44.36 52.98 61.70
C ASP D 162 44.07 53.99 62.77
N GLY D 163 43.40 55.07 62.41
CA GLY D 163 43.09 56.08 63.40
C GLY D 163 43.56 57.46 63.02
N PRO D 164 43.42 58.44 63.92
CA PRO D 164 43.86 59.80 63.61
C PRO D 164 45.33 59.96 63.25
N SER D 165 45.62 60.96 62.42
CA SER D 165 47.00 61.23 62.05
C SER D 165 47.48 62.33 63.02
N ASN D 166 46.61 62.64 63.98
CA ASN D 166 46.89 63.59 65.07
C ASN D 166 47.11 62.63 66.24
N GLY D 167 46.46 62.90 67.35
CA GLY D 167 46.60 62.04 68.52
C GLY D 167 46.71 60.53 68.35
N GLN D 168 46.71 59.84 69.48
CA GLN D 168 46.80 58.39 69.53
C GLN D 168 46.06 57.73 68.36
N ALA D 169 46.68 56.72 67.78
CA ALA D 169 46.04 55.97 66.73
C ALA D 169 46.32 54.55 67.17
N SER D 170 45.91 53.59 66.37
CA SER D 170 46.12 52.18 66.68
C SER D 170 47.18 51.66 65.73
N TYR D 171 48.00 50.73 66.21
CA TYR D 171 49.06 50.17 65.38
C TYR D 171 49.09 48.67 65.56
N LYS D 172 49.17 47.96 64.45
CA LYS D 172 49.23 46.51 64.46
C LYS D 172 50.36 46.01 63.57
N ILE D 173 51.07 44.99 64.04
CA ILE D 173 52.14 44.38 63.26
C ILE D 173 51.52 43.10 62.72
N PHE D 174 51.74 42.80 61.45
CA PHE D 174 51.17 41.59 60.87
C PHE D 174 52.24 40.60 60.41
N LYS D 175 51.96 39.31 60.61
CA LYS D 175 52.87 38.24 60.20
C LYS D 175 52.13 37.41 59.16
N MET D 176 52.68 37.36 57.96
CA MET D 176 52.02 36.59 56.91
C MET D 176 52.94 35.63 56.19
N GLU D 177 52.35 34.52 55.78
CA GLU D 177 53.04 33.48 55.06
C GLU D 177 52.21 33.22 53.82
N LYS D 178 52.89 33.19 52.67
CA LYS D 178 52.21 32.99 51.39
C LYS D 178 51.06 33.97 51.32
N GLY D 179 51.35 35.22 51.66
CA GLY D 179 50.36 36.28 51.61
C GLY D 179 49.14 36.12 52.49
N LYS D 180 49.21 35.22 53.46
CA LYS D 180 48.08 35.03 54.36
C LYS D 180 48.48 35.45 55.78
N VAL D 181 47.63 36.24 56.43
CA VAL D 181 47.92 36.67 57.79
C VAL D 181 47.74 35.51 58.75
N VAL D 182 48.82 35.04 59.35
CA VAL D 182 48.72 33.93 60.30
C VAL D 182 48.73 34.44 61.74
N LYS D 183 49.10 35.71 61.92
CA LYS D 183 49.13 36.28 63.25
C LYS D 183 49.29 37.79 63.20
N SER D 184 48.67 38.47 64.15
CA SER D 184 48.76 39.93 64.22
C SER D 184 48.69 40.39 65.65
N VAL D 185 49.46 41.43 65.96
CA VAL D 185 49.50 42.00 67.29
C VAL D 185 49.32 43.51 67.25
N GLU D 186 48.55 44.03 68.19
CA GLU D 186 48.32 45.47 68.26
C GLU D 186 49.30 46.00 69.29
N LEU D 187 50.14 46.95 68.88
CA LEU D 187 51.12 47.53 69.79
C LEU D 187 50.48 48.34 70.90
N ASP D 188 50.91 48.10 72.13
CA ASP D 188 50.42 48.86 73.28
C ASP D 188 51.42 50.01 73.33
N ALA D 189 51.19 51.00 72.49
CA ALA D 189 52.09 52.15 72.39
C ALA D 189 51.48 53.51 72.74
N PRO D 190 50.92 53.62 73.95
CA PRO D 190 50.33 54.92 74.33
C PRO D 190 51.39 56.02 74.24
N ASN D 191 50.98 57.16 73.67
CA ASN D 191 51.81 58.34 73.46
C ASN D 191 52.72 58.22 72.25
N TYR D 192 52.64 57.09 71.56
CA TYR D 192 53.43 56.87 70.36
C TYR D 192 52.51 57.13 69.18
N HIS D 193 53.11 57.30 68.00
CA HIS D 193 52.36 57.50 66.78
C HIS D 193 53.22 56.91 65.68
N TYR D 194 52.68 55.92 64.97
CA TYR D 194 53.43 55.26 63.91
C TYR D 194 52.75 55.44 62.57
N GLU D 195 53.56 55.75 61.55
CA GLU D 195 53.08 55.90 60.20
C GLU D 195 54.22 55.67 59.22
N GLU D 196 53.87 55.15 58.05
CA GLU D 196 54.80 54.87 56.97
C GLU D 196 56.11 54.33 57.49
N CYS D 197 56.05 53.17 58.12
CA CYS D 197 57.25 52.54 58.67
C CYS D 197 58.21 52.00 57.62
N SER D 198 59.50 52.16 57.87
CA SER D 198 60.53 51.64 56.98
C SER D 198 61.15 50.53 57.81
N CYS D 199 60.81 49.31 57.45
CA CYS D 199 61.28 48.13 58.17
C CYS D 199 62.33 47.32 57.44
N TYR D 200 63.13 46.59 58.20
CA TYR D 200 64.15 45.75 57.62
C TYR D 200 64.47 44.59 58.54
N PRO D 201 64.94 43.47 57.95
CA PRO D 201 65.29 42.29 58.73
C PRO D 201 66.73 42.43 59.22
N ASN D 202 67.06 41.78 60.33
CA ASN D 202 68.41 41.85 60.88
C ASN D 202 68.52 40.75 61.93
N ALA D 203 69.34 39.75 61.65
CA ALA D 203 69.54 38.65 62.58
C ALA D 203 68.22 38.04 63.05
N GLY D 204 67.36 37.69 62.11
CA GLY D 204 66.11 37.05 62.45
C GLY D 204 65.03 37.89 63.08
N GLU D 205 65.25 39.19 63.17
CA GLU D 205 64.23 40.05 63.75
C GLU D 205 63.99 41.24 62.82
N ILE D 206 62.95 42.01 63.08
CA ILE D 206 62.61 43.16 62.24
C ILE D 206 62.68 44.47 63.00
N THR D 207 63.18 45.51 62.34
CA THR D 207 63.25 46.81 62.96
C THR D 207 62.61 47.83 62.02
N CYS D 208 61.78 48.71 62.57
CA CYS D 208 61.12 49.73 61.76
C CYS D 208 61.30 51.12 62.37
N VAL D 209 61.78 52.06 61.57
CA VAL D 209 61.92 53.42 62.01
C VAL D 209 60.79 54.06 61.23
N CYS D 210 59.88 54.73 61.93
CA CYS D 210 58.72 55.30 61.28
C CYS D 210 58.57 56.81 61.35
N ARG D 211 57.35 57.26 61.07
CA ARG D 211 57.02 58.67 61.08
C ARG D 211 56.00 58.98 62.16
N ASP D 212 56.31 59.97 62.98
CA ASP D 212 55.42 60.41 64.05
C ASP D 212 54.86 61.74 63.55
N ASN D 213 53.64 61.67 63.02
CA ASN D 213 52.93 62.82 62.45
C ASN D 213 52.11 63.59 63.49
N TRP D 214 52.00 63.01 64.68
CA TRP D 214 51.25 63.61 65.75
C TRP D 214 52.05 64.63 66.56
N HIS D 215 53.05 64.15 67.31
CA HIS D 215 53.82 65.04 68.17
C HIS D 215 55.31 64.74 68.39
N GLY D 216 56.04 64.32 67.36
CA GLY D 216 57.45 64.03 67.53
C GLY D 216 58.36 64.45 66.37
N SER D 217 59.46 65.13 66.68
CA SER D 217 60.44 65.59 65.69
C SER D 217 61.46 64.49 65.43
N ASN D 218 61.53 63.56 66.37
CA ASN D 218 62.43 62.43 66.27
C ASN D 218 61.56 61.29 65.77
N ARG D 219 62.17 60.17 65.40
CA ARG D 219 61.40 59.06 64.87
C ARG D 219 61.20 57.89 65.81
N PRO D 220 59.97 57.39 65.87
CA PRO D 220 59.65 56.24 66.73
C PRO D 220 60.10 54.99 66.01
N TRP D 221 60.30 53.92 66.74
CA TRP D 221 60.69 52.65 66.14
C TRP D 221 59.96 51.48 66.80
N VAL D 222 60.06 50.31 66.20
CA VAL D 222 59.47 49.07 66.71
C VAL D 222 60.34 47.97 66.14
N SER D 223 60.66 46.99 66.97
CA SER D 223 61.44 45.87 66.50
C SER D 223 60.75 44.69 67.12
N PHE D 224 60.57 43.65 66.35
CA PHE D 224 59.89 42.49 66.85
C PHE D 224 60.50 41.23 66.30
N ASN D 225 60.25 40.13 66.99
CA ASN D 225 60.75 38.84 66.60
C ASN D 225 59.71 38.20 65.67
N GLN D 226 59.98 37.00 65.19
CA GLN D 226 59.06 36.34 64.29
C GLN D 226 57.72 35.96 64.93
N ASN D 227 57.64 36.07 66.25
CA ASN D 227 56.38 35.75 66.94
C ASN D 227 55.64 36.98 67.37
N LEU D 228 56.05 38.12 66.83
CA LEU D 228 55.42 39.41 67.13
C LEU D 228 55.59 39.90 68.56
N GLU D 229 56.66 39.44 69.21
CA GLU D 229 57.03 39.86 70.55
C GLU D 229 57.86 41.10 70.22
N TYR D 230 57.46 42.25 70.75
CA TYR D 230 58.14 43.49 70.38
C TYR D 230 58.69 44.40 71.46
N GLN D 231 59.29 45.49 71.00
CA GLN D 231 59.85 46.52 71.85
C GLN D 231 59.60 47.80 71.08
N ILE D 232 59.47 48.92 71.77
CA ILE D 232 59.22 50.18 71.09
C ILE D 232 60.00 51.32 71.73
N GLY D 233 60.20 52.38 70.97
CA GLY D 233 60.91 53.54 71.50
C GLY D 233 61.06 54.64 70.47
N TYR D 234 61.91 55.61 70.76
CA TYR D 234 62.16 56.70 69.83
C TYR D 234 63.67 56.87 69.69
N ILE D 235 64.12 57.21 68.49
CA ILE D 235 65.54 57.44 68.30
C ILE D 235 65.85 58.64 69.19
N CYS D 236 66.72 58.46 70.18
CA CYS D 236 67.01 59.54 71.11
C CYS D 236 68.02 60.58 70.66
N SER D 237 68.59 60.38 69.47
CA SER D 237 69.61 61.30 68.95
C SER D 237 69.16 62.75 68.76
N GLY D 238 70.00 63.67 69.22
CA GLY D 238 69.69 65.08 69.08
C GLY D 238 69.70 65.47 67.61
N VAL D 239 70.17 64.57 66.75
CA VAL D 239 70.14 64.85 65.31
C VAL D 239 68.75 64.35 64.95
N PHE D 240 67.77 65.23 65.09
CA PHE D 240 66.39 64.87 64.83
C PHE D 240 66.20 64.44 63.38
N GLY D 241 65.48 63.34 63.20
CA GLY D 241 65.26 62.80 61.87
C GLY D 241 64.01 63.21 61.11
N ASP D 242 62.96 63.64 61.79
CA ASP D 242 61.74 64.01 61.10
C ASP D 242 61.90 65.36 60.44
N ASN D 243 60.85 65.75 59.70
CA ASN D 243 60.80 67.03 59.01
C ASN D 243 59.33 67.38 58.92
N PRO D 244 58.92 68.52 59.49
CA PRO D 244 59.71 69.53 60.19
C PRO D 244 60.34 69.03 61.47
N ARG D 245 61.18 69.86 62.07
CA ARG D 245 61.87 69.53 63.32
C ARG D 245 62.60 70.78 63.83
N PRO D 246 63.06 70.75 65.09
CA PRO D 246 63.78 71.92 65.61
C PRO D 246 65.24 71.81 65.20
N ASN D 247 66.05 72.80 65.54
CA ASN D 247 67.47 72.72 65.22
C ASN D 247 68.00 71.60 66.10
N ASP D 248 69.03 70.90 65.65
CA ASP D 248 69.60 69.81 66.43
C ASP D 248 70.07 70.24 67.82
N GLY D 249 69.24 69.98 68.83
CA GLY D 249 69.60 70.31 70.19
C GLY D 249 69.75 69.03 70.98
N THR D 250 69.01 68.92 72.07
CA THR D 250 69.05 67.72 72.90
C THR D 250 67.83 66.89 72.54
N GLY D 251 68.04 65.61 72.29
CA GLY D 251 66.93 64.75 71.92
C GLY D 251 66.37 64.06 73.14
N SER D 252 65.64 62.97 72.91
CA SER D 252 65.07 62.18 74.00
C SER D 252 64.48 60.92 73.42
N CYS D 253 64.21 59.95 74.28
CA CYS D 253 63.67 58.68 73.81
C CYS D 253 62.16 58.60 73.79
N GLY D 254 61.51 59.76 73.85
CA GLY D 254 60.08 59.83 73.80
C GLY D 254 59.71 61.09 73.04
N PRO D 255 58.78 61.02 72.10
CA PRO D 255 58.36 62.18 71.30
C PRO D 255 58.85 63.58 71.67
N VAL D 256 59.66 64.16 70.79
CA VAL D 256 60.16 65.52 70.97
C VAL D 256 59.01 66.28 70.35
N SER D 257 58.39 67.16 71.14
CA SER D 257 57.21 67.92 70.70
C SER D 257 57.50 69.21 69.96
N SER D 258 58.64 69.81 70.26
CA SER D 258 59.01 71.07 69.60
C SER D 258 59.21 70.94 68.09
N ASN D 259 58.14 71.29 67.37
CA ASN D 259 58.12 71.28 65.91
C ASN D 259 57.74 69.95 65.26
N GLY D 260 57.73 68.88 66.03
CA GLY D 260 57.43 67.58 65.46
C GLY D 260 55.95 67.27 65.27
N ALA D 261 55.14 68.30 65.07
CA ALA D 261 53.73 68.06 64.89
C ALA D 261 53.29 67.85 63.45
N TYR D 262 54.07 67.10 62.68
CA TYR D 262 53.71 66.79 61.29
C TYR D 262 54.75 65.76 60.83
N GLY D 263 55.30 65.87 59.63
CA GLY D 263 56.31 64.88 59.25
C GLY D 263 56.56 64.49 57.81
N VAL D 264 57.39 63.47 57.66
CA VAL D 264 57.76 62.91 56.36
C VAL D 264 58.26 61.49 56.57
N LYS D 265 57.92 60.59 55.65
CA LYS D 265 58.37 59.21 55.78
C LYS D 265 59.89 59.18 55.70
N GLY D 266 60.50 58.41 56.59
CA GLY D 266 61.94 58.30 56.61
C GLY D 266 62.38 56.97 57.16
N PHE D 267 63.67 56.78 57.27
CA PHE D 267 64.19 55.53 57.78
C PHE D 267 65.41 55.87 58.62
N SER D 268 66.01 54.82 59.17
CA SER D 268 67.22 54.92 59.96
C SER D 268 67.67 53.48 60.13
N PHE D 269 68.97 53.27 60.18
CA PHE D 269 69.49 51.92 60.38
C PHE D 269 70.22 51.86 61.70
N LYS D 270 69.85 50.88 62.50
CA LYS D 270 70.44 50.71 63.81
C LYS D 270 71.68 49.81 63.77
N TYR D 271 72.76 50.29 64.39
CA TYR D 271 74.02 49.55 64.48
C TYR D 271 74.45 49.62 65.95
N GLY D 272 74.25 48.53 66.68
CA GLY D 272 74.59 48.56 68.09
C GLY D 272 73.76 49.67 68.69
N ASN D 273 74.40 50.64 69.34
CA ASN D 273 73.68 51.76 69.92
C ASN D 273 73.73 52.99 69.03
N GLY D 274 74.34 52.83 67.86
CA GLY D 274 74.43 53.95 66.95
C GLY D 274 73.32 53.97 65.94
N VAL D 275 73.31 55.00 65.12
CA VAL D 275 72.31 55.10 64.09
C VAL D 275 72.82 55.78 62.85
N TRP D 276 72.36 55.30 61.71
CA TRP D 276 72.65 55.91 60.45
C TRP D 276 71.29 56.58 60.20
N ILE D 277 71.27 57.90 60.24
CA ILE D 277 70.04 58.65 60.03
C ILE D 277 70.03 59.32 58.68
N GLY D 278 68.96 59.12 57.93
CA GLY D 278 68.83 59.79 56.65
C GLY D 278 67.82 60.87 57.00
N ARG D 279 67.96 62.07 56.42
CA ARG D 279 67.01 63.13 56.71
C ARG D 279 67.16 64.29 55.74
N THR D 280 66.17 65.17 55.75
CA THR D 280 66.21 66.35 54.89
C THR D 280 67.21 67.30 55.50
N LYS D 281 67.84 68.14 54.69
CA LYS D 281 68.79 69.09 55.24
C LYS D 281 68.05 70.26 55.89
N SER D 282 66.91 70.64 55.32
CA SER D 282 66.12 71.73 55.88
C SER D 282 65.35 71.24 57.11
N THR D 283 64.96 72.17 57.99
CA THR D 283 64.19 71.82 59.17
C THR D 283 62.71 72.11 58.97
N ASN D 284 62.38 72.77 57.86
CA ASN D 284 61.00 73.14 57.57
C ASN D 284 60.44 72.54 56.29
N SER D 285 61.30 72.38 55.28
CA SER D 285 60.87 71.83 53.99
C SER D 285 61.41 70.44 53.72
N ARG D 286 60.85 69.82 52.68
CA ARG D 286 61.29 68.52 52.23
C ARG D 286 62.33 68.84 51.16
N SER D 287 63.35 69.58 51.58
CA SER D 287 64.42 69.96 50.68
C SER D 287 65.77 69.45 51.20
N GLY D 288 66.57 68.96 50.27
CA GLY D 288 67.88 68.42 50.62
C GLY D 288 67.78 67.07 51.31
N PHE D 289 68.90 66.39 51.40
CA PHE D 289 68.93 65.10 52.07
C PHE D 289 70.37 64.75 52.39
N GLU D 290 70.58 64.11 53.53
CA GLU D 290 71.92 63.77 53.94
C GLU D 290 71.90 62.53 54.82
N MET D 291 73.01 61.83 54.89
CA MET D 291 73.10 60.65 55.73
C MET D 291 73.97 61.02 56.91
N ILE D 292 73.52 60.72 58.12
CA ILE D 292 74.31 61.04 59.31
C ILE D 292 74.57 59.80 60.15
N TRP D 293 75.83 59.60 60.48
CA TRP D 293 76.21 58.47 61.29
C TRP D 293 76.51 58.97 62.71
N ASP D 294 75.56 58.75 63.60
CA ASP D 294 75.71 59.14 64.99
C ASP D 294 76.01 57.85 65.74
N PRO D 295 77.28 57.55 65.96
CA PRO D 295 77.51 56.29 66.67
C PRO D 295 76.85 56.40 68.03
N ASN D 296 76.09 55.40 68.41
CA ASN D 296 75.45 55.46 69.70
C ASN D 296 74.69 56.76 69.91
N GLY D 297 73.59 56.88 69.14
CA GLY D 297 72.69 58.01 69.15
C GLY D 297 71.28 57.44 69.06
N TRP D 298 71.23 56.12 69.11
CA TRP D 298 69.96 55.41 69.06
C TRP D 298 69.42 55.38 70.48
N THR D 299 70.34 55.37 71.43
CA THR D 299 70.02 55.33 72.86
C THR D 299 70.48 56.59 73.61
N GLU D 300 71.45 57.29 73.05
CA GLU D 300 71.96 58.48 73.71
C GLU D 300 71.44 59.75 73.10
N THR D 301 71.44 60.82 73.89
CA THR D 301 70.97 62.11 73.45
C THR D 301 72.14 63.08 73.28
N ASP D 302 72.40 63.50 72.05
CA ASP D 302 73.47 64.45 71.78
C ASP D 302 73.05 65.31 70.62
N SER D 303 74.04 65.88 69.94
CA SER D 303 73.79 66.71 68.78
C SER D 303 74.99 66.33 67.93
N SER D 304 75.95 65.69 68.59
CA SER D 304 77.17 65.27 67.93
C SER D 304 77.05 63.89 67.34
N PHE D 305 77.77 63.71 66.24
CA PHE D 305 77.83 62.48 65.47
C PHE D 305 79.21 62.55 64.83
N SER D 306 79.59 61.54 64.05
CA SER D 306 80.92 61.56 63.47
C SER D 306 81.02 61.70 61.94
N VAL D 307 80.00 61.29 61.21
CA VAL D 307 80.05 61.39 59.76
C VAL D 307 78.76 61.90 59.13
N LYS D 308 78.92 62.78 58.15
CA LYS D 308 77.79 63.35 57.44
C LYS D 308 78.05 63.17 55.95
N GLN D 309 77.20 62.41 55.28
CA GLN D 309 77.37 62.23 53.84
C GLN D 309 76.22 62.90 53.06
N ASP D 310 76.53 63.99 52.38
CA ASP D 310 75.53 64.72 51.59
C ASP D 310 74.95 63.87 50.48
N ILE D 311 73.68 64.09 50.16
CA ILE D 311 73.02 63.34 49.12
C ILE D 311 72.26 64.28 48.18
N VAL D 312 71.56 65.24 48.77
CA VAL D 312 70.85 66.23 47.98
C VAL D 312 71.01 67.60 48.66
N ALA D 313 71.51 68.58 47.91
CA ALA D 313 71.74 69.91 48.44
C ALA D 313 70.46 70.56 48.97
N ILE D 314 70.61 71.42 49.98
CA ILE D 314 69.48 72.10 50.61
C ILE D 314 68.74 72.91 49.57
N THR D 315 69.41 73.23 48.47
CA THR D 315 68.81 74.04 47.43
C THR D 315 67.89 73.27 46.52
N ASP D 316 67.88 71.94 46.65
CA ASP D 316 67.03 71.11 45.81
C ASP D 316 66.02 70.35 46.65
N TRP D 317 64.86 70.06 46.07
CA TRP D 317 63.80 69.36 46.79
C TRP D 317 64.05 67.88 46.97
N SER D 318 63.53 67.34 48.07
CA SER D 318 63.63 65.91 48.36
C SER D 318 62.21 65.48 48.73
N GLY D 319 62.06 64.65 49.75
CA GLY D 319 60.73 64.20 50.12
C GLY D 319 60.76 62.92 50.95
N TYR D 320 59.96 61.95 50.57
CA TYR D 320 59.92 60.68 51.28
C TYR D 320 61.22 59.93 51.05
N SER D 321 61.59 59.07 51.98
CA SER D 321 62.78 58.26 51.81
C SER D 321 62.46 57.01 52.59
N GLY D 322 62.97 55.89 52.11
CA GLY D 322 62.69 54.64 52.79
C GLY D 322 63.88 53.74 52.66
N SER D 323 63.88 52.69 53.47
CA SER D 323 64.98 51.75 53.43
C SER D 323 64.57 50.54 52.65
N PHE D 324 65.55 49.87 52.06
CA PHE D 324 65.27 48.63 51.40
C PHE D 324 66.48 47.77 51.59
N VAL D 325 66.29 46.44 51.52
CA VAL D 325 67.28 45.39 51.77
C VAL D 325 67.68 44.57 50.55
N GLN D 326 68.95 44.29 50.56
CA GLN D 326 69.53 43.24 49.72
C GLN D 326 69.91 42.02 50.56
N HIS D 327 69.27 40.92 50.39
CA HIS D 327 69.59 39.68 51.07
C HIS D 327 70.78 38.93 50.48
N PRO D 328 71.51 38.20 51.33
CA PRO D 328 72.66 37.44 50.84
C PRO D 328 72.32 36.52 49.68
N GLU D 329 71.07 36.10 49.60
CA GLU D 329 70.62 35.19 48.57
C GLU D 329 70.58 35.83 47.18
N LEU D 330 70.63 37.14 47.19
CA LEU D 330 70.63 37.96 45.97
C LEU D 330 72.06 38.44 45.72
N THR D 331 72.76 38.72 46.81
CA THR D 331 74.12 39.26 46.76
C THR D 331 75.26 38.25 46.77
N GLY D 332 75.10 37.18 47.53
CA GLY D 332 76.17 36.21 47.64
C GLY D 332 76.92 36.59 48.91
N LEU D 333 76.65 37.79 49.40
CA LEU D 333 77.26 38.30 50.63
C LEU D 333 76.88 37.39 51.79
N ASP D 334 77.47 37.65 52.95
CA ASP D 334 77.19 36.85 54.13
C ASP D 334 76.55 37.75 55.19
N CYS D 335 75.92 38.82 54.70
CA CYS D 335 75.25 39.80 55.54
C CYS D 335 74.13 40.44 54.72
N ILE D 336 73.35 41.29 55.37
CA ILE D 336 72.25 41.96 54.71
C ILE D 336 72.68 43.39 54.40
N ARG D 337 72.40 43.81 53.17
CA ARG D 337 72.76 45.14 52.69
C ARG D 337 71.77 46.24 53.02
N PRO D 338 72.20 47.22 53.80
CA PRO D 338 71.20 48.25 54.05
C PRO D 338 71.30 49.19 52.84
N CYS D 339 70.16 49.60 52.29
CA CYS D 339 70.13 50.52 51.15
C CYS D 339 68.97 51.46 51.41
N PHE D 340 68.87 52.53 50.64
CA PHE D 340 67.75 53.43 50.83
C PHE D 340 67.44 54.16 49.55
N TRP D 341 66.21 54.63 49.44
CA TRP D 341 65.79 55.38 48.26
C TRP D 341 65.24 56.72 48.74
N VAL D 342 65.41 57.74 47.91
CA VAL D 342 64.90 59.06 48.25
C VAL D 342 63.96 59.52 47.15
N GLU D 343 62.84 60.12 47.55
CA GLU D 343 61.85 60.63 46.63
C GLU D 343 62.11 62.13 46.46
N LEU D 344 62.29 62.57 45.22
CA LEU D 344 62.53 63.99 44.98
C LEU D 344 61.22 64.55 44.47
N ILE D 345 60.46 65.17 45.38
CA ILE D 345 59.15 65.70 45.02
C ILE D 345 59.18 67.04 44.29
N ARG D 346 58.45 67.11 43.17
CA ARG D 346 58.37 68.34 42.39
C ARG D 346 56.92 68.76 42.21
N GLY D 347 56.71 70.06 42.09
CA GLY D 347 55.37 70.57 41.90
C GLY D 347 54.74 71.10 43.16
N ARG D 348 53.45 70.85 43.31
CA ARG D 348 52.71 71.30 44.48
C ARG D 348 53.13 70.51 45.71
N PRO D 349 53.00 71.14 46.89
CA PRO D 349 52.51 72.51 47.03
C PRO D 349 53.58 73.58 46.91
N LYS D 350 54.85 73.19 46.95
CA LYS D 350 55.95 74.16 46.89
C LYS D 350 56.18 74.89 45.57
N GLU D 351 55.81 74.28 44.45
CA GLU D 351 56.02 74.92 43.17
C GLU D 351 54.72 75.28 42.46
N SER D 352 54.77 76.33 41.65
CA SER D 352 53.58 76.78 40.96
C SER D 352 53.22 75.93 39.74
N THR D 353 52.65 74.75 40.02
CA THR D 353 52.22 73.83 38.97
C THR D 353 50.86 73.30 39.38
N ILE D 354 50.25 72.46 38.55
CA ILE D 354 48.94 71.89 38.87
C ILE D 354 49.12 70.44 39.32
N TRP D 355 50.35 69.95 39.25
CA TRP D 355 50.61 68.57 39.61
C TRP D 355 51.71 68.40 40.65
N THR D 356 51.88 67.15 41.07
CA THR D 356 52.91 66.79 42.02
C THR D 356 53.34 65.37 41.73
N SER D 357 54.63 65.17 41.50
CA SER D 357 55.17 63.83 41.24
C SER D 357 56.55 63.76 41.85
N GLY D 358 57.24 62.63 41.71
CA GLY D 358 58.57 62.51 42.28
C GLY D 358 59.53 61.64 41.53
N SER D 359 60.82 61.94 41.62
CA SER D 359 61.88 61.15 40.99
C SER D 359 62.50 60.35 42.12
N SER D 360 63.31 59.36 41.79
CA SER D 360 63.92 58.58 42.84
C SER D 360 65.40 58.41 42.60
N ILE D 361 66.12 58.25 43.71
CA ILE D 361 67.55 58.00 43.71
C ILE D 361 67.68 57.01 44.84
N SER D 362 68.65 56.11 44.76
CA SER D 362 68.82 55.12 45.81
C SER D 362 70.30 54.90 46.02
N PHE D 363 70.66 54.50 47.24
CA PHE D 363 72.05 54.25 47.58
C PHE D 363 72.14 52.95 48.35
N CYS D 364 73.33 52.35 48.39
CA CYS D 364 73.52 51.13 49.13
C CYS D 364 74.72 51.16 50.07
N GLY D 365 74.61 50.40 51.15
CA GLY D 365 75.62 50.26 52.19
C GLY D 365 77.07 50.38 51.77
N VAL D 366 77.78 49.27 51.62
CA VAL D 366 79.19 49.35 51.19
C VAL D 366 80.26 49.70 52.25
N ASN D 367 81.36 48.95 52.21
CA ASN D 367 82.53 49.10 53.08
C ASN D 367 83.49 50.14 52.52
N SER D 368 83.81 50.03 51.23
CA SER D 368 84.71 50.93 50.53
C SER D 368 84.24 52.36 50.73
N ASP D 369 84.99 53.36 50.28
CA ASP D 369 84.47 54.69 50.55
C ASP D 369 83.58 55.27 49.48
N THR D 370 82.91 56.35 49.86
CA THR D 370 82.00 57.03 48.97
C THR D 370 82.33 58.49 48.99
N VAL D 371 81.37 59.29 48.57
CA VAL D 371 81.54 60.71 48.56
C VAL D 371 80.17 61.30 48.69
N GLY D 372 80.11 62.51 49.22
CA GLY D 372 78.85 63.19 49.33
C GLY D 372 78.79 64.00 48.07
N TRP D 373 77.57 64.38 47.69
CA TRP D 373 77.37 65.19 46.50
C TRP D 373 75.90 65.53 46.47
N SER D 374 75.40 65.95 45.32
CA SER D 374 73.99 66.28 45.22
C SER D 374 73.44 65.66 43.95
N TRP D 375 72.46 64.80 44.14
CA TRP D 375 71.78 64.13 43.04
C TRP D 375 70.31 64.55 43.10
N PRO D 376 70.00 65.81 42.74
CA PRO D 376 68.64 66.31 42.75
C PRO D 376 67.82 65.78 41.58
N ASP D 377 66.56 66.18 41.50
CA ASP D 377 65.66 65.76 40.45
C ASP D 377 66.10 66.31 39.08
N GLY D 378 66.39 67.60 39.03
CA GLY D 378 66.85 68.21 37.81
C GLY D 378 65.83 68.62 36.76
N ALA D 379 64.56 68.71 37.13
CA ALA D 379 63.56 69.10 36.13
C ALA D 379 63.32 70.60 36.19
N GLU D 380 63.13 71.20 35.01
CA GLU D 380 62.85 72.63 34.90
C GLU D 380 61.34 72.85 34.93
N LEU D 381 60.84 73.40 36.03
CA LEU D 381 59.41 73.68 36.13
C LEU D 381 59.18 75.17 35.89
N PRO D 382 57.96 75.55 35.50
CA PRO D 382 56.80 74.66 35.34
C PRO D 382 56.85 73.99 33.97
N PHE D 383 55.98 73.01 33.75
CA PHE D 383 55.93 72.31 32.47
C PHE D 383 54.92 72.98 31.58
N THR D 384 54.77 72.43 30.37
CA THR D 384 53.81 72.95 29.42
C THR D 384 52.47 72.96 30.16
N ILE D 385 52.51 72.38 31.35
CA ILE D 385 51.35 72.29 32.23
C ILE D 385 50.49 71.15 31.75
N VAL E 1 -65.29 -45.63 -52.83
CA VAL E 1 -66.31 -45.48 -53.91
C VAL E 1 -67.55 -44.76 -53.38
N LYS E 2 -68.04 -43.80 -54.16
CA LYS E 2 -69.20 -43.00 -53.79
C LYS E 2 -70.50 -43.78 -53.59
N LEU E 3 -71.12 -43.54 -52.45
CA LEU E 3 -72.38 -44.16 -52.05
C LEU E 3 -73.48 -43.90 -53.07
N ALA E 4 -74.00 -44.96 -53.68
CA ALA E 4 -75.08 -44.78 -54.64
C ALA E 4 -76.35 -44.71 -53.81
N GLY E 5 -77.25 -43.81 -54.17
CA GLY E 5 -78.48 -43.72 -53.41
C GLY E 5 -79.67 -43.93 -54.32
N ASN E 6 -79.54 -44.81 -55.31
CA ASN E 6 -80.61 -45.06 -56.26
C ASN E 6 -81.68 -46.07 -55.85
N SER E 7 -81.40 -46.94 -54.88
CA SER E 7 -82.39 -47.94 -54.47
C SER E 7 -83.47 -47.28 -53.59
N SER E 8 -84.53 -48.02 -53.30
CA SER E 8 -85.62 -47.51 -52.48
C SER E 8 -85.54 -48.05 -51.06
N LEU E 9 -86.27 -47.43 -50.14
CA LEU E 9 -86.28 -47.90 -48.75
C LEU E 9 -86.77 -49.34 -48.76
N CYS E 10 -86.19 -50.17 -47.90
CA CYS E 10 -86.59 -51.57 -47.83
C CYS E 10 -88.00 -51.66 -47.25
N PRO E 11 -88.79 -52.65 -47.68
CA PRO E 11 -90.14 -52.80 -47.15
C PRO E 11 -89.95 -53.39 -45.75
N ILE E 12 -90.68 -52.88 -44.77
CA ILE E 12 -90.51 -53.36 -43.41
C ILE E 12 -91.82 -53.73 -42.73
N ASN E 13 -91.71 -54.32 -41.55
CA ASN E 13 -92.90 -54.70 -40.80
C ASN E 13 -92.84 -54.12 -39.40
N GLY E 14 -91.63 -53.96 -38.90
CA GLY E 14 -91.48 -53.43 -37.57
C GLY E 14 -90.09 -52.86 -37.37
N TRP E 15 -89.69 -52.69 -36.12
CA TRP E 15 -88.39 -52.13 -35.84
C TRP E 15 -87.69 -52.97 -34.77
N ALA E 16 -86.42 -53.27 -35.00
CA ALA E 16 -85.65 -54.07 -34.07
C ALA E 16 -84.67 -53.19 -33.33
N VAL E 17 -84.50 -53.42 -32.02
CA VAL E 17 -83.56 -52.63 -31.24
C VAL E 17 -82.18 -52.79 -31.84
N TYR E 18 -81.47 -51.69 -31.93
CA TYR E 18 -80.13 -51.69 -32.50
C TYR E 18 -79.09 -51.32 -31.47
N SER E 19 -79.37 -50.30 -30.67
CA SER E 19 -78.41 -49.88 -29.66
C SER E 19 -79.05 -49.16 -28.49
N LYS E 20 -78.28 -49.07 -27.42
CA LYS E 20 -78.68 -48.37 -26.21
C LYS E 20 -77.34 -48.06 -25.57
N ASP E 21 -77.08 -46.80 -25.27
CA ASP E 21 -75.80 -46.43 -24.69
C ASP E 21 -75.76 -46.41 -23.17
N ASN E 22 -76.89 -46.14 -22.53
CA ASN E 22 -76.95 -46.08 -21.07
C ASN E 22 -75.92 -45.04 -20.56
N SER E 23 -75.54 -44.11 -21.44
CA SER E 23 -74.54 -43.10 -21.10
C SER E 23 -74.81 -42.31 -19.82
N ILE E 24 -76.07 -42.06 -19.50
CA ILE E 24 -76.37 -41.31 -18.29
C ILE E 24 -76.24 -42.21 -17.05
N ARG E 25 -76.58 -43.49 -17.18
CA ARG E 25 -76.46 -44.42 -16.06
C ARG E 25 -74.98 -44.61 -15.76
N ILE E 26 -74.22 -44.84 -16.82
CA ILE E 26 -72.78 -45.04 -16.72
C ILE E 26 -72.05 -43.79 -16.23
N GLY E 27 -72.54 -42.63 -16.65
CA GLY E 27 -71.92 -41.37 -16.26
C GLY E 27 -72.02 -41.03 -14.79
N SER E 28 -72.92 -41.72 -14.07
CA SER E 28 -73.08 -41.46 -12.66
C SER E 28 -71.75 -41.59 -11.95
N LYS E 29 -70.82 -42.36 -12.54
CA LYS E 29 -69.49 -42.54 -11.97
C LYS E 29 -68.42 -42.44 -13.05
N GLY E 30 -68.79 -42.78 -14.27
CA GLY E 30 -67.84 -42.74 -15.37
C GLY E 30 -67.62 -41.35 -15.92
N ASP E 31 -66.63 -41.21 -16.79
CA ASP E 31 -66.34 -39.91 -17.37
C ASP E 31 -67.06 -39.81 -18.71
N VAL E 32 -68.36 -39.52 -18.62
CA VAL E 32 -69.23 -39.39 -19.78
C VAL E 32 -69.56 -37.91 -20.01
N PHE E 33 -69.68 -37.52 -21.27
CA PHE E 33 -70.01 -36.16 -21.64
C PHE E 33 -71.51 -35.90 -21.48
N VAL E 34 -71.87 -34.73 -20.97
CA VAL E 34 -73.28 -34.38 -20.86
C VAL E 34 -73.55 -34.02 -22.32
N ILE E 35 -74.61 -34.56 -22.92
CA ILE E 35 -74.85 -34.30 -24.34
C ILE E 35 -76.30 -34.07 -24.73
N ARG E 36 -76.49 -33.63 -25.97
CA ARG E 36 -77.81 -33.39 -26.54
C ARG E 36 -77.81 -33.87 -28.00
N GLU E 37 -78.99 -34.18 -28.52
CA GLU E 37 -79.15 -34.66 -29.89
C GLU E 37 -78.06 -35.61 -30.36
N PRO E 38 -78.08 -36.85 -29.86
CA PRO E 38 -77.09 -37.85 -30.23
C PRO E 38 -77.51 -38.61 -31.49
N PHE E 39 -77.44 -37.96 -32.64
CA PHE E 39 -77.83 -38.61 -33.89
C PHE E 39 -76.79 -39.58 -34.45
N ILE E 40 -77.28 -40.67 -35.04
CA ILE E 40 -76.42 -41.67 -35.62
C ILE E 40 -76.33 -41.49 -37.14
N SER E 41 -75.15 -41.77 -37.70
CA SER E 41 -74.95 -41.68 -39.13
C SER E 41 -73.97 -42.78 -39.45
N CYS E 42 -74.17 -43.48 -40.55
CA CYS E 42 -73.27 -44.58 -40.88
C CYS E 42 -72.46 -44.31 -42.11
N SER E 43 -71.34 -45.01 -42.24
CA SER E 43 -70.48 -44.89 -43.40
C SER E 43 -70.72 -46.17 -44.19
N HIS E 44 -69.75 -46.57 -45.00
CA HIS E 44 -69.89 -47.80 -45.79
C HIS E 44 -69.07 -48.85 -45.07
N LEU E 45 -68.91 -48.67 -43.77
CA LEU E 45 -68.11 -49.58 -42.97
C LEU E 45 -68.54 -49.60 -41.51
N GLU E 46 -69.10 -48.49 -41.03
CA GLU E 46 -69.52 -48.43 -39.64
C GLU E 46 -70.57 -47.35 -39.39
N CYS E 47 -71.12 -47.39 -38.19
CA CYS E 47 -72.11 -46.41 -37.78
C CYS E 47 -71.55 -45.73 -36.55
N ARG E 48 -71.66 -44.41 -36.52
CA ARG E 48 -71.15 -43.64 -35.40
C ARG E 48 -72.27 -42.76 -34.85
N THR E 49 -72.14 -42.39 -33.58
CA THR E 49 -73.12 -41.53 -32.93
C THR E 49 -72.51 -40.14 -32.76
N PHE E 50 -73.08 -39.14 -33.41
CA PHE E 50 -72.60 -37.78 -33.27
C PHE E 50 -73.42 -37.11 -32.18
N PHE E 51 -72.88 -36.03 -31.63
CA PHE E 51 -73.58 -35.32 -30.56
C PHE E 51 -72.92 -33.98 -30.26
N LEU E 52 -73.60 -33.18 -29.47
CA LEU E 52 -73.08 -31.88 -29.08
C LEU E 52 -72.87 -31.91 -27.57
N THR E 53 -71.69 -31.46 -27.15
CA THR E 53 -71.34 -31.42 -25.74
C THR E 53 -70.98 -29.99 -25.36
N GLN E 54 -71.26 -29.65 -24.11
CA GLN E 54 -70.93 -28.33 -23.58
C GLN E 54 -69.50 -28.42 -23.07
N GLY E 55 -68.85 -29.54 -23.35
CA GLY E 55 -67.49 -29.73 -22.90
C GLY E 55 -67.45 -30.05 -21.41
N ALA E 56 -68.51 -30.66 -20.91
CA ALA E 56 -68.57 -31.01 -19.50
C ALA E 56 -68.89 -32.49 -19.35
N LEU E 57 -68.70 -33.01 -18.15
CA LEU E 57 -68.99 -34.41 -17.88
C LEU E 57 -70.08 -34.50 -16.83
N LEU E 58 -70.80 -35.62 -16.82
CA LEU E 58 -71.88 -35.82 -15.87
C LEU E 58 -71.33 -35.81 -14.44
N ASN E 59 -72.16 -35.39 -13.50
CA ASN E 59 -71.79 -35.32 -12.11
C ASN E 59 -70.58 -34.41 -11.83
N ASP E 60 -70.42 -33.38 -12.65
CA ASP E 60 -69.35 -32.40 -12.47
C ASP E 60 -69.95 -30.99 -12.58
N LYS E 61 -69.50 -30.09 -11.72
CA LYS E 61 -70.02 -28.73 -11.72
C LYS E 61 -70.22 -28.07 -13.08
N HIS E 62 -69.31 -28.34 -14.02
CA HIS E 62 -69.41 -27.75 -15.35
C HIS E 62 -70.62 -28.19 -16.15
N SER E 63 -71.41 -29.10 -15.58
CA SER E 63 -72.62 -29.58 -16.24
C SER E 63 -73.79 -28.66 -15.86
N ASN E 64 -73.49 -27.61 -15.08
CA ASN E 64 -74.49 -26.65 -14.59
C ASN E 64 -75.63 -26.36 -15.55
N GLY E 65 -75.36 -26.33 -16.85
CA GLY E 65 -76.43 -26.12 -17.82
C GLY E 65 -77.29 -24.86 -17.80
N THR E 66 -76.96 -23.88 -16.97
CA THR E 66 -77.73 -22.63 -16.95
C THR E 66 -77.21 -21.78 -18.12
N VAL E 67 -76.12 -22.27 -18.70
CA VAL E 67 -75.47 -21.62 -19.84
C VAL E 67 -76.35 -21.70 -21.10
N LYS E 68 -76.26 -20.66 -21.93
CA LYS E 68 -77.01 -20.58 -23.17
C LYS E 68 -76.86 -21.85 -24.01
N ASP E 69 -77.93 -22.23 -24.71
CA ASP E 69 -77.91 -23.41 -25.57
C ASP E 69 -76.75 -23.27 -26.56
N ARG E 70 -76.67 -22.10 -27.18
CA ARG E 70 -75.63 -21.83 -28.16
C ARG E 70 -74.40 -21.17 -27.55
N SER E 71 -73.66 -21.93 -26.73
CA SER E 71 -72.45 -21.39 -26.12
C SER E 71 -71.28 -21.63 -27.05
N PRO E 72 -70.12 -21.00 -26.77
CA PRO E 72 -68.94 -21.15 -27.61
C PRO E 72 -68.12 -22.38 -27.22
N HIS E 73 -68.65 -23.19 -26.31
CA HIS E 73 -67.95 -24.40 -25.86
C HIS E 73 -68.57 -25.63 -26.50
N ARG E 74 -69.77 -25.47 -27.06
CA ARG E 74 -70.49 -26.55 -27.71
C ARG E 74 -69.67 -27.06 -28.90
N THR E 75 -69.36 -28.34 -28.91
CA THR E 75 -68.58 -28.90 -30.00
C THR E 75 -69.22 -30.19 -30.46
N LEU E 76 -69.03 -30.50 -31.74
CA LEU E 76 -69.57 -31.72 -32.34
C LEU E 76 -68.56 -32.84 -32.20
N MET E 77 -69.02 -33.98 -31.68
CA MET E 77 -68.16 -35.12 -31.52
C MET E 77 -68.87 -36.41 -31.91
N SER E 78 -68.09 -37.49 -32.05
CA SER E 78 -68.66 -38.77 -32.40
C SER E 78 -67.89 -39.93 -31.75
N CYS E 79 -68.61 -41.01 -31.49
CA CYS E 79 -68.07 -42.22 -30.87
C CYS E 79 -68.85 -43.39 -31.45
N PRO E 80 -68.25 -44.59 -31.49
CA PRO E 80 -68.97 -45.74 -32.04
C PRO E 80 -70.34 -45.96 -31.38
N VAL E 81 -71.34 -46.26 -32.21
CA VAL E 81 -72.71 -46.50 -31.74
C VAL E 81 -72.77 -47.43 -30.54
N GLY E 82 -73.62 -47.11 -29.57
CA GLY E 82 -73.76 -47.97 -28.41
C GLY E 82 -72.81 -47.69 -27.27
N GLU E 83 -71.77 -46.91 -27.52
CA GLU E 83 -70.81 -46.58 -26.48
C GLU E 83 -71.18 -45.25 -25.82
N ALA E 84 -70.94 -45.16 -24.52
CA ALA E 84 -71.23 -43.94 -23.77
C ALA E 84 -70.25 -42.88 -24.22
N PRO E 85 -70.75 -41.74 -24.74
CA PRO E 85 -69.85 -40.69 -25.17
C PRO E 85 -68.99 -40.17 -24.02
N SER E 86 -67.67 -40.30 -24.19
CA SER E 86 -66.71 -39.86 -23.17
C SER E 86 -65.47 -39.33 -23.87
N PRO E 87 -64.65 -38.54 -23.15
CA PRO E 87 -63.43 -37.99 -23.76
C PRO E 87 -62.39 -39.05 -24.04
N TYR E 88 -62.67 -40.27 -23.61
CA TYR E 88 -61.73 -41.37 -23.81
C TYR E 88 -62.01 -42.17 -25.07
N ASN E 89 -63.22 -42.07 -25.62
CA ASN E 89 -63.57 -42.82 -26.82
C ASN E 89 -64.22 -41.96 -27.91
N SER E 90 -64.33 -40.64 -27.64
CA SER E 90 -64.95 -39.72 -28.59
C SER E 90 -64.01 -38.88 -29.43
N ARG E 91 -64.24 -38.91 -30.75
CA ARG E 91 -63.44 -38.16 -31.71
C ARG E 91 -63.98 -36.73 -31.76
N PHE E 92 -63.09 -35.76 -31.98
CA PHE E 92 -63.52 -34.38 -32.08
C PHE E 92 -63.93 -34.12 -33.53
N GLU E 93 -65.15 -33.66 -33.73
CA GLU E 93 -65.61 -33.41 -35.10
C GLU E 93 -65.57 -31.94 -35.49
N SER E 94 -66.10 -31.06 -34.65
CA SER E 94 -66.11 -29.64 -35.00
C SER E 94 -66.65 -28.80 -33.86
N VAL E 95 -66.47 -27.49 -33.96
CA VAL E 95 -66.96 -26.59 -32.93
C VAL E 95 -68.31 -26.11 -33.43
N ALA E 96 -69.36 -26.35 -32.65
CA ALA E 96 -70.70 -25.97 -33.08
C ALA E 96 -71.79 -26.13 -32.03
N TRP E 97 -72.89 -25.41 -32.21
CA TRP E 97 -74.03 -25.49 -31.32
C TRP E 97 -75.25 -25.94 -32.09
N SER E 98 -74.98 -26.37 -33.31
CA SER E 98 -75.99 -26.89 -34.25
C SER E 98 -75.18 -27.66 -35.28
N ALA E 99 -75.65 -28.84 -35.68
CA ALA E 99 -74.87 -29.59 -36.65
C ALA E 99 -75.56 -30.74 -37.36
N SER E 100 -74.81 -31.33 -38.27
CA SER E 100 -75.25 -32.47 -39.05
C SER E 100 -73.97 -33.12 -39.59
N ALA E 101 -74.09 -34.33 -40.11
CA ALA E 101 -72.95 -35.05 -40.65
C ALA E 101 -73.49 -36.17 -41.52
N CYS E 102 -72.61 -36.74 -42.33
CA CYS E 102 -72.99 -37.84 -43.20
C CYS E 102 -71.78 -38.28 -44.01
N HIS E 103 -71.80 -39.53 -44.44
CA HIS E 103 -70.70 -40.09 -45.20
C HIS E 103 -71.18 -40.31 -46.62
N ASP E 104 -70.32 -40.02 -47.60
CA ASP E 104 -70.67 -40.20 -49.00
C ASP E 104 -70.15 -41.49 -49.60
N GLY E 105 -69.47 -42.28 -48.77
CA GLY E 105 -68.91 -43.54 -49.24
C GLY E 105 -67.40 -43.44 -49.29
N THR E 106 -66.90 -42.21 -49.21
CA THR E 106 -65.47 -41.93 -49.25
C THR E 106 -64.98 -41.35 -47.93
N SER E 107 -65.50 -40.18 -47.56
CA SER E 107 -65.11 -39.52 -46.34
C SER E 107 -66.29 -38.88 -45.63
N TRP E 108 -66.10 -38.60 -44.34
CA TRP E 108 -67.12 -37.98 -43.52
C TRP E 108 -67.25 -36.50 -43.80
N LEU E 109 -68.49 -36.03 -43.85
CA LEU E 109 -68.79 -34.62 -44.03
C LEU E 109 -69.45 -34.22 -42.73
N THR E 110 -68.94 -33.17 -42.10
CA THR E 110 -69.53 -32.68 -40.86
C THR E 110 -69.82 -31.20 -41.04
N ILE E 111 -70.97 -30.79 -40.51
CA ILE E 111 -71.42 -29.41 -40.60
C ILE E 111 -71.59 -28.87 -39.19
N GLY E 112 -70.70 -27.96 -38.81
CA GLY E 112 -70.77 -27.38 -37.48
C GLY E 112 -70.91 -25.87 -37.51
N ILE E 113 -72.05 -25.40 -37.00
CA ILE E 113 -72.36 -23.97 -36.94
C ILE E 113 -71.98 -23.43 -35.57
N SER E 114 -71.19 -22.37 -35.55
CA SER E 114 -70.79 -21.72 -34.32
C SER E 114 -70.76 -20.22 -34.60
N GLY E 115 -70.61 -19.42 -33.54
CA GLY E 115 -70.58 -17.98 -33.72
C GLY E 115 -71.76 -17.28 -33.07
N PRO E 116 -71.86 -15.95 -33.20
CA PRO E 116 -72.96 -15.17 -32.61
C PRO E 116 -74.29 -15.45 -33.31
N ASP E 117 -75.39 -15.16 -32.62
CA ASP E 117 -76.71 -15.38 -33.18
C ASP E 117 -76.99 -14.48 -34.39
N ASN E 118 -76.29 -13.34 -34.49
CA ASN E 118 -76.48 -12.42 -35.59
C ASN E 118 -75.52 -12.61 -36.76
N GLY E 119 -74.71 -13.66 -36.69
CA GLY E 119 -73.77 -13.92 -37.76
C GLY E 119 -73.13 -15.30 -37.71
N ALA E 120 -73.89 -16.28 -37.23
CA ALA E 120 -73.38 -17.64 -37.14
C ALA E 120 -72.85 -18.09 -38.50
N VAL E 121 -71.79 -18.89 -38.46
CA VAL E 121 -71.19 -19.40 -39.68
C VAL E 121 -71.06 -20.91 -39.54
N ALA E 122 -71.43 -21.63 -40.60
CA ALA E 122 -71.35 -23.08 -40.59
C ALA E 122 -70.03 -23.51 -41.24
N VAL E 123 -69.20 -24.23 -40.48
CA VAL E 123 -67.93 -24.71 -40.99
C VAL E 123 -68.10 -26.13 -41.51
N LEU E 124 -67.89 -26.32 -42.82
CA LEU E 124 -68.03 -27.64 -43.39
C LEU E 124 -66.67 -28.32 -43.47
N LYS E 125 -66.61 -29.58 -43.03
CA LYS E 125 -65.37 -30.34 -43.07
C LYS E 125 -65.53 -31.65 -43.86
N TYR E 126 -64.50 -31.98 -44.63
CA TYR E 126 -64.50 -33.22 -45.41
C TYR E 126 -63.28 -33.98 -44.96
N ASN E 127 -63.53 -35.10 -44.28
CA ASN E 127 -62.48 -35.92 -43.75
C ASN E 127 -61.71 -35.13 -42.70
N GLY E 128 -62.39 -34.20 -42.04
CA GLY E 128 -61.74 -33.41 -41.00
C GLY E 128 -61.06 -32.12 -41.40
N ILE E 129 -61.01 -31.79 -42.69
CA ILE E 129 -60.38 -30.53 -43.09
C ILE E 129 -61.44 -29.58 -43.61
N ILE E 130 -61.36 -28.31 -43.23
CA ILE E 130 -62.34 -27.34 -43.68
C ILE E 130 -62.36 -27.23 -45.19
N THR E 131 -63.55 -27.42 -45.76
CA THR E 131 -63.73 -27.39 -47.20
C THR E 131 -64.64 -26.26 -47.69
N ASP E 132 -65.36 -25.62 -46.77
CA ASP E 132 -66.23 -24.53 -47.15
C ASP E 132 -66.80 -23.85 -45.93
N THR E 133 -67.60 -22.82 -46.17
CA THR E 133 -68.21 -22.05 -45.10
C THR E 133 -69.53 -21.44 -45.57
N ILE E 134 -70.49 -21.32 -44.65
CA ILE E 134 -71.79 -20.78 -44.98
C ILE E 134 -72.25 -19.80 -43.91
N LYS E 135 -72.27 -18.52 -44.26
CA LYS E 135 -72.67 -17.47 -43.33
C LYS E 135 -74.17 -17.30 -43.23
N SER E 136 -74.62 -16.86 -42.06
CA SER E 136 -76.04 -16.62 -41.81
C SER E 136 -76.49 -15.57 -42.83
N TRP E 137 -77.65 -15.79 -43.45
CA TRP E 137 -78.14 -14.83 -44.42
C TRP E 137 -79.31 -13.99 -43.90
N ARG E 138 -79.74 -14.27 -42.67
CA ARG E 138 -80.82 -13.50 -42.05
C ARG E 138 -80.34 -13.02 -40.71
N ASN E 139 -79.08 -13.31 -40.41
CA ASN E 139 -78.50 -12.89 -39.15
C ASN E 139 -79.40 -13.21 -37.95
N ASN E 140 -80.13 -14.32 -38.01
CA ASN E 140 -80.98 -14.71 -36.90
C ASN E 140 -80.93 -16.22 -36.60
N ILE E 141 -79.83 -16.62 -35.94
CA ILE E 141 -79.60 -17.99 -35.51
C ILE E 141 -79.58 -19.04 -36.63
N LEU E 142 -78.56 -18.98 -37.48
CA LEU E 142 -78.45 -19.96 -38.54
C LEU E 142 -78.38 -21.33 -37.86
N ARG E 143 -79.24 -22.25 -38.27
CA ARG E 143 -79.25 -23.57 -37.66
C ARG E 143 -79.53 -24.68 -38.68
N THR E 144 -79.25 -25.93 -38.30
CA THR E 144 -79.46 -27.05 -39.21
C THR E 144 -80.06 -28.31 -38.56
N GLN E 145 -80.08 -29.39 -39.33
CA GLN E 145 -80.67 -30.68 -38.93
C GLN E 145 -80.59 -31.21 -37.51
N GLU E 146 -79.41 -31.19 -36.93
CA GLU E 146 -79.18 -31.74 -35.60
C GLU E 146 -79.28 -33.25 -35.80
N SER E 147 -78.95 -33.68 -37.02
CA SER E 147 -78.95 -35.09 -37.37
C SER E 147 -78.29 -35.34 -38.72
N GLU E 148 -78.27 -36.60 -39.12
CA GLU E 148 -77.66 -37.02 -40.36
C GLU E 148 -78.17 -36.32 -41.63
N CYS E 149 -77.25 -36.01 -42.55
CA CYS E 149 -77.64 -35.42 -43.83
C CYS E 149 -77.78 -36.58 -44.81
N ALA E 150 -78.15 -36.29 -46.06
CA ALA E 150 -78.31 -37.38 -47.01
C ALA E 150 -77.37 -37.24 -48.19
N CYS E 151 -76.76 -38.35 -48.58
CA CYS E 151 -75.87 -38.32 -49.72
C CYS E 151 -76.39 -39.23 -50.82
N VAL E 152 -76.29 -38.76 -52.06
CA VAL E 152 -76.74 -39.52 -53.21
C VAL E 152 -75.75 -39.33 -54.35
N ASN E 153 -75.52 -40.37 -55.14
CA ASN E 153 -74.63 -40.30 -56.29
C ASN E 153 -73.45 -39.34 -56.11
N GLY E 154 -72.87 -39.30 -54.91
CA GLY E 154 -71.72 -38.44 -54.65
C GLY E 154 -71.95 -37.06 -54.09
N SER E 155 -73.21 -36.69 -53.93
CA SER E 155 -73.57 -35.38 -53.40
C SER E 155 -74.27 -35.55 -52.05
N CYS E 156 -74.00 -34.64 -51.11
CA CYS E 156 -74.67 -34.72 -49.83
C CYS E 156 -75.56 -33.50 -49.67
N PHE E 157 -76.78 -33.73 -49.22
CA PHE E 157 -77.75 -32.66 -49.06
C PHE E 157 -78.16 -32.39 -47.62
N THR E 158 -78.25 -31.12 -47.27
CA THR E 158 -78.68 -30.73 -45.94
C THR E 158 -79.63 -29.54 -46.04
N VAL E 159 -80.36 -29.29 -44.95
CA VAL E 159 -81.30 -28.17 -44.90
C VAL E 159 -80.97 -27.28 -43.71
N MET E 160 -80.95 -25.97 -43.93
CA MET E 160 -80.66 -25.02 -42.87
C MET E 160 -81.74 -23.96 -42.77
N THR E 161 -81.91 -23.40 -41.58
CA THR E 161 -82.91 -22.38 -41.32
C THR E 161 -82.24 -21.16 -40.73
N ASP E 162 -82.80 -20.00 -41.05
CA ASP E 162 -82.28 -18.74 -40.57
C ASP E 162 -83.51 -17.83 -40.49
N GLY E 163 -83.79 -17.33 -39.30
CA GLY E 163 -84.95 -16.49 -39.14
C GLY E 163 -85.60 -16.80 -37.81
N PRO E 164 -86.74 -16.18 -37.51
CA PRO E 164 -87.40 -16.44 -36.23
C PRO E 164 -87.92 -17.86 -36.04
N SER E 165 -87.87 -18.34 -34.80
CA SER E 165 -88.37 -19.68 -34.50
C SER E 165 -89.87 -19.59 -34.26
N ASN E 166 -90.43 -18.40 -34.50
CA ASN E 166 -91.88 -18.14 -34.39
C ASN E 166 -92.41 -18.09 -35.82
N GLY E 167 -92.89 -16.90 -36.21
CA GLY E 167 -93.41 -16.73 -37.56
C GLY E 167 -92.46 -17.10 -38.68
N GLN E 168 -92.79 -16.67 -39.89
CA GLN E 168 -91.97 -16.94 -41.06
C GLN E 168 -90.47 -16.94 -40.82
N ALA E 169 -89.78 -17.86 -41.50
CA ALA E 169 -88.33 -17.95 -41.43
C ALA E 169 -87.91 -18.24 -42.86
N SER E 170 -86.60 -18.31 -43.08
CA SER E 170 -86.04 -18.57 -44.40
C SER E 170 -85.45 -19.98 -44.36
N TYR E 171 -85.80 -20.80 -45.36
CA TYR E 171 -85.30 -22.17 -45.41
C TYR E 171 -84.55 -22.41 -46.70
N LYS E 172 -83.36 -22.98 -46.56
CA LYS E 172 -82.52 -23.28 -47.70
C LYS E 172 -82.04 -24.73 -47.73
N ILE E 173 -82.00 -25.29 -48.93
CA ILE E 173 -81.56 -26.66 -49.17
C ILE E 173 -80.16 -26.55 -49.77
N PHE E 174 -79.21 -27.31 -49.23
CA PHE E 174 -77.86 -27.25 -49.78
C PHE E 174 -77.44 -28.57 -50.42
N LYS E 175 -76.59 -28.44 -51.44
CA LYS E 175 -76.04 -29.59 -52.14
C LYS E 175 -74.54 -29.33 -52.13
N MET E 176 -73.78 -30.28 -51.58
CA MET E 176 -72.35 -30.13 -51.52
C MET E 176 -71.62 -31.40 -51.90
N GLU E 177 -70.45 -31.22 -52.51
CA GLU E 177 -69.60 -32.31 -52.95
C GLU E 177 -68.21 -32.04 -52.37
N LYS E 178 -67.63 -33.08 -51.77
CA LYS E 178 -66.32 -32.96 -51.15
C LYS E 178 -66.32 -31.79 -50.16
N GLY E 179 -67.45 -31.63 -49.46
CA GLY E 179 -67.57 -30.58 -48.47
C GLY E 179 -67.68 -29.17 -49.00
N LYS E 180 -67.90 -29.03 -50.30
CA LYS E 180 -68.03 -27.71 -50.89
C LYS E 180 -69.42 -27.54 -51.46
N VAL E 181 -70.09 -26.45 -51.11
CA VAL E 181 -71.43 -26.18 -51.62
C VAL E 181 -71.32 -25.94 -53.12
N VAL E 182 -72.12 -26.64 -53.92
CA VAL E 182 -72.09 -26.45 -55.37
C VAL E 182 -73.39 -25.85 -55.85
N LYS E 183 -74.39 -25.85 -54.96
CA LYS E 183 -75.68 -25.27 -55.25
C LYS E 183 -76.56 -25.19 -54.01
N SER E 184 -77.43 -24.19 -53.99
CA SER E 184 -78.36 -23.99 -52.88
C SER E 184 -79.63 -23.36 -53.45
N VAL E 185 -80.75 -23.65 -52.80
CA VAL E 185 -82.04 -23.14 -53.23
C VAL E 185 -82.83 -22.75 -52.01
N GLU E 186 -83.41 -21.56 -52.02
CA GLU E 186 -84.22 -21.14 -50.88
C GLU E 186 -85.66 -21.55 -51.14
N LEU E 187 -86.23 -22.26 -50.19
CA LEU E 187 -87.60 -22.73 -50.33
C LEU E 187 -88.60 -21.60 -50.29
N ASP E 188 -89.48 -21.57 -51.28
CA ASP E 188 -90.53 -20.57 -51.34
C ASP E 188 -91.68 -21.24 -50.60
N ALA E 189 -91.66 -21.13 -49.27
CA ALA E 189 -92.68 -21.77 -48.44
C ALA E 189 -93.41 -20.84 -47.48
N PRO E 190 -94.15 -19.85 -48.01
CA PRO E 190 -94.86 -18.95 -47.12
C PRO E 190 -95.88 -19.75 -46.31
N ASN E 191 -95.85 -19.54 -45.00
CA ASN E 191 -96.77 -20.20 -44.07
C ASN E 191 -96.24 -21.55 -43.55
N TYR E 192 -95.02 -21.90 -43.96
CA TYR E 192 -94.40 -23.13 -43.51
C TYR E 192 -93.32 -22.76 -42.51
N HIS E 193 -92.92 -23.74 -41.71
CA HIS E 193 -91.84 -23.56 -40.76
C HIS E 193 -91.05 -24.85 -40.69
N TYR E 194 -89.76 -24.77 -40.95
CA TYR E 194 -88.90 -25.94 -40.93
C TYR E 194 -87.75 -25.77 -39.96
N GLU E 195 -87.50 -26.79 -39.15
CA GLU E 195 -86.40 -26.79 -38.19
C GLU E 195 -85.99 -28.21 -37.89
N GLU E 196 -84.72 -28.38 -37.55
CA GLU E 196 -84.16 -29.69 -37.21
C GLU E 196 -84.71 -30.81 -38.08
N CYS E 197 -84.43 -30.72 -39.38
CA CYS E 197 -84.91 -31.70 -40.34
C CYS E 197 -84.28 -33.09 -40.31
N SER E 198 -85.12 -34.10 -40.53
CA SER E 198 -84.68 -35.49 -40.59
C SER E 198 -84.74 -35.87 -42.07
N CYS E 199 -83.58 -35.92 -42.72
CA CYS E 199 -83.55 -36.26 -44.14
C CYS E 199 -82.98 -37.65 -44.41
N TYR E 200 -83.53 -38.31 -45.43
CA TYR E 200 -83.04 -39.62 -45.83
C TYR E 200 -83.13 -39.76 -47.35
N PRO E 201 -82.29 -40.63 -47.93
CA PRO E 201 -82.34 -40.81 -49.38
C PRO E 201 -83.30 -41.93 -49.73
N ASN E 202 -83.93 -41.83 -50.89
CA ASN E 202 -84.87 -42.84 -51.36
C ASN E 202 -84.98 -42.73 -52.87
N ALA E 203 -84.44 -43.70 -53.59
CA ALA E 203 -84.51 -43.69 -55.05
C ALA E 203 -84.00 -42.40 -55.67
N GLY E 204 -82.75 -42.05 -55.39
CA GLY E 204 -82.14 -40.87 -55.98
C GLY E 204 -82.57 -39.50 -55.47
N GLU E 205 -83.64 -39.44 -54.69
CA GLU E 205 -84.09 -38.17 -54.18
C GLU E 205 -84.04 -38.15 -52.65
N ILE E 206 -84.17 -36.96 -52.07
CA ILE E 206 -84.14 -36.83 -50.61
C ILE E 206 -85.49 -36.37 -50.09
N THR E 207 -85.84 -36.88 -48.92
CA THR E 207 -87.10 -36.52 -48.30
C THR E 207 -86.79 -36.16 -46.85
N CYS E 208 -87.31 -35.04 -46.39
CA CYS E 208 -87.06 -34.60 -45.02
C CYS E 208 -88.37 -34.31 -44.31
N VAL E 209 -88.54 -34.87 -43.11
CA VAL E 209 -89.72 -34.65 -42.29
C VAL E 209 -89.15 -33.77 -41.19
N CYS E 210 -89.65 -32.56 -41.06
CA CYS E 210 -89.08 -31.66 -40.06
C CYS E 210 -90.00 -31.24 -38.92
N ARG E 211 -89.59 -30.21 -38.22
CA ARG E 211 -90.33 -29.67 -37.09
C ARG E 211 -90.83 -28.26 -37.39
N ASP E 212 -92.12 -28.04 -37.18
CA ASP E 212 -92.74 -26.73 -37.37
C ASP E 212 -92.91 -26.21 -35.95
N ASN E 213 -92.02 -25.30 -35.58
CA ASN E 213 -92.01 -24.74 -34.25
C ASN E 213 -92.94 -23.54 -34.18
N TRP E 214 -93.41 -23.11 -35.35
CA TRP E 214 -94.28 -21.95 -35.46
C TRP E 214 -95.75 -22.23 -35.19
N HIS E 215 -96.39 -23.02 -36.04
CA HIS E 215 -97.80 -23.26 -35.81
C HIS E 215 -98.37 -24.54 -36.40
N GLY E 216 -97.59 -25.63 -36.30
CA GLY E 216 -98.04 -26.91 -36.81
C GLY E 216 -97.81 -28.07 -35.88
N SER E 217 -98.86 -28.86 -35.68
CA SER E 217 -98.83 -30.04 -34.82
C SER E 217 -98.33 -31.18 -35.69
N ASN E 218 -98.66 -31.14 -36.98
CA ASN E 218 -98.20 -32.16 -37.90
C ASN E 218 -96.83 -31.74 -38.38
N ARG E 219 -96.10 -32.64 -39.02
CA ARG E 219 -94.76 -32.31 -39.47
C ARG E 219 -94.68 -31.93 -40.93
N PRO E 220 -93.95 -30.83 -41.22
CA PRO E 220 -93.81 -30.39 -42.60
C PRO E 220 -92.72 -31.24 -43.26
N TRP E 221 -92.73 -31.28 -44.59
CA TRP E 221 -91.74 -32.06 -45.29
C TRP E 221 -91.23 -31.40 -46.55
N VAL E 222 -90.07 -31.83 -46.99
CA VAL E 222 -89.46 -31.33 -48.20
C VAL E 222 -88.81 -32.51 -48.87
N SER E 223 -89.04 -32.63 -50.18
CA SER E 223 -88.43 -33.69 -50.96
C SER E 223 -87.84 -32.99 -52.18
N PHE E 224 -86.65 -33.42 -52.59
CA PHE E 224 -86.04 -32.79 -53.75
C PHE E 224 -85.07 -33.71 -54.49
N ASN E 225 -84.82 -33.39 -55.76
CA ASN E 225 -83.91 -34.19 -56.57
C ASN E 225 -82.49 -33.62 -56.45
N GLN E 226 -81.53 -34.28 -57.06
CA GLN E 226 -80.14 -33.84 -56.99
C GLN E 226 -79.87 -32.46 -57.54
N ASN E 227 -80.86 -31.86 -58.19
CA ASN E 227 -80.71 -30.51 -58.73
C ASN E 227 -81.59 -29.52 -57.98
N LEU E 228 -81.81 -29.84 -56.70
CA LEU E 228 -82.60 -29.04 -55.79
C LEU E 228 -83.99 -28.61 -56.22
N GLU E 229 -84.57 -29.32 -57.18
CA GLU E 229 -85.93 -29.02 -57.61
C GLU E 229 -86.74 -29.75 -56.52
N TYR E 230 -87.62 -29.02 -55.83
CA TYR E 230 -88.34 -29.60 -54.71
C TYR E 230 -89.86 -29.48 -54.68
N GLN E 231 -90.43 -30.14 -53.68
CA GLN E 231 -91.86 -30.13 -53.42
C GLN E 231 -91.98 -30.02 -51.91
N ILE E 232 -93.05 -29.40 -51.43
CA ILE E 232 -93.24 -29.25 -49.99
C ILE E 232 -94.67 -29.49 -49.56
N GLY E 233 -94.87 -29.64 -48.25
CA GLY E 233 -96.19 -29.88 -47.71
C GLY E 233 -96.12 -30.33 -46.27
N TYR E 234 -97.20 -30.95 -45.80
CA TYR E 234 -97.30 -31.46 -44.44
C TYR E 234 -97.89 -32.87 -44.45
N ILE E 235 -97.49 -33.69 -43.47
CA ILE E 235 -98.04 -35.04 -43.39
C ILE E 235 -99.51 -34.81 -43.00
N CYS E 236 -100.43 -35.30 -43.82
CA CYS E 236 -101.84 -35.06 -43.58
C CYS E 236 -102.55 -35.94 -42.54
N SER E 237 -101.89 -36.99 -42.05
CA SER E 237 -102.51 -37.89 -41.07
C SER E 237 -102.97 -37.21 -39.79
N GLY E 238 -104.08 -37.69 -39.25
CA GLY E 238 -104.61 -37.14 -38.02
C GLY E 238 -103.81 -37.70 -36.87
N VAL E 239 -102.85 -38.56 -37.19
CA VAL E 239 -101.95 -39.13 -36.18
C VAL E 239 -100.83 -38.10 -36.18
N PHE E 240 -101.01 -37.04 -35.40
CA PHE E 240 -100.01 -35.97 -35.35
C PHE E 240 -98.70 -36.44 -34.75
N GLY E 241 -97.61 -36.03 -35.39
CA GLY E 241 -96.30 -36.46 -34.94
C GLY E 241 -95.43 -35.49 -34.20
N ASP E 242 -95.85 -34.25 -34.09
CA ASP E 242 -95.02 -33.30 -33.37
C ASP E 242 -95.36 -33.38 -31.89
N ASN E 243 -94.61 -32.64 -31.09
CA ASN E 243 -94.84 -32.59 -29.64
C ASN E 243 -94.47 -31.19 -29.23
N PRO E 244 -95.41 -30.46 -28.59
CA PRO E 244 -96.79 -30.85 -28.29
C PRO E 244 -97.68 -31.04 -29.49
N ARG E 245 -98.94 -31.39 -29.21
CA ARG E 245 -99.92 -31.62 -30.27
C ARG E 245 -101.25 -31.94 -29.63
N PRO E 246 -102.32 -31.96 -30.45
CA PRO E 246 -103.65 -32.28 -29.94
C PRO E 246 -103.87 -33.78 -30.05
N ASN E 247 -104.93 -34.27 -29.45
CA ASN E 247 -105.21 -35.69 -29.52
C ASN E 247 -105.51 -35.98 -30.98
N ASP E 248 -105.36 -37.23 -31.38
CA ASP E 248 -105.57 -37.55 -32.78
C ASP E 248 -107.00 -37.35 -33.25
N GLY E 249 -107.18 -36.30 -34.05
CA GLY E 249 -108.48 -35.98 -34.60
C GLY E 249 -108.40 -36.07 -36.12
N THR E 250 -108.63 -34.95 -36.79
CA THR E 250 -108.57 -34.90 -38.25
C THR E 250 -107.50 -33.90 -38.63
N GLY E 251 -106.51 -34.36 -39.38
CA GLY E 251 -105.43 -33.47 -39.78
C GLY E 251 -105.67 -32.76 -41.09
N SER E 252 -104.61 -32.18 -41.62
CA SER E 252 -104.70 -31.49 -42.90
C SER E 252 -103.32 -31.53 -43.50
N CYS E 253 -103.19 -31.00 -44.71
CA CYS E 253 -101.89 -31.00 -45.36
C CYS E 253 -101.30 -29.61 -45.28
N GLY E 254 -101.81 -28.83 -44.34
CA GLY E 254 -101.35 -27.48 -44.10
C GLY E 254 -101.36 -27.30 -42.60
N PRO E 255 -100.20 -27.09 -41.98
CA PRO E 255 -100.02 -26.91 -40.54
C PRO E 255 -101.28 -26.88 -39.70
N VAL E 256 -101.37 -27.84 -38.80
CA VAL E 256 -102.49 -27.93 -37.86
C VAL E 256 -102.03 -26.96 -36.78
N SER E 257 -102.79 -25.87 -36.60
CA SER E 257 -102.44 -24.84 -35.62
C SER E 257 -102.79 -25.19 -34.19
N SER E 258 -103.64 -26.19 -34.03
CA SER E 258 -104.06 -26.58 -32.68
C SER E 258 -102.99 -27.27 -31.86
N ASN E 259 -102.33 -26.46 -31.05
CA ASN E 259 -101.31 -26.93 -30.12
C ASN E 259 -99.89 -27.05 -30.64
N GLY E 260 -99.73 -27.02 -31.94
CA GLY E 260 -98.41 -27.16 -32.49
C GLY E 260 -97.67 -25.84 -32.56
N ALA E 261 -97.72 -25.06 -31.48
CA ALA E 261 -97.04 -23.77 -31.47
C ALA E 261 -95.62 -23.90 -30.97
N TYR E 262 -95.13 -25.14 -30.85
CA TYR E 262 -93.76 -25.37 -30.38
C TYR E 262 -93.34 -26.69 -31.04
N GLY E 263 -92.73 -27.61 -30.31
CA GLY E 263 -92.35 -28.86 -30.95
C GLY E 263 -91.12 -29.62 -30.50
N VAL E 264 -90.78 -30.65 -31.27
CA VAL E 264 -89.61 -31.49 -31.01
C VAL E 264 -89.08 -32.09 -32.31
N LYS E 265 -87.76 -32.22 -32.43
CA LYS E 265 -87.20 -32.82 -33.62
C LYS E 265 -87.80 -34.22 -33.74
N GLY E 266 -88.35 -34.53 -34.91
CA GLY E 266 -88.96 -35.82 -35.16
C GLY E 266 -88.68 -36.27 -36.58
N PHE E 267 -89.25 -37.40 -36.99
CA PHE E 267 -89.00 -37.90 -38.32
C PHE E 267 -90.19 -38.73 -38.79
N SER E 268 -90.07 -39.27 -39.98
CA SER E 268 -91.11 -40.11 -40.54
C SER E 268 -90.61 -40.71 -41.84
N PHE E 269 -91.05 -41.93 -42.15
CA PHE E 269 -90.63 -42.57 -43.37
C PHE E 269 -91.82 -42.80 -44.28
N LYS E 270 -91.79 -42.16 -45.44
CA LYS E 270 -92.88 -42.28 -46.41
C LYS E 270 -92.74 -43.51 -47.30
N TYR E 271 -93.81 -44.30 -47.37
CA TYR E 271 -93.83 -45.49 -48.21
C TYR E 271 -95.10 -45.42 -49.06
N GLY E 272 -95.01 -44.88 -50.27
CA GLY E 272 -96.19 -44.78 -51.10
C GLY E 272 -97.10 -43.71 -50.51
N ASN E 273 -98.29 -44.07 -50.09
CA ASN E 273 -99.17 -43.09 -49.49
C ASN E 273 -99.18 -43.25 -47.98
N GLY E 274 -98.38 -44.20 -47.49
CA GLY E 274 -98.32 -44.45 -46.07
C GLY E 274 -97.13 -43.79 -45.40
N VAL E 275 -97.15 -43.77 -44.08
CA VAL E 275 -96.06 -43.18 -43.32
C VAL E 275 -95.78 -44.01 -42.08
N TRP E 276 -94.53 -44.01 -41.68
CA TRP E 276 -94.13 -44.67 -40.45
C TRP E 276 -93.86 -43.45 -39.60
N ILE E 277 -94.71 -43.22 -38.61
CA ILE E 277 -94.57 -42.06 -37.75
C ILE E 277 -93.97 -42.40 -36.39
N GLY E 278 -92.93 -41.69 -36.02
CA GLY E 278 -92.31 -41.88 -34.72
C GLY E 278 -92.68 -40.65 -33.92
N ARG E 279 -93.31 -40.82 -32.77
CA ARG E 279 -93.70 -39.67 -31.96
C ARG E 279 -93.75 -40.04 -30.49
N THR E 280 -93.70 -39.03 -29.63
CA THR E 280 -93.78 -39.28 -28.19
C THR E 280 -95.19 -39.78 -27.94
N LYS E 281 -95.39 -40.48 -26.83
CA LYS E 281 -96.72 -41.00 -26.51
C LYS E 281 -97.60 -39.94 -25.88
N SER E 282 -96.96 -38.97 -25.24
CA SER E 282 -97.67 -37.88 -24.60
C SER E 282 -97.91 -36.80 -25.62
N THR E 283 -98.92 -35.97 -25.39
CA THR E 283 -99.23 -34.86 -26.30
C THR E 283 -98.74 -33.54 -25.72
N ASN E 284 -98.13 -33.59 -24.53
CA ASN E 284 -97.66 -32.38 -23.87
C ASN E 284 -96.22 -32.39 -23.43
N SER E 285 -95.69 -33.57 -23.13
CA SER E 285 -94.30 -33.66 -22.68
C SER E 285 -93.53 -34.59 -23.59
N ARG E 286 -92.22 -34.46 -23.57
CA ARG E 286 -91.35 -35.29 -24.37
C ARG E 286 -91.15 -36.57 -23.58
N SER E 287 -92.24 -37.31 -23.42
CA SER E 287 -92.23 -38.57 -22.69
C SER E 287 -92.79 -39.72 -23.53
N GLY E 288 -92.16 -40.89 -23.43
CA GLY E 288 -92.60 -42.04 -24.19
C GLY E 288 -92.23 -41.90 -25.66
N PHE E 289 -92.47 -42.95 -26.43
CA PHE E 289 -92.19 -42.93 -27.85
C PHE E 289 -92.78 -44.16 -28.49
N GLU E 290 -93.26 -44.01 -29.71
CA GLU E 290 -93.89 -45.11 -30.43
C GLU E 290 -93.76 -44.99 -31.95
N MET E 291 -93.87 -46.13 -32.62
CA MET E 291 -93.79 -46.15 -34.06
C MET E 291 -95.16 -46.51 -34.58
N ILE E 292 -95.72 -45.63 -35.40
CA ILE E 292 -97.02 -45.90 -35.96
C ILE E 292 -96.97 -45.97 -37.47
N TRP E 293 -97.64 -46.98 -38.01
CA TRP E 293 -97.72 -47.19 -39.43
C TRP E 293 -99.14 -46.83 -39.85
N ASP E 294 -99.29 -45.67 -40.49
CA ASP E 294 -100.59 -45.24 -40.98
C ASP E 294 -100.52 -45.35 -42.50
N PRO E 295 -101.01 -46.47 -43.05
CA PRO E 295 -100.93 -46.59 -44.51
C PRO E 295 -101.84 -45.50 -45.09
N ASN E 296 -101.54 -45.06 -46.31
CA ASN E 296 -102.39 -44.04 -46.91
C ASN E 296 -102.71 -42.98 -45.85
N GLY E 297 -101.65 -42.42 -45.26
CA GLY E 297 -101.76 -41.42 -44.23
C GLY E 297 -100.79 -40.29 -44.46
N TRP E 298 -100.07 -40.36 -45.57
CA TRP E 298 -99.13 -39.30 -45.92
C TRP E 298 -99.90 -38.27 -46.75
N THR E 299 -100.96 -38.75 -47.41
CA THR E 299 -101.79 -37.92 -48.27
C THR E 299 -103.24 -37.83 -47.79
N GLU E 300 -103.64 -38.70 -46.88
CA GLU E 300 -105.01 -38.67 -46.37
C GLU E 300 -105.13 -38.13 -44.95
N THR E 301 -106.35 -37.81 -44.54
CA THR E 301 -106.60 -37.30 -43.20
C THR E 301 -107.41 -38.32 -42.38
N ASP E 302 -106.76 -38.91 -41.39
CA ASP E 302 -107.43 -39.90 -40.54
C ASP E 302 -106.91 -39.85 -39.12
N SER E 303 -107.40 -40.78 -38.32
CA SER E 303 -106.98 -40.90 -36.95
C SER E 303 -106.62 -42.36 -36.90
N SER E 304 -107.02 -43.07 -37.95
CA SER E 304 -106.76 -44.49 -38.04
C SER E 304 -105.45 -44.85 -38.71
N PHE E 305 -104.90 -45.97 -38.25
CA PHE E 305 -103.63 -46.50 -38.73
C PHE E 305 -103.71 -47.99 -38.39
N SER E 306 -102.81 -48.81 -38.92
CA SER E 306 -102.89 -50.24 -38.64
C SER E 306 -101.91 -50.82 -37.62
N VAL E 307 -100.72 -50.23 -37.49
CA VAL E 307 -99.77 -50.78 -36.53
C VAL E 307 -99.17 -49.71 -35.62
N LYS E 308 -99.00 -50.10 -34.36
CA LYS E 308 -98.41 -49.25 -33.35
C LYS E 308 -97.40 -50.13 -32.64
N GLN E 309 -96.16 -49.66 -32.53
CA GLN E 309 -95.13 -50.42 -31.84
C GLN E 309 -94.53 -49.53 -30.76
N ASP E 310 -94.63 -49.97 -29.51
CA ASP E 310 -94.11 -49.19 -28.40
C ASP E 310 -92.58 -49.21 -28.34
N ILE E 311 -92.01 -48.11 -27.86
CA ILE E 311 -90.57 -47.97 -27.76
C ILE E 311 -90.13 -47.46 -26.40
N VAL E 312 -90.86 -46.47 -25.90
CA VAL E 312 -90.58 -45.88 -24.60
C VAL E 312 -91.94 -45.56 -23.99
N ALA E 313 -92.24 -46.19 -22.86
CA ALA E 313 -93.52 -46.01 -22.17
C ALA E 313 -93.81 -44.56 -21.80
N ILE E 314 -95.10 -44.19 -21.76
CA ILE E 314 -95.50 -42.82 -21.45
C ILE E 314 -94.94 -42.34 -20.12
N THR E 315 -94.58 -43.28 -19.26
CA THR E 315 -94.06 -42.97 -17.95
C THR E 315 -92.60 -42.53 -17.96
N ASP E 316 -91.90 -42.80 -19.07
CA ASP E 316 -90.49 -42.43 -19.18
C ASP E 316 -90.21 -41.30 -20.16
N TRP E 317 -89.15 -40.55 -19.90
CA TRP E 317 -88.78 -39.42 -20.74
C TRP E 317 -88.13 -39.83 -22.05
N SER E 318 -88.44 -39.08 -23.11
CA SER E 318 -87.86 -39.33 -24.40
C SER E 318 -87.33 -37.96 -24.83
N GLY E 319 -87.57 -37.58 -26.09
CA GLY E 319 -87.10 -36.29 -26.55
C GLY E 319 -86.86 -36.25 -28.05
N TYR E 320 -85.74 -35.67 -28.45
CA TYR E 320 -85.43 -35.60 -29.88
C TYR E 320 -85.34 -37.00 -30.46
N SER E 321 -85.71 -37.11 -31.73
CA SER E 321 -85.63 -38.38 -32.43
C SER E 321 -85.29 -38.01 -33.86
N GLY E 322 -84.54 -38.88 -34.52
CA GLY E 322 -84.17 -38.59 -35.89
C GLY E 322 -84.02 -39.87 -36.66
N SER E 323 -83.97 -39.74 -37.98
CA SER E 323 -83.83 -40.88 -38.83
C SER E 323 -82.41 -41.00 -39.31
N PHE E 324 -81.97 -42.21 -39.58
CA PHE E 324 -80.65 -42.39 -40.13
C PHE E 324 -80.74 -43.55 -41.10
N VAL E 325 -79.83 -43.73 -41.97
CA VAL E 325 -79.97 -44.56 -43.20
C VAL E 325 -78.81 -45.60 -43.19
N GLN E 326 -79.03 -46.72 -43.89
CA GLN E 326 -78.15 -47.86 -43.89
C GLN E 326 -77.31 -47.98 -45.15
N HIS E 327 -77.18 -47.49 -46.10
CA HIS E 327 -77.08 -47.74 -47.51
C HIS E 327 -76.75 -49.18 -47.87
N PRO E 328 -77.18 -49.60 -49.04
CA PRO E 328 -76.87 -50.97 -49.45
C PRO E 328 -75.35 -51.15 -49.59
N GLU E 329 -74.58 -50.07 -49.57
CA GLU E 329 -73.12 -50.31 -49.71
C GLU E 329 -72.53 -50.73 -48.37
N LEU E 330 -73.34 -50.71 -47.34
CA LEU E 330 -72.90 -51.05 -46.03
C LEU E 330 -73.52 -52.33 -45.55
N THR E 331 -74.66 -52.64 -46.14
CA THR E 331 -75.44 -53.79 -45.78
C THR E 331 -75.36 -55.02 -46.69
N GLY E 332 -75.21 -54.79 -47.98
CA GLY E 332 -75.17 -55.90 -48.90
C GLY E 332 -76.60 -56.07 -49.36
N LEU E 333 -77.48 -55.31 -48.73
CA LEU E 333 -78.90 -55.29 -49.04
C LEU E 333 -79.07 -54.61 -50.40
N ASP E 334 -80.19 -54.85 -51.06
CA ASP E 334 -80.47 -54.25 -52.37
C ASP E 334 -81.45 -53.08 -52.20
N CYS E 335 -81.44 -52.49 -51.02
CA CYS E 335 -82.32 -51.38 -50.71
C CYS E 335 -81.71 -50.61 -49.55
N ILE E 336 -82.30 -49.46 -49.27
CA ILE E 336 -81.83 -48.60 -48.19
C ILE E 336 -82.61 -48.85 -46.91
N ARG E 337 -81.88 -49.23 -45.87
CA ARG E 337 -82.44 -49.53 -44.54
C ARG E 337 -82.88 -48.31 -43.77
N PRO E 338 -84.17 -48.23 -43.41
CA PRO E 338 -84.57 -47.05 -42.64
C PRO E 338 -84.31 -47.42 -41.17
N CYS E 339 -83.70 -46.51 -40.43
CA CYS E 339 -83.46 -46.76 -39.01
C CYS E 339 -83.75 -45.41 -38.33
N PHE E 340 -83.75 -45.38 -37.00
CA PHE E 340 -83.98 -44.13 -36.29
C PHE E 340 -83.39 -44.22 -34.90
N TRP E 341 -83.16 -43.06 -34.31
CA TRP E 341 -82.60 -42.98 -32.96
C TRP E 341 -83.51 -42.10 -32.13
N VAL E 342 -83.51 -42.32 -30.82
CA VAL E 342 -84.32 -41.52 -29.93
C VAL E 342 -83.42 -41.01 -28.84
N GLU E 343 -83.65 -39.76 -28.44
CA GLU E 343 -82.87 -39.16 -27.38
C GLU E 343 -83.70 -39.22 -26.11
N LEU E 344 -83.14 -39.79 -25.06
CA LEU E 344 -83.86 -39.88 -23.81
C LEU E 344 -83.27 -38.80 -22.90
N ILE E 345 -83.96 -37.67 -22.88
CA ILE E 345 -83.54 -36.50 -22.09
C ILE E 345 -83.84 -36.62 -20.62
N ARG E 346 -82.83 -36.35 -19.81
CA ARG E 346 -82.97 -36.40 -18.36
C ARG E 346 -82.50 -35.08 -17.79
N GLY E 347 -83.08 -34.70 -16.67
CA GLY E 347 -82.72 -33.44 -16.03
C GLY E 347 -83.70 -32.34 -16.34
N ARG E 348 -83.19 -31.11 -16.36
CA ARG E 348 -84.03 -29.96 -16.64
C ARG E 348 -84.61 -29.98 -18.05
N PRO E 349 -85.79 -29.37 -18.23
CA PRO E 349 -86.55 -28.66 -17.19
C PRO E 349 -87.54 -29.54 -16.41
N LYS E 350 -87.65 -30.81 -16.80
CA LYS E 350 -88.59 -31.73 -16.17
C LYS E 350 -88.18 -32.40 -14.86
N GLU E 351 -86.90 -32.36 -14.51
CA GLU E 351 -86.47 -32.99 -13.27
C GLU E 351 -85.58 -32.06 -12.46
N SER E 352 -85.72 -32.14 -11.14
CA SER E 352 -84.97 -31.29 -10.23
C SER E 352 -83.45 -31.51 -10.18
N THR E 353 -82.78 -31.27 -11.30
CA THR E 353 -81.33 -31.41 -11.38
C THR E 353 -80.77 -30.07 -11.86
N ILE E 354 -79.45 -29.95 -11.96
CA ILE E 354 -78.89 -28.70 -12.43
C ILE E 354 -78.41 -28.88 -13.86
N TRP E 355 -78.65 -30.06 -14.41
CA TRP E 355 -78.20 -30.34 -15.76
C TRP E 355 -79.23 -31.00 -16.64
N THR E 356 -78.88 -31.12 -17.92
CA THR E 356 -79.71 -31.75 -18.92
C THR E 356 -78.80 -32.53 -19.86
N SER E 357 -79.10 -33.82 -20.03
CA SER E 357 -78.31 -34.66 -20.91
C SER E 357 -79.19 -35.80 -21.45
N GLY E 358 -78.80 -36.36 -22.59
CA GLY E 358 -79.61 -37.42 -23.15
C GLY E 358 -78.87 -38.69 -23.48
N SER E 359 -79.56 -39.82 -23.31
CA SER E 359 -79.02 -41.12 -23.66
C SER E 359 -79.65 -41.41 -25.01
N SER E 360 -79.19 -42.45 -25.68
CA SER E 360 -79.76 -42.77 -26.98
C SER E 360 -80.07 -44.26 -27.09
N ILE E 361 -81.05 -44.57 -27.94
CA ILE E 361 -81.45 -45.94 -28.23
C ILE E 361 -81.79 -45.88 -29.69
N SER E 362 -81.48 -46.92 -30.45
CA SER E 362 -81.81 -46.89 -31.86
C SER E 362 -82.44 -48.20 -32.32
N PHE E 363 -83.11 -48.14 -33.46
CA PHE E 363 -83.77 -49.31 -34.03
C PHE E 363 -83.58 -49.28 -35.53
N CYS E 364 -83.84 -50.41 -36.19
CA CYS E 364 -83.71 -50.46 -37.63
C CYS E 364 -84.90 -51.22 -38.26
N GLY E 365 -85.18 -50.88 -39.52
CA GLY E 365 -86.27 -51.46 -40.29
C GLY E 365 -86.60 -52.92 -40.06
N VAL E 366 -86.01 -53.83 -40.84
CA VAL E 366 -86.27 -55.26 -40.64
C VAL E 366 -87.59 -55.81 -41.20
N ASN E 367 -87.47 -56.94 -41.94
CA ASN E 367 -88.59 -57.65 -42.56
C ASN E 367 -89.27 -58.56 -41.54
N SER E 368 -88.46 -59.22 -40.73
CA SER E 368 -88.94 -60.13 -39.69
C SER E 368 -89.79 -59.36 -38.69
N ASP E 369 -90.29 -60.00 -37.65
CA ASP E 369 -91.08 -59.22 -36.72
C ASP E 369 -90.36 -58.87 -35.45
N THR E 370 -90.92 -57.92 -34.72
CA THR E 370 -90.31 -57.45 -33.50
C THR E 370 -91.35 -57.44 -32.41
N VAL E 371 -91.15 -56.55 -31.45
CA VAL E 371 -92.06 -56.42 -30.33
C VAL E 371 -91.95 -55.02 -29.80
N GLY E 372 -93.07 -54.50 -29.33
CA GLY E 372 -93.06 -53.18 -28.73
C GLY E 372 -92.59 -53.43 -27.30
N TRP E 373 -92.11 -52.39 -26.64
CA TRP E 373 -91.66 -52.53 -25.27
C TRP E 373 -91.22 -51.15 -24.83
N SER E 374 -90.41 -51.10 -23.80
CA SER E 374 -89.95 -49.80 -23.33
C SER E 374 -88.48 -49.88 -23.06
N TRP E 375 -87.70 -49.07 -23.77
CA TRP E 375 -86.26 -49.05 -23.56
C TRP E 375 -85.87 -47.67 -23.00
N PRO E 376 -86.38 -47.34 -21.80
CA PRO E 376 -86.10 -46.04 -21.16
C PRO E 376 -84.64 -45.82 -20.85
N ASP E 377 -84.32 -44.59 -20.46
CA ASP E 377 -82.97 -44.19 -20.11
C ASP E 377 -82.44 -45.05 -18.95
N GLY E 378 -83.19 -45.08 -17.85
CA GLY E 378 -82.81 -45.87 -16.69
C GLY E 378 -81.97 -45.24 -15.59
N ALA E 379 -81.75 -43.93 -15.63
CA ALA E 379 -80.94 -43.30 -14.59
C ALA E 379 -81.77 -42.87 -13.40
N GLU E 380 -81.19 -42.91 -12.20
CA GLU E 380 -81.89 -42.50 -10.99
C GLU E 380 -81.52 -41.06 -10.71
N LEU E 381 -82.48 -40.14 -10.78
CA LEU E 381 -82.17 -38.75 -10.49
C LEU E 381 -82.81 -38.36 -9.15
N PRO E 382 -82.24 -37.35 -8.47
CA PRO E 382 -81.06 -36.58 -8.90
C PRO E 382 -79.72 -37.26 -8.63
N PHE E 383 -78.66 -36.70 -9.21
CA PHE E 383 -77.31 -37.21 -9.04
C PHE E 383 -76.64 -36.52 -7.87
N THR E 384 -75.39 -36.90 -7.58
CA THR E 384 -74.64 -36.30 -6.49
C THR E 384 -74.67 -34.78 -6.73
N ILE E 385 -75.14 -34.43 -7.93
CA ILE E 385 -75.27 -33.06 -8.40
C ILE E 385 -73.93 -32.56 -8.87
N VAL F 1 -41.02 -61.03 -41.38
CA VAL F 1 -39.59 -61.41 -41.58
C VAL F 1 -38.81 -61.50 -40.27
N LYS F 2 -38.42 -62.72 -39.91
CA LYS F 2 -37.67 -62.96 -38.67
C LYS F 2 -36.59 -61.91 -38.42
N LEU F 3 -36.32 -61.69 -37.15
CA LEU F 3 -35.35 -60.71 -36.71
C LEU F 3 -33.98 -61.37 -36.68
N ALA F 4 -33.08 -60.90 -37.53
CA ALA F 4 -31.73 -61.44 -37.58
C ALA F 4 -30.92 -60.74 -36.50
N GLY F 5 -30.22 -61.50 -35.67
CA GLY F 5 -29.43 -60.88 -34.62
C GLY F 5 -27.96 -61.10 -34.89
N ASN F 6 -27.55 -60.89 -36.14
CA ASN F 6 -26.16 -61.11 -36.54
C ASN F 6 -25.22 -59.94 -36.32
N SER F 7 -25.75 -58.72 -36.30
CA SER F 7 -24.91 -57.53 -36.08
C SER F 7 -24.50 -57.43 -34.62
N SER F 8 -23.54 -56.56 -34.32
CA SER F 8 -23.05 -56.38 -32.95
C SER F 8 -23.59 -55.10 -32.32
N LEU F 9 -23.44 -54.97 -31.02
CA LEU F 9 -23.91 -53.77 -30.33
C LEU F 9 -23.28 -52.52 -30.91
N CYS F 10 -24.08 -51.45 -31.03
CA CYS F 10 -23.60 -50.17 -31.55
C CYS F 10 -22.60 -49.50 -30.62
N PRO F 11 -21.52 -48.95 -31.17
CA PRO F 11 -20.56 -48.29 -30.27
C PRO F 11 -21.26 -47.03 -29.77
N ILE F 12 -21.17 -46.77 -28.47
CA ILE F 12 -21.84 -45.60 -27.88
C ILE F 12 -20.93 -44.77 -26.97
N ASN F 13 -21.42 -43.59 -26.58
CA ASN F 13 -20.66 -42.70 -25.71
C ASN F 13 -21.41 -42.35 -24.43
N GLY F 14 -22.73 -42.41 -24.50
CA GLY F 14 -23.55 -42.10 -23.35
C GLY F 14 -24.98 -42.52 -23.57
N TRP F 15 -25.87 -42.18 -22.65
CA TRP F 15 -27.27 -42.58 -22.78
C TRP F 15 -28.19 -41.38 -22.79
N ALA F 16 -29.11 -41.37 -23.76
CA ALA F 16 -30.09 -40.29 -23.90
C ALA F 16 -31.44 -40.76 -23.38
N VAL F 17 -32.18 -39.88 -22.72
CA VAL F 17 -33.50 -40.25 -22.19
C VAL F 17 -34.41 -40.66 -23.32
N TYR F 18 -35.09 -41.79 -23.13
CA TYR F 18 -36.01 -42.32 -24.12
C TYR F 18 -37.45 -42.20 -23.65
N SER F 19 -37.69 -42.34 -22.35
CA SER F 19 -39.05 -42.19 -21.83
C SER F 19 -39.15 -42.10 -20.32
N LYS F 20 -40.33 -41.71 -19.85
CA LYS F 20 -40.64 -41.59 -18.43
C LYS F 20 -42.16 -41.63 -18.38
N ASP F 21 -42.73 -42.61 -17.69
CA ASP F 21 -44.18 -42.72 -17.62
C ASP F 21 -44.91 -41.90 -16.55
N ASN F 22 -44.21 -41.52 -15.48
CA ASN F 22 -44.85 -40.73 -14.41
C ASN F 22 -46.07 -41.46 -13.85
N SER F 23 -46.18 -42.75 -14.13
CA SER F 23 -47.31 -43.56 -13.68
C SER F 23 -47.82 -43.28 -12.26
N ILE F 24 -46.92 -43.30 -11.29
CA ILE F 24 -47.35 -43.07 -9.92
C ILE F 24 -47.91 -41.68 -9.70
N ARG F 25 -47.30 -40.67 -10.34
CA ARG F 25 -47.79 -39.30 -10.19
C ARG F 25 -49.19 -39.19 -10.79
N ILE F 26 -49.37 -39.79 -11.96
CA ILE F 26 -50.65 -39.77 -12.66
C ILE F 26 -51.69 -40.57 -11.89
N GLY F 27 -51.26 -41.71 -11.34
CA GLY F 27 -52.15 -42.57 -10.58
C GLY F 27 -52.71 -41.94 -9.31
N SER F 28 -52.18 -40.79 -8.92
CA SER F 28 -52.67 -40.11 -7.73
C SER F 28 -54.19 -39.91 -7.89
N LYS F 29 -54.61 -39.66 -9.12
CA LYS F 29 -56.01 -39.44 -9.47
C LYS F 29 -56.46 -40.46 -10.51
N GLY F 30 -55.70 -40.55 -11.60
CA GLY F 30 -56.02 -41.48 -12.65
C GLY F 30 -56.09 -42.92 -12.19
N ASP F 31 -56.49 -43.81 -13.09
CA ASP F 31 -56.61 -45.22 -12.79
C ASP F 31 -55.44 -45.98 -13.42
N VAL F 32 -54.34 -45.94 -12.69
CA VAL F 32 -53.09 -46.54 -13.07
C VAL F 32 -52.86 -47.77 -12.20
N PHE F 33 -52.44 -48.85 -12.83
CA PHE F 33 -52.17 -50.11 -12.14
C PHE F 33 -50.99 -49.98 -11.20
N VAL F 34 -51.06 -50.69 -10.08
CA VAL F 34 -49.94 -50.70 -9.16
C VAL F 34 -49.12 -51.81 -9.81
N ILE F 35 -47.88 -51.49 -10.23
CA ILE F 35 -47.06 -52.47 -10.91
C ILE F 35 -45.66 -52.68 -10.37
N ARG F 36 -44.96 -53.64 -10.96
CA ARG F 36 -43.59 -53.95 -10.62
C ARG F 36 -42.92 -54.43 -11.91
N GLU F 37 -41.60 -54.29 -11.96
CA GLU F 37 -40.80 -54.69 -13.10
C GLU F 37 -41.38 -54.27 -14.45
N PRO F 38 -41.37 -52.96 -14.73
CA PRO F 38 -41.88 -52.40 -15.98
C PRO F 38 -40.82 -52.49 -17.06
N PHE F 39 -40.43 -53.71 -17.45
CA PHE F 39 -39.40 -53.88 -18.45
C PHE F 39 -39.88 -53.53 -19.85
N ILE F 40 -38.96 -53.09 -20.69
CA ILE F 40 -39.31 -52.73 -22.07
C ILE F 40 -38.82 -53.80 -23.03
N SER F 41 -39.45 -53.87 -24.19
CA SER F 41 -39.07 -54.80 -25.23
C SER F 41 -39.69 -54.22 -26.49
N CYS F 42 -38.96 -54.31 -27.59
CA CYS F 42 -39.45 -53.75 -28.84
C CYS F 42 -39.59 -54.84 -29.88
N SER F 43 -40.44 -54.59 -30.86
CA SER F 43 -40.64 -55.53 -31.96
C SER F 43 -39.91 -54.89 -33.12
N HIS F 44 -40.42 -55.13 -34.32
CA HIS F 44 -39.83 -54.54 -35.50
C HIS F 44 -40.55 -53.23 -35.88
N LEU F 45 -41.59 -52.88 -35.12
CA LEU F 45 -42.35 -51.68 -35.41
C LEU F 45 -42.56 -50.78 -34.22
N GLU F 46 -42.56 -51.35 -33.01
CA GLU F 46 -42.80 -50.54 -31.84
C GLU F 46 -42.17 -51.09 -30.56
N CYS F 47 -42.06 -50.21 -29.56
CA CYS F 47 -41.51 -50.57 -28.26
C CYS F 47 -42.65 -50.53 -27.26
N ARG F 48 -42.82 -51.61 -26.49
CA ARG F 48 -43.88 -51.68 -25.49
C ARG F 48 -43.28 -51.88 -24.09
N THR F 49 -44.06 -51.56 -23.07
CA THR F 49 -43.62 -51.73 -21.68
C THR F 49 -44.46 -52.83 -21.05
N PHE F 50 -43.80 -53.91 -20.65
CA PHE F 50 -44.48 -55.01 -20.00
C PHE F 50 -44.34 -54.81 -18.51
N PHE F 51 -45.28 -55.34 -17.75
CA PHE F 51 -45.25 -55.18 -16.31
C PHE F 51 -46.19 -56.16 -15.66
N LEU F 52 -45.95 -56.42 -14.37
CA LEU F 52 -46.78 -57.33 -13.59
C LEU F 52 -47.66 -56.49 -12.67
N THR F 53 -48.92 -56.88 -12.54
CA THR F 53 -49.86 -56.16 -11.68
C THR F 53 -50.57 -57.09 -10.73
N GLN F 54 -50.88 -56.59 -9.54
CA GLN F 54 -51.62 -57.38 -8.57
C GLN F 54 -53.10 -57.23 -8.92
N GLY F 55 -53.37 -56.54 -10.02
CA GLY F 55 -54.75 -56.34 -10.44
C GLY F 55 -55.42 -55.28 -9.61
N ALA F 56 -54.67 -54.25 -9.24
CA ALA F 56 -55.22 -53.16 -8.43
C ALA F 56 -54.78 -51.79 -8.93
N LEU F 57 -55.55 -50.77 -8.58
CA LEU F 57 -55.19 -49.43 -9.02
C LEU F 57 -54.64 -48.66 -7.83
N LEU F 58 -53.74 -47.72 -8.13
CA LEU F 58 -53.13 -46.90 -7.10
C LEU F 58 -54.25 -46.14 -6.40
N ASN F 59 -54.06 -45.89 -5.12
CA ASN F 59 -55.02 -45.17 -4.29
C ASN F 59 -56.29 -45.92 -3.97
N ASP F 60 -56.33 -47.21 -4.33
CA ASP F 60 -57.49 -48.04 -4.01
C ASP F 60 -57.10 -49.03 -2.90
N LYS F 61 -58.08 -49.45 -2.11
CA LYS F 61 -57.80 -50.39 -1.01
C LYS F 61 -57.18 -51.72 -1.47
N HIS F 62 -57.41 -52.10 -2.72
CA HIS F 62 -56.87 -53.35 -3.23
C HIS F 62 -55.37 -53.34 -3.47
N SER F 63 -54.74 -52.17 -3.32
CA SER F 63 -53.31 -52.08 -3.51
C SER F 63 -52.60 -52.40 -2.19
N ASN F 64 -53.40 -52.79 -1.20
CA ASN F 64 -52.94 -53.13 0.15
C ASN F 64 -51.55 -53.76 0.19
N GLY F 65 -51.19 -54.51 -0.84
CA GLY F 65 -49.85 -55.09 -0.91
C GLY F 65 -49.27 -55.99 0.17
N THR F 66 -50.00 -56.25 1.27
CA THR F 66 -49.44 -57.15 2.28
C THR F 66 -49.42 -58.56 1.68
N VAL F 67 -50.21 -58.72 0.62
CA VAL F 67 -50.33 -59.97 -0.12
C VAL F 67 -48.97 -60.55 -0.52
N LYS F 68 -48.92 -61.87 -0.67
CA LYS F 68 -47.71 -62.56 -1.10
C LYS F 68 -47.33 -62.02 -2.48
N ASP F 69 -46.03 -62.04 -2.79
CA ASP F 69 -45.55 -61.58 -4.09
C ASP F 69 -46.16 -62.38 -5.23
N ARG F 70 -46.08 -63.70 -5.10
CA ARG F 70 -46.60 -64.61 -6.10
C ARG F 70 -48.06 -64.98 -5.83
N SER F 71 -48.97 -64.04 -6.09
CA SER F 71 -50.39 -64.31 -5.87
C SER F 71 -51.03 -64.82 -7.17
N PRO F 72 -52.25 -65.34 -7.07
CA PRO F 72 -52.91 -65.84 -8.29
C PRO F 72 -53.49 -64.69 -9.13
N HIS F 73 -53.45 -63.49 -8.57
CA HIS F 73 -53.99 -62.31 -9.26
C HIS F 73 -52.94 -61.55 -10.07
N ARG F 74 -51.68 -61.94 -9.93
CA ARG F 74 -50.59 -61.30 -10.64
C ARG F 74 -50.72 -61.61 -12.13
N THR F 75 -50.60 -60.59 -12.96
CA THR F 75 -50.69 -60.79 -14.40
C THR F 75 -49.66 -59.98 -15.17
N LEU F 76 -49.29 -60.50 -16.32
CA LEU F 76 -48.35 -59.82 -17.19
C LEU F 76 -49.19 -59.08 -18.20
N MET F 77 -48.96 -57.77 -18.30
CA MET F 77 -49.69 -56.94 -19.23
C MET F 77 -48.72 -55.99 -19.91
N SER F 78 -49.20 -55.24 -20.89
CA SER F 78 -48.33 -54.31 -21.59
C SER F 78 -49.05 -53.12 -22.21
N CYS F 79 -48.33 -52.01 -22.31
CA CYS F 79 -48.86 -50.78 -22.89
C CYS F 79 -47.72 -50.09 -23.66
N PRO F 80 -48.05 -49.11 -24.53
CA PRO F 80 -46.97 -48.44 -25.27
C PRO F 80 -46.06 -47.64 -24.36
N VAL F 81 -44.75 -47.78 -24.58
CA VAL F 81 -43.73 -47.11 -23.78
C VAL F 81 -44.06 -45.66 -23.46
N GLY F 82 -43.74 -45.25 -22.23
CA GLY F 82 -44.00 -43.89 -21.82
C GLY F 82 -45.39 -43.60 -21.30
N GLU F 83 -46.33 -44.49 -21.54
CA GLU F 83 -47.70 -44.27 -21.07
C GLU F 83 -47.93 -44.88 -19.71
N ALA F 84 -48.75 -44.22 -18.88
CA ALA F 84 -49.06 -44.75 -17.56
C ALA F 84 -49.87 -46.01 -17.76
N PRO F 85 -49.40 -47.14 -17.20
CA PRO F 85 -50.14 -48.40 -17.36
C PRO F 85 -51.50 -48.34 -16.67
N SER F 86 -52.56 -48.51 -17.44
CA SER F 86 -53.91 -48.46 -16.89
C SER F 86 -54.78 -49.52 -17.54
N PRO F 87 -55.92 -49.81 -16.92
CA PRO F 87 -56.80 -50.82 -17.51
C PRO F 87 -57.41 -50.28 -18.81
N TYR F 88 -57.09 -49.04 -19.14
CA TYR F 88 -57.67 -48.45 -20.34
C TYR F 88 -56.74 -48.42 -21.53
N ASN F 89 -55.44 -48.55 -21.30
CA ASN F 89 -54.45 -48.54 -22.38
C ASN F 89 -53.55 -49.79 -22.35
N SER F 90 -53.79 -50.67 -21.38
CA SER F 90 -52.98 -51.88 -21.26
C SER F 90 -53.62 -53.13 -21.87
N ARG F 91 -52.80 -53.91 -22.57
CA ARG F 91 -53.25 -55.14 -23.18
C ARG F 91 -52.90 -56.28 -22.23
N PHE F 92 -53.80 -57.26 -22.11
CA PHE F 92 -53.55 -58.40 -21.26
C PHE F 92 -52.58 -59.33 -21.99
N GLU F 93 -51.58 -59.82 -21.27
CA GLU F 93 -50.61 -60.71 -21.88
C GLU F 93 -50.68 -62.12 -21.31
N SER F 94 -50.61 -62.23 -19.98
CA SER F 94 -50.60 -63.55 -19.38
C SER F 94 -50.85 -63.51 -17.88
N VAL F 95 -51.22 -64.63 -17.30
CA VAL F 95 -51.43 -64.72 -15.87
C VAL F 95 -50.06 -65.11 -15.36
N ALA F 96 -49.44 -64.28 -14.52
CA ALA F 96 -48.10 -64.60 -14.06
C ALA F 96 -47.58 -63.75 -12.90
N TRP F 97 -46.73 -64.35 -12.07
CA TRP F 97 -46.12 -63.62 -10.97
C TRP F 97 -44.60 -63.54 -11.17
N SER F 98 -44.19 -63.90 -12.38
CA SER F 98 -42.80 -63.87 -12.84
C SER F 98 -42.97 -63.99 -14.35
N ALA F 99 -42.19 -63.24 -15.13
CA ALA F 99 -42.36 -63.30 -16.58
C ALA F 99 -41.24 -62.71 -17.40
N SER F 100 -41.40 -62.82 -18.71
CA SER F 100 -40.44 -62.28 -19.65
C SER F 100 -41.10 -62.27 -21.02
N ALA F 101 -40.65 -61.38 -21.90
CA ALA F 101 -41.21 -61.27 -23.23
C ALA F 101 -40.21 -60.73 -24.26
N CYS F 102 -40.41 -61.10 -25.52
CA CYS F 102 -39.57 -60.63 -26.62
C CYS F 102 -40.29 -60.84 -27.95
N HIS F 103 -39.89 -60.06 -28.96
CA HIS F 103 -40.48 -60.16 -30.28
C HIS F 103 -39.41 -60.71 -31.22
N ASP F 104 -39.80 -61.67 -32.05
CA ASP F 104 -38.88 -62.32 -32.97
C ASP F 104 -38.90 -61.76 -34.37
N GLY F 105 -39.72 -60.74 -34.58
CA GLY F 105 -39.83 -60.16 -35.91
C GLY F 105 -41.17 -60.50 -36.53
N THR F 106 -41.79 -61.58 -36.06
CA THR F 106 -43.08 -61.96 -36.58
C THR F 106 -44.17 -61.72 -35.55
N SER F 107 -44.05 -62.35 -34.38
CA SER F 107 -45.05 -62.17 -33.33
C SER F 107 -44.40 -62.03 -31.96
N TRP F 108 -45.23 -61.72 -30.95
CA TRP F 108 -44.74 -61.58 -29.58
C TRP F 108 -44.70 -62.91 -28.86
N LEU F 109 -43.67 -63.08 -28.02
CA LEU F 109 -43.53 -64.28 -27.21
C LEU F 109 -43.59 -63.80 -25.77
N THR F 110 -44.56 -64.29 -25.02
CA THR F 110 -44.67 -63.91 -23.61
C THR F 110 -44.53 -65.18 -22.80
N ILE F 111 -43.87 -65.06 -21.66
CA ILE F 111 -43.67 -66.20 -20.80
C ILE F 111 -44.20 -65.82 -19.45
N GLY F 112 -45.30 -66.44 -19.04
CA GLY F 112 -45.88 -66.14 -17.74
C GLY F 112 -45.87 -67.34 -16.81
N ILE F 113 -45.26 -67.20 -15.65
CA ILE F 113 -45.18 -68.29 -14.67
C ILE F 113 -46.19 -68.06 -13.54
N SER F 114 -47.13 -68.98 -13.41
CA SER F 114 -48.14 -68.88 -12.37
C SER F 114 -48.24 -70.25 -11.72
N GLY F 115 -49.01 -70.36 -10.64
CA GLY F 115 -49.14 -71.64 -9.98
C GLY F 115 -48.58 -71.63 -8.58
N PRO F 116 -48.48 -72.80 -7.93
CA PRO F 116 -47.96 -72.88 -6.56
C PRO F 116 -46.44 -72.91 -6.53
N ASP F 117 -45.87 -72.41 -5.44
CA ASP F 117 -44.42 -72.41 -5.30
C ASP F 117 -43.78 -73.77 -5.56
N ASN F 118 -44.41 -74.83 -5.09
CA ASN F 118 -43.87 -76.18 -5.27
C ASN F 118 -44.26 -76.86 -6.58
N GLY F 119 -44.76 -76.09 -7.55
CA GLY F 119 -45.14 -76.71 -8.80
C GLY F 119 -45.51 -75.74 -9.92
N ALA F 120 -44.97 -74.52 -9.85
CA ALA F 120 -45.25 -73.50 -10.85
C ALA F 120 -45.07 -74.06 -12.26
N VAL F 121 -45.70 -73.38 -13.21
CA VAL F 121 -45.62 -73.77 -14.59
C VAL F 121 -45.55 -72.47 -15.39
N ALA F 122 -44.72 -72.47 -16.42
CA ALA F 122 -44.56 -71.30 -17.24
C ALA F 122 -45.35 -71.54 -18.51
N VAL F 123 -46.28 -70.65 -18.78
CA VAL F 123 -47.11 -70.76 -19.97
C VAL F 123 -46.48 -69.88 -21.02
N LEU F 124 -46.13 -70.47 -22.16
CA LEU F 124 -45.52 -69.71 -23.24
C LEU F 124 -46.58 -69.40 -24.28
N LYS F 125 -46.67 -68.14 -24.66
CA LYS F 125 -47.64 -67.69 -25.65
C LYS F 125 -46.92 -67.05 -26.83
N TYR F 126 -47.40 -67.37 -28.02
CA TYR F 126 -46.86 -66.81 -29.25
C TYR F 126 -48.05 -66.14 -29.90
N ASN F 127 -47.96 -64.82 -30.07
CA ASN F 127 -49.04 -64.05 -30.66
C ASN F 127 -50.35 -64.25 -29.88
N GLY F 128 -50.25 -64.34 -28.55
CA GLY F 128 -51.44 -64.50 -27.73
C GLY F 128 -51.99 -65.89 -27.46
N ILE F 129 -51.60 -66.88 -28.26
CA ILE F 129 -52.09 -68.25 -28.06
C ILE F 129 -51.02 -69.14 -27.44
N ILE F 130 -51.41 -69.98 -26.49
CA ILE F 130 -50.46 -70.87 -25.83
C ILE F 130 -49.79 -71.82 -26.81
N THR F 131 -48.47 -71.91 -26.73
CA THR F 131 -47.72 -72.76 -27.64
C THR F 131 -46.90 -73.83 -26.94
N ASP F 132 -46.67 -73.65 -25.64
CA ASP F 132 -45.91 -74.64 -24.89
C ASP F 132 -46.02 -74.31 -23.40
N THR F 133 -45.48 -75.20 -22.58
CA THR F 133 -45.52 -75.04 -21.13
C THR F 133 -44.25 -75.62 -20.52
N ILE F 134 -43.86 -75.12 -19.36
CA ILE F 134 -42.66 -75.62 -18.70
C ILE F 134 -42.93 -75.77 -17.21
N LYS F 135 -42.86 -77.00 -16.70
CA LYS F 135 -43.10 -77.27 -15.28
C LYS F 135 -41.87 -77.11 -14.40
N SER F 136 -42.08 -76.69 -13.17
CA SER F 136 -41.00 -76.51 -12.21
C SER F 136 -40.29 -77.87 -12.12
N TRP F 137 -38.97 -77.89 -12.16
CA TRP F 137 -38.24 -79.15 -12.07
C TRP F 137 -37.57 -79.34 -10.72
N ARG F 138 -37.64 -78.33 -9.86
CA ARG F 138 -37.08 -78.41 -8.51
C ARG F 138 -38.18 -78.17 -7.49
N ASN F 139 -39.38 -77.90 -8.01
CA ASN F 139 -40.54 -77.62 -7.17
C ASN F 139 -40.23 -76.57 -6.11
N ASN F 140 -39.47 -75.55 -6.50
CA ASN F 140 -39.12 -74.49 -5.57
C ASN F 140 -39.08 -73.11 -6.22
N ILE F 141 -40.27 -72.60 -6.53
CA ILE F 141 -40.47 -71.28 -7.14
C ILE F 141 -39.80 -71.03 -8.48
N LEU F 142 -40.22 -71.79 -9.49
CA LEU F 142 -39.70 -71.60 -10.83
C LEU F 142 -39.83 -70.09 -11.12
N ARG F 143 -38.77 -69.48 -11.64
CA ARG F 143 -38.83 -68.05 -11.92
C ARG F 143 -38.00 -67.68 -13.15
N THR F 144 -38.25 -66.51 -13.73
CA THR F 144 -37.51 -66.10 -14.92
C THR F 144 -36.94 -64.67 -14.93
N GLN F 145 -36.59 -64.18 -16.11
CA GLN F 145 -35.96 -62.85 -16.30
C GLN F 145 -36.52 -61.59 -15.64
N GLU F 146 -37.81 -61.33 -15.84
CA GLU F 146 -38.47 -60.15 -15.32
C GLU F 146 -38.02 -59.01 -16.23
N SER F 147 -37.65 -59.38 -17.45
CA SER F 147 -37.23 -58.43 -18.47
C SER F 147 -37.19 -59.17 -19.80
N GLU F 148 -36.93 -58.43 -20.86
CA GLU F 148 -36.88 -58.92 -22.24
C GLU F 148 -35.98 -60.14 -22.48
N CYS F 149 -36.46 -61.07 -23.31
CA CYS F 149 -35.66 -62.24 -23.67
C CYS F 149 -34.99 -61.85 -24.98
N ALA F 150 -34.04 -62.65 -25.44
CA ALA F 150 -33.32 -62.33 -26.67
C ALA F 150 -33.67 -63.29 -27.80
N CYS F 151 -33.89 -62.76 -28.99
CA CYS F 151 -34.21 -63.59 -30.13
C CYS F 151 -33.14 -63.39 -31.21
N VAL F 152 -32.88 -64.43 -31.98
CA VAL F 152 -31.89 -64.38 -33.05
C VAL F 152 -32.20 -65.39 -34.14
N ASN F 153 -32.07 -64.98 -35.40
CA ASN F 153 -32.31 -65.86 -36.53
C ASN F 153 -33.60 -66.67 -36.31
N GLY F 154 -34.60 -66.03 -35.70
CA GLY F 154 -35.88 -66.69 -35.47
C GLY F 154 -35.99 -67.60 -34.26
N SER F 155 -35.04 -67.47 -33.33
CA SER F 155 -35.01 -68.27 -32.13
C SER F 155 -34.92 -67.34 -30.94
N CYS F 156 -35.76 -67.54 -29.95
CA CYS F 156 -35.72 -66.69 -28.77
C CYS F 156 -35.19 -67.46 -27.58
N PHE F 157 -34.41 -66.78 -26.75
CA PHE F 157 -33.81 -67.43 -25.60
C PHE F 157 -34.14 -66.74 -24.29
N THR F 158 -34.21 -67.54 -23.24
CA THR F 158 -34.52 -67.04 -21.91
C THR F 158 -33.83 -67.93 -20.88
N VAL F 159 -33.68 -67.43 -19.67
CA VAL F 159 -33.07 -68.20 -18.60
C VAL F 159 -34.09 -68.34 -17.47
N MET F 160 -34.14 -69.52 -16.86
CA MET F 160 -35.06 -69.75 -15.76
C MET F 160 -34.32 -70.40 -14.59
N THR F 161 -34.80 -70.13 -13.38
CA THR F 161 -34.19 -70.67 -12.17
C THR F 161 -35.24 -71.39 -11.33
N ASP F 162 -34.82 -72.45 -10.67
CA ASP F 162 -35.70 -73.24 -9.83
C ASP F 162 -34.87 -73.76 -8.67
N GLY F 163 -35.30 -73.48 -7.45
CA GLY F 163 -34.56 -73.92 -6.29
C GLY F 163 -34.51 -72.76 -5.33
N PRO F 164 -33.75 -72.88 -4.23
CA PRO F 164 -33.64 -71.83 -3.22
C PRO F 164 -33.07 -70.51 -3.73
N SER F 165 -33.44 -69.43 -3.05
CA SER F 165 -32.96 -68.11 -3.41
C SER F 165 -31.71 -67.84 -2.57
N ASN F 166 -31.32 -68.84 -1.78
CA ASN F 166 -30.10 -68.77 -0.96
C ASN F 166 -29.08 -69.64 -1.68
N GLY F 167 -28.66 -70.70 -1.02
CA GLY F 167 -27.69 -71.60 -1.62
C GLY F 167 -27.96 -72.04 -3.05
N GLN F 168 -27.14 -72.96 -3.51
CA GLN F 168 -27.25 -73.51 -4.86
C GLN F 168 -28.69 -73.62 -5.33
N ALA F 169 -28.88 -73.41 -6.61
CA ALA F 169 -30.19 -73.52 -7.24
C ALA F 169 -29.90 -74.08 -8.61
N SER F 170 -30.95 -74.44 -9.35
CA SER F 170 -30.75 -74.98 -10.69
C SER F 170 -31.05 -73.88 -11.69
N TYR F 171 -30.26 -73.81 -12.77
CA TYR F 171 -30.46 -72.77 -13.77
C TYR F 171 -30.45 -73.35 -15.17
N LYS F 172 -31.46 -72.99 -15.97
CA LYS F 172 -31.53 -73.51 -17.33
C LYS F 172 -31.64 -72.44 -18.40
N ILE F 173 -31.14 -72.78 -19.59
CA ILE F 173 -31.19 -71.90 -20.75
C ILE F 173 -32.20 -72.52 -21.69
N PHE F 174 -33.18 -71.75 -22.14
CA PHE F 174 -34.17 -72.29 -23.06
C PHE F 174 -34.06 -71.67 -24.43
N LYS F 175 -34.31 -72.49 -25.44
CA LYS F 175 -34.29 -72.04 -26.82
C LYS F 175 -35.65 -72.37 -27.38
N MET F 176 -36.39 -71.35 -27.82
CA MET F 176 -37.70 -71.62 -28.38
C MET F 176 -37.95 -70.97 -29.72
N GLU F 177 -38.80 -71.62 -30.49
CA GLU F 177 -39.15 -71.15 -31.81
C GLU F 177 -40.67 -71.17 -31.86
N LYS F 178 -41.27 -70.06 -32.29
CA LYS F 178 -42.73 -69.95 -32.36
C LYS F 178 -43.36 -70.30 -31.03
N GLY F 179 -42.69 -69.91 -29.95
CA GLY F 179 -43.20 -70.16 -28.61
C GLY F 179 -43.07 -71.59 -28.10
N LYS F 180 -42.39 -72.44 -28.84
CA LYS F 180 -42.21 -73.82 -28.41
C LYS F 180 -40.74 -74.08 -28.09
N VAL F 181 -40.47 -74.66 -26.93
CA VAL F 181 -39.12 -74.97 -26.52
C VAL F 181 -38.57 -76.02 -27.48
N VAL F 182 -37.42 -75.75 -28.09
CA VAL F 182 -36.84 -76.69 -29.03
C VAL F 182 -35.55 -77.27 -28.47
N LYS F 183 -35.17 -76.79 -27.29
CA LYS F 183 -33.97 -77.26 -26.63
C LYS F 183 -33.70 -76.45 -25.37
N SER F 184 -33.23 -77.13 -24.34
CA SER F 184 -32.90 -76.48 -23.08
C SER F 184 -31.64 -77.15 -22.55
N VAL F 185 -30.89 -76.41 -21.74
CA VAL F 185 -29.65 -76.91 -21.16
C VAL F 185 -29.54 -76.45 -19.73
N GLU F 186 -29.16 -77.34 -18.84
CA GLU F 186 -28.98 -76.93 -17.45
C GLU F 186 -27.52 -76.51 -17.30
N LEU F 187 -27.31 -75.30 -16.80
CA LEU F 187 -25.97 -74.78 -16.60
C LEU F 187 -25.26 -75.51 -15.47
N ASP F 188 -24.04 -75.94 -15.73
CA ASP F 188 -23.24 -76.64 -14.72
C ASP F 188 -22.47 -75.54 -14.00
N ALA F 189 -23.19 -74.79 -13.17
CA ALA F 189 -22.58 -73.68 -12.45
C ALA F 189 -22.52 -73.85 -10.92
N PRO F 190 -21.65 -74.73 -10.45
CA PRO F 190 -21.55 -74.92 -9.00
C PRO F 190 -20.94 -73.65 -8.39
N ASN F 191 -21.51 -73.20 -7.28
CA ASN F 191 -21.06 -72.00 -6.56
C ASN F 191 -21.59 -70.67 -7.14
N TYR F 192 -22.20 -70.75 -8.33
CA TYR F 192 -22.77 -69.57 -8.98
C TYR F 192 -24.22 -69.43 -8.52
N HIS F 193 -24.88 -68.39 -9.01
CA HIS F 193 -26.28 -68.16 -8.66
C HIS F 193 -26.87 -67.12 -9.59
N TYR F 194 -27.87 -67.52 -10.36
CA TYR F 194 -28.53 -66.63 -11.30
C TYR F 194 -30.00 -66.38 -11.02
N GLU F 195 -30.44 -65.16 -11.31
CA GLU F 195 -31.83 -64.76 -11.13
C GLU F 195 -32.07 -63.48 -11.93
N GLU F 196 -33.33 -63.24 -12.27
CA GLU F 196 -33.74 -62.04 -13.00
C GLU F 196 -32.71 -61.61 -14.05
N CYS F 197 -32.40 -62.53 -14.97
CA CYS F 197 -31.42 -62.26 -16.01
C CYS F 197 -31.84 -61.28 -17.09
N SER F 198 -30.97 -60.32 -17.34
CA SER F 198 -31.18 -59.33 -18.37
C SER F 198 -30.31 -59.85 -19.50
N CYS F 199 -30.92 -60.28 -20.60
CA CYS F 199 -30.14 -60.81 -21.71
C CYS F 199 -30.34 -59.95 -22.94
N TYR F 200 -29.39 -60.05 -23.87
CA TYR F 200 -29.45 -59.28 -25.11
C TYR F 200 -28.61 -59.96 -26.19
N PRO F 201 -29.05 -59.88 -27.46
CA PRO F 201 -28.28 -60.52 -28.52
C PRO F 201 -27.09 -59.63 -28.89
N ASN F 202 -26.10 -60.24 -29.54
CA ASN F 202 -24.90 -59.54 -29.97
C ASN F 202 -24.09 -60.43 -30.91
N ALA F 203 -24.13 -60.14 -32.20
CA ALA F 203 -23.39 -60.93 -33.18
C ALA F 203 -23.78 -62.41 -33.13
N GLY F 204 -25.08 -62.67 -33.16
CA GLY F 204 -25.57 -64.04 -33.15
C GLY F 204 -25.47 -64.82 -31.85
N GLU F 205 -25.09 -64.14 -30.76
CA GLU F 205 -24.99 -64.81 -29.47
C GLU F 205 -25.68 -64.02 -28.38
N ILE F 206 -26.07 -64.70 -27.30
CA ILE F 206 -26.75 -64.05 -26.20
C ILE F 206 -25.84 -63.89 -25.01
N THR F 207 -26.02 -62.78 -24.29
CA THR F 207 -25.24 -62.48 -23.10
C THR F 207 -26.25 -62.07 -22.03
N CYS F 208 -26.14 -62.66 -20.86
CA CYS F 208 -27.05 -62.33 -19.78
C CYS F 208 -26.28 -61.91 -18.56
N VAL F 209 -26.67 -60.78 -17.98
CA VAL F 209 -26.03 -60.33 -16.76
C VAL F 209 -27.19 -60.43 -15.78
N CYS F 210 -27.00 -61.25 -14.76
CA CYS F 210 -28.07 -61.48 -13.80
C CYS F 210 -27.80 -61.00 -12.38
N ARG F 211 -28.49 -61.62 -11.45
CA ARG F 211 -28.39 -61.28 -10.03
C ARG F 211 -28.03 -62.51 -9.21
N ASP F 212 -27.08 -62.33 -8.30
CA ASP F 212 -26.65 -63.38 -7.41
C ASP F 212 -27.25 -62.98 -6.08
N ASN F 213 -28.39 -63.56 -5.75
CA ASN F 213 -29.08 -63.24 -4.50
C ASN F 213 -28.49 -64.07 -3.35
N TRP F 214 -27.61 -64.99 -3.71
CA TRP F 214 -26.99 -65.87 -2.73
C TRP F 214 -25.80 -65.25 -1.99
N HIS F 215 -24.66 -65.17 -2.68
CA HIS F 215 -23.45 -64.62 -2.09
C HIS F 215 -22.56 -63.87 -3.08
N GLY F 216 -23.16 -62.96 -3.85
CA GLY F 216 -22.37 -62.21 -4.82
C GLY F 216 -22.73 -60.75 -4.97
N SER F 217 -21.77 -59.87 -4.70
CA SER F 217 -21.99 -58.43 -4.81
C SER F 217 -21.77 -57.97 -6.25
N ASN F 218 -21.02 -58.75 -7.01
CA ASN F 218 -20.79 -58.44 -8.41
C ASN F 218 -21.86 -59.25 -9.11
N ARG F 219 -22.10 -58.98 -10.39
CA ARG F 219 -23.12 -59.73 -11.12
C ARG F 219 -22.54 -60.88 -11.91
N PRO F 220 -23.24 -62.02 -11.89
CA PRO F 220 -22.81 -63.22 -12.62
C PRO F 220 -23.33 -63.11 -14.04
N TRP F 221 -22.69 -63.79 -14.98
CA TRP F 221 -23.14 -63.73 -16.37
C TRP F 221 -23.09 -65.07 -17.08
N VAL F 222 -23.87 -65.18 -18.17
CA VAL F 222 -23.89 -66.38 -18.99
C VAL F 222 -24.00 -65.96 -20.45
N SER F 223 -23.16 -66.54 -21.28
CA SER F 223 -23.20 -66.25 -22.71
C SER F 223 -23.34 -67.58 -23.41
N PHE F 224 -24.04 -67.60 -24.53
CA PHE F 224 -24.22 -68.86 -25.23
C PHE F 224 -24.58 -68.72 -26.71
N ASN F 225 -24.29 -69.77 -27.46
CA ASN F 225 -24.56 -69.84 -28.89
C ASN F 225 -26.00 -70.29 -29.13
N GLN F 226 -26.42 -70.22 -30.40
CA GLN F 226 -27.76 -70.61 -30.78
C GLN F 226 -28.01 -72.09 -30.56
N ASN F 227 -26.99 -72.79 -30.11
CA ASN F 227 -27.13 -74.21 -29.82
C ASN F 227 -26.90 -74.44 -28.34
N LEU F 228 -27.15 -73.39 -27.55
CA LEU F 228 -27.01 -73.42 -26.10
C LEU F 228 -25.66 -73.84 -25.54
N GLU F 229 -24.60 -73.70 -26.33
CA GLU F 229 -23.27 -74.01 -25.84
C GLU F 229 -22.93 -72.72 -25.10
N TYR F 230 -22.48 -72.82 -23.86
CA TYR F 230 -22.27 -71.62 -23.07
C TYR F 230 -20.97 -71.44 -22.29
N GLN F 231 -20.87 -70.28 -21.65
CA GLN F 231 -19.75 -69.92 -20.79
C GLN F 231 -20.36 -69.13 -19.62
N ILE F 232 -19.70 -69.16 -18.46
CA ILE F 232 -20.20 -68.42 -17.31
C ILE F 232 -19.06 -67.77 -16.54
N GLY F 233 -19.40 -66.73 -15.81
CA GLY F 233 -18.40 -66.04 -15.01
C GLY F 233 -19.09 -64.95 -14.26
N TYR F 234 -18.30 -64.06 -13.68
CA TYR F 234 -18.85 -62.93 -12.95
C TYR F 234 -18.12 -61.70 -13.48
N ILE F 235 -18.76 -60.54 -13.40
CA ILE F 235 -18.11 -59.32 -13.85
C ILE F 235 -17.03 -59.07 -12.80
N CYS F 236 -15.77 -59.11 -13.24
CA CYS F 236 -14.63 -58.94 -12.33
C CYS F 236 -14.36 -57.51 -11.84
N SER F 237 -14.92 -56.51 -12.52
CA SER F 237 -14.69 -55.12 -12.11
C SER F 237 -14.92 -54.83 -10.63
N GLY F 238 -14.06 -53.99 -10.08
CA GLY F 238 -14.17 -53.61 -8.68
C GLY F 238 -15.27 -52.59 -8.50
N VAL F 239 -15.98 -52.28 -9.58
CA VAL F 239 -17.11 -51.37 -9.55
C VAL F 239 -18.26 -52.37 -9.45
N PHE F 240 -18.62 -52.72 -8.23
CA PHE F 240 -19.66 -53.70 -8.01
C PHE F 240 -21.01 -53.22 -8.50
N GLY F 241 -21.70 -54.07 -9.26
CA GLY F 241 -22.99 -53.70 -9.81
C GLY F 241 -24.26 -54.07 -9.04
N ASP F 242 -24.18 -55.04 -8.14
CA ASP F 242 -25.36 -55.44 -7.39
C ASP F 242 -25.64 -54.48 -6.25
N ASN F 243 -26.77 -54.71 -5.58
CA ASN F 243 -27.19 -53.89 -4.47
C ASN F 243 -28.02 -54.80 -3.55
N PRO F 244 -27.59 -54.95 -2.28
CA PRO F 244 -26.45 -54.27 -1.65
C PRO F 244 -25.09 -54.74 -2.15
N ARG F 245 -24.08 -53.95 -1.82
CA ARG F 245 -22.69 -54.23 -2.21
C ARG F 245 -21.76 -53.46 -1.28
N PRO F 246 -20.45 -53.70 -1.39
CA PRO F 246 -19.45 -53.03 -0.57
C PRO F 246 -18.90 -51.85 -1.38
N ASN F 247 -18.25 -50.91 -0.72
CA ASN F 247 -17.67 -49.79 -1.45
C ASN F 247 -16.79 -50.39 -2.53
N ASP F 248 -16.57 -49.65 -3.61
CA ASP F 248 -15.76 -50.17 -4.70
C ASP F 248 -14.29 -50.37 -4.31
N GLY F 249 -13.97 -51.61 -3.97
CA GLY F 249 -12.61 -51.94 -3.58
C GLY F 249 -11.98 -52.78 -4.68
N THR F 250 -11.74 -54.05 -4.39
CA THR F 250 -11.15 -54.95 -5.38
C THR F 250 -12.10 -56.10 -5.69
N GLY F 251 -12.38 -56.30 -6.97
CA GLY F 251 -13.29 -57.35 -7.37
C GLY F 251 -12.61 -58.65 -7.77
N SER F 252 -13.39 -59.59 -8.28
CA SER F 252 -12.87 -60.88 -8.74
C SER F 252 -13.85 -61.39 -9.77
N CYS F 253 -13.49 -62.47 -10.45
CA CYS F 253 -14.41 -63.04 -11.44
C CYS F 253 -15.15 -64.19 -10.79
N GLY F 254 -15.25 -64.13 -9.47
CA GLY F 254 -15.93 -65.15 -8.70
C GLY F 254 -16.60 -64.47 -7.53
N PRO F 255 -17.92 -64.58 -7.43
CA PRO F 255 -18.77 -64.00 -6.39
C PRO F 255 -18.08 -63.29 -5.23
N VAL F 256 -18.29 -61.97 -5.13
CA VAL F 256 -17.73 -61.19 -4.04
C VAL F 256 -18.78 -61.38 -2.95
N SER F 257 -18.46 -62.18 -1.94
CA SER F 257 -19.36 -62.49 -0.85
C SER F 257 -19.74 -61.36 0.07
N SER F 258 -18.77 -60.48 0.26
CA SER F 258 -18.91 -59.35 1.16
C SER F 258 -20.02 -58.35 0.90
N ASN F 259 -21.15 -58.58 1.57
CA ASN F 259 -22.32 -57.72 1.46
C ASN F 259 -23.19 -58.08 0.24
N GLY F 260 -22.72 -59.07 -0.52
CA GLY F 260 -23.45 -59.48 -1.69
C GLY F 260 -24.37 -60.66 -1.38
N ALA F 261 -24.98 -60.63 -0.20
CA ALA F 261 -25.87 -61.71 0.20
C ALA F 261 -27.30 -61.57 -0.26
N TYR F 262 -27.61 -60.52 -1.02
CA TYR F 262 -28.99 -60.35 -1.48
C TYR F 262 -28.91 -59.73 -2.88
N GLY F 263 -29.69 -58.71 -3.20
CA GLY F 263 -29.56 -58.14 -4.53
C GLY F 263 -30.75 -57.44 -5.13
N VAL F 264 -30.56 -57.02 -6.39
CA VAL F 264 -31.58 -56.35 -7.18
C VAL F 264 -31.34 -56.70 -8.65
N LYS F 265 -32.41 -56.72 -9.44
CA LYS F 265 -32.26 -57.02 -10.85
C LYS F 265 -31.49 -55.88 -11.49
N GLY F 266 -30.51 -56.24 -12.31
CA GLY F 266 -29.70 -55.23 -12.98
C GLY F 266 -29.25 -55.71 -14.33
N PHE F 267 -28.30 -55.01 -14.93
CA PHE F 267 -27.78 -55.39 -16.23
C PHE F 267 -26.41 -54.78 -16.42
N SER F 268 -25.79 -55.10 -17.55
CA SER F 268 -24.48 -54.57 -17.91
C SER F 268 -24.19 -54.98 -19.34
N PHE F 269 -23.63 -54.05 -20.10
CA PHE F 269 -23.33 -54.32 -21.49
C PHE F 269 -21.82 -54.53 -21.65
N LYS F 270 -21.46 -55.64 -22.28
CA LYS F 270 -20.05 -55.94 -22.52
C LYS F 270 -19.59 -55.53 -23.93
N TYR F 271 -18.51 -54.74 -23.97
CA TYR F 271 -17.90 -54.28 -25.22
C TYR F 271 -16.44 -54.71 -25.08
N GLY F 272 -16.03 -55.72 -25.85
CA GLY F 272 -14.66 -56.19 -25.73
C GLY F 272 -14.45 -56.56 -24.27
N ASN F 273 -13.42 -56.00 -23.64
CA ASN F 273 -13.14 -56.30 -22.24
C ASN F 273 -13.68 -55.19 -21.32
N GLY F 274 -14.42 -54.27 -21.92
CA GLY F 274 -14.99 -53.17 -21.16
C GLY F 274 -16.44 -53.44 -20.82
N VAL F 275 -16.97 -52.69 -19.86
CA VAL F 275 -18.35 -52.89 -19.45
C VAL F 275 -19.07 -51.60 -19.12
N TRP F 276 -20.34 -51.56 -19.52
CA TRP F 276 -21.21 -50.45 -19.21
C TRP F 276 -22.03 -51.04 -18.06
N ILE F 277 -21.77 -50.58 -16.85
CA ILE F 277 -22.46 -51.07 -15.68
C ILE F 277 -23.56 -50.12 -15.25
N GLY F 278 -24.75 -50.66 -14.99
CA GLY F 278 -25.86 -49.84 -14.53
C GLY F 278 -26.10 -50.26 -13.10
N ARG F 279 -26.20 -49.29 -12.19
CA ARG F 279 -26.38 -49.67 -10.79
C ARG F 279 -26.92 -48.52 -9.96
N THR F 280 -27.34 -48.86 -8.75
CA THR F 280 -27.85 -47.85 -7.84
C THR F 280 -26.61 -47.11 -7.36
N LYS F 281 -26.79 -45.88 -6.90
CA LYS F 281 -25.65 -45.12 -6.40
C LYS F 281 -25.40 -45.57 -4.97
N SER F 282 -26.47 -46.00 -4.30
CA SER F 282 -26.36 -46.47 -2.92
C SER F 282 -25.76 -47.87 -2.89
N THR F 283 -25.18 -48.24 -1.76
CA THR F 283 -24.59 -49.57 -1.58
C THR F 283 -25.47 -50.41 -0.65
N ASN F 284 -26.51 -49.79 -0.11
CA ASN F 284 -27.41 -50.49 0.79
C ASN F 284 -28.87 -50.38 0.34
N SER F 285 -29.21 -49.27 -0.31
CA SER F 285 -30.58 -49.06 -0.76
C SER F 285 -30.76 -49.02 -2.27
N ARG F 286 -32.01 -49.18 -2.70
CA ARG F 286 -32.35 -49.12 -4.11
C ARG F 286 -32.69 -47.66 -4.40
N SER F 287 -31.72 -46.80 -4.11
CA SER F 287 -31.86 -45.37 -4.33
C SER F 287 -30.79 -44.88 -5.31
N GLY F 288 -31.20 -43.97 -6.19
CA GLY F 288 -30.27 -43.44 -7.16
C GLY F 288 -29.86 -44.44 -8.23
N PHE F 289 -29.32 -43.94 -9.32
CA PHE F 289 -28.88 -44.81 -10.40
C PHE F 289 -27.82 -44.11 -11.25
N GLU F 290 -26.96 -44.91 -11.88
CA GLU F 290 -25.88 -44.35 -12.68
C GLU F 290 -25.27 -45.35 -13.67
N MET F 291 -24.87 -44.84 -14.82
CA MET F 291 -24.22 -45.67 -15.84
C MET F 291 -22.73 -45.41 -15.69
N ILE F 292 -21.95 -46.49 -15.57
CA ILE F 292 -20.51 -46.38 -15.41
C ILE F 292 -19.81 -47.18 -16.51
N TRP F 293 -18.84 -46.56 -17.18
CA TRP F 293 -18.12 -47.25 -18.23
C TRP F 293 -16.71 -47.63 -17.79
N ASP F 294 -16.49 -48.91 -17.50
CA ASP F 294 -15.18 -49.39 -17.08
C ASP F 294 -14.54 -50.18 -18.20
N PRO F 295 -13.70 -49.52 -19.02
CA PRO F 295 -13.04 -50.20 -20.12
C PRO F 295 -12.17 -51.27 -19.47
N ASN F 296 -11.89 -52.36 -20.17
CA ASN F 296 -11.07 -53.40 -19.57
C ASN F 296 -11.48 -53.48 -18.10
N GLY F 297 -12.73 -53.89 -17.88
CA GLY F 297 -13.29 -54.02 -16.55
C GLY F 297 -14.26 -55.19 -16.46
N TRP F 298 -14.38 -55.94 -17.54
CA TRP F 298 -15.24 -57.10 -17.61
C TRP F 298 -14.39 -58.32 -17.27
N THR F 299 -13.08 -58.17 -17.49
CA THR F 299 -12.13 -59.24 -17.24
C THR F 299 -11.12 -58.84 -16.17
N GLU F 300 -10.98 -57.54 -15.93
CA GLU F 300 -10.01 -57.06 -14.96
C GLU F 300 -10.62 -56.63 -13.64
N THR F 301 -9.77 -56.56 -12.62
CA THR F 301 -10.19 -56.16 -11.29
C THR F 301 -9.68 -54.76 -10.97
N ASP F 302 -10.59 -53.80 -10.85
CA ASP F 302 -10.19 -52.43 -10.54
C ASP F 302 -11.16 -51.72 -9.61
N SER F 303 -11.28 -50.43 -9.81
CA SER F 303 -12.18 -49.56 -9.04
C SER F 303 -12.24 -48.36 -9.94
N SER F 304 -11.29 -48.31 -10.86
CA SER F 304 -11.17 -47.23 -11.82
C SER F 304 -11.86 -47.54 -13.13
N PHE F 305 -12.51 -46.51 -13.65
CA PHE F 305 -13.27 -46.55 -14.89
C PHE F 305 -13.07 -45.16 -15.49
N SER F 306 -13.55 -44.94 -16.70
CA SER F 306 -13.38 -43.65 -17.36
C SER F 306 -14.59 -42.73 -17.39
N VAL F 307 -15.80 -43.29 -17.33
CA VAL F 307 -16.99 -42.45 -17.38
C VAL F 307 -18.08 -42.83 -16.39
N LYS F 308 -18.82 -41.81 -15.93
CA LYS F 308 -19.92 -42.01 -15.00
C LYS F 308 -21.02 -41.03 -15.39
N GLN F 309 -22.19 -41.56 -15.70
CA GLN F 309 -23.30 -40.72 -16.08
C GLN F 309 -24.49 -40.90 -15.13
N ASP F 310 -24.77 -39.87 -14.34
CA ASP F 310 -25.88 -39.96 -13.41
C ASP F 310 -27.21 -40.08 -14.16
N ILE F 311 -28.13 -40.86 -13.58
CA ILE F 311 -29.46 -41.06 -14.15
C ILE F 311 -30.51 -40.74 -13.09
N VAL F 312 -30.24 -41.16 -11.86
CA VAL F 312 -31.12 -40.89 -10.74
C VAL F 312 -30.24 -40.51 -9.55
N ALA F 313 -30.62 -39.45 -8.85
CA ALA F 313 -29.85 -39.01 -7.69
C ALA F 313 -30.03 -39.99 -6.52
N ILE F 314 -28.99 -40.11 -5.70
CA ILE F 314 -29.00 -41.00 -4.55
C ILE F 314 -30.12 -40.61 -3.58
N THR F 315 -30.63 -39.38 -3.70
CA THR F 315 -31.68 -38.91 -2.82
C THR F 315 -33.05 -39.38 -3.25
N ASP F 316 -33.12 -40.04 -4.41
CA ASP F 316 -34.39 -40.54 -4.91
C ASP F 316 -34.38 -42.06 -5.08
N TRP F 317 -35.55 -42.67 -5.04
CA TRP F 317 -35.66 -44.12 -5.14
C TRP F 317 -35.57 -44.67 -6.56
N SER F 318 -34.86 -45.78 -6.70
CA SER F 318 -34.73 -46.42 -7.99
C SER F 318 -35.28 -47.83 -7.82
N GLY F 319 -34.61 -48.83 -8.40
CA GLY F 319 -35.07 -50.19 -8.28
C GLY F 319 -34.55 -51.08 -9.38
N TYR F 320 -35.32 -52.13 -9.71
CA TYR F 320 -34.95 -53.05 -10.76
C TYR F 320 -34.60 -52.25 -12.02
N SER F 321 -33.62 -52.74 -12.76
CA SER F 321 -33.24 -52.09 -14.00
C SER F 321 -33.04 -53.26 -14.95
N GLY F 322 -33.24 -53.03 -16.23
CA GLY F 322 -33.08 -54.10 -17.18
C GLY F 322 -32.66 -53.58 -18.53
N SER F 323 -31.97 -54.43 -19.26
CA SER F 323 -31.50 -54.05 -20.57
C SER F 323 -32.54 -54.39 -21.60
N PHE F 324 -32.51 -53.67 -22.72
CA PHE F 324 -33.40 -53.99 -23.81
C PHE F 324 -32.80 -53.53 -25.11
N VAL F 325 -33.12 -54.33 -26.13
CA VAL F 325 -32.63 -54.14 -27.52
C VAL F 325 -33.46 -53.17 -28.35
N GLN F 326 -32.76 -52.53 -29.26
CA GLN F 326 -33.33 -51.92 -30.45
C GLN F 326 -32.60 -52.44 -31.68
N HIS F 327 -33.22 -53.44 -32.32
CA HIS F 327 -32.68 -54.14 -33.51
C HIS F 327 -32.68 -53.30 -34.71
N PRO F 328 -31.71 -53.52 -35.58
CA PRO F 328 -31.58 -52.78 -36.82
C PRO F 328 -32.82 -52.90 -37.74
N GLU F 329 -33.68 -53.92 -37.60
CA GLU F 329 -34.85 -53.99 -38.50
C GLU F 329 -35.91 -53.01 -38.03
N LEU F 330 -35.63 -52.45 -36.87
CA LEU F 330 -36.48 -51.42 -36.31
C LEU F 330 -35.84 -50.04 -36.45
N THR F 331 -34.52 -49.98 -36.37
CA THR F 331 -33.81 -48.71 -36.43
C THR F 331 -33.31 -48.24 -37.80
N GLY F 332 -32.85 -49.16 -38.63
CA GLY F 332 -32.30 -48.78 -39.91
C GLY F 332 -30.80 -48.73 -39.70
N LEU F 333 -30.43 -48.88 -38.43
CA LEU F 333 -29.03 -48.89 -38.03
C LEU F 333 -28.43 -50.20 -38.53
N ASP F 334 -27.11 -50.28 -38.57
CA ASP F 334 -26.44 -51.50 -39.05
C ASP F 334 -25.91 -52.28 -37.85
N CYS F 335 -26.40 -51.91 -36.66
CA CYS F 335 -26.01 -52.55 -35.43
C CYS F 335 -27.22 -52.67 -34.49
N ILE F 336 -26.98 -53.24 -33.32
CA ILE F 336 -28.04 -53.42 -32.33
C ILE F 336 -27.91 -52.35 -31.26
N ARG F 337 -29.00 -51.62 -31.05
CA ARG F 337 -29.06 -50.53 -30.08
C ARG F 337 -29.19 -50.99 -28.64
N PRO F 338 -28.19 -50.70 -27.79
CA PRO F 338 -28.29 -51.13 -26.39
C PRO F 338 -29.06 -50.07 -25.63
N CYS F 339 -30.18 -50.45 -25.03
CA CYS F 339 -30.98 -49.50 -24.25
C CYS F 339 -31.25 -50.12 -22.88
N PHE F 340 -31.82 -49.35 -21.97
CA PHE F 340 -32.13 -49.89 -20.65
C PHE F 340 -33.25 -49.13 -19.97
N TRP F 341 -33.94 -49.80 -19.07
CA TRP F 341 -35.03 -49.20 -18.32
C TRP F 341 -34.69 -49.26 -16.86
N VAL F 342 -35.25 -48.33 -16.09
CA VAL F 342 -35.03 -48.31 -14.67
C VAL F 342 -36.38 -48.14 -13.99
N GLU F 343 -36.62 -48.99 -13.00
CA GLU F 343 -37.86 -48.97 -12.24
C GLU F 343 -37.64 -48.17 -10.98
N LEU F 344 -38.46 -47.13 -10.81
CA LEU F 344 -38.35 -46.27 -9.64
C LEU F 344 -39.43 -46.71 -8.65
N ILE F 345 -39.01 -47.55 -7.71
CA ILE F 345 -39.90 -48.10 -6.70
C ILE F 345 -40.31 -47.12 -5.61
N ARG F 346 -41.61 -47.03 -5.35
CA ARG F 346 -42.12 -46.13 -4.31
C ARG F 346 -43.05 -46.86 -3.35
N GLY F 347 -43.01 -46.47 -2.09
CA GLY F 347 -43.85 -47.09 -1.08
C GLY F 347 -43.07 -48.01 -0.16
N ARG F 348 -43.62 -49.19 0.12
CA ARG F 348 -42.97 -50.15 0.99
C ARG F 348 -41.81 -50.84 0.28
N PRO F 349 -40.81 -51.30 1.04
CA PRO F 349 -40.75 -51.20 2.50
C PRO F 349 -40.14 -49.90 3.01
N LYS F 350 -39.54 -49.15 2.09
CA LYS F 350 -38.88 -47.90 2.44
C LYS F 350 -39.74 -46.71 2.80
N GLU F 351 -41.03 -46.74 2.47
CA GLU F 351 -41.89 -45.60 2.79
C GLU F 351 -43.14 -46.01 3.58
N SER F 352 -43.65 -45.11 4.41
CA SER F 352 -44.82 -45.39 5.22
C SER F 352 -46.13 -45.34 4.44
N THR F 353 -46.36 -46.32 3.58
CA THR F 353 -47.58 -46.42 2.79
C THR F 353 -48.03 -47.87 2.92
N ILE F 354 -49.18 -48.21 2.35
CA ILE F 354 -49.65 -49.59 2.43
C ILE F 354 -49.37 -50.35 1.14
N TRP F 355 -48.91 -49.65 0.12
CA TRP F 355 -48.64 -50.26 -1.18
C TRP F 355 -47.18 -50.20 -1.63
N THR F 356 -46.97 -50.72 -2.83
CA THR F 356 -45.66 -50.74 -3.45
C THR F 356 -45.87 -50.76 -4.97
N SER F 357 -45.38 -49.73 -5.65
CA SER F 357 -45.50 -49.66 -7.10
C SER F 357 -44.27 -48.94 -7.66
N GLY F 358 -44.18 -48.84 -8.98
CA GLY F 358 -43.01 -48.19 -9.54
C GLY F 358 -43.14 -47.55 -10.91
N SER F 359 -42.46 -46.42 -11.09
CA SER F 359 -42.45 -45.70 -12.36
C SER F 359 -41.32 -46.27 -13.17
N SER F 360 -41.25 -45.88 -14.43
CA SER F 360 -40.19 -46.36 -15.30
C SER F 360 -39.60 -45.24 -16.13
N ILE F 361 -38.30 -45.31 -16.34
CA ILE F 361 -37.56 -44.35 -17.16
C ILE F 361 -36.64 -45.22 -17.99
N SER F 362 -36.42 -44.85 -19.24
CA SER F 362 -35.54 -45.65 -20.09
C SER F 362 -34.63 -44.76 -20.92
N PHE F 363 -33.49 -45.33 -21.30
CA PHE F 363 -32.50 -44.64 -22.09
C PHE F 363 -32.01 -45.57 -23.20
N CYS F 364 -31.28 -45.00 -24.17
CA CYS F 364 -30.76 -45.79 -25.29
C CYS F 364 -29.32 -45.41 -25.66
N GLY F 365 -28.65 -46.33 -26.36
CA GLY F 365 -27.27 -46.14 -26.80
C GLY F 365 -26.85 -44.74 -27.19
N VAL F 366 -26.81 -44.45 -28.48
CA VAL F 366 -26.43 -43.12 -28.96
C VAL F 366 -24.93 -42.80 -29.10
N ASN F 367 -24.55 -42.28 -30.27
CA ASN F 367 -23.17 -41.91 -30.57
C ASN F 367 -22.91 -40.50 -30.05
N SER F 368 -23.89 -39.63 -30.28
CA SER F 368 -23.83 -38.23 -29.85
C SER F 368 -23.67 -38.16 -28.33
N ASP F 369 -23.56 -36.97 -27.76
CA ASP F 369 -23.38 -36.93 -26.33
C ASP F 369 -24.63 -36.61 -25.53
N THR F 370 -24.58 -36.94 -24.25
CA THR F 370 -25.73 -36.71 -23.40
C THR F 370 -25.32 -35.88 -22.20
N VAL F 371 -26.10 -36.01 -21.13
CA VAL F 371 -25.87 -35.29 -19.91
C VAL F 371 -26.40 -36.11 -18.77
N GLY F 372 -25.66 -36.11 -17.66
CA GLY F 372 -26.12 -36.82 -16.49
C GLY F 372 -27.11 -35.89 -15.82
N TRP F 373 -28.06 -36.44 -15.08
CA TRP F 373 -29.05 -35.63 -14.39
C TRP F 373 -29.81 -36.57 -13.49
N SER F 374 -31.01 -36.20 -13.11
CA SER F 374 -31.82 -37.05 -12.26
C SER F 374 -33.25 -36.99 -12.74
N TRP F 375 -33.77 -38.14 -13.13
CA TRP F 375 -35.14 -38.25 -13.59
C TRP F 375 -35.87 -39.16 -12.61
N PRO F 376 -36.09 -38.68 -11.37
CA PRO F 376 -36.76 -39.46 -10.34
C PRO F 376 -38.24 -39.67 -10.58
N ASP F 377 -38.85 -40.50 -9.73
CA ASP F 377 -40.27 -40.78 -9.82
C ASP F 377 -41.06 -39.49 -9.68
N GLY F 378 -40.78 -38.73 -8.61
CA GLY F 378 -41.46 -37.47 -8.38
C GLY F 378 -42.85 -37.46 -7.77
N ALA F 379 -43.27 -38.57 -7.19
CA ALA F 379 -44.60 -38.62 -6.59
C ALA F 379 -44.55 -38.17 -5.13
N GLU F 380 -45.66 -37.65 -4.63
CA GLU F 380 -45.73 -37.19 -3.25
C GLU F 380 -46.38 -38.25 -2.36
N LEU F 381 -45.60 -38.85 -1.47
CA LEU F 381 -46.14 -39.84 -0.57
C LEU F 381 -46.22 -39.27 0.85
N PRO F 382 -47.15 -39.79 1.65
CA PRO F 382 -48.05 -40.88 1.28
C PRO F 382 -49.21 -40.41 0.39
N PHE F 383 -50.01 -41.36 -0.07
CA PHE F 383 -51.17 -41.06 -0.90
C PHE F 383 -52.41 -41.00 -0.02
N THR F 384 -53.57 -40.75 -0.61
CA THR F 384 -54.81 -40.68 0.16
C THR F 384 -54.94 -42.02 0.88
N ILE F 385 -54.07 -42.94 0.47
CA ILE F 385 -53.97 -44.31 0.99
C ILE F 385 -55.04 -45.17 0.35
N VAL G 1 -61.64 -65.64 -45.21
CA VAL G 1 -61.90 -67.08 -45.55
C VAL G 1 -62.65 -67.81 -44.44
N LYS G 2 -63.77 -68.42 -44.80
CA LYS G 2 -64.60 -69.15 -43.86
C LYS G 2 -63.84 -70.14 -42.99
N LEU G 3 -64.22 -70.19 -41.72
CA LEU G 3 -63.62 -71.06 -40.72
C LEU G 3 -64.07 -72.50 -40.94
N ALA G 4 -63.14 -73.41 -41.14
CA ALA G 4 -63.50 -74.81 -41.32
C ALA G 4 -63.50 -75.47 -39.94
N GLY G 5 -64.49 -76.33 -39.71
CA GLY G 5 -64.54 -76.99 -38.42
C GLY G 5 -64.46 -78.48 -38.63
N ASN G 6 -63.69 -78.90 -39.64
CA ASN G 6 -63.56 -80.30 -39.98
C ASN G 6 -62.60 -81.11 -39.10
N SER G 7 -61.64 -80.43 -38.47
CA SER G 7 -60.69 -81.11 -37.60
C SER G 7 -61.36 -81.52 -36.28
N SER G 8 -60.69 -82.35 -35.50
CA SER G 8 -61.23 -82.80 -34.23
C SER G 8 -60.61 -82.05 -33.07
N LEU G 9 -61.16 -82.22 -31.88
CA LEU G 9 -60.61 -81.58 -30.72
C LEU G 9 -59.21 -82.13 -30.52
N CYS G 10 -58.30 -81.28 -30.10
CA CYS G 10 -56.92 -81.69 -29.85
C CYS G 10 -56.84 -82.55 -28.61
N PRO G 11 -55.90 -83.50 -28.59
CA PRO G 11 -55.74 -84.37 -27.42
C PRO G 11 -55.05 -83.54 -26.35
N ILE G 12 -55.46 -83.70 -25.09
CA ILE G 12 -54.85 -82.93 -24.01
C ILE G 12 -54.62 -83.74 -22.75
N ASN G 13 -53.89 -83.15 -21.81
CA ASN G 13 -53.56 -83.77 -20.52
C ASN G 13 -53.96 -82.88 -19.35
N GLY G 14 -54.14 -81.60 -19.63
CA GLY G 14 -54.51 -80.68 -18.57
C GLY G 14 -54.96 -79.35 -19.13
N TRP G 15 -54.96 -78.32 -18.29
CA TRP G 15 -55.38 -77.00 -18.72
C TRP G 15 -54.44 -75.95 -18.20
N ALA G 16 -53.98 -75.08 -19.09
CA ALA G 16 -53.05 -74.02 -18.73
C ALA G 16 -53.79 -72.68 -18.58
N VAL G 17 -53.48 -71.91 -17.54
CA VAL G 17 -54.13 -70.60 -17.35
C VAL G 17 -53.92 -69.74 -18.56
N TYR G 18 -55.01 -69.20 -19.09
CA TYR G 18 -54.96 -68.35 -20.27
C TYR G 18 -55.20 -66.89 -19.93
N SER G 19 -56.18 -66.61 -19.07
CA SER G 19 -56.43 -65.23 -18.71
C SER G 19 -57.16 -65.07 -17.38
N LYS G 20 -57.12 -63.85 -16.86
CA LYS G 20 -57.76 -63.48 -15.61
C LYS G 20 -57.93 -61.97 -15.73
N ASP G 21 -59.17 -61.48 -15.70
CA ASP G 21 -59.39 -60.04 -15.86
C ASP G 21 -59.25 -59.18 -14.60
N ASN G 22 -59.60 -59.71 -13.44
CA ASN G 22 -59.51 -58.97 -12.19
C ASN G 22 -60.47 -57.79 -12.21
N SER G 23 -61.45 -57.86 -13.09
CA SER G 23 -62.42 -56.80 -13.26
C SER G 23 -62.91 -56.19 -11.96
N ILE G 24 -63.42 -57.01 -11.04
CA ILE G 24 -63.94 -56.48 -9.79
C ILE G 24 -62.91 -55.79 -8.91
N ARG G 25 -61.72 -56.39 -8.77
CA ARG G 25 -60.66 -55.79 -7.97
C ARG G 25 -60.30 -54.41 -8.54
N ILE G 26 -60.28 -54.32 -9.86
CA ILE G 26 -59.97 -53.09 -10.55
C ILE G 26 -61.14 -52.12 -10.52
N GLY G 27 -62.34 -52.67 -10.64
CA GLY G 27 -63.54 -51.87 -10.63
C GLY G 27 -63.83 -51.20 -9.30
N SER G 28 -63.02 -51.49 -8.29
CA SER G 28 -63.21 -50.89 -6.99
C SER G 28 -62.99 -49.39 -7.16
N LYS G 29 -61.99 -49.05 -7.98
CA LYS G 29 -61.66 -47.66 -8.24
C LYS G 29 -61.94 -47.32 -9.70
N GLY G 30 -61.45 -48.18 -10.60
CA GLY G 30 -61.64 -47.95 -12.02
C GLY G 30 -63.10 -47.99 -12.45
N ASP G 31 -63.35 -47.53 -13.67
CA ASP G 31 -64.68 -47.50 -14.25
C ASP G 31 -64.90 -48.80 -15.00
N VAL G 32 -65.26 -49.83 -14.24
CA VAL G 32 -65.52 -51.16 -14.79
C VAL G 32 -67.01 -51.49 -14.73
N PHE G 33 -67.50 -52.14 -15.77
CA PHE G 33 -68.89 -52.52 -15.84
C PHE G 33 -69.22 -53.60 -14.82
N VAL G 34 -70.44 -53.56 -14.30
CA VAL G 34 -70.87 -54.63 -13.41
C VAL G 34 -71.40 -55.57 -14.47
N ILE G 35 -70.91 -56.81 -14.51
CA ILE G 35 -71.33 -57.75 -15.55
C ILE G 35 -71.77 -59.14 -15.10
N ARG G 36 -72.18 -59.94 -16.09
CA ARG G 36 -72.58 -61.33 -15.89
C ARG G 36 -72.24 -62.11 -17.15
N GLU G 37 -71.98 -63.41 -16.98
CA GLU G 37 -71.63 -64.30 -18.08
C GLU G 37 -70.60 -63.79 -19.08
N PRO G 38 -69.36 -63.61 -18.62
CA PRO G 38 -68.30 -63.13 -19.49
C PRO G 38 -67.75 -64.28 -20.34
N PHE G 39 -68.50 -64.68 -21.37
CA PHE G 39 -68.03 -65.78 -22.20
C PHE G 39 -67.03 -65.32 -23.24
N ILE G 40 -66.06 -66.18 -23.54
CA ILE G 40 -65.04 -65.88 -24.52
C ILE G 40 -65.41 -66.54 -25.85
N SER G 41 -64.98 -65.93 -26.95
CA SER G 41 -65.20 -66.45 -28.28
C SER G 41 -64.10 -65.87 -29.15
N CYS G 42 -63.55 -66.64 -30.08
CA CYS G 42 -62.46 -66.13 -30.91
C CYS G 42 -62.71 -66.08 -32.42
N SER G 43 -61.90 -65.30 -33.11
CA SER G 43 -61.99 -65.18 -34.56
C SER G 43 -60.78 -65.88 -35.13
N HIS G 44 -60.39 -65.54 -36.36
CA HIS G 44 -59.22 -66.15 -36.96
C HIS G 44 -58.06 -65.21 -36.68
N LEU G 45 -58.31 -64.22 -35.82
CA LEU G 45 -57.28 -63.25 -35.49
C LEU G 45 -57.12 -63.00 -34.00
N GLU G 46 -58.26 -62.92 -33.30
CA GLU G 46 -58.21 -62.64 -31.86
C GLU G 46 -59.28 -63.35 -31.06
N CYS G 47 -59.28 -63.05 -29.76
CA CYS G 47 -60.23 -63.62 -28.83
C CYS G 47 -60.78 -62.46 -28.01
N ARG G 48 -62.08 -62.42 -27.83
CA ARG G 48 -62.69 -61.34 -27.07
C ARG G 48 -63.58 -61.90 -25.97
N THR G 49 -63.89 -61.06 -25.00
CA THR G 49 -64.77 -61.47 -23.92
C THR G 49 -66.09 -60.76 -24.15
N PHE G 50 -67.15 -61.53 -24.21
CA PHE G 50 -68.46 -60.92 -24.38
C PHE G 50 -69.09 -60.95 -23.00
N PHE G 51 -70.02 -60.05 -22.74
CA PHE G 51 -70.64 -60.02 -21.44
C PHE G 51 -71.89 -59.19 -21.49
N LEU G 52 -72.77 -59.39 -20.51
CA LEU G 52 -74.00 -58.62 -20.42
C LEU G 52 -73.81 -57.66 -19.25
N THR G 53 -74.31 -56.45 -19.40
CA THR G 53 -74.19 -55.45 -18.34
C THR G 53 -75.54 -54.80 -18.17
N GLN G 54 -75.79 -54.28 -16.98
CA GLN G 54 -77.04 -53.61 -16.70
C GLN G 54 -76.85 -52.12 -17.02
N GLY G 55 -75.73 -51.82 -17.65
CA GLY G 55 -75.43 -50.43 -17.99
C GLY G 55 -75.10 -49.66 -16.73
N ALA G 56 -74.24 -50.24 -15.90
CA ALA G 56 -73.85 -49.63 -14.63
C ALA G 56 -72.39 -49.92 -14.32
N LEU G 57 -71.78 -49.13 -13.46
CA LEU G 57 -70.39 -49.37 -13.11
C LEU G 57 -70.28 -49.80 -11.66
N LEU G 58 -69.25 -50.57 -11.38
CA LEU G 58 -69.00 -51.05 -10.03
C LEU G 58 -68.80 -49.85 -9.10
N ASN G 59 -69.28 -50.00 -7.87
CA ASN G 59 -69.17 -48.96 -6.85
C ASN G 59 -70.01 -47.72 -7.13
N ASP G 60 -71.04 -47.87 -7.95
CA ASP G 60 -71.95 -46.76 -8.26
C ASP G 60 -73.34 -47.19 -7.85
N LYS G 61 -74.17 -46.23 -7.48
CA LYS G 61 -75.54 -46.55 -7.04
C LYS G 61 -76.40 -47.26 -8.08
N HIS G 62 -76.02 -47.22 -9.36
CA HIS G 62 -76.82 -47.88 -10.39
C HIS G 62 -76.63 -49.39 -10.44
N SER G 63 -75.62 -49.87 -9.72
CA SER G 63 -75.36 -51.30 -9.67
C SER G 63 -76.29 -51.91 -8.63
N ASN G 64 -77.32 -51.17 -8.25
CA ASN G 64 -78.28 -51.60 -7.25
C ASN G 64 -78.75 -53.04 -7.43
N GLY G 65 -78.70 -53.55 -8.65
CA GLY G 65 -79.09 -54.94 -8.89
C GLY G 65 -80.43 -55.50 -8.46
N THR G 66 -81.22 -54.77 -7.67
CA THR G 66 -82.54 -55.29 -7.25
C THR G 66 -83.42 -55.35 -8.51
N VAL G 67 -82.84 -54.88 -9.62
CA VAL G 67 -83.50 -54.86 -10.92
C VAL G 67 -83.69 -56.26 -11.48
N LYS G 68 -84.81 -56.46 -12.18
CA LYS G 68 -85.11 -57.74 -12.82
C LYS G 68 -83.89 -58.11 -13.67
N ASP G 69 -83.61 -59.41 -13.79
CA ASP G 69 -82.47 -59.86 -14.58
C ASP G 69 -82.61 -59.42 -16.03
N ARG G 70 -83.80 -59.62 -16.57
CA ARG G 70 -84.10 -59.26 -17.93
C ARG G 70 -84.62 -57.82 -18.01
N SER G 71 -83.69 -56.87 -18.01
CA SER G 71 -84.05 -55.45 -18.07
C SER G 71 -83.70 -54.81 -19.41
N PRO G 72 -84.44 -53.75 -19.78
CA PRO G 72 -84.23 -53.02 -21.04
C PRO G 72 -82.90 -52.29 -21.05
N HIS G 73 -82.10 -52.50 -20.02
CA HIS G 73 -80.80 -51.85 -19.92
C HIS G 73 -79.67 -52.83 -20.21
N ARG G 74 -79.96 -54.12 -20.08
CA ARG G 74 -78.96 -55.15 -20.33
C ARG G 74 -78.49 -55.06 -21.78
N THR G 75 -77.18 -55.04 -21.98
CA THR G 75 -76.61 -54.98 -23.32
C THR G 75 -75.41 -55.90 -23.48
N LEU G 76 -75.24 -56.43 -24.67
CA LEU G 76 -74.14 -57.31 -24.96
C LEU G 76 -72.97 -56.44 -25.41
N MET G 77 -71.81 -56.63 -24.78
CA MET G 77 -70.64 -55.88 -25.17
C MET G 77 -69.45 -56.81 -25.14
N SER G 78 -68.32 -56.37 -25.70
CA SER G 78 -67.13 -57.19 -25.74
C SER G 78 -65.89 -56.34 -25.67
N CYS G 79 -64.80 -56.94 -25.24
CA CYS G 79 -63.53 -56.25 -25.15
C CYS G 79 -62.44 -57.32 -25.27
N PRO G 80 -61.20 -56.92 -25.56
CA PRO G 80 -60.15 -57.94 -25.68
C PRO G 80 -59.97 -58.75 -24.40
N VAL G 81 -59.70 -60.04 -24.58
CA VAL G 81 -59.55 -60.95 -23.44
C VAL G 81 -58.49 -60.51 -22.45
N GLY G 82 -58.80 -60.68 -21.17
CA GLY G 82 -57.87 -60.32 -20.13
C GLY G 82 -58.06 -58.93 -19.58
N GLU G 83 -58.73 -58.07 -20.33
CA GLU G 83 -58.95 -56.71 -19.87
C GLU G 83 -60.24 -56.56 -19.09
N ALA G 84 -60.24 -55.60 -18.16
CA ALA G 84 -61.44 -55.32 -17.36
C ALA G 84 -62.42 -54.61 -18.29
N PRO G 85 -63.67 -55.13 -18.37
CA PRO G 85 -64.71 -54.57 -19.22
C PRO G 85 -65.20 -53.22 -18.71
N SER G 86 -64.94 -52.17 -19.48
CA SER G 86 -65.34 -50.82 -19.10
C SER G 86 -65.82 -50.05 -20.31
N PRO G 87 -66.47 -48.91 -20.05
CA PRO G 87 -66.98 -48.07 -21.14
C PRO G 87 -65.89 -47.48 -22.04
N TYR G 88 -64.65 -47.50 -21.59
CA TYR G 88 -63.62 -46.94 -22.44
C TYR G 88 -62.85 -47.91 -23.28
N ASN G 89 -63.14 -49.19 -23.10
CA ASN G 89 -62.41 -50.17 -23.86
C ASN G 89 -63.33 -51.27 -24.41
N SER G 90 -64.60 -51.21 -24.05
CA SER G 90 -65.55 -52.20 -24.51
C SER G 90 -66.36 -51.75 -25.72
N ARG G 91 -66.53 -52.64 -26.67
CA ARG G 91 -67.29 -52.39 -27.89
C ARG G 91 -68.77 -52.74 -27.67
N PHE G 92 -69.67 -52.00 -28.30
CA PHE G 92 -71.10 -52.30 -28.15
C PHE G 92 -71.52 -53.40 -29.12
N GLU G 93 -72.27 -54.38 -28.64
CA GLU G 93 -72.69 -55.45 -29.52
C GLU G 93 -74.19 -55.48 -29.76
N SER G 94 -74.96 -55.46 -28.69
CA SER G 94 -76.40 -55.55 -28.86
C SER G 94 -77.18 -55.24 -27.59
N VAL G 95 -78.48 -54.98 -27.74
CA VAL G 95 -79.31 -54.73 -26.58
C VAL G 95 -79.84 -56.12 -26.28
N ALA G 96 -79.55 -56.63 -25.09
CA ALA G 96 -80.02 -57.97 -24.77
C ALA G 96 -79.82 -58.45 -23.34
N TRP G 97 -80.79 -59.20 -22.83
CA TRP G 97 -80.65 -59.76 -21.49
C TRP G 97 -80.35 -61.25 -21.60
N SER G 98 -80.01 -61.69 -22.81
CA SER G 98 -79.67 -63.08 -23.10
C SER G 98 -78.98 -63.06 -24.47
N ALA G 99 -77.80 -63.67 -24.56
CA ALA G 99 -77.08 -63.62 -25.83
C ALA G 99 -76.11 -64.76 -26.09
N SER G 100 -75.45 -64.64 -27.25
CA SER G 100 -74.44 -65.56 -27.71
C SER G 100 -73.78 -64.85 -28.87
N ALA G 101 -72.63 -65.33 -29.31
CA ALA G 101 -71.91 -64.70 -30.41
C ALA G 101 -70.79 -65.65 -30.83
N CYS G 102 -70.38 -65.53 -32.10
CA CYS G 102 -69.32 -66.35 -32.65
C CYS G 102 -68.88 -65.79 -33.98
N HIS G 103 -67.62 -66.01 -34.32
CA HIS G 103 -67.04 -65.52 -35.57
C HIS G 103 -66.96 -66.71 -36.52
N ASP G 104 -67.43 -66.53 -37.76
CA ASP G 104 -67.39 -67.63 -38.71
C ASP G 104 -66.12 -67.62 -39.54
N GLY G 105 -65.19 -66.75 -39.18
CA GLY G 105 -63.94 -66.68 -39.91
C GLY G 105 -63.85 -65.40 -40.71
N THR G 106 -65.02 -64.86 -41.07
CA THR G 106 -65.09 -63.62 -41.84
C THR G 106 -65.50 -62.45 -40.93
N SER G 107 -66.67 -62.55 -40.33
CA SER G 107 -67.15 -61.50 -39.44
C SER G 107 -67.82 -62.06 -38.21
N TRP G 108 -68.13 -61.19 -37.26
CA TRP G 108 -68.78 -61.59 -36.02
C TRP G 108 -70.29 -61.72 -36.21
N LEU G 109 -70.85 -62.70 -35.53
CA LEU G 109 -72.28 -62.92 -35.53
C LEU G 109 -72.64 -62.76 -34.06
N THR G 110 -73.62 -61.92 -33.77
CA THR G 110 -74.03 -61.73 -32.39
C THR G 110 -75.53 -61.96 -32.34
N ILE G 111 -76.00 -62.48 -31.23
CA ILE G 111 -77.41 -62.76 -31.06
C ILE G 111 -77.82 -62.13 -29.75
N GLY G 112 -78.64 -61.09 -29.82
CA GLY G 112 -79.09 -60.41 -28.61
C GLY G 112 -80.60 -60.54 -28.44
N ILE G 113 -81.03 -61.06 -27.29
CA ILE G 113 -82.45 -61.22 -27.03
C ILE G 113 -82.94 -60.14 -26.07
N SER G 114 -83.97 -59.42 -26.47
CA SER G 114 -84.52 -58.39 -25.60
C SER G 114 -86.03 -58.37 -25.75
N GLY G 115 -86.69 -57.44 -25.07
CA GLY G 115 -88.14 -57.37 -25.16
C GLY G 115 -88.83 -57.98 -23.94
N PRO G 116 -90.16 -58.00 -23.93
CA PRO G 116 -90.88 -58.57 -22.79
C PRO G 116 -90.69 -60.09 -22.70
N ASP G 117 -91.08 -60.68 -21.57
CA ASP G 117 -90.95 -62.12 -21.39
C ASP G 117 -91.97 -62.88 -22.23
N ASN G 118 -93.08 -62.23 -22.58
CA ASN G 118 -94.14 -62.87 -23.37
C ASN G 118 -94.00 -62.66 -24.87
N GLY G 119 -92.82 -62.22 -25.29
CA GLY G 119 -92.61 -61.99 -26.71
C GLY G 119 -91.21 -61.52 -26.99
N ALA G 120 -90.24 -62.07 -26.27
CA ALA G 120 -88.86 -61.67 -26.48
C ALA G 120 -88.52 -61.86 -27.95
N VAL G 121 -87.56 -61.09 -28.44
CA VAL G 121 -87.13 -61.21 -29.83
C VAL G 121 -85.61 -61.16 -29.93
N ALA G 122 -85.04 -62.16 -30.61
CA ALA G 122 -83.60 -62.22 -30.79
C ALA G 122 -83.21 -61.41 -32.03
N VAL G 123 -82.25 -60.52 -31.87
CA VAL G 123 -81.80 -59.73 -32.99
C VAL G 123 -80.44 -60.28 -33.39
N LEU G 124 -80.33 -60.81 -34.60
CA LEU G 124 -79.04 -61.32 -35.06
C LEU G 124 -78.31 -60.25 -35.88
N LYS G 125 -77.06 -59.96 -35.52
CA LYS G 125 -76.25 -58.98 -36.23
C LYS G 125 -75.01 -59.65 -36.80
N TYR G 126 -74.71 -59.34 -38.07
CA TYR G 126 -73.54 -59.87 -38.75
C TYR G 126 -72.66 -58.67 -39.06
N ASN G 127 -71.45 -58.66 -38.51
CA ASN G 127 -70.55 -57.52 -38.71
C ASN G 127 -71.25 -56.26 -38.22
N GLY G 128 -72.00 -56.40 -37.14
CA GLY G 128 -72.69 -55.25 -36.58
C GLY G 128 -74.02 -54.82 -37.18
N ILE G 129 -74.40 -55.34 -38.34
CA ILE G 129 -75.67 -54.94 -38.92
C ILE G 129 -76.73 -56.04 -38.77
N ILE G 130 -77.93 -55.64 -38.37
CA ILE G 130 -79.00 -56.59 -38.17
C ILE G 130 -79.27 -57.40 -39.44
N THR G 131 -79.18 -58.72 -39.33
CA THR G 131 -79.38 -59.58 -40.48
C THR G 131 -80.61 -60.46 -40.40
N ASP G 132 -81.16 -60.62 -39.19
CA ASP G 132 -82.36 -61.44 -39.05
C ASP G 132 -82.98 -61.24 -37.68
N THR G 133 -84.10 -61.91 -37.45
CA THR G 133 -84.79 -61.77 -36.19
C THR G 133 -85.57 -63.03 -35.84
N ILE G 134 -85.61 -63.37 -34.56
CA ILE G 134 -86.34 -64.55 -34.12
C ILE G 134 -87.26 -64.17 -32.97
N LYS G 135 -88.55 -64.43 -33.12
CA LYS G 135 -89.51 -64.11 -32.07
C LYS G 135 -89.81 -65.33 -31.25
N SER G 136 -90.01 -65.11 -29.96
CA SER G 136 -90.36 -66.16 -29.01
C SER G 136 -91.52 -66.93 -29.61
N TRP G 137 -91.46 -68.27 -29.60
CA TRP G 137 -92.56 -69.04 -30.16
C TRP G 137 -93.42 -69.70 -29.08
N ARG G 138 -93.11 -69.41 -27.83
CA ARG G 138 -93.89 -69.94 -26.71
C ARG G 138 -94.31 -68.80 -25.81
N ASN G 139 -93.74 -67.63 -26.05
CA ASN G 139 -94.02 -66.43 -25.28
C ASN G 139 -93.72 -66.63 -23.81
N ASN G 140 -92.59 -67.26 -23.53
CA ASN G 140 -92.18 -67.48 -22.15
C ASN G 140 -90.66 -67.44 -22.02
N ILE G 141 -90.13 -66.22 -22.02
CA ILE G 141 -88.72 -65.94 -21.87
C ILE G 141 -87.75 -66.60 -22.85
N LEU G 142 -87.87 -66.28 -24.13
CA LEU G 142 -86.96 -66.84 -25.13
C LEU G 142 -85.54 -66.52 -24.64
N ARG G 143 -84.70 -67.55 -24.58
CA ARG G 143 -83.33 -67.40 -24.10
C ARG G 143 -82.34 -68.29 -24.85
N THR G 144 -81.06 -67.94 -24.78
CA THR G 144 -80.06 -68.73 -25.48
C THR G 144 -78.82 -69.12 -24.67
N GLN G 145 -77.73 -69.45 -25.36
CA GLN G 145 -76.49 -69.93 -24.75
C GLN G 145 -75.81 -69.21 -23.60
N GLU G 146 -75.58 -67.91 -23.77
CA GLU G 146 -74.88 -67.11 -22.76
C GLU G 146 -73.41 -67.49 -22.91
N SER G 147 -73.06 -67.94 -24.11
CA SER G 147 -71.69 -68.30 -24.44
C SER G 147 -71.58 -68.42 -25.95
N GLU G 148 -70.36 -68.62 -26.40
CA GLU G 148 -70.02 -68.74 -27.82
C GLU G 148 -70.89 -69.75 -28.58
N CYS G 149 -71.29 -69.39 -29.80
CA CYS G 149 -72.05 -70.32 -30.63
C CYS G 149 -70.97 -71.09 -31.37
N ALA G 150 -71.35 -71.98 -32.28
CA ALA G 150 -70.36 -72.76 -33.00
C ALA G 150 -70.54 -72.62 -34.50
N CYS G 151 -69.45 -72.39 -35.22
CA CYS G 151 -69.52 -72.25 -36.67
C CYS G 151 -68.67 -73.32 -37.34
N VAL G 152 -69.15 -73.81 -38.49
CA VAL G 152 -68.45 -74.84 -39.24
C VAL G 152 -68.80 -74.71 -40.73
N ASN G 153 -67.78 -74.73 -41.59
CA ASN G 153 -68.00 -74.64 -43.03
C ASN G 153 -68.84 -73.42 -43.40
N GLY G 154 -68.56 -72.29 -42.77
CA GLY G 154 -69.29 -71.07 -43.07
C GLY G 154 -70.70 -70.99 -42.51
N SER G 155 -71.05 -71.89 -41.61
CA SER G 155 -72.37 -71.89 -41.00
C SER G 155 -72.25 -71.84 -39.49
N CYS G 156 -73.08 -71.03 -38.84
CA CYS G 156 -73.03 -70.95 -37.40
C CYS G 156 -74.29 -71.53 -36.77
N PHE G 157 -74.12 -72.21 -35.64
CA PHE G 157 -75.25 -72.83 -34.99
C PHE G 157 -75.42 -72.39 -33.55
N THR G 158 -76.67 -72.38 -33.10
CA THR G 158 -76.98 -72.00 -31.74
C THR G 158 -78.21 -72.75 -31.27
N VAL G 159 -78.46 -72.70 -29.97
CA VAL G 159 -79.61 -73.39 -29.39
C VAL G 159 -80.40 -72.42 -28.54
N MET G 160 -81.70 -72.35 -28.76
CA MET G 160 -82.52 -71.44 -27.96
C MET G 160 -83.66 -72.20 -27.31
N THR G 161 -84.15 -71.65 -26.20
CA THR G 161 -85.22 -72.27 -25.45
C THR G 161 -86.34 -71.28 -25.20
N ASP G 162 -87.56 -71.78 -25.24
CA ASP G 162 -88.72 -70.96 -24.99
C ASP G 162 -89.67 -71.85 -24.20
N GLY G 163 -90.06 -71.41 -23.01
CA GLY G 163 -90.94 -72.20 -22.20
C GLY G 163 -90.52 -72.10 -20.76
N PRO G 164 -91.18 -72.82 -19.85
CA PRO G 164 -90.83 -72.76 -18.43
C PRO G 164 -89.40 -73.17 -18.05
N SER G 165 -88.93 -72.66 -16.92
CA SER G 165 -87.60 -73.02 -16.46
C SER G 165 -87.79 -74.17 -15.48
N ASN G 166 -89.04 -74.61 -15.35
CA ASN G 166 -89.40 -75.78 -14.52
C ASN G 166 -89.68 -76.87 -15.56
N GLY G 167 -90.84 -77.50 -15.47
CA GLY G 167 -91.20 -78.57 -16.40
C GLY G 167 -90.85 -78.39 -17.88
N GLN G 168 -91.34 -79.33 -18.69
CA GLN G 168 -91.14 -79.33 -20.14
C GLN G 168 -91.10 -77.94 -20.76
N ALA G 169 -90.10 -77.72 -21.60
CA ALA G 169 -89.97 -76.45 -22.29
C ALA G 169 -89.75 -76.83 -23.76
N SER G 170 -89.60 -75.84 -24.62
CA SER G 170 -89.38 -76.12 -26.02
C SER G 170 -87.96 -75.73 -26.40
N TYR G 171 -87.28 -76.52 -27.20
CA TYR G 171 -85.90 -76.21 -27.57
C TYR G 171 -85.66 -76.36 -29.06
N LYS G 172 -84.98 -75.36 -29.63
CA LYS G 172 -84.68 -75.39 -31.05
C LYS G 172 -83.21 -75.15 -31.34
N ILE G 173 -82.75 -75.70 -32.45
CA ILE G 173 -81.37 -75.54 -32.90
C ILE G 173 -81.49 -74.67 -34.13
N PHE G 174 -80.64 -73.66 -34.24
CA PHE G 174 -80.67 -72.79 -35.40
C PHE G 174 -79.40 -72.88 -36.23
N LYS G 175 -79.57 -72.83 -37.54
CA LYS G 175 -78.46 -72.85 -38.48
C LYS G 175 -78.49 -71.50 -39.18
N MET G 176 -77.36 -70.79 -39.18
CA MET G 176 -77.32 -69.49 -39.83
C MET G 176 -76.06 -69.18 -40.64
N GLU G 177 -76.27 -68.48 -41.74
CA GLU G 177 -75.21 -68.08 -42.66
C GLU G 177 -75.33 -66.58 -42.86
N LYS G 178 -74.24 -65.86 -42.60
CA LYS G 178 -74.25 -64.40 -42.72
C LYS G 178 -75.33 -63.79 -41.82
N GLY G 179 -75.45 -64.34 -40.62
CA GLY G 179 -76.42 -63.84 -39.66
C GLY G 179 -77.86 -64.12 -40.00
N LYS G 180 -78.10 -64.95 -41.00
CA LYS G 180 -79.47 -65.25 -41.36
C LYS G 180 -79.82 -66.71 -41.10
N VAL G 181 -80.98 -66.95 -40.51
CA VAL G 181 -81.46 -68.28 -40.22
C VAL G 181 -81.85 -68.93 -41.54
N VAL G 182 -81.25 -70.08 -41.85
CA VAL G 182 -81.54 -70.80 -43.08
C VAL G 182 -82.23 -72.12 -42.73
N LYS G 183 -82.21 -72.46 -41.45
CA LYS G 183 -82.87 -73.68 -40.99
C LYS G 183 -82.97 -73.80 -39.48
N SER G 184 -84.12 -74.30 -39.01
CA SER G 184 -84.36 -74.48 -37.59
C SER G 184 -85.05 -75.82 -37.39
N VAL G 185 -84.82 -76.41 -36.22
CA VAL G 185 -85.39 -77.71 -35.87
C VAL G 185 -85.69 -77.75 -34.39
N GLU G 186 -86.92 -78.12 -34.05
CA GLU G 186 -87.29 -78.22 -32.65
C GLU G 186 -86.95 -79.63 -32.20
N LEU G 187 -86.28 -79.73 -31.05
CA LEU G 187 -85.91 -81.04 -30.55
C LEU G 187 -87.14 -81.73 -29.98
N ASP G 188 -87.22 -83.04 -30.21
CA ASP G 188 -88.31 -83.82 -29.68
C ASP G 188 -87.69 -84.46 -28.44
N ALA G 189 -87.56 -83.67 -27.39
CA ALA G 189 -86.92 -84.11 -26.16
C ALA G 189 -87.85 -84.23 -24.95
N PRO G 190 -88.88 -85.06 -25.05
CA PRO G 190 -89.77 -85.18 -23.90
C PRO G 190 -89.00 -85.59 -22.63
N ASN G 191 -89.29 -84.89 -21.54
CA ASN G 191 -88.66 -85.11 -20.24
C ASN G 191 -87.26 -84.51 -20.11
N TYR G 192 -86.77 -83.90 -21.19
CA TYR G 192 -85.43 -83.27 -21.20
C TYR G 192 -85.59 -81.79 -20.90
N HIS G 193 -84.51 -81.14 -20.52
CA HIS G 193 -84.55 -79.71 -20.26
C HIS G 193 -83.22 -79.09 -20.67
N TYR G 194 -83.28 -78.14 -21.60
CA TYR G 194 -82.08 -77.47 -22.11
C TYR G 194 -82.04 -75.97 -21.85
N GLU G 195 -80.90 -75.49 -21.39
CA GLU G 195 -80.72 -74.07 -21.15
C GLU G 195 -79.25 -73.75 -21.16
N GLU G 196 -78.93 -72.52 -21.50
CA GLU G 196 -77.56 -72.03 -21.51
C GLU G 196 -76.57 -73.09 -22.02
N CYS G 197 -76.78 -73.53 -23.24
CA CYS G 197 -75.91 -74.53 -23.84
C CYS G 197 -74.50 -74.06 -24.17
N SER G 198 -73.54 -74.95 -23.97
CA SER G 198 -72.16 -74.68 -24.30
C SER G 198 -71.85 -75.59 -25.49
N CYS G 199 -71.87 -75.02 -26.68
CA CYS G 199 -71.60 -75.81 -27.88
C CYS G 199 -70.20 -75.57 -28.41
N TYR G 200 -69.70 -76.54 -29.16
CA TYR G 200 -68.39 -76.44 -29.76
C TYR G 200 -68.35 -77.34 -30.98
N PRO G 201 -67.52 -76.99 -31.97
CA PRO G 201 -67.42 -77.81 -33.19
C PRO G 201 -66.43 -78.95 -33.04
N ASN G 202 -66.74 -80.07 -33.69
CA ASN G 202 -65.85 -81.23 -33.67
C ASN G 202 -66.11 -82.06 -34.91
N ALA G 203 -65.06 -82.28 -35.69
CA ALA G 203 -65.16 -83.07 -36.92
C ALA G 203 -66.42 -82.76 -37.71
N GLY G 204 -66.71 -81.46 -37.86
CA GLY G 204 -67.85 -81.04 -38.66
C GLY G 204 -69.22 -81.11 -38.02
N GLU G 205 -69.26 -81.42 -36.75
CA GLU G 205 -70.53 -81.50 -36.08
C GLU G 205 -70.48 -80.70 -34.80
N ILE G 206 -71.64 -80.37 -34.26
CA ILE G 206 -71.69 -79.58 -33.05
C ILE G 206 -72.16 -80.39 -31.86
N THR G 207 -71.48 -80.17 -30.74
CA THR G 207 -71.81 -80.85 -29.51
C THR G 207 -72.12 -79.78 -28.50
N CYS G 208 -73.27 -79.89 -27.84
CA CYS G 208 -73.64 -78.91 -26.83
C CYS G 208 -73.91 -79.59 -25.50
N VAL G 209 -73.25 -79.13 -24.45
CA VAL G 209 -73.48 -79.66 -23.12
C VAL G 209 -74.20 -78.49 -22.46
N CYS G 210 -75.34 -78.75 -21.83
CA CYS G 210 -76.09 -77.65 -21.27
C CYS G 210 -76.46 -77.77 -19.79
N ARG G 211 -77.55 -77.10 -19.45
CA ARG G 211 -78.04 -77.04 -18.08
C ARG G 211 -79.51 -77.43 -18.00
N ASP G 212 -79.79 -78.43 -17.17
CA ASP G 212 -81.15 -78.90 -16.95
C ASP G 212 -81.57 -78.22 -15.65
N ASN G 213 -82.44 -77.23 -15.77
CA ASN G 213 -82.86 -76.47 -14.60
C ASN G 213 -84.12 -77.02 -13.97
N TRP G 214 -84.72 -77.98 -14.66
CA TRP G 214 -85.96 -78.59 -14.23
C TRP G 214 -85.77 -79.78 -13.29
N HIS G 215 -85.03 -80.78 -13.72
CA HIS G 215 -84.82 -81.93 -12.86
C HIS G 215 -83.60 -82.76 -13.25
N GLY G 216 -82.47 -82.09 -13.38
CA GLY G 216 -81.25 -82.81 -13.74
C GLY G 216 -80.00 -82.31 -13.06
N SER G 217 -79.33 -83.23 -12.37
CA SER G 217 -78.08 -82.93 -11.68
C SER G 217 -76.95 -83.18 -12.67
N ASN G 218 -77.21 -84.06 -13.63
CA ASN G 218 -76.23 -84.34 -14.66
C ASN G 218 -76.64 -83.44 -15.81
N ARG G 219 -75.71 -83.12 -16.70
CA ARG G 219 -76.02 -82.21 -17.80
C ARG G 219 -76.54 -82.87 -19.06
N PRO G 220 -77.54 -82.26 -19.69
CA PRO G 220 -78.08 -82.84 -20.93
C PRO G 220 -77.13 -82.41 -22.05
N TRP G 221 -77.27 -83.04 -23.21
CA TRP G 221 -76.45 -82.68 -24.35
C TRP G 221 -77.21 -82.93 -25.65
N VAL G 222 -76.82 -82.19 -26.69
CA VAL G 222 -77.39 -82.31 -28.02
C VAL G 222 -76.22 -82.25 -28.97
N SER G 223 -76.25 -83.07 -30.01
CA SER G 223 -75.20 -83.06 -31.01
C SER G 223 -75.95 -83.13 -32.32
N PHE G 224 -75.46 -82.40 -33.32
CA PHE G 224 -76.11 -82.38 -34.61
C PHE G 224 -75.18 -82.09 -35.77
N ASN G 225 -75.58 -82.51 -36.96
CA ASN G 225 -74.80 -82.27 -38.16
C ASN G 225 -75.17 -80.92 -38.72
N GLN G 226 -74.52 -80.52 -39.80
CA GLN G 226 -74.79 -79.24 -40.43
C GLN G 226 -76.19 -79.14 -41.00
N ASN G 227 -76.89 -80.26 -41.02
CA ASN G 227 -78.25 -80.28 -41.54
C ASN G 227 -79.28 -80.36 -40.41
N LEU G 228 -78.79 -80.13 -39.20
CA LEU G 228 -79.62 -80.16 -38.01
C LEU G 228 -80.25 -81.51 -37.67
N GLU G 229 -79.60 -82.59 -38.11
CA GLU G 229 -80.06 -83.92 -37.79
C GLU G 229 -79.34 -84.11 -36.47
N TYR G 230 -80.08 -84.46 -35.43
CA TYR G 230 -79.49 -84.55 -34.09
C TYR G 230 -79.69 -85.79 -33.22
N GLN G 231 -78.97 -85.78 -32.10
CA GLN G 231 -79.02 -86.82 -31.08
C GLN G 231 -79.07 -86.11 -29.72
N ILE G 232 -79.73 -86.73 -28.75
CA ILE G 232 -79.85 -86.16 -27.42
C ILE G 232 -79.68 -87.19 -26.30
N GLY G 233 -79.23 -86.71 -25.16
CA GLY G 233 -79.05 -87.58 -24.02
C GLY G 233 -78.43 -86.77 -22.90
N TYR G 234 -78.12 -87.44 -21.80
CA TYR G 234 -77.48 -86.77 -20.68
C TYR G 234 -76.15 -87.44 -20.45
N ILE G 235 -75.18 -86.69 -19.91
CA ILE G 235 -73.87 -87.25 -19.63
C ILE G 235 -74.10 -88.33 -18.58
N CYS G 236 -73.66 -89.54 -18.86
CA CYS G 236 -73.90 -90.65 -17.94
C CYS G 236 -73.00 -90.73 -16.71
N SER G 237 -71.87 -90.03 -16.73
CA SER G 237 -70.95 -90.09 -15.61
C SER G 237 -71.62 -89.86 -14.26
N GLY G 238 -71.12 -90.56 -13.25
CA GLY G 238 -71.64 -90.41 -11.90
C GLY G 238 -71.01 -89.20 -11.25
N VAL G 239 -70.08 -88.58 -11.97
CA VAL G 239 -69.44 -87.34 -11.50
C VAL G 239 -70.40 -86.31 -12.06
N PHE G 240 -71.43 -85.99 -11.29
CA PHE G 240 -72.43 -85.04 -11.73
C PHE G 240 -71.82 -83.66 -12.02
N GLY G 241 -72.24 -83.05 -13.12
CA GLY G 241 -71.69 -81.77 -13.51
C GLY G 241 -72.47 -80.52 -13.16
N ASP G 242 -73.76 -80.63 -12.88
CA ASP G 242 -74.56 -79.46 -12.56
C ASP G 242 -74.37 -79.03 -11.10
N ASN G 243 -74.93 -77.88 -10.78
CA ASN G 243 -74.88 -77.34 -9.42
C ASN G 243 -76.18 -76.58 -9.21
N PRO G 244 -76.94 -76.95 -8.17
CA PRO G 244 -76.67 -78.03 -7.22
C PRO G 244 -76.58 -79.43 -7.82
N ARG G 245 -76.26 -80.40 -7.00
CA ARG G 245 -76.14 -81.79 -7.41
C ARG G 245 -75.96 -82.67 -6.16
N PRO G 246 -76.10 -83.99 -6.32
CA PRO G 246 -75.93 -84.89 -5.17
C PRO G 246 -74.47 -85.30 -5.15
N ASN G 247 -74.01 -85.97 -4.09
CA ASN G 247 -72.62 -86.40 -4.05
C ASN G 247 -72.46 -87.44 -5.14
N ASP G 248 -71.26 -87.52 -5.72
CA ASP G 248 -71.02 -88.47 -6.79
C ASP G 248 -71.42 -89.88 -6.41
N GLY G 249 -72.57 -90.29 -6.92
CA GLY G 249 -73.06 -91.63 -6.64
C GLY G 249 -73.08 -92.33 -7.97
N THR G 250 -74.24 -92.89 -8.31
CA THR G 250 -74.42 -93.61 -9.56
C THR G 250 -75.32 -92.79 -10.47
N GLY G 251 -74.78 -92.38 -11.61
CA GLY G 251 -75.54 -91.56 -12.52
C GLY G 251 -76.41 -92.33 -13.49
N SER G 252 -76.91 -91.61 -14.48
CA SER G 252 -77.76 -92.25 -15.49
C SER G 252 -77.63 -91.41 -16.75
N CYS G 253 -78.18 -91.89 -17.86
CA CYS G 253 -78.10 -91.11 -19.07
C CYS G 253 -79.47 -90.44 -19.28
N GLY G 254 -80.21 -90.34 -18.19
CA GLY G 254 -81.52 -89.72 -18.19
C GLY G 254 -81.58 -88.89 -16.91
N PRO G 255 -81.78 -87.59 -17.04
CA PRO G 255 -81.85 -86.63 -15.92
C PRO G 255 -81.95 -87.19 -14.50
N VAL G 256 -80.89 -87.04 -13.73
CA VAL G 256 -80.89 -87.48 -12.34
C VAL G 256 -81.70 -86.35 -11.71
N SER G 257 -82.82 -86.66 -11.07
CA SER G 257 -83.65 -85.62 -10.46
C SER G 257 -83.24 -85.27 -9.06
N SER G 258 -82.41 -86.12 -8.47
CA SER G 258 -81.96 -85.85 -7.10
C SER G 258 -81.01 -84.67 -7.03
N ASN G 259 -81.52 -83.61 -6.42
CA ASN G 259 -80.80 -82.36 -6.22
C ASN G 259 -80.65 -81.55 -7.49
N GLY G 260 -80.94 -82.19 -8.61
CA GLY G 260 -80.79 -81.48 -9.86
C GLY G 260 -82.09 -80.79 -10.20
N ALA G 261 -82.57 -79.93 -9.33
CA ALA G 261 -83.82 -79.24 -9.59
C ALA G 261 -83.59 -77.77 -9.73
N TYR G 262 -82.39 -77.39 -10.17
CA TYR G 262 -82.07 -75.99 -10.41
C TYR G 262 -80.85 -76.05 -11.34
N GLY G 263 -79.83 -75.24 -11.12
CA GLY G 263 -78.67 -75.33 -12.00
C GLY G 263 -77.75 -74.15 -12.12
N VAL G 264 -76.75 -74.31 -12.98
CA VAL G 264 -75.74 -73.30 -13.27
C VAL G 264 -75.21 -73.62 -14.67
N LYS G 265 -74.86 -72.60 -15.44
CA LYS G 265 -74.34 -72.85 -16.79
C LYS G 265 -72.99 -73.54 -16.67
N GLY G 266 -72.77 -74.51 -17.55
CA GLY G 266 -71.53 -75.27 -17.53
C GLY G 266 -71.21 -75.85 -18.88
N PHE G 267 -70.22 -76.72 -18.92
CA PHE G 267 -69.77 -77.33 -20.18
C PHE G 267 -69.06 -78.66 -19.94
N SER G 268 -68.79 -79.37 -21.04
CA SER G 268 -68.08 -80.64 -21.00
C SER G 268 -67.57 -80.95 -22.39
N PHE G 269 -66.38 -81.52 -22.47
CA PHE G 269 -65.79 -81.86 -23.77
C PHE G 269 -65.75 -83.37 -23.90
N LYS G 270 -66.37 -83.87 -24.96
CA LYS G 270 -66.43 -85.30 -25.18
C LYS G 270 -65.30 -85.82 -26.06
N TYR G 271 -64.57 -86.80 -25.54
CA TYR G 271 -63.47 -87.43 -26.27
C TYR G 271 -63.75 -88.93 -26.28
N GLY G 272 -64.29 -89.44 -27.39
CA GLY G 272 -64.60 -90.86 -27.45
C GLY G 272 -65.65 -91.11 -26.39
N ASN G 273 -65.41 -92.07 -25.50
CA ASN G 273 -66.37 -92.34 -24.43
C ASN G 273 -66.00 -91.54 -23.18
N GLY G 274 -64.93 -90.76 -23.25
CA GLY G 274 -64.53 -89.99 -22.10
C GLY G 274 -65.00 -88.56 -22.12
N VAL G 275 -65.03 -87.94 -20.94
CA VAL G 275 -65.45 -86.56 -20.82
C VAL G 275 -64.53 -85.80 -19.89
N TRP G 276 -64.37 -84.52 -20.19
CA TRP G 276 -63.62 -83.60 -19.36
C TRP G 276 -64.76 -82.80 -18.81
N ILE G 277 -65.02 -82.93 -17.51
CA ILE G 277 -66.10 -82.22 -16.86
C ILE G 277 -65.61 -81.03 -16.05
N GLY G 278 -66.18 -79.87 -16.32
CA GLY G 278 -65.83 -78.68 -15.55
C GLY G 278 -67.01 -78.54 -14.61
N ARG G 279 -66.77 -78.25 -13.33
CA ARG G 279 -67.88 -78.11 -12.40
C ARG G 279 -67.38 -77.48 -11.13
N THR G 280 -68.31 -76.94 -10.35
CA THR G 280 -67.99 -76.34 -9.08
C THR G 280 -67.45 -77.42 -8.17
N LYS G 281 -66.88 -77.04 -7.03
CA LYS G 281 -66.38 -78.04 -6.09
C LYS G 281 -67.49 -78.35 -5.10
N SER G 282 -68.29 -77.33 -4.79
CA SER G 282 -69.39 -77.50 -3.85
C SER G 282 -70.58 -78.16 -4.54
N THR G 283 -71.36 -78.91 -3.78
CA THR G 283 -72.53 -79.58 -4.36
C THR G 283 -73.77 -78.73 -4.17
N ASN G 284 -73.66 -77.64 -3.41
CA ASN G 284 -74.82 -76.79 -3.14
C ASN G 284 -74.69 -75.34 -3.58
N SER G 285 -73.49 -74.78 -3.44
CA SER G 285 -73.22 -73.40 -3.82
C SER G 285 -72.41 -73.33 -5.09
N ARG G 286 -72.39 -72.16 -5.72
CA ARG G 286 -71.61 -72.00 -6.93
C ARG G 286 -70.22 -71.58 -6.44
N SER G 287 -69.57 -72.48 -5.71
CA SER G 287 -68.25 -72.19 -5.18
C SER G 287 -67.23 -73.25 -5.56
N GLY G 288 -66.02 -72.79 -5.86
CA GLY G 288 -64.97 -73.69 -6.26
C GLY G 288 -65.16 -74.13 -7.69
N PHE G 289 -64.09 -74.69 -8.27
CA PHE G 289 -64.15 -75.19 -9.63
C PHE G 289 -63.04 -76.18 -9.86
N GLU G 290 -63.32 -77.21 -10.65
CA GLU G 290 -62.35 -78.25 -10.94
C GLU G 290 -62.58 -78.88 -12.31
N MET G 291 -61.52 -79.41 -12.92
CA MET G 291 -61.64 -80.08 -14.20
C MET G 291 -61.41 -81.55 -13.92
N ILE G 292 -62.36 -82.39 -14.32
CA ILE G 292 -62.26 -83.81 -14.09
C ILE G 292 -62.28 -84.61 -15.38
N TRP G 293 -61.33 -85.52 -15.51
CA TRP G 293 -61.28 -86.35 -16.69
C TRP G 293 -61.80 -87.73 -16.33
N ASP G 294 -62.96 -88.07 -16.88
CA ASP G 294 -63.55 -89.37 -16.66
C ASP G 294 -63.60 -90.09 -17.99
N PRO G 295 -62.59 -90.92 -18.27
CA PRO G 295 -62.55 -91.67 -19.52
C PRO G 295 -63.78 -92.57 -19.48
N ASN G 296 -64.18 -93.12 -20.61
CA ASN G 296 -65.36 -93.98 -20.58
C ASN G 296 -66.32 -93.49 -19.49
N GLY G 297 -66.83 -92.26 -19.65
CA GLY G 297 -67.74 -91.66 -18.69
C GLY G 297 -68.83 -90.84 -19.37
N TRP G 298 -68.80 -90.84 -20.70
CA TRP G 298 -69.79 -90.12 -21.48
C TRP G 298 -70.96 -91.08 -21.71
N THR G 299 -70.65 -92.38 -21.67
CA THR G 299 -71.66 -93.39 -21.88
C THR G 299 -71.72 -94.36 -20.71
N GLU G 300 -70.88 -94.14 -19.71
CA GLU G 300 -70.83 -95.02 -18.55
C GLU G 300 -71.06 -94.33 -17.22
N THR G 301 -71.79 -94.99 -16.34
CA THR G 301 -72.09 -94.47 -15.03
C THR G 301 -71.11 -94.95 -13.96
N ASP G 302 -70.40 -94.03 -13.34
CA ASP G 302 -69.44 -94.39 -12.30
C ASP G 302 -69.38 -93.24 -11.32
N SER G 303 -68.23 -93.09 -10.68
CA SER G 303 -67.99 -92.03 -9.74
C SER G 303 -66.53 -91.84 -10.02
N SER G 304 -65.97 -92.92 -10.56
CA SER G 304 -64.56 -93.00 -10.89
C SER G 304 -64.20 -92.21 -12.13
N PHE G 305 -63.01 -91.63 -12.05
CA PHE G 305 -62.44 -90.82 -13.12
C PHE G 305 -60.98 -90.94 -12.80
N SER G 306 -60.11 -90.53 -13.72
CA SER G 306 -58.69 -90.66 -13.44
C SER G 306 -57.93 -89.38 -13.09
N VAL G 307 -58.39 -88.22 -13.57
CA VAL G 307 -57.67 -86.98 -13.26
C VAL G 307 -58.58 -85.87 -12.78
N LYS G 308 -58.11 -85.11 -11.81
CA LYS G 308 -58.84 -83.99 -11.25
C LYS G 308 -57.87 -82.83 -11.16
N GLN G 309 -58.17 -81.72 -11.81
CA GLN G 309 -57.32 -80.54 -11.78
C GLN G 309 -58.07 -79.40 -11.12
N ASP G 310 -57.49 -78.82 -10.06
CA ASP G 310 -58.12 -77.73 -9.34
C ASP G 310 -57.94 -76.40 -10.05
N ILE G 311 -59.01 -75.60 -10.06
CA ILE G 311 -59.01 -74.29 -10.69
C ILE G 311 -59.35 -73.21 -9.68
N VAL G 312 -60.41 -73.43 -8.91
CA VAL G 312 -60.82 -72.48 -7.89
C VAL G 312 -61.18 -73.28 -6.63
N ALA G 313 -60.59 -72.92 -5.50
CA ALA G 313 -60.84 -73.62 -4.24
C ALA G 313 -62.29 -73.53 -3.80
N ILE G 314 -62.74 -74.53 -3.03
CA ILE G 314 -64.11 -74.56 -2.54
C ILE G 314 -64.35 -73.34 -1.66
N THR G 315 -63.27 -72.76 -1.14
CA THR G 315 -63.38 -71.60 -0.28
C THR G 315 -63.68 -70.31 -1.02
N ASP G 316 -63.58 -70.32 -2.34
CA ASP G 316 -63.84 -69.12 -3.14
C ASP G 316 -64.99 -69.29 -4.13
N TRP G 317 -65.70 -68.20 -4.40
CA TRP G 317 -66.83 -68.23 -5.31
C TRP G 317 -66.50 -68.45 -6.77
N SER G 318 -67.44 -69.07 -7.48
CA SER G 318 -67.28 -69.31 -8.91
C SER G 318 -68.60 -68.95 -9.58
N GLY G 319 -69.07 -69.80 -10.47
CA GLY G 319 -70.32 -69.51 -11.13
C GLY G 319 -70.38 -70.10 -12.52
N TYR G 320 -71.06 -69.39 -13.41
CA TYR G 320 -71.19 -69.83 -14.79
C TYR G 320 -69.83 -70.19 -15.34
N SER G 321 -69.83 -71.08 -16.32
CA SER G 321 -68.59 -71.49 -16.97
C SER G 321 -69.02 -71.96 -18.34
N GLY G 322 -68.15 -71.77 -19.32
CA GLY G 322 -68.52 -72.18 -20.65
C GLY G 322 -67.29 -72.53 -21.44
N SER G 323 -67.53 -73.25 -22.53
CA SER G 323 -66.47 -73.68 -23.39
C SER G 323 -66.26 -72.70 -24.53
N PHE G 324 -65.04 -72.65 -25.05
CA PHE G 324 -64.78 -71.82 -26.21
C PHE G 324 -63.66 -72.45 -27.04
N VAL G 325 -63.78 -72.19 -28.44
CA VAL G 325 -62.88 -72.78 -29.36
C VAL G 325 -61.84 -71.95 -30.06
N GLN G 326 -60.63 -72.55 -30.03
CA GLN G 326 -59.49 -72.03 -30.74
C GLN G 326 -59.56 -72.87 -32.04
N HIS G 327 -60.00 -72.41 -33.14
CA HIS G 327 -59.93 -73.12 -34.40
C HIS G 327 -58.57 -73.15 -35.05
N PRO G 328 -58.25 -74.28 -35.68
CA PRO G 328 -56.94 -74.31 -36.34
C PRO G 328 -56.67 -73.13 -37.24
N GLU G 329 -57.64 -72.26 -37.52
CA GLU G 329 -57.31 -71.14 -38.42
C GLU G 329 -56.68 -69.99 -37.64
N LEU G 330 -56.75 -70.11 -36.33
CA LEU G 330 -56.22 -69.13 -35.41
C LEU G 330 -54.84 -69.50 -34.89
N THR G 331 -54.74 -70.76 -34.52
CA THR G 331 -53.56 -71.36 -33.93
C THR G 331 -52.49 -71.91 -34.86
N GLY G 332 -52.91 -72.54 -35.96
CA GLY G 332 -51.95 -73.13 -36.88
C GLY G 332 -51.88 -74.61 -36.53
N LEU G 333 -52.55 -74.98 -35.45
CA LEU G 333 -52.60 -76.35 -35.00
C LEU G 333 -53.41 -77.10 -36.06
N ASP G 334 -53.36 -78.43 -36.06
CA ASP G 334 -54.12 -79.23 -37.03
C ASP G 334 -55.38 -79.80 -36.40
N CYS G 335 -55.76 -79.24 -35.25
CA CYS G 335 -56.96 -79.66 -34.53
C CYS G 335 -57.63 -78.47 -33.84
N ILE G 336 -58.81 -78.71 -33.26
CA ILE G 336 -59.55 -77.66 -32.59
C ILE G 336 -59.22 -77.59 -31.10
N ARG G 337 -58.70 -76.43 -30.69
CA ARG G 337 -58.29 -76.15 -29.32
C ARG G 337 -59.44 -76.02 -28.33
N PRO G 338 -59.52 -76.93 -27.36
CA PRO G 338 -60.62 -76.78 -26.41
C PRO G 338 -60.16 -75.85 -25.28
N CYS G 339 -61.02 -74.89 -24.91
CA CYS G 339 -60.69 -73.98 -23.83
C CYS G 339 -61.98 -73.77 -23.05
N PHE G 340 -61.91 -73.00 -21.98
CA PHE G 340 -63.10 -72.72 -21.21
C PHE G 340 -62.89 -71.52 -20.33
N TRP G 341 -63.99 -70.92 -19.90
CA TRP G 341 -63.95 -69.76 -19.05
C TRP G 341 -64.84 -70.02 -17.84
N VAL G 342 -64.51 -69.35 -16.75
CA VAL G 342 -65.27 -69.48 -15.52
C VAL G 342 -65.60 -68.09 -15.03
N GLU G 343 -66.86 -67.89 -14.63
CA GLU G 343 -67.30 -66.61 -14.12
C GLU G 343 -67.21 -66.64 -12.60
N LEU G 344 -66.49 -65.69 -12.02
CA LEU G 344 -66.36 -65.62 -10.57
C LEU G 344 -67.37 -64.60 -10.07
N ILE G 345 -68.52 -65.10 -9.64
CA ILE G 345 -69.57 -64.23 -9.17
C ILE G 345 -69.32 -63.75 -7.75
N ARG G 346 -69.39 -62.43 -7.58
CA ARG G 346 -69.21 -61.81 -6.29
C ARG G 346 -70.45 -60.96 -6.03
N GLY G 347 -70.81 -60.77 -4.77
CA GLY G 347 -71.98 -59.98 -4.45
C GLY G 347 -73.15 -60.84 -4.05
N ARG G 348 -74.37 -60.38 -4.32
CA ARG G 348 -75.58 -61.14 -3.99
C ARG G 348 -75.72 -62.35 -4.90
N PRO G 349 -76.46 -63.38 -4.46
CA PRO G 349 -77.19 -63.49 -3.20
C PRO G 349 -76.36 -64.05 -2.04
N LYS G 350 -75.10 -64.42 -2.31
CA LYS G 350 -74.27 -64.98 -1.26
C LYS G 350 -73.56 -63.99 -0.35
N GLU G 351 -73.21 -62.82 -0.87
CA GLU G 351 -72.52 -61.83 -0.07
C GLU G 351 -73.36 -60.60 0.25
N SER G 352 -73.05 -59.96 1.37
CA SER G 352 -73.79 -58.79 1.81
C SER G 352 -73.41 -57.51 1.07
N THR G 353 -73.93 -57.37 -0.15
CA THR G 353 -73.67 -56.17 -0.94
C THR G 353 -75.00 -55.86 -1.63
N ILE G 354 -75.04 -54.78 -2.40
CA ILE G 354 -76.28 -54.45 -3.09
C ILE G 354 -76.13 -54.80 -4.58
N TRP G 355 -74.98 -55.35 -4.96
CA TRP G 355 -74.75 -55.69 -6.35
C TRP G 355 -74.27 -57.12 -6.58
N THR G 356 -74.23 -57.48 -7.86
CA THR G 356 -73.75 -58.79 -8.29
C THR G 356 -72.95 -58.56 -9.56
N SER G 357 -71.75 -59.13 -9.62
CA SER G 357 -70.92 -59.00 -10.81
C SER G 357 -69.91 -60.12 -10.79
N GLY G 358 -69.31 -60.40 -11.94
CA GLY G 358 -68.33 -61.46 -12.00
C GLY G 358 -67.05 -61.16 -12.74
N SER G 359 -65.95 -61.72 -12.23
CA SER G 359 -64.64 -61.56 -12.85
C SER G 359 -64.56 -62.78 -13.74
N SER G 360 -63.45 -62.95 -14.44
CA SER G 360 -63.33 -64.12 -15.31
C SER G 360 -61.92 -64.64 -15.45
N ILE G 361 -61.81 -65.95 -15.59
CA ILE G 361 -60.55 -66.62 -15.79
C ILE G 361 -60.83 -67.58 -16.92
N SER G 362 -59.78 -68.03 -17.59
CA SER G 362 -59.94 -68.98 -18.68
C SER G 362 -58.71 -69.85 -18.79
N PHE G 363 -58.85 -70.97 -19.49
CA PHE G 363 -57.78 -71.91 -19.68
C PHE G 363 -57.90 -72.54 -21.06
N CYS G 364 -56.87 -73.27 -21.48
CA CYS G 364 -56.93 -73.93 -22.77
C CYS G 364 -56.34 -75.32 -22.71
N GLY G 365 -56.81 -76.18 -23.62
CA GLY G 365 -56.38 -77.57 -23.75
C GLY G 365 -54.96 -77.85 -23.33
N VAL G 366 -54.04 -77.93 -24.28
CA VAL G 366 -52.62 -78.17 -23.96
C VAL G 366 -52.15 -79.63 -23.72
N ASN G 367 -51.09 -80.00 -24.45
CA ASN G 367 -50.48 -81.33 -24.37
C ASN G 367 -49.47 -81.41 -23.24
N SER G 368 -48.66 -80.36 -23.07
CA SER G 368 -47.66 -80.31 -22.02
C SER G 368 -48.42 -80.41 -20.70
N ASP G 369 -47.74 -80.36 -19.57
CA ASP G 369 -48.50 -80.48 -18.35
C ASP G 369 -48.78 -79.17 -17.64
N THR G 370 -49.68 -79.22 -16.67
CA THR G 370 -50.07 -78.02 -15.96
C THR G 370 -49.97 -78.21 -14.46
N VAL G 371 -50.85 -77.52 -13.75
CA VAL G 371 -50.88 -77.59 -12.31
C VAL G 371 -52.26 -77.17 -11.88
N GLY G 372 -52.71 -77.72 -10.76
CA GLY G 372 -54.00 -77.33 -10.26
C GLY G 372 -53.65 -76.19 -9.32
N TRP G 373 -54.63 -75.36 -8.99
CA TRP G 373 -54.40 -74.24 -8.08
C TRP G 373 -55.71 -73.49 -7.90
N SER G 374 -55.64 -72.30 -7.31
CA SER G 374 -56.85 -71.52 -7.12
C SER G 374 -56.65 -70.10 -7.62
N TRP G 375 -57.39 -69.75 -8.65
CA TRP G 375 -57.31 -68.42 -9.22
C TRP G 375 -58.65 -67.77 -9.00
N PRO G 376 -58.97 -67.43 -7.75
CA PRO G 376 -60.25 -66.79 -7.41
C PRO G 376 -60.29 -65.34 -7.82
N ASP G 377 -61.44 -64.70 -7.58
CA ASP G 377 -61.64 -63.29 -7.90
C ASP G 377 -60.68 -62.38 -7.11
N GLY G 378 -60.58 -62.61 -5.81
CA GLY G 378 -59.68 -61.82 -4.98
C GLY G 378 -60.06 -60.40 -4.58
N ALA G 379 -61.32 -60.07 -4.71
CA ALA G 379 -61.80 -58.74 -4.34
C ALA G 379 -62.26 -58.74 -2.90
N GLU G 380 -62.05 -57.63 -2.21
CA GLU G 380 -62.46 -57.49 -0.82
C GLU G 380 -63.83 -56.86 -0.77
N LEU G 381 -64.80 -57.61 -0.27
CA LEU G 381 -66.15 -57.07 -0.14
C LEU G 381 -66.40 -56.86 1.35
N PRO G 382 -67.33 -55.96 1.70
CA PRO G 382 -68.13 -55.19 0.75
C PRO G 382 -67.38 -53.96 0.21
N PHE G 383 -67.90 -53.38 -0.87
CA PHE G 383 -67.31 -52.20 -1.48
C PHE G 383 -67.84 -50.92 -0.83
N THR G 384 -67.33 -49.76 -1.27
CA THR G 384 -67.78 -48.49 -0.73
C THR G 384 -69.30 -48.45 -0.87
N ILE G 385 -69.84 -49.46 -1.53
CA ILE G 385 -71.27 -49.63 -1.79
C ILE G 385 -71.67 -48.62 -2.84
N VAL H 1 -44.13 -41.01 -49.14
CA VAL H 1 -43.66 -39.91 -50.04
C VAL H 1 -43.46 -38.60 -49.27
N LYS H 2 -42.26 -38.06 -49.34
CA LYS H 2 -41.89 -36.83 -48.66
C LYS H 2 -42.81 -35.64 -49.00
N LEU H 3 -43.01 -34.78 -48.01
CA LEU H 3 -43.86 -33.60 -48.13
C LEU H 3 -43.13 -32.48 -48.88
N ALA H 4 -43.68 -32.06 -50.01
CA ALA H 4 -43.07 -30.97 -50.79
C ALA H 4 -43.62 -29.67 -50.25
N GLY H 5 -42.75 -28.69 -50.05
CA GLY H 5 -43.22 -27.42 -49.54
C GLY H 5 -42.97 -26.34 -50.57
N ASN H 6 -43.20 -26.69 -51.83
CA ASN H 6 -42.98 -25.77 -52.94
C ASN H 6 -44.05 -24.73 -53.18
N SER H 7 -45.31 -25.07 -52.92
CA SER H 7 -46.43 -24.15 -53.12
C SER H 7 -46.38 -22.98 -52.14
N SER H 8 -47.19 -21.96 -52.39
CA SER H 8 -47.23 -20.78 -51.52
C SER H 8 -48.44 -20.77 -50.59
N LEU H 9 -48.35 -19.97 -49.52
CA LEU H 9 -49.46 -19.86 -48.59
C LEU H 9 -50.72 -19.53 -49.35
N CYS H 10 -51.83 -20.14 -48.98
CA CYS H 10 -53.09 -19.90 -49.65
C CYS H 10 -53.62 -18.52 -49.34
N PRO H 11 -54.28 -17.88 -50.32
CA PRO H 11 -54.82 -16.55 -50.04
C PRO H 11 -56.02 -16.75 -49.11
N ILE H 12 -56.22 -15.84 -48.18
CA ILE H 12 -57.33 -15.96 -47.24
C ILE H 12 -58.00 -14.62 -46.93
N ASN H 13 -59.20 -14.68 -46.36
CA ASN H 13 -59.92 -13.47 -45.98
C ASN H 13 -60.14 -13.38 -44.48
N GLY H 14 -60.30 -14.55 -43.85
CA GLY H 14 -60.52 -14.60 -42.42
C GLY H 14 -60.13 -15.95 -41.87
N TRP H 15 -60.58 -16.26 -40.66
CA TRP H 15 -60.24 -17.54 -40.04
C TRP H 15 -61.47 -18.25 -39.51
N ALA H 16 -61.53 -19.56 -39.71
CA ALA H 16 -62.65 -20.39 -39.26
C ALA H 16 -62.25 -21.26 -38.07
N VAL H 17 -63.20 -21.52 -37.16
CA VAL H 17 -62.92 -22.36 -35.99
C VAL H 17 -62.64 -23.77 -36.46
N TYR H 18 -61.52 -24.32 -36.02
CA TYR H 18 -61.13 -25.65 -36.40
C TYR H 18 -61.35 -26.61 -35.23
N SER H 19 -60.78 -26.27 -34.07
CA SER H 19 -60.93 -27.12 -32.89
C SER H 19 -60.96 -26.37 -31.56
N LYS H 20 -61.38 -27.09 -30.53
CA LYS H 20 -61.47 -26.58 -29.16
C LYS H 20 -61.49 -27.83 -28.27
N ASP H 21 -60.47 -28.00 -27.44
CA ASP H 21 -60.39 -29.19 -26.59
C ASP H 21 -61.22 -29.19 -25.30
N ASN H 22 -61.55 -28.00 -24.79
CA ASN H 22 -62.32 -27.87 -23.54
C ASN H 22 -61.65 -28.67 -22.45
N SER H 23 -60.36 -28.93 -22.60
CA SER H 23 -59.62 -29.76 -21.65
C SER H 23 -59.74 -29.42 -20.17
N ILE H 24 -59.62 -28.14 -19.80
CA ILE H 24 -59.71 -27.77 -18.38
C ILE H 24 -61.11 -27.91 -17.81
N ARG H 25 -62.12 -27.73 -18.66
CA ARG H 25 -63.51 -27.87 -18.25
C ARG H 25 -63.74 -29.35 -17.96
N ILE H 26 -63.28 -30.18 -18.91
CA ILE H 26 -63.40 -31.62 -18.82
C ILE H 26 -62.58 -32.14 -17.63
N GLY H 27 -61.40 -31.59 -17.44
CA GLY H 27 -60.52 -32.03 -16.37
C GLY H 27 -61.04 -31.80 -14.96
N SER H 28 -62.17 -31.13 -14.83
CA SER H 28 -62.73 -30.89 -13.51
C SER H 28 -63.07 -32.23 -12.89
N LYS H 29 -63.49 -33.17 -13.73
CA LYS H 29 -63.84 -34.51 -13.24
C LYS H 29 -63.03 -35.58 -13.94
N GLY H 30 -62.83 -35.43 -15.25
CA GLY H 30 -62.09 -36.41 -16.02
C GLY H 30 -60.61 -36.41 -15.72
N ASP H 31 -59.89 -37.42 -16.22
CA ASP H 31 -58.46 -37.52 -16.00
C ASP H 31 -57.69 -36.85 -17.14
N VAL H 32 -57.55 -35.54 -17.04
CA VAL H 32 -56.87 -34.75 -18.04
C VAL H 32 -55.53 -34.22 -17.52
N PHE H 33 -54.53 -34.23 -18.39
CA PHE H 33 -53.20 -33.74 -18.04
C PHE H 33 -53.21 -32.24 -17.86
N VAL H 34 -52.41 -31.77 -16.91
CA VAL H 34 -52.27 -30.34 -16.72
C VAL H 34 -51.23 -30.08 -17.82
N ILE H 35 -51.49 -29.14 -18.72
CA ILE H 35 -50.53 -28.92 -19.79
C ILE H 35 -50.20 -27.48 -20.15
N ARG H 36 -49.13 -27.33 -20.93
CA ARG H 36 -48.69 -26.03 -21.39
C ARG H 36 -48.30 -26.19 -22.86
N GLU H 37 -48.38 -25.09 -23.61
CA GLU H 37 -48.03 -25.06 -25.03
C GLU H 37 -48.51 -26.26 -25.83
N PRO H 38 -49.83 -26.37 -26.01
CA PRO H 38 -50.45 -27.45 -26.76
C PRO H 38 -50.47 -27.12 -28.24
N PHE H 39 -49.29 -27.11 -28.87
CA PHE H 39 -49.23 -26.78 -30.29
C PHE H 39 -49.70 -27.92 -31.18
N ILE H 40 -50.29 -27.56 -32.31
CA ILE H 40 -50.78 -28.54 -33.26
C ILE H 40 -49.79 -28.72 -34.40
N SER H 41 -49.81 -29.89 -35.02
CA SER H 41 -48.94 -30.18 -36.16
C SER H 41 -49.61 -31.29 -36.94
N CYS H 42 -49.59 -31.20 -38.26
CA CYS H 42 -50.24 -32.23 -39.05
C CYS H 42 -49.28 -33.05 -39.89
N SER H 43 -49.75 -34.24 -40.27
CA SER H 43 -48.98 -35.13 -41.10
C SER H 43 -49.76 -35.14 -42.41
N HIS H 44 -49.45 -36.10 -43.26
CA HIS H 44 -50.13 -36.24 -44.54
C HIS H 44 -51.46 -37.03 -44.42
N LEU H 45 -52.00 -37.09 -43.21
CA LEU H 45 -53.23 -37.84 -42.95
C LEU H 45 -54.05 -37.27 -41.79
N GLU H 46 -53.37 -36.82 -40.75
CA GLU H 46 -54.07 -36.29 -39.60
C GLU H 46 -53.33 -35.14 -38.93
N CYS H 47 -54.03 -34.47 -38.04
CA CYS H 47 -53.46 -33.37 -37.28
C CYS H 47 -53.48 -33.82 -35.84
N ARG H 48 -52.39 -33.57 -35.13
CA ARG H 48 -52.33 -33.97 -33.73
C ARG H 48 -51.98 -32.75 -32.87
N THR H 49 -52.23 -32.86 -31.57
CA THR H 49 -51.93 -31.78 -30.65
C THR H 49 -50.83 -32.27 -29.74
N PHE H 50 -49.65 -31.66 -29.84
CA PHE H 50 -48.54 -32.04 -28.98
C PHE H 50 -48.60 -31.12 -27.78
N PHE H 51 -47.96 -31.52 -26.70
CA PHE H 51 -47.99 -30.70 -25.50
C PHE H 51 -47.03 -31.26 -24.46
N LEU H 52 -46.71 -30.42 -23.48
CA LEU H 52 -45.82 -30.80 -22.40
C LEU H 52 -46.69 -30.99 -21.17
N THR H 53 -46.34 -31.95 -20.33
CA THR H 53 -47.09 -32.21 -19.12
C THR H 53 -46.08 -32.34 -18.00
N GLN H 54 -46.46 -31.90 -16.80
CA GLN H 54 -45.58 -32.01 -15.65
C GLN H 54 -45.71 -33.43 -15.14
N GLY H 55 -46.61 -34.18 -15.76
CA GLY H 55 -46.85 -35.55 -15.35
C GLY H 55 -47.88 -35.60 -14.24
N ALA H 56 -48.86 -34.72 -14.30
CA ALA H 56 -49.91 -34.68 -13.31
C ALA H 56 -51.24 -34.38 -13.98
N LEU H 57 -52.33 -34.58 -13.24
CA LEU H 57 -53.65 -34.35 -13.78
C LEU H 57 -54.34 -33.20 -13.05
N LEU H 58 -55.27 -32.55 -13.74
CA LEU H 58 -56.03 -31.46 -13.15
C LEU H 58 -56.78 -31.98 -11.94
N ASN H 59 -56.89 -31.13 -10.92
CA ASN H 59 -57.58 -31.49 -9.68
C ASN H 59 -56.90 -32.58 -8.87
N ASP H 60 -55.60 -32.74 -9.06
CA ASP H 60 -54.84 -33.71 -8.29
C ASP H 60 -53.68 -32.95 -7.67
N LYS H 61 -53.32 -33.28 -6.43
CA LYS H 61 -52.23 -32.58 -5.74
C LYS H 61 -50.93 -32.38 -6.53
N HIS H 62 -50.64 -33.29 -7.46
CA HIS H 62 -49.41 -33.17 -8.22
C HIS H 62 -49.39 -32.04 -9.24
N SER H 63 -50.50 -31.32 -9.35
CA SER H 63 -50.57 -30.20 -10.26
C SER H 63 -50.15 -28.94 -9.50
N ASN H 64 -49.57 -29.13 -8.31
CA ASN H 64 -49.14 -28.02 -7.44
C ASN H 64 -48.39 -26.91 -8.18
N GLY H 65 -47.78 -27.24 -9.31
CA GLY H 65 -47.10 -26.24 -10.12
C GLY H 65 -46.08 -25.28 -9.54
N THR H 66 -45.78 -25.35 -8.24
CA THR H 66 -44.76 -24.44 -7.69
C THR H 66 -43.40 -24.92 -8.21
N VAL H 67 -43.42 -26.13 -8.78
CA VAL H 67 -42.25 -26.77 -9.34
C VAL H 67 -41.64 -25.92 -10.47
N LYS H 68 -40.33 -26.08 -10.67
CA LYS H 68 -39.61 -25.36 -11.73
C LYS H 68 -40.20 -25.73 -13.10
N ASP H 69 -40.26 -24.76 -14.00
CA ASP H 69 -40.81 -24.96 -15.35
C ASP H 69 -40.10 -26.11 -16.08
N ARG H 70 -38.80 -26.20 -15.87
CA ARG H 70 -37.99 -27.23 -16.50
C ARG H 70 -37.68 -28.35 -15.51
N SER H 71 -38.70 -29.14 -15.18
CA SER H 71 -38.52 -30.25 -14.25
C SER H 71 -38.22 -31.53 -15.01
N PRO H 72 -37.75 -32.57 -14.32
CA PRO H 72 -37.46 -33.82 -15.03
C PRO H 72 -38.73 -34.61 -15.38
N HIS H 73 -39.87 -34.13 -14.92
CA HIS H 73 -41.15 -34.82 -15.16
C HIS H 73 -41.94 -34.22 -16.33
N ARG H 74 -41.36 -33.23 -16.98
CA ARG H 74 -42.01 -32.60 -18.13
C ARG H 74 -41.78 -33.54 -19.31
N THR H 75 -42.86 -33.93 -19.99
CA THR H 75 -42.73 -34.82 -21.14
C THR H 75 -43.58 -34.35 -22.28
N LEU H 76 -43.12 -34.62 -23.50
CA LEU H 76 -43.84 -34.23 -24.70
C LEU H 76 -44.79 -35.37 -25.08
N MET H 77 -46.06 -35.03 -25.21
CA MET H 77 -47.04 -36.03 -25.60
C MET H 77 -47.96 -35.48 -26.66
N SER H 78 -48.75 -36.37 -27.25
CA SER H 78 -49.67 -35.96 -28.29
C SER H 78 -50.93 -36.79 -28.30
N CYS H 79 -52.00 -36.19 -28.80
CA CYS H 79 -53.29 -36.85 -28.92
C CYS H 79 -53.96 -36.16 -30.09
N PRO H 80 -55.03 -36.74 -30.64
CA PRO H 80 -55.72 -36.12 -31.77
C PRO H 80 -56.34 -34.76 -31.43
N VAL H 81 -56.25 -33.84 -32.39
CA VAL H 81 -56.79 -32.48 -32.24
C VAL H 81 -58.24 -32.47 -31.78
N GLY H 82 -58.57 -31.55 -30.89
CA GLY H 82 -59.93 -31.44 -30.41
C GLY H 82 -60.26 -32.32 -29.22
N GLU H 83 -59.38 -33.25 -28.91
CA GLU H 83 -59.60 -34.15 -27.78
C GLU H 83 -58.87 -33.66 -26.55
N ALA H 84 -59.47 -33.90 -25.38
CA ALA H 84 -58.85 -33.50 -24.11
C ALA H 84 -57.62 -34.37 -23.92
N PRO H 85 -56.45 -33.76 -23.72
CA PRO H 85 -55.25 -34.57 -23.53
C PRO H 85 -55.27 -35.35 -22.21
N SER H 86 -55.37 -36.67 -22.30
CA SER H 86 -55.42 -37.50 -21.11
C SER H 86 -54.50 -38.71 -21.24
N PRO H 87 -54.12 -39.32 -20.12
CA PRO H 87 -53.23 -40.49 -20.19
C PRO H 87 -53.87 -41.67 -20.91
N TYR H 88 -55.15 -41.57 -21.25
CA TYR H 88 -55.85 -42.67 -21.91
C TYR H 88 -55.98 -42.45 -23.42
N ASN H 89 -55.66 -41.24 -23.89
CA ASN H 89 -55.76 -40.96 -25.32
C ASN H 89 -54.51 -40.27 -25.83
N SER H 90 -53.53 -40.07 -24.95
CA SER H 90 -52.31 -39.40 -25.33
C SER H 90 -51.16 -40.37 -25.54
N ARG H 91 -50.45 -40.15 -26.65
CA ARG H 91 -49.30 -40.96 -27.01
C ARG H 91 -48.05 -40.31 -26.44
N PHE H 92 -47.13 -41.11 -25.92
CA PHE H 92 -45.90 -40.55 -25.37
C PHE H 92 -44.94 -40.19 -26.50
N GLU H 93 -44.29 -39.04 -26.37
CA GLU H 93 -43.36 -38.62 -27.41
C GLU H 93 -41.94 -38.50 -26.91
N SER H 94 -41.75 -37.78 -25.81
CA SER H 94 -40.41 -37.62 -25.32
C SER H 94 -40.33 -36.98 -23.95
N VAL H 95 -39.15 -37.02 -23.37
CA VAL H 95 -38.92 -36.42 -22.07
C VAL H 95 -38.38 -35.04 -22.42
N ALA H 96 -39.14 -33.99 -22.11
CA ALA H 96 -38.68 -32.64 -22.43
C ALA H 96 -39.45 -31.52 -21.74
N TRP H 97 -38.76 -30.43 -21.46
CA TRP H 97 -39.39 -29.26 -20.86
C TRP H 97 -39.42 -28.12 -21.87
N SER H 98 -39.12 -28.49 -23.12
CA SER H 98 -39.10 -27.58 -24.27
C SER H 98 -39.12 -28.51 -25.46
N ALA H 99 -39.95 -28.21 -26.46
CA ALA H 99 -40.00 -29.09 -27.61
C ALA H 99 -40.53 -28.51 -28.92
N SER H 100 -40.60 -29.39 -29.90
CA SER H 100 -41.11 -29.05 -31.22
C SER H 100 -41.24 -30.38 -31.96
N ALA H 101 -42.14 -30.41 -32.95
CA ALA H 101 -42.37 -31.61 -33.73
C ALA H 101 -42.90 -31.27 -35.11
N CYS H 102 -42.68 -32.15 -36.07
CA CYS H 102 -43.16 -31.94 -37.43
C CYS H 102 -43.03 -33.25 -38.21
N HIS H 103 -43.95 -33.44 -39.14
CA HIS H 103 -43.97 -34.67 -39.94
C HIS H 103 -43.44 -34.32 -41.33
N ASP H 104 -42.60 -35.19 -41.89
CA ASP H 104 -42.04 -34.92 -43.22
C ASP H 104 -42.75 -35.62 -44.35
N GLY H 105 -43.91 -36.21 -44.05
CA GLY H 105 -44.67 -36.92 -45.07
C GLY H 105 -44.47 -38.42 -44.94
N THR H 106 -43.43 -38.81 -44.19
CA THR H 106 -43.12 -40.21 -43.99
C THR H 106 -43.26 -40.59 -42.52
N SER H 107 -42.52 -39.90 -41.66
CA SER H 107 -42.58 -40.17 -40.23
C SER H 107 -42.58 -38.88 -39.42
N TRP H 108 -42.86 -39.00 -38.12
CA TRP H 108 -42.89 -37.87 -37.21
C TRP H 108 -41.50 -37.61 -36.63
N LEU H 109 -41.11 -36.34 -36.63
CA LEU H 109 -39.85 -35.96 -36.04
C LEU H 109 -40.25 -35.24 -34.76
N THR H 110 -39.67 -35.63 -33.64
CA THR H 110 -39.96 -34.97 -32.37
C THR H 110 -38.63 -34.51 -31.77
N ILE H 111 -38.63 -33.31 -31.23
CA ILE H 111 -37.44 -32.76 -30.63
C ILE H 111 -37.79 -32.44 -29.18
N GLY H 112 -37.19 -33.20 -28.27
CA GLY H 112 -37.44 -32.99 -26.85
C GLY H 112 -36.16 -32.60 -26.11
N ILE H 113 -36.20 -31.49 -25.39
CA ILE H 113 -35.04 -31.02 -24.66
C ILE H 113 -35.19 -31.29 -23.16
N SER H 114 -34.20 -31.96 -22.59
CA SER H 114 -34.25 -32.25 -21.17
C SER H 114 -32.84 -32.05 -20.60
N GLY H 115 -32.69 -32.27 -19.28
CA GLY H 115 -31.40 -32.11 -18.65
C GLY H 115 -31.29 -30.85 -17.81
N PRO H 116 -30.12 -30.57 -17.20
CA PRO H 116 -29.93 -29.37 -16.39
C PRO H 116 -29.93 -28.12 -17.26
N ASP H 117 -29.96 -26.95 -16.64
CA ASP H 117 -29.95 -25.70 -17.41
C ASP H 117 -28.57 -25.41 -17.98
N ASN H 118 -27.53 -25.95 -17.35
CA ASN H 118 -26.18 -25.69 -17.82
C ASN H 118 -25.65 -26.72 -18.80
N GLY H 119 -26.54 -27.54 -19.36
CA GLY H 119 -26.06 -28.53 -20.30
C GLY H 119 -27.17 -29.37 -20.87
N ALA H 120 -28.35 -28.78 -21.04
CA ALA H 120 -29.47 -29.53 -21.58
C ALA H 120 -29.11 -30.20 -22.90
N VAL H 121 -29.90 -31.20 -23.26
CA VAL H 121 -29.69 -31.91 -24.50
C VAL H 121 -31.04 -32.18 -25.18
N ALA H 122 -31.07 -31.90 -26.48
CA ALA H 122 -32.26 -32.12 -27.27
C ALA H 122 -32.13 -33.51 -27.88
N VAL H 123 -33.13 -34.35 -27.65
CA VAL H 123 -33.13 -35.69 -28.19
C VAL H 123 -34.02 -35.65 -29.42
N LEU H 124 -33.48 -36.06 -30.56
CA LEU H 124 -34.28 -36.06 -31.78
C LEU H 124 -34.80 -37.45 -32.06
N LYS H 125 -36.08 -37.55 -32.37
CA LYS H 125 -36.68 -38.83 -32.68
C LYS H 125 -37.36 -38.74 -34.03
N TYR H 126 -37.34 -39.86 -34.74
CA TYR H 126 -37.95 -39.93 -36.04
C TYR H 126 -38.71 -41.24 -35.93
N ASN H 127 -40.03 -41.16 -36.01
CA ASN H 127 -40.87 -42.33 -35.87
C ASN H 127 -40.61 -43.00 -34.53
N GLY H 128 -40.39 -42.18 -33.49
CA GLY H 128 -40.16 -42.72 -32.16
C GLY H 128 -38.81 -43.31 -31.79
N ILE H 129 -37.83 -43.29 -32.67
CA ILE H 129 -36.53 -43.83 -32.29
C ILE H 129 -35.49 -42.69 -32.37
N ILE H 130 -34.68 -42.57 -31.33
CA ILE H 130 -33.65 -41.52 -31.30
C ILE H 130 -32.71 -41.59 -32.51
N THR H 131 -32.65 -40.49 -33.26
CA THR H 131 -31.79 -40.42 -34.44
C THR H 131 -30.69 -39.39 -34.34
N ASP H 132 -30.68 -38.61 -33.27
CA ASP H 132 -29.65 -37.60 -33.08
C ASP H 132 -29.75 -36.90 -31.74
N THR H 133 -28.71 -36.16 -31.39
CA THR H 133 -28.68 -35.45 -30.13
C THR H 133 -27.95 -34.11 -30.28
N ILE H 134 -28.50 -33.07 -29.68
CA ILE H 134 -27.90 -31.73 -29.74
C ILE H 134 -27.68 -31.17 -28.33
N LYS H 135 -26.42 -30.99 -27.95
CA LYS H 135 -26.06 -30.44 -26.63
C LYS H 135 -26.12 -28.93 -26.63
N SER H 136 -26.30 -28.36 -25.43
CA SER H 136 -26.33 -26.91 -25.26
C SER H 136 -24.93 -26.43 -25.60
N TRP H 137 -24.82 -25.36 -26.40
CA TRP H 137 -23.49 -24.86 -26.78
C TRP H 137 -23.09 -23.60 -26.01
N ARG H 138 -24.00 -23.10 -25.18
CA ARG H 138 -23.75 -21.92 -24.35
C ARG H 138 -23.91 -22.28 -22.87
N ASN H 139 -24.47 -23.45 -22.62
CA ASN H 139 -24.70 -23.93 -21.25
C ASN H 139 -25.62 -22.99 -20.46
N ASN H 140 -26.71 -22.57 -21.09
CA ASN H 140 -27.65 -21.68 -20.42
C ASN H 140 -29.06 -21.88 -20.97
N ILE H 141 -29.67 -22.96 -20.52
CA ILE H 141 -31.02 -23.33 -20.91
C ILE H 141 -31.30 -23.41 -22.42
N LEU H 142 -30.77 -24.45 -23.05
CA LEU H 142 -31.01 -24.64 -24.48
C LEU H 142 -32.52 -24.77 -24.60
N ARG H 143 -33.12 -24.09 -25.58
CA ARG H 143 -34.55 -24.16 -25.75
C ARG H 143 -34.95 -24.06 -27.22
N THR H 144 -36.19 -24.43 -27.52
CA THR H 144 -36.67 -24.39 -28.90
C THR H 144 -38.06 -23.79 -29.08
N GLN H 145 -38.61 -23.99 -30.28
CA GLN H 145 -39.90 -23.45 -30.69
C GLN H 145 -41.15 -23.53 -29.80
N GLU H 146 -41.41 -24.69 -29.21
CA GLU H 146 -42.60 -24.89 -28.39
C GLU H 146 -43.74 -24.88 -29.40
N SER H 147 -43.43 -25.26 -30.63
CA SER H 147 -44.42 -25.33 -31.70
C SER H 147 -43.87 -26.14 -32.88
N GLU H 148 -44.76 -26.39 -33.84
CA GLU H 148 -44.44 -27.15 -35.03
C GLU H 148 -43.25 -26.63 -35.80
N CYS H 149 -42.34 -27.52 -36.19
CA CYS H 149 -41.22 -27.09 -37.00
C CYS H 149 -41.69 -27.15 -38.45
N ALA H 150 -40.81 -26.87 -39.40
CA ALA H 150 -41.22 -26.89 -40.79
C ALA H 150 -40.36 -27.80 -41.63
N CYS H 151 -41.00 -28.55 -42.53
CA CYS H 151 -40.27 -29.47 -43.40
C CYS H 151 -40.52 -29.10 -44.86
N VAL H 152 -39.49 -29.22 -45.68
CA VAL H 152 -39.59 -28.92 -47.10
C VAL H 152 -38.67 -29.86 -47.86
N ASN H 153 -39.17 -30.45 -48.93
CA ASN H 153 -38.36 -31.34 -49.75
C ASN H 153 -37.68 -32.44 -48.93
N GLY H 154 -38.39 -32.97 -47.94
CA GLY H 154 -37.84 -34.03 -47.11
C GLY H 154 -36.83 -33.62 -46.05
N SER H 155 -36.77 -32.33 -45.76
CA SER H 155 -35.86 -31.82 -44.75
C SER H 155 -36.67 -30.97 -43.80
N CYS H 156 -36.46 -31.16 -42.50
CA CYS H 156 -37.19 -30.36 -41.53
C CYS H 156 -36.23 -29.39 -40.90
N PHE H 157 -36.76 -28.21 -40.56
CA PHE H 157 -35.95 -27.17 -39.96
C PHE H 157 -36.59 -26.66 -38.70
N THR H 158 -35.76 -26.25 -37.75
CA THR H 158 -36.26 -25.71 -36.50
C THR H 158 -35.26 -24.67 -36.01
N VAL H 159 -35.66 -23.93 -34.98
CA VAL H 159 -34.78 -22.93 -34.44
C VAL H 159 -34.60 -23.13 -32.94
N MET H 160 -33.36 -23.08 -32.48
CA MET H 160 -33.09 -23.24 -31.06
C MET H 160 -32.30 -22.04 -30.55
N THR H 161 -32.46 -21.75 -29.26
CA THR H 161 -31.75 -20.64 -28.67
C THR H 161 -31.01 -21.10 -27.43
N ASP H 162 -29.83 -20.54 -27.24
CA ASP H 162 -29.04 -20.87 -26.07
C ASP H 162 -28.43 -19.56 -25.62
N GLY H 163 -28.56 -19.25 -24.33
CA GLY H 163 -28.04 -18.01 -23.81
C GLY H 163 -29.07 -17.31 -22.95
N PRO H 164 -28.74 -16.14 -22.40
CA PRO H 164 -29.67 -15.40 -21.55
C PRO H 164 -31.00 -15.04 -22.20
N SER H 165 -32.03 -14.95 -21.36
CA SER H 165 -33.37 -14.59 -21.81
C SER H 165 -33.50 -13.07 -21.74
N ASN H 166 -32.39 -12.43 -21.35
CA ASN H 166 -32.26 -10.98 -21.26
C ASN H 166 -31.50 -10.52 -22.49
N GLY H 167 -30.29 -10.00 -22.26
CA GLY H 167 -29.48 -9.52 -23.36
C GLY H 167 -29.14 -10.56 -24.41
N GLN H 168 -28.17 -10.21 -25.26
CA GLN H 168 -27.72 -11.09 -26.33
C GLN H 168 -27.71 -12.57 -25.98
N ALA H 169 -28.19 -13.38 -26.92
CA ALA H 169 -28.22 -14.84 -26.76
C ALA H 169 -27.78 -15.41 -28.09
N SER H 170 -27.67 -16.73 -28.17
CA SER H 170 -27.24 -17.38 -29.40
C SER H 170 -28.42 -18.06 -30.10
N TYR H 171 -28.50 -17.89 -31.41
CA TYR H 171 -29.59 -18.48 -32.18
C TYR H 171 -29.07 -19.33 -33.32
N LYS H 172 -29.50 -20.58 -33.36
CA LYS H 172 -29.09 -21.49 -34.42
C LYS H 172 -30.29 -22.07 -35.18
N ILE H 173 -30.07 -22.30 -36.46
CA ILE H 173 -31.09 -22.87 -37.34
C ILE H 173 -30.60 -24.28 -37.67
N PHE H 174 -31.46 -25.26 -37.52
CA PHE H 174 -31.05 -26.62 -37.83
C PHE H 174 -31.82 -27.18 -39.01
N LYS H 175 -31.13 -27.97 -39.81
CA LYS H 175 -31.73 -28.62 -40.97
C LYS H 175 -31.52 -30.11 -40.73
N MET H 176 -32.60 -30.86 -40.62
CA MET H 176 -32.48 -32.29 -40.39
C MET H 176 -33.25 -33.15 -41.38
N GLU H 177 -32.72 -34.35 -41.61
CA GLU H 177 -33.32 -35.30 -42.53
C GLU H 177 -33.36 -36.63 -41.81
N LYS H 178 -34.56 -37.17 -41.65
CA LYS H 178 -34.71 -38.44 -40.95
C LYS H 178 -34.26 -38.25 -39.51
N GLY H 179 -34.67 -37.12 -38.93
CA GLY H 179 -34.32 -36.83 -37.56
C GLY H 179 -32.85 -36.68 -37.25
N LYS H 180 -32.02 -36.48 -38.27
CA LYS H 180 -30.58 -36.31 -38.05
C LYS H 180 -30.16 -34.94 -38.57
N VAL H 181 -29.34 -34.24 -37.79
CA VAL H 181 -28.86 -32.92 -38.18
C VAL H 181 -27.87 -33.08 -39.33
N VAL H 182 -28.18 -32.48 -40.47
CA VAL H 182 -27.31 -32.56 -41.63
C VAL H 182 -26.56 -31.25 -41.78
N LYS H 183 -27.07 -30.20 -41.15
CA LYS H 183 -26.42 -28.88 -41.24
C LYS H 183 -27.06 -27.86 -40.29
N SER H 184 -26.22 -26.99 -39.73
CA SER H 184 -26.70 -25.95 -38.81
C SER H 184 -25.93 -24.64 -39.02
N VAL H 185 -26.56 -23.54 -38.61
CA VAL H 185 -25.96 -22.22 -38.75
C VAL H 185 -26.38 -21.30 -37.60
N GLU H 186 -25.41 -20.56 -37.07
CA GLU H 186 -25.69 -19.64 -35.98
C GLU H 186 -25.97 -18.26 -36.59
N LEU H 187 -27.20 -17.78 -36.40
CA LEU H 187 -27.57 -16.48 -36.93
C LEU H 187 -26.67 -15.38 -36.36
N ASP H 188 -26.19 -14.50 -37.23
CA ASP H 188 -25.34 -13.41 -36.82
C ASP H 188 -26.26 -12.21 -36.59
N ALA H 189 -27.11 -12.33 -35.58
CA ALA H 189 -28.10 -11.30 -35.26
C ALA H 189 -27.82 -10.43 -34.02
N PRO H 190 -26.78 -9.59 -34.06
CA PRO H 190 -26.50 -8.75 -32.89
C PRO H 190 -27.64 -7.75 -32.64
N ASN H 191 -28.02 -7.62 -31.37
CA ASN H 191 -29.10 -6.74 -30.92
C ASN H 191 -30.48 -7.35 -31.16
N TYR H 192 -30.51 -8.57 -31.72
CA TYR H 192 -31.75 -9.30 -31.99
C TYR H 192 -31.95 -10.29 -30.84
N HIS H 193 -33.17 -10.81 -30.71
CA HIS H 193 -33.47 -11.80 -29.68
C HIS H 193 -34.59 -12.73 -30.13
N TYR H 194 -34.23 -13.98 -30.36
CA TYR H 194 -35.19 -14.99 -30.84
C TYR H 194 -35.56 -16.08 -29.83
N GLU H 195 -36.86 -16.29 -29.66
CA GLU H 195 -37.35 -17.31 -28.77
C GLU H 195 -38.69 -17.85 -29.22
N GLU H 196 -38.95 -19.11 -28.89
CA GLU H 196 -40.20 -19.77 -29.21
C GLU H 196 -40.71 -19.40 -30.60
N CYS H 197 -39.86 -19.61 -31.59
CA CYS H 197 -40.20 -19.31 -32.98
C CYS H 197 -41.32 -20.14 -33.57
N SER H 198 -42.26 -19.48 -34.24
CA SER H 198 -43.34 -20.17 -34.92
C SER H 198 -42.93 -20.13 -36.39
N CYS H 199 -42.45 -21.26 -36.90
CA CYS H 199 -42.01 -21.33 -38.28
C CYS H 199 -43.00 -22.03 -39.18
N TYR H 200 -42.89 -21.78 -40.48
CA TYR H 200 -43.75 -22.40 -41.47
C TYR H 200 -43.08 -22.36 -42.83
N PRO H 201 -43.42 -23.33 -43.71
CA PRO H 201 -42.86 -23.42 -45.06
C PRO H 201 -43.65 -22.54 -46.04
N ASN H 202 -42.94 -21.96 -47.00
CA ASN H 202 -43.57 -21.10 -47.99
C ASN H 202 -42.71 -21.09 -49.26
N ALA H 203 -43.27 -21.60 -50.36
CA ALA H 203 -42.55 -21.65 -51.62
C ALA H 203 -41.10 -22.09 -51.44
N GLY H 204 -40.92 -23.24 -50.83
CA GLY H 204 -39.58 -23.78 -50.62
C GLY H 204 -38.69 -23.18 -49.55
N GLU H 205 -39.17 -22.15 -48.86
CA GLU H 205 -38.36 -21.52 -47.81
C GLU H 205 -39.12 -21.42 -46.49
N ILE H 206 -38.37 -21.32 -45.40
CA ILE H 206 -38.97 -21.23 -44.07
C ILE H 206 -39.02 -19.79 -43.56
N THR H 207 -40.11 -19.45 -42.88
CA THR H 207 -40.26 -18.12 -42.31
C THR H 207 -40.67 -18.31 -40.87
N CYS H 208 -39.88 -17.76 -39.95
CA CYS H 208 -40.18 -17.86 -38.53
C CYS H 208 -40.42 -16.50 -37.89
N VAL H 209 -41.56 -16.36 -37.21
CA VAL H 209 -41.89 -15.14 -36.50
C VAL H 209 -41.65 -15.59 -35.06
N CYS H 210 -40.80 -14.88 -34.32
CA CYS H 210 -40.51 -15.30 -32.97
C CYS H 210 -40.89 -14.36 -31.83
N ARG H 211 -40.17 -14.53 -30.72
CA ARG H 211 -40.40 -13.73 -29.52
C ARG H 211 -39.13 -13.09 -29.00
N ASP H 212 -39.09 -11.77 -28.99
CA ASP H 212 -37.94 -11.06 -28.46
C ASP H 212 -38.33 -10.76 -27.02
N ASN H 213 -37.74 -11.51 -26.09
CA ASN H 213 -38.04 -11.36 -24.68
C ASN H 213 -37.06 -10.39 -24.03
N TRP H 214 -36.07 -9.97 -24.81
CA TRP H 214 -35.03 -9.04 -24.37
C TRP H 214 -35.52 -7.59 -24.41
N HIS H 215 -35.80 -7.08 -25.61
CA HIS H 215 -36.24 -5.69 -25.74
C HIS H 215 -37.01 -5.38 -27.02
N GLY H 216 -37.99 -6.21 -27.37
CA GLY H 216 -38.77 -5.97 -28.57
C GLY H 216 -40.25 -6.24 -28.36
N SER H 217 -41.07 -5.22 -28.64
CA SER H 217 -42.52 -5.28 -28.50
C SER H 217 -43.07 -5.75 -29.84
N ASN H 218 -42.22 -5.68 -30.84
CA ASN H 218 -42.58 -6.14 -32.17
C ASN H 218 -41.83 -7.48 -32.31
N ARG H 219 -42.36 -8.37 -33.15
CA ARG H 219 -41.77 -9.68 -33.30
C ARG H 219 -40.64 -9.76 -34.31
N PRO H 220 -39.55 -10.43 -33.93
CA PRO H 220 -38.38 -10.60 -34.81
C PRO H 220 -38.66 -11.80 -35.71
N TRP H 221 -37.98 -11.88 -36.85
CA TRP H 221 -38.20 -13.01 -37.75
C TRP H 221 -36.93 -13.49 -38.44
N VAL H 222 -37.00 -14.71 -38.97
CA VAL H 222 -35.89 -15.33 -39.67
C VAL H 222 -36.45 -16.18 -40.78
N SER H 223 -35.97 -15.95 -42.00
CA SER H 223 -36.39 -16.74 -43.14
C SER H 223 -35.10 -17.30 -43.69
N PHE H 224 -35.17 -18.48 -44.30
CA PHE H 224 -33.99 -19.10 -44.85
C PHE H 224 -34.33 -20.21 -45.84
N ASN H 225 -33.42 -20.44 -46.77
CA ASN H 225 -33.60 -21.46 -47.78
C ASN H 225 -33.11 -22.79 -47.23
N GLN H 226 -33.32 -23.85 -48.01
CA GLN H 226 -32.93 -25.20 -47.64
C GLN H 226 -31.45 -25.37 -47.32
N ASN H 227 -30.63 -24.36 -47.62
CA ASN H 227 -29.20 -24.46 -47.31
C ASN H 227 -28.81 -23.56 -46.16
N LEU H 228 -29.83 -23.09 -45.43
CA LEU H 228 -29.61 -22.24 -44.28
C LEU H 228 -28.96 -20.87 -44.56
N GLU H 229 -29.26 -20.30 -45.72
CA GLU H 229 -28.78 -18.98 -46.06
C GLU H 229 -29.99 -18.17 -45.59
N TYR H 230 -29.79 -17.21 -44.70
CA TYR H 230 -30.92 -16.51 -44.13
C TYR H 230 -30.98 -14.98 -44.19
N GLN H 231 -32.11 -14.46 -43.69
CA GLN H 231 -32.39 -13.04 -43.60
C GLN H 231 -33.10 -12.83 -42.26
N ILE H 232 -32.80 -11.72 -41.59
CA ILE H 232 -33.43 -11.42 -40.30
C ILE H 232 -34.03 -10.03 -40.27
N GLY H 233 -34.72 -9.71 -39.16
CA GLY H 233 -35.35 -8.42 -39.01
C GLY H 233 -36.51 -8.52 -38.05
N TYR H 234 -37.33 -7.48 -38.00
CA TYR H 234 -38.50 -7.44 -37.15
C TYR H 234 -39.67 -6.95 -37.97
N ILE H 235 -40.88 -7.33 -37.58
CA ILE H 235 -42.08 -6.89 -38.26
C ILE H 235 -42.08 -5.39 -37.95
N CYS H 236 -42.28 -4.56 -38.96
CA CYS H 236 -42.25 -3.12 -38.75
C CYS H 236 -43.62 -2.51 -38.48
N SER H 237 -44.67 -3.31 -38.60
CA SER H 237 -46.01 -2.77 -38.36
C SER H 237 -46.07 -2.04 -37.04
N GLY H 238 -46.97 -1.05 -36.95
CA GLY H 238 -47.13 -0.31 -35.71
C GLY H 238 -48.02 -1.14 -34.82
N VAL H 239 -48.73 -2.08 -35.44
CA VAL H 239 -49.60 -2.99 -34.72
C VAL H 239 -48.69 -4.04 -34.12
N PHE H 240 -48.16 -3.72 -32.94
CA PHE H 240 -47.24 -4.59 -32.23
C PHE H 240 -47.87 -5.92 -31.89
N GLY H 241 -47.14 -7.00 -32.15
CA GLY H 241 -47.65 -8.34 -31.91
C GLY H 241 -47.21 -9.07 -30.66
N ASP H 242 -46.30 -8.49 -29.88
CA ASP H 242 -45.85 -9.15 -28.66
C ASP H 242 -46.75 -8.77 -27.49
N ASN H 243 -46.42 -9.32 -26.31
CA ASN H 243 -47.13 -9.05 -25.09
C ASN H 243 -46.18 -9.40 -23.97
N PRO H 244 -45.83 -8.42 -23.13
CA PRO H 244 -46.30 -7.04 -23.14
C PRO H 244 -45.91 -6.26 -24.39
N ARG H 245 -46.57 -5.11 -24.57
CA ARG H 245 -46.32 -4.22 -25.70
C ARG H 245 -47.03 -2.88 -25.44
N PRO H 246 -46.58 -1.80 -26.10
CA PRO H 246 -47.20 -0.47 -25.93
C PRO H 246 -48.40 -0.39 -26.86
N ASN H 247 -49.15 0.70 -26.74
CA ASN H 247 -50.30 0.86 -27.62
C ASN H 247 -49.75 1.01 -29.03
N ASP H 248 -50.59 0.71 -30.02
CA ASP H 248 -50.18 0.77 -31.41
C ASP H 248 -49.87 2.19 -31.87
N GLY H 249 -48.60 2.55 -31.80
CA GLY H 249 -48.16 3.86 -32.23
C GLY H 249 -47.38 3.73 -33.52
N THR H 250 -46.10 4.03 -33.49
CA THR H 250 -45.27 3.94 -34.68
C THR H 250 -44.17 2.91 -34.49
N GLY H 251 -44.19 1.88 -35.32
CA GLY H 251 -43.19 0.83 -35.22
C GLY H 251 -41.90 1.11 -35.95
N SER H 252 -41.10 0.07 -36.10
CA SER H 252 -39.82 0.14 -36.78
C SER H 252 -39.48 -1.30 -37.07
N CYS H 253 -38.33 -1.55 -37.70
CA CYS H 253 -37.96 -2.93 -37.98
C CYS H 253 -36.74 -3.23 -37.12
N GLY H 254 -36.65 -2.52 -36.00
CA GLY H 254 -35.56 -2.69 -35.07
C GLY H 254 -36.21 -2.70 -33.70
N PRO H 255 -36.24 -3.86 -33.02
CA PRO H 255 -36.83 -4.03 -31.69
C PRO H 255 -37.32 -2.75 -31.03
N VAL H 256 -38.63 -2.63 -30.89
CA VAL H 256 -39.20 -1.46 -30.24
C VAL H 256 -38.97 -1.82 -28.77
N SER H 257 -38.23 -1.00 -28.05
CA SER H 257 -37.94 -1.27 -26.63
C SER H 257 -39.03 -0.99 -25.61
N SER H 258 -39.78 0.10 -25.84
CA SER H 258 -40.84 0.50 -24.92
C SER H 258 -41.97 -0.46 -24.58
N ASN H 259 -41.74 -1.19 -23.50
CA ASN H 259 -42.70 -2.15 -22.99
C ASN H 259 -42.51 -3.57 -23.47
N GLY H 260 -41.62 -3.73 -24.42
CA GLY H 260 -41.38 -5.06 -24.90
C GLY H 260 -40.16 -5.72 -24.27
N ALA H 261 -39.99 -5.67 -22.95
CA ALA H 261 -38.81 -6.32 -22.35
C ALA H 261 -39.11 -7.70 -21.78
N TYR H 262 -40.21 -8.29 -22.24
CA TYR H 262 -40.62 -9.63 -21.81
C TYR H 262 -41.33 -10.14 -23.08
N GLY H 263 -42.39 -10.93 -22.95
CA GLY H 263 -43.07 -11.39 -24.15
C GLY H 263 -43.90 -12.64 -24.03
N VAL H 264 -44.37 -13.13 -25.18
CA VAL H 264 -45.19 -14.33 -25.24
C VAL H 264 -45.09 -14.98 -26.61
N LYS H 265 -44.98 -16.31 -26.63
CA LYS H 265 -44.89 -16.99 -27.91
C LYS H 265 -46.05 -16.54 -28.78
N GLY H 266 -45.75 -16.21 -30.03
CA GLY H 266 -46.76 -15.77 -30.96
C GLY H 266 -46.37 -16.10 -32.37
N PHE H 267 -47.18 -15.68 -33.34
CA PHE H 267 -46.90 -15.95 -34.74
C PHE H 267 -47.37 -14.79 -35.65
N SER H 268 -47.18 -14.98 -36.94
CA SER H 268 -47.56 -14.00 -37.95
C SER H 268 -47.39 -14.68 -39.30
N PHE H 269 -48.24 -14.33 -40.26
CA PHE H 269 -48.17 -14.91 -41.59
C PHE H 269 -47.93 -13.81 -42.60
N LYS H 270 -46.75 -13.86 -43.20
CA LYS H 270 -46.35 -12.88 -44.20
C LYS H 270 -46.85 -13.20 -45.61
N TYR H 271 -47.53 -12.23 -46.21
CA TYR H 271 -48.07 -12.32 -47.56
C TYR H 271 -47.63 -11.05 -48.30
N GLY H 272 -46.57 -11.16 -49.10
CA GLY H 272 -46.08 -9.99 -49.80
C GLY H 272 -45.50 -9.05 -48.78
N ASN H 273 -46.06 -7.85 -48.68
CA ASN H 273 -45.61 -6.86 -47.71
C ASN H 273 -46.62 -6.80 -46.57
N GLY H 274 -47.74 -7.49 -46.77
CA GLY H 274 -48.78 -7.51 -45.75
C GLY H 274 -48.48 -8.53 -44.67
N VAL H 275 -49.26 -8.50 -43.59
CA VAL H 275 -49.07 -9.43 -42.49
C VAL H 275 -50.36 -9.75 -41.78
N TRP H 276 -50.48 -11.00 -41.36
CA TRP H 276 -51.64 -11.43 -40.58
C TRP H 276 -51.02 -11.59 -39.21
N ILE H 277 -51.30 -10.64 -38.32
CA ILE H 277 -50.73 -10.68 -36.99
C ILE H 277 -51.74 -11.23 -36.00
N GLY H 278 -51.29 -12.20 -35.21
CA GLY H 278 -52.13 -12.78 -34.18
C GLY H 278 -51.58 -12.23 -32.88
N ARG H 279 -52.43 -11.74 -32.00
CA ARG H 279 -51.96 -11.19 -30.74
C ARG H 279 -53.04 -11.09 -29.68
N THR H 280 -52.61 -10.88 -28.45
CA THR H 280 -53.51 -10.72 -27.32
C THR H 280 -54.24 -9.42 -27.58
N LYS H 281 -55.36 -9.19 -26.90
CA LYS H 281 -56.10 -7.94 -27.08
C LYS H 281 -55.60 -6.94 -26.04
N SER H 282 -55.07 -7.45 -24.95
CA SER H 282 -54.53 -6.62 -23.88
C SER H 282 -53.09 -6.34 -24.22
N THR H 283 -52.52 -5.29 -23.63
CA THR H 283 -51.13 -4.97 -23.91
C THR H 283 -50.24 -5.33 -22.72
N ASN H 284 -50.88 -5.69 -21.61
CA ASN H 284 -50.14 -6.06 -20.40
C ASN H 284 -50.38 -7.52 -20.04
N SER H 285 -51.62 -7.97 -20.19
CA SER H 285 -51.96 -9.36 -19.87
C SER H 285 -52.12 -10.24 -21.10
N ARG H 286 -51.91 -11.53 -20.88
CA ARG H 286 -52.07 -12.51 -21.92
C ARG H 286 -53.57 -12.80 -21.95
N SER H 287 -54.35 -11.75 -22.18
CA SER H 287 -55.80 -11.88 -22.24
C SER H 287 -56.35 -11.47 -23.59
N GLY H 288 -57.39 -12.18 -24.02
CA GLY H 288 -57.99 -11.88 -25.31
C GLY H 288 -57.06 -12.30 -26.43
N PHE H 289 -57.60 -12.33 -27.65
CA PHE H 289 -56.79 -12.69 -28.80
C PHE H 289 -57.50 -12.23 -30.05
N GLU H 290 -56.72 -11.79 -31.04
CA GLU H 290 -57.30 -11.31 -32.27
C GLU H 290 -56.37 -11.50 -33.45
N MET H 291 -56.97 -11.52 -34.64
CA MET H 291 -56.24 -11.64 -35.89
C MET H 291 -56.35 -10.30 -36.61
N ILE H 292 -55.21 -9.74 -36.99
CA ILE H 292 -55.20 -8.45 -37.67
C ILE H 292 -54.46 -8.51 -39.00
N TRP H 293 -55.14 -8.08 -40.05
CA TRP H 293 -54.55 -8.07 -41.37
C TRP H 293 -54.11 -6.65 -41.69
N ASP H 294 -52.80 -6.43 -41.62
CA ASP H 294 -52.22 -5.15 -41.95
C ASP H 294 -51.46 -5.28 -43.25
N PRO H 295 -52.14 -5.04 -44.37
CA PRO H 295 -51.50 -5.15 -45.68
C PRO H 295 -50.33 -4.17 -45.67
N ASN H 296 -49.25 -4.49 -46.38
CA ASN H 296 -48.12 -3.58 -46.40
C ASN H 296 -47.85 -3.15 -44.96
N GLY H 297 -47.67 -4.15 -44.09
CA GLY H 297 -47.40 -3.89 -42.68
C GLY H 297 -46.20 -4.68 -42.20
N TRP H 298 -45.60 -5.46 -43.08
CA TRP H 298 -44.43 -6.25 -42.74
C TRP H 298 -43.18 -5.40 -42.95
N THR H 299 -43.25 -4.48 -43.91
CA THR H 299 -42.12 -3.62 -44.21
C THR H 299 -42.37 -2.15 -43.82
N GLU H 300 -43.65 -1.77 -43.72
CA GLU H 300 -44.01 -0.40 -43.39
C GLU H 300 -44.48 -0.20 -41.94
N THR H 301 -44.21 0.98 -41.40
CA THR H 301 -44.60 1.31 -40.05
C THR H 301 -45.91 2.08 -40.06
N ASP H 302 -46.95 1.51 -39.48
CA ASP H 302 -48.24 2.18 -39.41
C ASP H 302 -48.89 1.80 -38.10
N SER H 303 -50.20 1.95 -38.03
CA SER H 303 -50.98 1.61 -36.86
C SER H 303 -52.26 1.15 -37.51
N SER H 304 -52.38 1.52 -38.79
CA SER H 304 -53.56 1.19 -39.57
C SER H 304 -53.42 -0.13 -40.31
N PHE H 305 -54.56 -0.81 -40.40
CA PHE H 305 -54.69 -2.10 -41.04
C PHE H 305 -56.12 -2.15 -41.54
N SER H 306 -56.49 -3.15 -42.34
CA SER H 306 -57.86 -3.21 -42.85
C SER H 306 -58.80 -4.19 -42.16
N VAL H 307 -58.28 -5.28 -41.62
CA VAL H 307 -59.15 -6.25 -40.98
C VAL H 307 -58.69 -6.77 -39.62
N LYS H 308 -59.67 -6.86 -38.71
CA LYS H 308 -59.44 -7.33 -37.35
C LYS H 308 -60.54 -8.35 -37.04
N GLN H 309 -60.13 -9.57 -36.71
CA GLN H 309 -61.10 -10.60 -36.38
C GLN H 309 -60.90 -11.02 -34.93
N ASP H 310 -61.94 -10.82 -34.12
CA ASP H 310 -61.89 -11.18 -32.70
C ASP H 310 -61.93 -12.70 -32.55
N ILE H 311 -61.04 -13.24 -31.71
CA ILE H 311 -60.95 -14.68 -31.46
C ILE H 311 -61.26 -14.99 -30.01
N VAL H 312 -60.75 -14.15 -29.12
CA VAL H 312 -60.99 -14.31 -27.69
C VAL H 312 -61.15 -12.91 -27.09
N ALA H 313 -62.28 -12.68 -26.41
CA ALA H 313 -62.55 -11.39 -25.80
C ALA H 313 -61.43 -10.94 -24.86
N ILE H 314 -61.35 -9.63 -24.63
CA ILE H 314 -60.33 -9.07 -23.75
C ILE H 314 -60.60 -9.52 -22.31
N THR H 315 -61.86 -9.82 -22.03
CA THR H 315 -62.28 -10.25 -20.70
C THR H 315 -61.89 -11.69 -20.36
N ASP H 316 -61.40 -12.44 -21.32
CA ASP H 316 -61.01 -13.84 -21.08
C ASP H 316 -59.54 -14.10 -21.34
N TRP H 317 -58.98 -15.06 -20.61
CA TRP H 317 -57.57 -15.39 -20.73
C TRP H 317 -57.17 -16.18 -21.96
N SER H 318 -56.02 -15.83 -22.50
CA SER H 318 -55.46 -16.49 -23.66
C SER H 318 -54.06 -16.93 -23.21
N GLY H 319 -53.06 -16.81 -24.07
CA GLY H 319 -51.72 -17.21 -23.70
C GLY H 319 -50.86 -17.40 -24.92
N TYR H 320 -50.07 -18.47 -24.96
CA TYR H 320 -49.22 -18.74 -26.11
C TYR H 320 -50.07 -19.01 -27.34
N SER H 321 -49.51 -18.72 -28.50
CA SER H 321 -50.20 -18.98 -29.75
C SER H 321 -49.11 -19.34 -30.74
N GLY H 322 -49.43 -20.26 -31.66
CA GLY H 322 -48.44 -20.68 -32.62
C GLY H 322 -49.08 -20.92 -33.96
N SER H 323 -48.24 -21.01 -34.97
CA SER H 323 -48.70 -21.25 -36.32
C SER H 323 -48.54 -22.72 -36.65
N PHE H 324 -49.43 -23.24 -37.47
CA PHE H 324 -49.31 -24.61 -37.91
C PHE H 324 -49.87 -24.70 -39.32
N VAL H 325 -49.24 -25.58 -40.17
CA VAL H 325 -49.60 -25.71 -41.59
C VAL H 325 -50.28 -26.95 -42.14
N GLN H 326 -51.28 -26.72 -42.96
CA GLN H 326 -51.94 -27.84 -43.66
C GLN H 326 -51.32 -27.87 -45.05
N HIS H 327 -50.36 -28.79 -45.26
CA HIS H 327 -49.75 -28.98 -46.59
C HIS H 327 -50.68 -29.52 -47.64
N PRO H 328 -50.43 -29.19 -48.92
CA PRO H 328 -51.27 -29.67 -50.01
C PRO H 328 -51.31 -31.20 -50.13
N GLU H 329 -50.43 -31.88 -49.43
CA GLU H 329 -50.41 -33.34 -49.50
C GLU H 329 -51.50 -33.96 -48.57
N LEU H 330 -52.24 -33.10 -47.88
CA LEU H 330 -53.28 -33.45 -46.89
C LEU H 330 -54.68 -33.02 -47.25
N THR H 331 -54.73 -31.81 -47.81
CA THR H 331 -55.92 -31.08 -48.21
C THR H 331 -56.33 -31.31 -49.63
N GLY H 332 -55.34 -31.58 -50.47
CA GLY H 332 -55.63 -31.77 -51.88
C GLY H 332 -55.72 -30.39 -52.52
N LEU H 333 -55.38 -29.39 -51.73
CA LEU H 333 -55.37 -27.99 -52.14
C LEU H 333 -54.05 -27.80 -52.90
N ASP H 334 -53.95 -26.75 -53.72
CA ASP H 334 -52.73 -26.48 -54.50
C ASP H 334 -51.77 -25.50 -53.80
N CYS H 335 -52.05 -25.19 -52.53
CA CYS H 335 -51.25 -24.25 -51.76
C CYS H 335 -51.14 -24.73 -50.32
N ILE H 336 -50.34 -24.03 -49.52
CA ILE H 336 -50.15 -24.36 -48.12
C ILE H 336 -51.16 -23.61 -47.23
N ARG H 337 -51.98 -24.37 -46.51
CA ARG H 337 -53.03 -23.87 -45.60
C ARG H 337 -52.50 -23.26 -44.31
N PRO H 338 -52.64 -21.94 -44.14
CA PRO H 338 -52.13 -21.36 -42.88
C PRO H 338 -53.18 -21.50 -41.78
N CYS H 339 -52.76 -21.96 -40.60
CA CYS H 339 -53.68 -22.09 -39.47
C CYS H 339 -52.93 -21.65 -38.23
N PHE H 340 -53.63 -21.56 -37.11
CA PHE H 340 -52.98 -21.21 -35.85
C PHE H 340 -53.79 -21.76 -34.70
N TRP H 341 -53.10 -21.93 -33.58
CA TRP H 341 -53.69 -22.44 -32.35
C TRP H 341 -53.40 -21.44 -31.24
N VAL H 342 -54.36 -21.25 -30.35
CA VAL H 342 -54.17 -20.34 -29.24
C VAL H 342 -54.30 -21.12 -27.96
N GLU H 343 -53.34 -20.90 -27.06
CA GLU H 343 -53.35 -21.55 -25.76
C GLU H 343 -54.16 -20.68 -24.81
N LEU H 344 -55.14 -21.28 -24.14
CA LEU H 344 -55.98 -20.55 -23.21
C LEU H 344 -55.54 -20.93 -21.80
N ILE H 345 -54.62 -20.15 -21.24
CA ILE H 345 -54.08 -20.40 -19.92
C ILE H 345 -54.99 -20.01 -18.76
N ARG H 346 -55.18 -20.95 -17.83
CA ARG H 346 -55.99 -20.72 -16.64
C ARG H 346 -55.14 -21.11 -15.43
N GLY H 347 -55.40 -20.45 -14.31
CA GLY H 347 -54.66 -20.73 -13.10
C GLY H 347 -53.65 -19.65 -12.80
N ARG H 348 -52.53 -20.04 -12.20
CA ARG H 348 -51.48 -19.10 -11.85
C ARG H 348 -50.77 -18.62 -13.12
N PRO H 349 -50.15 -17.42 -13.06
CA PRO H 349 -50.14 -16.54 -11.88
C PRO H 349 -51.32 -15.58 -11.78
N LYS H 350 -52.17 -15.56 -12.79
CA LYS H 350 -53.32 -14.65 -12.82
C LYS H 350 -54.58 -15.05 -12.04
N GLU H 351 -54.64 -16.29 -11.54
CA GLU H 351 -55.81 -16.74 -10.79
C GLU H 351 -55.44 -17.42 -9.48
N SER H 352 -56.29 -17.26 -8.46
CA SER H 352 -56.02 -17.84 -7.15
C SER H 352 -56.15 -19.36 -7.10
N THR H 353 -55.29 -20.04 -7.85
CA THR H 353 -55.29 -21.50 -7.88
C THR H 353 -53.87 -21.94 -7.56
N ILE H 354 -53.66 -23.24 -7.36
CA ILE H 354 -52.32 -23.71 -7.06
C ILE H 354 -51.66 -24.24 -8.33
N TRP H 355 -52.44 -24.35 -9.39
CA TRP H 355 -51.95 -24.89 -10.64
C TRP H 355 -52.05 -23.96 -11.85
N THR H 356 -51.44 -24.39 -12.95
CA THR H 356 -51.45 -23.66 -14.22
C THR H 356 -51.52 -24.71 -15.32
N SER H 357 -52.41 -24.48 -16.28
CA SER H 357 -52.60 -25.38 -17.41
C SER H 357 -53.45 -24.60 -18.41
N GLY H 358 -53.48 -25.05 -19.66
CA GLY H 358 -54.27 -24.33 -20.64
C GLY H 358 -55.04 -25.16 -21.65
N SER H 359 -56.15 -24.59 -22.13
CA SER H 359 -56.98 -25.24 -23.13
C SER H 359 -56.41 -24.83 -24.47
N SER H 360 -57.09 -25.17 -25.55
CA SER H 360 -56.59 -24.80 -26.86
C SER H 360 -57.74 -24.70 -27.84
N ILE H 361 -57.55 -23.83 -28.82
CA ILE H 361 -58.50 -23.60 -29.89
C ILE H 361 -57.61 -23.43 -31.10
N SER H 362 -58.15 -23.68 -32.29
CA SER H 362 -57.34 -23.48 -33.49
C SER H 362 -58.26 -23.06 -34.60
N PHE H 363 -57.71 -22.34 -35.56
CA PHE H 363 -58.44 -21.84 -36.71
C PHE H 363 -57.59 -22.04 -37.95
N CYS H 364 -58.22 -21.95 -39.12
CA CYS H 364 -57.51 -22.13 -40.39
C CYS H 364 -57.82 -21.06 -41.44
N GLY H 365 -56.89 -20.91 -42.40
CA GLY H 365 -57.00 -19.94 -43.48
C GLY H 365 -58.40 -19.66 -43.99
N VAL H 366 -58.79 -20.28 -45.09
CA VAL H 366 -60.13 -20.09 -45.63
C VAL H 366 -60.43 -18.88 -46.55
N ASN H 367 -60.96 -19.20 -47.74
CA ASN H 367 -61.32 -18.21 -48.75
C ASN H 367 -62.69 -17.62 -48.43
N SER H 368 -63.66 -18.48 -48.11
CA SER H 368 -65.00 -18.01 -47.77
C SER H 368 -64.87 -17.06 -46.59
N ASP H 369 -65.98 -16.54 -46.08
CA ASP H 369 -65.83 -15.63 -44.96
C ASP H 369 -66.18 -16.28 -43.64
N THR H 370 -65.74 -15.64 -42.57
CA THR H 370 -65.98 -16.14 -41.23
C THR H 370 -66.68 -15.08 -40.39
N VAL H 371 -66.45 -15.13 -39.08
CA VAL H 371 -67.08 -14.20 -38.13
C VAL H 371 -66.21 -14.09 -36.90
N GLY H 372 -66.08 -12.88 -36.38
CA GLY H 372 -65.29 -12.71 -35.17
C GLY H 372 -66.16 -13.18 -34.02
N TRP H 373 -65.56 -13.42 -32.86
CA TRP H 373 -66.31 -13.86 -31.68
C TRP H 373 -65.32 -14.13 -30.56
N SER H 374 -65.79 -14.88 -29.57
CA SER H 374 -64.96 -15.24 -28.44
C SER H 374 -65.15 -16.73 -28.13
N TRP H 375 -64.05 -17.47 -28.16
CA TRP H 375 -64.07 -18.89 -27.87
C TRP H 375 -63.17 -19.12 -26.66
N PRO H 376 -63.58 -18.57 -25.50
CA PRO H 376 -62.80 -18.71 -24.26
C PRO H 376 -62.73 -20.13 -23.71
N ASP H 377 -61.84 -20.32 -22.76
CA ASP H 377 -61.65 -21.62 -22.11
C ASP H 377 -62.98 -22.09 -21.54
N GLY H 378 -63.60 -21.26 -20.71
CA GLY H 378 -64.89 -21.60 -20.14
C GLY H 378 -64.92 -22.37 -18.85
N ALA H 379 -63.80 -22.49 -18.17
CA ALA H 379 -63.75 -23.24 -16.91
C ALA H 379 -63.96 -22.33 -15.71
N GLU H 380 -64.68 -22.86 -14.71
CA GLU H 380 -64.95 -22.12 -13.48
C GLU H 380 -63.88 -22.37 -12.44
N LEU H 381 -63.11 -21.35 -12.10
CA LEU H 381 -62.08 -21.50 -11.09
C LEU H 381 -62.57 -20.79 -9.82
N PRO H 382 -62.02 -21.17 -8.66
CA PRO H 382 -61.03 -22.24 -8.51
C PRO H 382 -61.65 -23.63 -8.57
N PHE H 383 -60.79 -24.64 -8.67
CA PHE H 383 -61.21 -26.04 -8.72
C PHE H 383 -61.22 -26.60 -7.31
N THR H 384 -61.55 -27.90 -7.18
CA THR H 384 -61.56 -28.56 -5.87
C THR H 384 -60.16 -28.47 -5.29
N ILE H 385 -59.27 -27.81 -6.04
CA ILE H 385 -57.87 -27.59 -5.68
C ILE H 385 -57.11 -28.92 -5.69
#